data_8V50
#
_entry.id   8V50
#
_cell.length_a   78.580
_cell.length_b   192.162
_cell.length_c   252.820
_cell.angle_alpha   90.000
_cell.angle_beta   90.000
_cell.angle_gamma   90.000
#
_symmetry.space_group_name_H-M   'P 21 21 21'
#
loop_
_entity.id
_entity.type
_entity.pdbx_description
1 polymer HLA-B35
2 polymer Beta-2-microglobulin
3 polymer 'NP6 epitope H1N1'
4 polymer 'D1 TCR alpha chain'
5 polymer 'D1 TCR beta chain'
6 water water
#
loop_
_entity_poly.entity_id
_entity_poly.type
_entity_poly.pdbx_seq_one_letter_code
_entity_poly.pdbx_strand_id
1 'polypeptide(L)'
;SHSMRYFYTAMSRPGRGEPRFIAVGYVDDTQFVRFDSDAASPRTEPRAPWIEQEGPEYWDRNTQIFKTNTQTYRESLRNL
RGYYNQSEAGSHIIQRMYGCDLGPDGRLLRGHDQSAYDGKDYIALNEDLSSWTAADTAAQITQRKWEAARVAEQLRAYLE
GLCVEWLRRYLENGKETLQRADPPKTHVTHHPVSDHEATLRCWALGFYPAEITLTWQRDGEDQTQDTELVETRPAGDRTF
QKWAAVVVPSGEEQRYTCHVQHEGLPKPLTLRWE
;
A,F,K,P
2 'polypeptide(L)'
;MIQRTPKIQVYSRHPAENGKSNFLNCYVSGFHPSDIEVDLLKNGERIEKVEHSDLSFSKDWSFYLLYYTEFTPTEKDEYA
CRVNHVTLSQPKIVKWDRDM
;
B,G,L,Q
3 'polypeptide(L)' LPFDKSTVM C,H,M,R
4 'polypeptide(L)'
;QSLEQPSEVTAVEGAIVQINCTYQTSGFYGLSWYQQHDGGAPTFLSYNALDGLEETGRFSSFLSRSDSYGYLLLQELQMK
DSASYFCAVDTGGFKTIFGAGTRLFVKANIQNPDPAVYQLRDSKSSDKSVCLFTDFDSQTNVSQSKDSDVYITDKCVLDM
RSMDFKSNSAVAWSNKSDFACANAFNNSIIPEDTFFP
;
D,I,N,S
5 'polypeptide(L)'
;GVSQSPRYKVAKRGQDVALRCDPISGHVSLFWYQQALGQGPEFLTYFQNEAQLDKSGLPSDRFFAERPEGSVSTLKIQRT
QQEDSAVYLCASSPTGGQETQYFGPGTRLLVLEDLKNVFPPEVAVFEPSEAEISHTQKATLVCLATGFYPDHVELSWWVN
GKEVHSGVCTDPQPLKEQPALNDSRYALSSRLRVSATFWQNPRNHFRCQVQFYGLSENDEWTQDRAKPVTQIVSAEAWGR
AD
;
E,J,O,T
#
# COMPACT_ATOMS: atom_id res chain seq x y z
N SER A 1 40.58 0.52 -6.45
CA SER A 1 40.46 1.72 -5.60
C SER A 1 41.00 2.97 -6.31
N HIS A 2 42.26 2.91 -6.83
CA HIS A 2 42.88 4.05 -7.52
C HIS A 2 43.61 3.64 -8.80
N SER A 3 43.68 4.56 -9.78
CA SER A 3 44.33 4.29 -11.07
C SER A 3 44.86 5.55 -11.76
N MET A 4 45.99 5.40 -12.47
CA MET A 4 46.60 6.43 -13.29
C MET A 4 46.57 5.92 -14.72
N ARG A 5 45.97 6.68 -15.64
CA ARG A 5 45.82 6.29 -17.03
C ARG A 5 46.16 7.43 -17.98
N TYR A 6 46.79 7.08 -19.13
CA TYR A 6 47.16 8.04 -20.17
C TYR A 6 46.44 7.69 -21.47
N PHE A 7 45.79 8.70 -22.09
CA PHE A 7 45.04 8.57 -23.33
C PHE A 7 45.70 9.39 -24.42
N TYR A 8 46.13 8.72 -25.51
CA TYR A 8 46.79 9.35 -26.66
C TYR A 8 45.89 9.32 -27.88
N THR A 9 45.99 10.36 -28.73
CA THR A 9 45.25 10.45 -29.98
C THR A 9 46.13 11.09 -31.04
N ALA A 10 46.49 10.30 -32.06
CA ALA A 10 47.27 10.70 -33.21
C ALA A 10 46.34 10.76 -34.41
N MET A 11 46.31 11.89 -35.11
CA MET A 11 45.38 12.06 -36.23
C MET A 11 46.07 12.62 -37.45
N SER A 12 45.95 11.91 -38.59
CA SER A 12 46.49 12.37 -39.87
C SER A 12 45.49 13.28 -40.55
N ARG A 13 45.99 14.37 -41.17
CA ARG A 13 45.16 15.35 -41.88
C ARG A 13 45.86 15.72 -43.20
N PRO A 14 45.71 14.89 -44.27
CA PRO A 14 46.40 15.18 -45.54
C PRO A 14 45.97 16.52 -46.15
N GLY A 15 46.94 17.42 -46.27
CA GLY A 15 46.76 18.75 -46.81
C GLY A 15 46.48 19.83 -45.78
N ARG A 16 46.00 19.43 -44.58
CA ARG A 16 45.66 20.35 -43.49
C ARG A 16 46.83 20.48 -42.48
N GLY A 17 48.03 20.12 -42.91
CA GLY A 17 49.25 20.19 -42.10
C GLY A 17 49.77 18.86 -41.60
N GLU A 18 50.76 18.93 -40.70
CA GLU A 18 51.40 17.76 -40.07
C GLU A 18 50.41 17.05 -39.11
N PRO A 19 50.46 15.70 -38.99
CA PRO A 19 49.53 15.00 -38.08
C PRO A 19 49.51 15.57 -36.67
N ARG A 20 48.30 15.63 -36.07
CA ARG A 20 48.04 16.19 -34.75
C ARG A 20 48.12 15.10 -33.66
N PHE A 21 48.92 15.37 -32.61
CA PHE A 21 49.07 14.47 -31.47
C PHE A 21 48.54 15.12 -30.20
N ILE A 22 47.57 14.47 -29.55
CA ILE A 22 46.98 14.90 -28.29
C ILE A 22 47.24 13.84 -27.23
N ALA A 23 47.85 14.26 -26.11
CA ALA A 23 48.12 13.41 -24.95
C ALA A 23 47.39 13.98 -23.75
N VAL A 24 46.78 13.11 -22.95
CA VAL A 24 46.00 13.52 -21.79
C VAL A 24 46.16 12.46 -20.67
N GLY A 25 46.41 12.93 -19.45
CA GLY A 25 46.61 12.08 -18.28
C GLY A 25 45.57 12.26 -17.19
N TYR A 26 45.15 11.13 -16.58
CA TYR A 26 44.14 11.10 -15.53
C TYR A 26 44.57 10.31 -14.28
N VAL A 27 44.13 10.78 -13.11
CA VAL A 27 44.25 10.10 -11.82
C VAL A 27 42.79 9.86 -11.41
N ASP A 28 42.29 8.63 -11.69
CA ASP A 28 40.91 8.19 -11.52
C ASP A 28 40.02 8.94 -12.52
N ASP A 29 39.15 9.86 -12.07
CA ASP A 29 38.30 10.64 -12.96
C ASP A 29 38.77 12.10 -13.05
N THR A 30 39.93 12.42 -12.43
CA THR A 30 40.51 13.76 -12.42
C THR A 30 41.68 13.85 -13.41
N GLN A 31 41.54 14.73 -14.41
CA GLN A 31 42.55 15.01 -15.42
C GLN A 31 43.61 15.93 -14.80
N PHE A 32 44.90 15.69 -15.08
CA PHE A 32 45.96 16.51 -14.48
C PHE A 32 46.97 17.06 -15.49
N VAL A 33 47.11 16.43 -16.67
CA VAL A 33 48.03 16.91 -17.70
C VAL A 33 47.36 16.90 -19.08
N ARG A 34 47.81 17.81 -19.94
CA ARG A 34 47.35 17.94 -21.32
C ARG A 34 48.53 18.29 -22.21
N PHE A 35 48.47 17.91 -23.48
CA PHE A 35 49.46 18.23 -24.50
C PHE A 35 48.82 18.18 -25.86
N ASP A 36 48.92 19.30 -26.59
CA ASP A 36 48.44 19.42 -27.95
C ASP A 36 49.58 19.95 -28.80
N SER A 37 49.93 19.18 -29.83
CA SER A 37 51.03 19.52 -30.75
C SER A 37 50.65 20.68 -31.70
N ASP A 38 49.34 21.02 -31.78
CA ASP A 38 48.80 22.07 -32.63
C ASP A 38 49.16 23.49 -32.13
N ALA A 39 49.64 23.62 -30.89
CA ALA A 39 50.05 24.90 -30.29
C ALA A 39 51.31 25.47 -30.98
N ALA A 40 51.55 26.80 -30.86
CA ALA A 40 52.70 27.52 -31.44
C ALA A 40 54.01 26.86 -31.01
N SER A 41 54.26 26.84 -29.69
CA SER A 41 55.36 26.14 -29.04
C SER A 41 54.68 25.15 -28.10
N PRO A 42 54.43 23.90 -28.56
CA PRO A 42 53.67 22.95 -27.74
C PRO A 42 54.34 22.59 -26.41
N ARG A 43 53.56 22.70 -25.32
CA ARG A 43 54.01 22.42 -23.95
C ARG A 43 52.98 21.62 -23.17
N THR A 44 53.43 20.89 -22.14
CA THR A 44 52.55 20.13 -21.26
C THR A 44 51.95 21.13 -20.26
N GLU A 45 50.63 21.13 -20.13
CA GLU A 45 49.92 22.05 -19.25
C GLU A 45 49.23 21.34 -18.07
N PRO A 46 49.30 21.89 -16.83
CA PRO A 46 48.60 21.25 -15.71
C PRO A 46 47.08 21.47 -15.77
N ARG A 47 46.29 20.45 -15.40
CA ARG A 47 44.82 20.52 -15.42
C ARG A 47 44.22 20.28 -14.02
N ALA A 48 45.08 20.14 -13.00
CA ALA A 48 44.72 19.93 -11.60
C ALA A 48 45.56 20.86 -10.70
N PRO A 49 45.10 21.26 -9.49
CA PRO A 49 45.93 22.17 -8.67
C PRO A 49 47.14 21.47 -8.04
N TRP A 50 46.96 20.22 -7.58
CA TRP A 50 47.96 19.40 -6.91
C TRP A 50 49.14 18.96 -7.82
N ILE A 51 49.10 19.29 -9.12
CA ILE A 51 50.18 18.95 -10.05
C ILE A 51 51.04 20.20 -10.36
N GLU A 52 50.51 21.42 -10.07
CA GLU A 52 51.22 22.69 -10.26
C GLU A 52 52.46 22.78 -9.36
N GLN A 53 52.45 22.06 -8.22
CA GLN A 53 53.55 21.99 -7.24
C GLN A 53 54.79 21.22 -7.80
N GLU A 54 54.68 20.64 -9.00
CA GLU A 54 55.78 19.91 -9.64
C GLU A 54 56.76 20.89 -10.29
N GLY A 55 58.05 20.64 -10.10
CA GLY A 55 59.14 21.46 -10.63
C GLY A 55 59.30 21.44 -12.14
N PRO A 56 60.11 22.37 -12.71
CA PRO A 56 60.26 22.42 -14.18
C PRO A 56 60.94 21.19 -14.80
N GLU A 57 61.72 20.40 -14.00
CA GLU A 57 62.38 19.17 -14.47
C GLU A 57 61.33 18.14 -14.93
N TYR A 58 60.15 18.15 -14.28
CA TYR A 58 59.00 17.31 -14.58
C TYR A 58 58.33 17.81 -15.87
N TRP A 59 58.13 19.13 -15.97
CA TRP A 59 57.44 19.79 -17.08
C TRP A 59 58.21 19.75 -18.39
N ASP A 60 59.57 19.85 -18.35
N ASP A 60 59.56 19.86 -18.36
CA ASP A 60 60.39 19.77 -19.55
CA ASP A 60 60.37 19.79 -19.57
C ASP A 60 60.47 18.32 -20.04
C ASP A 60 60.53 18.33 -20.02
N ARG A 61 60.30 17.39 -19.10
CA ARG A 61 60.38 15.93 -19.37
C ARG A 61 59.11 15.45 -20.08
N ASN A 62 57.94 15.81 -19.57
CA ASN A 62 56.64 15.48 -20.17
C ASN A 62 56.56 16.01 -21.59
N THR A 63 57.02 17.27 -21.79
CA THR A 63 57.08 17.96 -23.08
C THR A 63 58.02 17.19 -24.03
N GLN A 64 59.17 16.68 -23.51
CA GLN A 64 60.14 15.91 -24.30
C GLN A 64 59.53 14.60 -24.81
N ILE A 65 58.86 13.84 -23.90
CA ILE A 65 58.19 12.57 -24.18
C ILE A 65 57.09 12.76 -25.24
N PHE A 66 56.18 13.73 -25.02
CA PHE A 66 55.05 13.99 -25.90
C PHE A 66 55.49 14.58 -27.25
N LYS A 67 56.56 15.40 -27.29
CA LYS A 67 57.13 15.93 -28.54
C LYS A 67 57.70 14.78 -29.39
N THR A 68 58.34 13.80 -28.72
CA THR A 68 58.94 12.60 -29.32
C THR A 68 57.82 11.71 -29.87
N ASN A 69 56.74 11.52 -29.09
CA ASN A 69 55.58 10.71 -29.48
C ASN A 69 54.88 11.31 -30.71
N THR A 70 54.85 12.64 -30.82
CA THR A 70 54.26 13.36 -31.95
C THR A 70 54.96 12.93 -33.26
N GLN A 71 56.30 12.80 -33.22
CA GLN A 71 57.11 12.36 -34.37
C GLN A 71 56.91 10.85 -34.64
N THR A 72 56.89 10.03 -33.57
CA THR A 72 56.69 8.58 -33.61
C THR A 72 55.34 8.23 -34.25
N TYR A 73 54.28 8.97 -33.87
CA TYR A 73 52.93 8.72 -34.35
C TYR A 73 52.69 9.24 -35.77
N ARG A 74 53.56 10.15 -36.29
CA ARG A 74 53.47 10.60 -37.69
C ARG A 74 53.92 9.45 -38.58
N GLU A 75 55.01 8.77 -38.15
CA GLU A 75 55.61 7.61 -38.80
C GLU A 75 54.69 6.39 -38.67
N SER A 76 54.04 6.21 -37.50
CA SER A 76 53.12 5.11 -37.22
C SER A 76 51.84 5.22 -38.07
N LEU A 77 51.29 6.43 -38.23
CA LEU A 77 50.08 6.68 -39.05
C LEU A 77 50.37 6.42 -40.53
N ARG A 78 51.60 6.77 -40.98
CA ARG A 78 52.08 6.58 -42.34
C ARG A 78 52.29 5.07 -42.63
N ASN A 79 52.89 4.34 -41.68
CA ASN A 79 53.19 2.90 -41.81
C ASN A 79 51.92 2.03 -41.81
N LEU A 80 50.95 2.32 -40.91
CA LEU A 80 49.70 1.55 -40.81
C LEU A 80 48.84 1.73 -42.06
N ARG A 81 48.93 2.90 -42.71
CA ARG A 81 48.25 3.21 -43.96
C ARG A 81 48.77 2.29 -45.08
N GLY A 82 50.08 2.04 -45.07
CA GLY A 82 50.76 1.15 -46.01
C GLY A 82 50.41 -0.31 -45.80
N TYR A 83 50.21 -0.71 -44.51
CA TYR A 83 49.83 -2.07 -44.11
C TYR A 83 48.43 -2.41 -44.63
N TYR A 84 47.48 -1.47 -44.47
CA TYR A 84 46.08 -1.61 -44.86
C TYR A 84 45.83 -1.18 -46.31
N ASN A 85 46.93 -0.83 -47.06
CA ASN A 85 46.94 -0.40 -48.46
C ASN A 85 45.87 0.70 -48.69
N GLN A 86 45.83 1.68 -47.76
CA GLN A 86 44.88 2.78 -47.75
C GLN A 86 45.40 4.01 -48.48
N SER A 87 44.46 4.86 -48.94
CA SER A 87 44.74 6.08 -49.67
C SER A 87 45.45 7.12 -48.77
N GLU A 88 46.47 7.78 -49.34
CA GLU A 88 47.26 8.84 -48.70
C GLU A 88 46.40 10.11 -48.49
N ALA A 89 45.15 10.09 -48.97
CA ALA A 89 44.19 11.19 -48.91
C ALA A 89 43.23 11.10 -47.70
N GLY A 90 43.04 9.90 -47.16
CA GLY A 90 42.16 9.67 -46.01
C GLY A 90 42.74 10.11 -44.69
N SER A 91 41.87 10.42 -43.71
CA SER A 91 42.25 10.84 -42.36
C SER A 91 42.04 9.71 -41.36
N HIS A 92 43.14 9.16 -40.84
CA HIS A 92 43.13 8.02 -39.91
C HIS A 92 43.54 8.41 -38.50
N ILE A 93 43.15 7.58 -37.51
CA ILE A 93 43.43 7.85 -36.09
C ILE A 93 44.01 6.63 -35.37
N ILE A 94 45.13 6.86 -34.64
CA ILE A 94 45.75 5.89 -33.75
C ILE A 94 45.45 6.40 -32.34
N GLN A 95 44.92 5.52 -31.48
CA GLN A 95 44.61 5.86 -30.10
C GLN A 95 45.31 4.88 -29.17
N ARG A 96 45.91 5.40 -28.09
CA ARG A 96 46.58 4.56 -27.11
C ARG A 96 45.99 4.82 -25.74
N MET A 97 45.79 3.74 -24.99
CA MET A 97 45.24 3.79 -23.65
C MET A 97 46.06 2.84 -22.78
N TYR A 98 46.89 3.41 -21.89
CA TYR A 98 47.71 2.61 -20.99
C TYR A 98 47.66 3.17 -19.56
N GLY A 99 47.96 2.32 -18.59
CA GLY A 99 47.98 2.70 -17.19
C GLY A 99 48.08 1.56 -16.22
N CYS A 100 48.08 1.90 -14.92
CA CYS A 100 48.18 0.96 -13.81
C CYS A 100 47.03 1.17 -12.83
N ASP A 101 46.49 0.07 -12.31
CA ASP A 101 45.42 0.04 -11.32
C ASP A 101 45.97 -0.45 -9.98
N LEU A 102 45.48 0.16 -8.90
CA LEU A 102 45.86 -0.11 -7.53
C LEU A 102 44.65 -0.49 -6.69
N GLY A 103 44.80 -1.54 -5.87
CA GLY A 103 43.77 -2.00 -4.97
C GLY A 103 43.77 -1.18 -3.68
N PRO A 104 42.81 -1.39 -2.74
CA PRO A 104 42.82 -0.62 -1.47
C PRO A 104 44.13 -0.81 -0.69
N ASP A 105 44.78 -1.95 -0.94
CA ASP A 105 46.06 -2.41 -0.43
C ASP A 105 47.23 -1.48 -0.78
N GLY A 106 47.07 -0.68 -1.84
CA GLY A 106 48.08 0.25 -2.34
C GLY A 106 49.12 -0.41 -3.23
N ARG A 107 48.93 -1.71 -3.52
CA ARG A 107 49.82 -2.50 -4.38
C ARG A 107 49.25 -2.54 -5.80
N LEU A 108 50.11 -2.87 -6.80
CA LEU A 108 49.68 -2.97 -8.19
C LEU A 108 48.72 -4.14 -8.38
N LEU A 109 47.48 -3.81 -8.79
CA LEU A 109 46.43 -4.76 -9.04
C LEU A 109 46.49 -5.24 -10.50
N ARG A 110 46.59 -4.29 -11.46
CA ARG A 110 46.60 -4.60 -12.89
C ARG A 110 47.25 -3.50 -13.73
N GLY A 111 48.16 -3.90 -14.61
CA GLY A 111 48.81 -3.03 -15.58
C GLY A 111 48.18 -3.28 -16.94
N HIS A 112 47.97 -2.22 -17.73
CA HIS A 112 47.32 -2.38 -19.04
C HIS A 112 47.83 -1.40 -20.10
N ASP A 113 47.77 -1.82 -21.38
CA ASP A 113 48.13 -1.04 -22.56
C ASP A 113 47.35 -1.55 -23.77
N GLN A 114 46.59 -0.66 -24.41
CA GLN A 114 45.77 -0.99 -25.58
C GLN A 114 45.95 0.09 -26.66
N SER A 115 46.07 -0.34 -27.91
CA SER A 115 46.20 0.56 -29.06
C SER A 115 45.13 0.24 -30.09
N ALA A 116 44.55 1.29 -30.68
CA ALA A 116 43.50 1.15 -31.68
C ALA A 116 43.86 1.87 -32.97
N TYR A 117 43.23 1.46 -34.08
CA TYR A 117 43.38 2.09 -35.39
C TYR A 117 41.99 2.28 -35.98
N ASP A 118 41.57 3.55 -36.09
CA ASP A 118 40.29 4.04 -36.60
C ASP A 118 39.11 3.48 -35.77
N GLY A 119 39.29 3.45 -34.45
CA GLY A 119 38.28 2.99 -33.49
C GLY A 119 38.15 1.48 -33.35
N LYS A 120 39.10 0.71 -33.91
CA LYS A 120 39.13 -0.75 -33.84
C LYS A 120 40.37 -1.24 -33.12
N ASP A 121 40.20 -2.21 -32.18
CA ASP A 121 41.32 -2.82 -31.43
C ASP A 121 42.41 -3.24 -32.40
N TYR A 122 43.66 -2.83 -32.12
CA TYR A 122 44.79 -3.12 -33.01
C TYR A 122 45.84 -3.99 -32.31
N ILE A 123 46.55 -3.46 -31.29
CA ILE A 123 47.57 -4.21 -30.58
C ILE A 123 47.41 -3.96 -29.05
N ALA A 124 47.18 -5.04 -28.30
CA ALA A 124 47.00 -4.97 -26.85
C ALA A 124 48.05 -5.78 -26.13
N LEU A 125 48.44 -5.31 -24.94
CA LEU A 125 49.38 -6.01 -24.08
C LEU A 125 48.59 -7.06 -23.29
N ASN A 126 49.07 -8.31 -23.27
CA ASN A 126 48.39 -9.39 -22.56
C ASN A 126 48.54 -9.21 -21.05
N GLU A 127 47.65 -9.87 -20.27
CA GLU A 127 47.58 -9.80 -18.81
C GLU A 127 48.92 -10.14 -18.11
N ASP A 128 49.79 -10.93 -18.78
CA ASP A 128 51.11 -11.30 -18.25
C ASP A 128 52.12 -10.13 -18.34
N LEU A 129 51.85 -9.16 -19.25
CA LEU A 129 52.66 -7.97 -19.58
C LEU A 129 54.00 -8.41 -20.21
N SER A 130 53.95 -9.46 -21.05
CA SER A 130 55.12 -10.04 -21.70
C SER A 130 54.89 -10.28 -23.20
N SER A 131 53.63 -10.58 -23.58
CA SER A 131 53.26 -10.88 -24.96
C SER A 131 52.20 -9.90 -25.49
N TRP A 132 52.07 -9.83 -26.82
CA TRP A 132 51.14 -8.95 -27.52
C TRP A 132 50.00 -9.71 -28.18
N THR A 133 48.80 -9.13 -28.17
CA THR A 133 47.63 -9.69 -28.84
C THR A 133 47.35 -8.76 -30.02
N ALA A 134 47.77 -9.22 -31.21
CA ALA A 134 47.59 -8.53 -32.48
C ALA A 134 46.22 -8.92 -33.04
N ALA A 135 45.36 -7.93 -33.31
CA ALA A 135 43.99 -8.14 -33.80
C ALA A 135 43.93 -8.72 -35.22
N ASP A 136 44.91 -8.38 -36.09
CA ASP A 136 44.97 -8.85 -37.47
C ASP A 136 46.42 -9.02 -37.95
N THR A 137 46.61 -9.34 -39.26
CA THR A 137 47.90 -9.56 -39.92
C THR A 137 48.81 -8.33 -39.89
N ALA A 138 48.25 -7.12 -40.10
CA ALA A 138 48.97 -5.84 -40.10
C ALA A 138 49.53 -5.54 -38.72
N ALA A 139 48.75 -5.83 -37.66
CA ALA A 139 49.10 -5.65 -36.26
C ALA A 139 50.25 -6.57 -35.83
N GLN A 140 50.50 -7.65 -36.60
CA GLN A 140 51.59 -8.60 -36.35
C GLN A 140 52.91 -8.00 -36.84
N ILE A 141 52.88 -7.08 -37.83
CA ILE A 141 54.06 -6.38 -38.35
C ILE A 141 54.54 -5.41 -37.26
N THR A 142 53.59 -4.74 -36.57
CA THR A 142 53.83 -3.82 -35.45
C THR A 142 54.42 -4.63 -34.28
N GLN A 143 53.85 -5.82 -34.00
CA GLN A 143 54.24 -6.74 -32.93
C GLN A 143 55.69 -7.16 -33.05
N ARG A 144 56.12 -7.57 -34.26
CA ARG A 144 57.48 -8.03 -34.55
C ARG A 144 58.50 -6.91 -34.31
N LYS A 145 58.13 -5.65 -34.62
CA LYS A 145 58.95 -4.46 -34.38
C LYS A 145 59.06 -4.21 -32.87
N TRP A 146 57.92 -4.28 -32.18
CA TRP A 146 57.79 -4.07 -30.74
C TRP A 146 58.46 -5.19 -29.92
N GLU A 147 58.66 -6.38 -30.53
CA GLU A 147 59.36 -7.49 -29.91
C GLU A 147 60.87 -7.23 -29.95
N ALA A 148 61.38 -6.78 -31.12
CA ALA A 148 62.80 -6.45 -31.32
C ALA A 148 63.22 -5.20 -30.53
N ALA A 149 62.28 -4.26 -30.31
CA ALA A 149 62.49 -3.02 -29.56
C ALA A 149 62.42 -3.24 -28.03
N ARG A 150 61.87 -4.42 -27.61
CA ARG A 150 61.69 -4.85 -26.21
C ARG A 150 60.68 -3.94 -25.47
N VAL A 151 59.59 -3.54 -26.18
CA VAL A 151 58.53 -2.67 -25.66
C VAL A 151 57.86 -3.31 -24.43
N ALA A 152 57.39 -4.57 -24.52
CA ALA A 152 56.73 -5.30 -23.43
C ALA A 152 57.57 -5.36 -22.15
N GLU A 153 58.89 -5.53 -22.28
CA GLU A 153 59.83 -5.61 -21.17
C GLU A 153 59.93 -4.27 -20.43
N GLN A 154 60.21 -3.18 -21.17
CA GLN A 154 60.36 -1.83 -20.61
C GLN A 154 59.00 -1.23 -20.20
N LEU A 155 57.90 -1.69 -20.82
CA LEU A 155 56.55 -1.24 -20.48
C LEU A 155 56.09 -1.91 -19.19
N ARG A 156 56.34 -3.24 -19.05
CA ARG A 156 56.03 -4.01 -17.84
C ARG A 156 56.74 -3.39 -16.65
N ALA A 157 58.04 -3.10 -16.79
CA ALA A 157 58.90 -2.48 -15.77
C ALA A 157 58.35 -1.13 -15.32
N TYR A 158 57.85 -0.32 -16.27
CA TYR A 158 57.26 1.00 -16.01
C TYR A 158 55.92 0.85 -15.24
N LEU A 159 55.01 0.00 -15.75
CA LEU A 159 53.68 -0.24 -15.18
C LEU A 159 53.74 -0.80 -13.76
N GLU A 160 54.78 -1.61 -13.45
CA GLU A 160 55.00 -2.22 -12.13
C GLU A 160 55.72 -1.28 -11.17
N GLY A 161 56.55 -0.39 -11.72
CA GLY A 161 57.34 0.57 -10.94
C GLY A 161 56.88 2.01 -11.02
N LEU A 162 57.50 2.77 -11.94
CA LEU A 162 57.27 4.21 -12.19
C LEU A 162 55.78 4.62 -12.20
N CYS A 163 54.90 3.87 -12.90
CA CYS A 163 53.46 4.15 -12.98
C CYS A 163 52.84 4.18 -11.59
N VAL A 164 53.05 3.10 -10.81
CA VAL A 164 52.57 2.88 -9.44
C VAL A 164 53.16 3.96 -8.49
N GLU A 165 54.47 4.20 -8.63
CA GLU A 165 55.28 5.16 -7.86
C GLU A 165 54.75 6.58 -7.99
N TRP A 166 54.53 7.04 -9.24
CA TRP A 166 54.03 8.38 -9.54
C TRP A 166 52.56 8.52 -9.15
N LEU A 167 51.75 7.45 -9.32
CA LEU A 167 50.33 7.44 -8.93
C LEU A 167 50.20 7.70 -7.44
N ARG A 168 51.04 7.02 -6.61
CA ARG A 168 51.09 7.16 -5.15
C ARG A 168 51.44 8.59 -4.75
N ARG A 169 52.41 9.22 -5.47
CA ARG A 169 52.84 10.59 -5.25
C ARG A 169 51.70 11.56 -5.55
N TYR A 170 51.02 11.39 -6.70
CA TYR A 170 49.89 12.22 -7.11
C TYR A 170 48.74 12.09 -6.10
N LEU A 171 48.50 10.87 -5.60
CA LEU A 171 47.45 10.57 -4.62
C LEU A 171 47.73 11.22 -3.26
N GLU A 172 49.02 11.35 -2.87
CA GLU A 172 49.39 11.99 -1.61
C GLU A 172 49.32 13.52 -1.72
N ASN A 173 49.81 14.08 -2.85
CA ASN A 173 49.80 15.53 -3.12
C ASN A 173 48.38 16.07 -3.29
N GLY A 174 47.47 15.23 -3.79
CA GLY A 174 46.08 15.59 -3.98
C GLY A 174 45.11 14.86 -3.07
N LYS A 175 45.59 14.36 -1.91
CA LYS A 175 44.82 13.59 -0.91
C LYS A 175 43.48 14.25 -0.52
N GLU A 176 43.40 15.59 -0.55
CA GLU A 176 42.17 16.29 -0.18
C GLU A 176 41.09 16.20 -1.25
N THR A 177 41.45 16.23 -2.55
CA THR A 177 40.45 16.14 -3.62
C THR A 177 40.33 14.71 -4.17
N LEU A 178 41.48 14.04 -4.41
CA LEU A 178 41.55 12.70 -4.99
C LEU A 178 41.09 11.57 -4.09
N GLN A 179 41.51 11.55 -2.80
CA GLN A 179 41.18 10.45 -1.90
C GLN A 179 39.86 10.67 -1.12
N ARG A 180 39.28 11.89 -1.20
CA ARG A 180 38.01 12.23 -0.55
C ARG A 180 36.88 12.16 -1.60
N ALA A 181 35.94 11.22 -1.41
CA ALA A 181 34.82 11.01 -2.32
C ALA A 181 33.62 11.90 -1.98
N ASP A 182 33.23 12.78 -2.92
CA ASP A 182 32.08 13.69 -2.75
C ASP A 182 30.77 12.93 -3.00
N PRO A 183 29.85 12.85 -2.01
CA PRO A 183 28.59 12.12 -2.23
C PRO A 183 27.60 12.94 -3.05
N PRO A 184 26.64 12.31 -3.78
CA PRO A 184 25.70 13.10 -4.57
C PRO A 184 24.61 13.80 -3.77
N LYS A 185 24.19 14.97 -4.26
CA LYS A 185 23.08 15.75 -3.73
C LYS A 185 21.85 15.22 -4.44
N THR A 186 20.92 14.62 -3.69
CA THR A 186 19.75 13.98 -4.29
C THR A 186 18.44 14.69 -3.99
N HIS A 187 17.48 14.53 -4.93
CA HIS A 187 16.10 15.03 -4.91
C HIS A 187 15.34 14.41 -6.09
N VAL A 188 14.01 14.26 -5.93
CA VAL A 188 13.15 13.70 -6.97
C VAL A 188 12.10 14.75 -7.37
N THR A 189 11.99 15.04 -8.68
CA THR A 189 11.06 16.04 -9.23
C THR A 189 9.88 15.38 -9.96
N HIS A 190 8.70 16.02 -9.88
CA HIS A 190 7.46 15.58 -10.51
C HIS A 190 7.14 16.46 -11.72
N HIS A 191 6.93 15.85 -12.89
CA HIS A 191 6.59 16.56 -14.13
C HIS A 191 5.38 15.89 -14.81
N PRO A 192 4.15 16.47 -14.73
CA PRO A 192 2.99 15.83 -15.36
C PRO A 192 3.10 15.84 -16.89
N VAL A 193 2.85 14.68 -17.52
CA VAL A 193 2.94 14.52 -18.97
C VAL A 193 1.56 14.14 -19.58
N SER A 194 0.52 14.01 -18.72
CA SER A 194 -0.85 13.68 -19.12
C SER A 194 -1.86 13.91 -17.99
N ASP A 195 -3.09 13.42 -18.19
CA ASP A 195 -4.23 13.44 -17.26
C ASP A 195 -3.93 12.57 -16.06
N HIS A 196 -3.41 11.35 -16.31
CA HIS A 196 -3.05 10.36 -15.30
C HIS A 196 -1.65 9.77 -15.53
N GLU A 197 -0.80 10.45 -16.33
CA GLU A 197 0.58 10.04 -16.59
C GLU A 197 1.54 11.16 -16.14
N ALA A 198 2.56 10.83 -15.34
CA ALA A 198 3.52 11.80 -14.82
C ALA A 198 4.93 11.23 -14.81
N THR A 199 5.95 12.10 -14.99
CA THR A 199 7.35 11.68 -15.00
C THR A 199 8.03 12.05 -13.68
N LEU A 200 8.66 11.05 -13.04
CA LEU A 200 9.44 11.20 -11.80
C LEU A 200 10.91 11.19 -12.14
N ARG A 201 11.64 12.23 -11.72
CA ARG A 201 13.07 12.35 -12.03
C ARG A 201 13.94 12.39 -10.79
N CYS A 202 14.76 11.34 -10.62
CA CYS A 202 15.71 11.19 -9.53
C CYS A 202 17.03 11.80 -9.94
N TRP A 203 17.50 12.83 -9.21
CA TRP A 203 18.73 13.53 -9.56
C TRP A 203 19.90 13.21 -8.64
N ALA A 204 21.04 12.84 -9.24
CA ALA A 204 22.32 12.61 -8.56
C ALA A 204 23.25 13.69 -9.06
N LEU A 205 23.58 14.66 -8.18
CA LEU A 205 24.36 15.86 -8.56
C LEU A 205 25.58 16.11 -7.70
N GLY A 206 26.63 16.67 -8.33
CA GLY A 206 27.88 17.05 -7.68
C GLY A 206 28.60 15.93 -6.95
N PHE A 207 28.65 14.74 -7.57
CA PHE A 207 29.31 13.57 -6.98
C PHE A 207 30.63 13.27 -7.65
N TYR A 208 31.57 12.75 -6.86
CA TYR A 208 32.89 12.31 -7.31
C TYR A 208 33.33 11.09 -6.48
N PRO A 209 33.83 9.98 -7.08
CA PRO A 209 34.09 9.72 -8.51
C PRO A 209 32.82 9.53 -9.38
N ALA A 210 33.03 9.31 -10.68
CA ALA A 210 31.97 9.19 -11.71
C ALA A 210 31.06 7.95 -11.57
N GLU A 211 31.52 6.85 -10.94
CA GLU A 211 30.70 5.64 -10.83
C GLU A 211 29.53 5.82 -9.85
N ILE A 212 28.31 5.55 -10.34
CA ILE A 212 27.06 5.67 -9.60
C ILE A 212 26.04 4.64 -10.11
N THR A 213 25.04 4.31 -9.28
CA THR A 213 23.96 3.39 -9.63
C THR A 213 22.64 4.00 -9.17
N LEU A 214 21.82 4.46 -10.13
CA LEU A 214 20.50 5.05 -9.91
C LEU A 214 19.44 4.08 -10.41
N THR A 215 18.51 3.67 -9.53
CA THR A 215 17.45 2.73 -9.91
C THR A 215 16.08 3.14 -9.34
N TRP A 216 15.02 2.92 -10.12
CA TRP A 216 13.64 3.18 -9.73
C TRP A 216 12.97 1.85 -9.38
N GLN A 217 12.34 1.79 -8.20
CA GLN A 217 11.67 0.61 -7.70
C GLN A 217 10.17 0.84 -7.49
N ARG A 218 9.33 0.11 -8.24
CA ARG A 218 7.86 0.22 -8.05
C ARG A 218 7.43 -0.81 -7.00
N ASP A 219 7.39 -0.36 -5.73
CA ASP A 219 7.03 -1.12 -4.53
C ASP A 219 7.99 -2.29 -4.23
N GLY A 220 9.24 -2.22 -4.71
CA GLY A 220 10.26 -3.24 -4.44
C GLY A 220 10.93 -3.88 -5.64
N GLU A 221 10.37 -3.72 -6.86
CA GLU A 221 10.91 -4.31 -8.08
C GLU A 221 11.54 -3.25 -8.97
N ASP A 222 12.53 -3.62 -9.81
CA ASP A 222 13.22 -2.71 -10.72
C ASP A 222 12.42 -2.53 -12.02
N GLN A 223 12.62 -1.38 -12.72
CA GLN A 223 11.88 -1.05 -13.96
C GLN A 223 12.80 -0.77 -15.15
N THR A 224 13.80 -1.63 -15.44
CA THR A 224 14.75 -1.42 -16.55
C THR A 224 14.06 -1.02 -17.89
N GLN A 225 12.85 -1.57 -18.16
CA GLN A 225 12.06 -1.26 -19.37
C GLN A 225 11.53 0.17 -19.38
N ASP A 226 11.08 0.66 -18.20
CA ASP A 226 10.47 1.99 -18.02
C ASP A 226 11.48 3.08 -17.65
N THR A 227 12.49 2.72 -16.81
CA THR A 227 13.53 3.60 -16.30
C THR A 227 14.36 4.20 -17.44
N GLU A 228 14.06 5.47 -17.77
CA GLU A 228 14.84 6.21 -18.75
C GLU A 228 16.07 6.71 -18.01
N LEU A 229 17.18 6.00 -18.19
CA LEU A 229 18.43 6.35 -17.56
C LEU A 229 19.19 7.28 -18.47
N VAL A 230 19.74 8.35 -17.90
CA VAL A 230 20.54 9.27 -18.70
C VAL A 230 22.02 8.93 -18.43
N GLU A 231 22.87 9.15 -19.44
CA GLU A 231 24.30 8.88 -19.37
C GLU A 231 24.97 9.85 -18.40
N THR A 232 25.90 9.35 -17.54
CA THR A 232 26.64 10.17 -16.55
C THR A 232 27.37 11.28 -17.28
N ARG A 233 27.13 12.53 -16.86
CA ARG A 233 27.69 13.71 -17.51
C ARG A 233 28.57 14.55 -16.58
N PRO A 234 29.71 15.10 -17.09
CA PRO A 234 30.56 15.95 -16.23
C PRO A 234 29.92 17.31 -16.02
N ALA A 235 29.83 17.75 -14.75
CA ALA A 235 29.27 19.06 -14.42
C ALA A 235 30.14 20.20 -14.96
N GLY A 236 31.43 19.93 -15.13
CA GLY A 236 32.40 20.89 -15.66
C GLY A 236 33.26 21.56 -14.61
N ASP A 237 33.06 21.19 -13.34
CA ASP A 237 33.77 21.71 -12.17
C ASP A 237 34.38 20.54 -11.37
N ARG A 238 34.82 19.48 -12.11
CA ARG A 238 35.44 18.23 -11.63
C ARG A 238 34.45 17.28 -10.91
N THR A 239 33.14 17.59 -10.94
CA THR A 239 32.10 16.73 -10.36
C THR A 239 31.25 16.14 -11.49
N PHE A 240 30.33 15.20 -11.14
CA PHE A 240 29.50 14.54 -12.14
C PHE A 240 28.03 14.60 -11.76
N GLN A 241 27.16 14.34 -12.76
CA GLN A 241 25.71 14.35 -12.59
C GLN A 241 25.05 13.28 -13.46
N LYS A 242 23.90 12.77 -12.99
CA LYS A 242 23.10 11.73 -13.65
C LYS A 242 21.66 11.77 -13.15
N TRP A 243 20.70 11.35 -13.99
CA TRP A 243 19.31 11.28 -13.57
C TRP A 243 18.62 10.02 -14.10
N ALA A 244 17.62 9.55 -13.34
CA ALA A 244 16.78 8.40 -13.65
C ALA A 244 15.32 8.84 -13.69
N ALA A 245 14.59 8.49 -14.77
CA ALA A 245 13.19 8.92 -14.93
C ALA A 245 12.22 7.77 -15.19
N VAL A 246 10.99 7.89 -14.68
CA VAL A 246 9.92 6.89 -14.87
C VAL A 246 8.57 7.57 -15.11
N VAL A 247 7.83 7.10 -16.13
CA VAL A 247 6.49 7.58 -16.43
C VAL A 247 5.55 6.68 -15.61
N VAL A 248 4.82 7.30 -14.66
CA VAL A 248 4.00 6.63 -13.67
C VAL A 248 2.50 7.00 -13.77
N PRO A 249 1.56 6.15 -13.28
CA PRO A 249 0.16 6.58 -13.24
C PRO A 249 -0.04 7.56 -12.06
N SER A 250 -0.84 8.62 -12.26
CA SER A 250 -1.09 9.65 -11.25
C SER A 250 -1.76 9.04 -10.02
N GLY A 251 -1.28 9.44 -8.85
CA GLY A 251 -1.72 8.96 -7.55
C GLY A 251 -0.77 7.94 -6.96
N GLU A 252 -0.26 7.04 -7.83
CA GLU A 252 0.66 5.94 -7.48
C GLU A 252 2.13 6.37 -7.36
N GLU A 253 2.45 7.69 -7.50
CA GLU A 253 3.83 8.22 -7.41
C GLU A 253 4.57 7.77 -6.15
N GLN A 254 3.89 7.74 -5.01
CA GLN A 254 4.44 7.40 -3.70
C GLN A 254 4.91 5.97 -3.60
N ARG A 255 4.36 5.08 -4.43
CA ARG A 255 4.75 3.68 -4.45
C ARG A 255 6.08 3.50 -5.21
N TYR A 256 6.53 4.54 -5.94
CA TYR A 256 7.81 4.52 -6.67
C TYR A 256 8.90 5.04 -5.73
N THR A 257 10.11 4.46 -5.81
CA THR A 257 11.21 4.83 -4.91
C THR A 257 12.55 4.82 -5.67
N CYS A 258 13.44 5.80 -5.37
CA CYS A 258 14.74 5.88 -6.05
C CYS A 258 15.87 5.47 -5.11
N HIS A 259 16.72 4.56 -5.61
CA HIS A 259 17.88 4.04 -4.88
C HIS A 259 19.16 4.52 -5.54
N VAL A 260 19.98 5.28 -4.78
CA VAL A 260 21.25 5.85 -5.25
C VAL A 260 22.42 5.16 -4.50
N GLN A 261 23.42 4.70 -5.27
CA GLN A 261 24.61 4.02 -4.78
C GLN A 261 25.88 4.76 -5.18
N HIS A 262 26.66 5.22 -4.20
CA HIS A 262 27.93 5.92 -4.39
C HIS A 262 28.83 5.68 -3.19
N GLU A 263 30.16 5.62 -3.41
CA GLU A 263 31.14 5.37 -2.36
C GLU A 263 31.25 6.52 -1.34
N GLY A 264 30.76 7.71 -1.71
CA GLY A 264 30.72 8.87 -0.83
C GLY A 264 29.65 8.72 0.25
N LEU A 265 28.69 7.80 0.03
CA LEU A 265 27.58 7.50 0.94
C LEU A 265 27.93 6.30 1.85
N PRO A 266 27.74 6.43 3.19
CA PRO A 266 28.06 5.31 4.09
C PRO A 266 27.19 4.06 3.85
N LYS A 267 25.90 4.27 3.51
CA LYS A 267 24.92 3.22 3.21
C LYS A 267 24.00 3.69 2.08
N PRO A 268 23.50 2.79 1.18
CA PRO A 268 22.62 3.24 0.07
C PRO A 268 21.44 4.12 0.52
N LEU A 269 21.05 5.07 -0.33
CA LEU A 269 20.00 6.04 -0.03
C LEU A 269 18.70 5.79 -0.79
N THR A 270 17.57 6.14 -0.15
CA THR A 270 16.22 6.00 -0.69
C THR A 270 15.50 7.35 -0.72
N LEU A 271 14.97 7.75 -1.88
CA LEU A 271 14.21 9.00 -2.05
C LEU A 271 12.86 8.70 -2.70
N ARG A 272 11.83 9.53 -2.40
CA ARG A 272 10.49 9.42 -2.97
C ARG A 272 9.73 10.75 -2.73
N TRP A 273 9.18 11.32 -3.83
CA TRP A 273 8.41 12.58 -3.84
C TRP A 273 7.70 12.75 -5.20
N ILE B 2 32.76 1.91 -39.19
CA ILE B 2 33.96 2.62 -38.72
C ILE B 2 33.59 3.94 -38.05
N GLN B 3 32.60 4.67 -38.62
CA GLN B 3 32.15 5.96 -38.11
C GLN B 3 31.01 5.80 -37.09
N ARG B 4 31.05 6.60 -36.00
CA ARG B 4 30.05 6.54 -34.94
C ARG B 4 29.36 7.90 -34.69
N THR B 5 28.07 7.84 -34.32
CA THR B 5 27.15 8.98 -34.08
C THR B 5 27.34 9.61 -32.69
N PRO B 6 27.33 10.97 -32.56
CA PRO B 6 27.48 11.56 -31.23
C PRO B 6 26.18 11.61 -30.44
N LYS B 7 26.28 11.38 -29.12
CA LYS B 7 25.22 11.50 -28.14
C LYS B 7 25.37 12.90 -27.55
N ILE B 8 24.30 13.71 -27.61
CA ILE B 8 24.37 15.10 -27.14
C ILE B 8 23.46 15.33 -25.93
N GLN B 9 24.00 16.04 -24.92
CA GLN B 9 23.29 16.41 -23.71
C GLN B 9 23.55 17.88 -23.39
N VAL B 10 22.48 18.69 -23.36
CA VAL B 10 22.54 20.12 -23.06
C VAL B 10 21.97 20.32 -21.66
N TYR B 11 22.76 20.89 -20.74
CA TYR B 11 22.38 21.05 -19.35
C TYR B 11 23.15 22.17 -18.65
N SER B 12 22.68 22.56 -17.45
CA SER B 12 23.33 23.56 -16.61
C SER B 12 24.12 22.87 -15.50
N ARG B 13 25.23 23.49 -15.06
CA ARG B 13 26.13 22.98 -14.01
C ARG B 13 25.37 22.80 -12.69
N HIS B 14 24.65 23.85 -12.27
CA HIS B 14 23.85 23.88 -11.05
C HIS B 14 22.37 23.95 -11.43
N PRO B 15 21.39 23.56 -10.55
CA PRO B 15 19.97 23.68 -10.94
C PRO B 15 19.64 25.13 -11.28
N ALA B 16 19.12 25.36 -12.50
CA ALA B 16 18.82 26.69 -13.02
C ALA B 16 17.77 27.44 -12.23
N GLU B 17 18.07 28.72 -12.00
CA GLU B 17 17.25 29.72 -11.31
C GLU B 17 17.29 30.98 -12.17
N ASN B 18 16.11 31.50 -12.56
CA ASN B 18 16.03 32.70 -13.42
C ASN B 18 16.67 33.91 -12.73
N GLY B 19 17.63 34.51 -13.42
CA GLY B 19 18.39 35.66 -12.95
C GLY B 19 19.71 35.31 -12.27
N LYS B 20 19.85 34.06 -11.79
CA LYS B 20 21.04 33.57 -11.10
C LYS B 20 22.04 32.95 -12.08
N SER B 21 23.28 33.48 -12.12
CA SER B 21 24.35 33.02 -13.02
C SER B 21 24.70 31.53 -12.82
N ASN B 22 24.99 30.85 -13.94
CA ASN B 22 25.27 29.42 -14.02
C ASN B 22 26.28 29.13 -15.16
N PHE B 23 26.37 27.86 -15.59
CA PHE B 23 27.22 27.39 -16.68
C PHE B 23 26.43 26.46 -17.57
N LEU B 24 26.36 26.77 -18.88
CA LEU B 24 25.69 25.93 -19.85
C LEU B 24 26.71 24.96 -20.42
N ASN B 25 26.38 23.67 -20.41
CA ASN B 25 27.26 22.61 -20.87
C ASN B 25 26.63 21.81 -22.01
N CYS B 26 27.45 21.51 -23.01
CA CYS B 26 27.07 20.67 -24.14
C CYS B 26 28.07 19.53 -24.23
N TYR B 27 27.66 18.37 -23.72
CA TYR B 27 28.50 17.17 -23.65
C TYR B 27 28.25 16.27 -24.86
N VAL B 28 29.29 16.10 -25.69
CA VAL B 28 29.29 15.24 -26.87
C VAL B 28 30.12 14.01 -26.55
N SER B 29 29.58 12.82 -26.84
CA SER B 29 30.22 11.52 -26.55
C SER B 29 29.72 10.43 -27.49
N GLY B 30 30.50 9.36 -27.64
CA GLY B 30 30.14 8.22 -28.48
C GLY B 30 30.38 8.39 -29.97
N PHE B 31 31.10 9.46 -30.37
CA PHE B 31 31.39 9.76 -31.78
C PHE B 31 32.81 9.35 -32.17
N HIS B 32 32.99 9.03 -33.46
CA HIS B 32 34.25 8.65 -34.09
C HIS B 32 34.17 8.93 -35.61
N PRO B 33 35.11 9.66 -36.26
CA PRO B 33 36.37 10.28 -35.77
C PRO B 33 36.17 11.45 -34.80
N SER B 34 37.28 12.04 -34.32
CA SER B 34 37.30 13.14 -33.35
C SER B 34 36.87 14.51 -33.91
N ASP B 35 36.99 14.73 -35.24
CA ASP B 35 36.61 15.98 -35.92
C ASP B 35 35.13 16.31 -35.69
N ILE B 36 34.85 17.33 -34.87
CA ILE B 36 33.48 17.72 -34.52
C ILE B 36 33.34 19.25 -34.34
N GLU B 37 32.23 19.80 -34.85
CA GLU B 37 31.87 21.22 -34.78
C GLU B 37 30.74 21.39 -33.75
N VAL B 38 30.99 22.14 -32.67
CA VAL B 38 29.99 22.34 -31.59
C VAL B 38 29.89 23.84 -31.26
N ASP B 39 28.66 24.40 -31.30
CA ASP B 39 28.41 25.80 -30.96
C ASP B 39 27.24 25.94 -30.01
N LEU B 40 27.36 26.83 -29.02
CA LEU B 40 26.32 27.15 -28.04
C LEU B 40 25.60 28.41 -28.53
N LEU B 41 24.26 28.35 -28.58
CA LEU B 41 23.44 29.42 -29.14
C LEU B 41 22.46 30.02 -28.14
N LYS B 42 22.46 31.37 -28.04
CA LYS B 42 21.53 32.15 -27.22
C LYS B 42 20.59 32.89 -28.18
N ASN B 43 19.36 32.35 -28.35
CA ASN B 43 18.29 32.84 -29.25
C ASN B 43 18.69 32.75 -30.74
N GLY B 44 19.63 31.86 -31.04
CA GLY B 44 20.14 31.68 -32.40
C GLY B 44 21.48 32.33 -32.65
N GLU B 45 21.91 33.18 -31.69
CA GLU B 45 23.19 33.88 -31.73
C GLU B 45 24.26 33.02 -31.12
N ARG B 46 25.41 32.90 -31.81
CA ARG B 46 26.52 32.10 -31.33
C ARG B 46 27.21 32.79 -30.15
N ILE B 47 27.25 32.12 -28.97
CA ILE B 47 27.94 32.62 -27.79
C ILE B 47 29.41 32.57 -28.18
N GLU B 48 30.06 33.74 -28.26
CA GLU B 48 31.42 33.87 -28.81
C GLU B 48 32.55 33.28 -27.94
N LYS B 49 32.49 33.35 -26.60
CA LYS B 49 33.60 32.80 -25.84
C LYS B 49 33.23 31.48 -25.15
N VAL B 50 33.10 30.42 -25.98
CA VAL B 50 32.80 29.05 -25.55
C VAL B 50 34.13 28.29 -25.43
N GLU B 51 34.35 27.65 -24.28
CA GLU B 51 35.54 26.85 -24.00
C GLU B 51 35.21 25.36 -24.10
N HIS B 52 36.23 24.50 -24.27
CA HIS B 52 36.00 23.06 -24.35
C HIS B 52 37.11 22.25 -23.68
N SER B 53 36.75 21.04 -23.19
CA SER B 53 37.65 20.12 -22.53
C SER B 53 38.58 19.45 -23.53
N ASP B 54 39.70 18.90 -23.05
CA ASP B 54 40.70 18.22 -23.87
C ASP B 54 40.14 16.88 -24.37
N LEU B 55 40.46 16.55 -25.63
CA LEU B 55 39.99 15.36 -26.33
C LEU B 55 40.48 14.06 -25.67
N SER B 56 39.52 13.33 -25.11
CA SER B 56 39.71 12.02 -24.46
C SER B 56 38.70 11.02 -25.06
N PHE B 57 38.78 9.73 -24.68
CA PHE B 57 37.89 8.70 -25.21
C PHE B 57 37.56 7.65 -24.16
N SER B 58 36.44 6.92 -24.37
CA SER B 58 35.96 5.87 -23.49
C SER B 58 36.65 4.53 -23.81
N LYS B 59 36.25 3.45 -23.09
CA LYS B 59 36.76 2.08 -23.22
C LYS B 59 36.64 1.58 -24.66
N ASP B 60 35.49 1.85 -25.32
CA ASP B 60 35.16 1.44 -26.69
C ASP B 60 35.86 2.28 -27.78
N TRP B 61 36.75 3.22 -27.39
CA TRP B 61 37.56 4.14 -28.23
C TRP B 61 36.76 5.36 -28.74
N SER B 62 35.45 5.45 -28.43
CA SER B 62 34.61 6.57 -28.85
C SER B 62 35.00 7.83 -28.06
N PHE B 63 35.23 8.94 -28.78
CA PHE B 63 35.64 10.23 -28.22
C PHE B 63 34.52 10.92 -27.42
N TYR B 64 34.92 11.93 -26.61
CA TYR B 64 34.04 12.76 -25.80
C TYR B 64 34.74 14.05 -25.38
N LEU B 65 33.98 15.16 -25.39
CA LEU B 65 34.45 16.49 -24.96
C LEU B 65 33.28 17.34 -24.51
N LEU B 66 33.52 18.19 -23.51
CA LEU B 66 32.52 19.08 -22.95
C LEU B 66 32.74 20.51 -23.42
N TYR B 67 31.70 21.10 -24.03
CA TYR B 67 31.71 22.49 -24.46
C TYR B 67 30.95 23.28 -23.42
N TYR B 68 31.58 24.32 -22.88
CA TYR B 68 30.97 25.08 -21.81
C TYR B 68 31.17 26.55 -21.93
N THR B 69 30.17 27.27 -21.48
CA THR B 69 30.19 28.71 -21.36
C THR B 69 29.37 29.10 -20.12
N GLU B 70 29.59 30.31 -19.71
CA GLU B 70 28.95 31.00 -18.60
C GLU B 70 27.66 31.61 -19.06
N PHE B 71 26.55 31.26 -18.44
CA PHE B 71 25.26 31.77 -18.86
C PHE B 71 24.39 32.07 -17.63
N THR B 72 23.53 33.06 -17.74
CA THR B 72 22.61 33.38 -16.66
C THR B 72 21.20 33.05 -17.18
N PRO B 73 20.58 31.93 -16.71
CA PRO B 73 19.24 31.58 -17.20
C PRO B 73 18.24 32.69 -16.90
N THR B 74 17.39 32.98 -17.87
CA THR B 74 16.38 34.02 -17.80
C THR B 74 15.08 33.37 -18.35
N GLU B 75 13.94 33.85 -17.84
CA GLU B 75 12.57 33.40 -18.11
C GLU B 75 12.26 32.91 -19.55
N LYS B 76 12.63 33.69 -20.60
CA LYS B 76 12.21 33.33 -21.95
C LYS B 76 13.33 33.20 -23.02
N ASP B 77 14.61 33.58 -22.75
CA ASP B 77 15.62 33.41 -23.82
C ASP B 77 15.96 31.93 -24.02
N GLU B 78 15.85 31.47 -25.28
CA GLU B 78 16.09 30.09 -25.69
C GLU B 78 17.59 29.80 -25.83
N TYR B 79 18.01 28.66 -25.26
CA TYR B 79 19.40 28.19 -25.32
C TYR B 79 19.43 26.86 -26.07
N ALA B 80 20.45 26.66 -26.92
CA ALA B 80 20.57 25.44 -27.73
C ALA B 80 22.03 25.11 -28.05
N CYS B 81 22.27 23.89 -28.56
CA CYS B 81 23.59 23.42 -28.95
C CYS B 81 23.56 22.83 -30.35
N ARG B 82 24.25 23.48 -31.30
CA ARG B 82 24.35 23.02 -32.68
C ARG B 82 25.61 22.16 -32.82
N VAL B 83 25.43 20.91 -33.29
CA VAL B 83 26.53 19.95 -33.44
C VAL B 83 26.58 19.40 -34.87
N ASN B 84 27.78 19.38 -35.47
CA ASN B 84 28.00 18.79 -36.78
C ASN B 84 29.22 17.88 -36.77
N HIS B 85 29.05 16.70 -37.35
CA HIS B 85 30.00 15.61 -37.45
C HIS B 85 29.88 14.99 -38.84
N VAL B 86 30.88 14.18 -39.27
CA VAL B 86 30.88 13.52 -40.59
C VAL B 86 29.74 12.46 -40.67
N THR B 87 29.27 11.99 -39.51
CA THR B 87 28.20 11.01 -39.37
C THR B 87 26.82 11.67 -39.64
N LEU B 88 26.75 13.01 -39.52
CA LEU B 88 25.51 13.77 -39.66
C LEU B 88 25.35 14.37 -41.05
N SER B 89 24.12 14.27 -41.59
CA SER B 89 23.69 14.80 -42.88
C SER B 89 23.56 16.33 -42.79
N GLN B 90 22.87 16.79 -41.74
CA GLN B 90 22.60 18.19 -41.40
C GLN B 90 22.89 18.42 -39.91
N PRO B 91 23.25 19.67 -39.47
CA PRO B 91 23.54 19.89 -38.04
C PRO B 91 22.39 19.48 -37.11
N LYS B 92 22.74 18.90 -35.94
CA LYS B 92 21.74 18.50 -34.95
C LYS B 92 21.68 19.55 -33.84
N ILE B 93 20.59 20.32 -33.82
CA ILE B 93 20.33 21.35 -32.82
C ILE B 93 19.45 20.74 -31.75
N VAL B 94 19.90 20.81 -30.50
CA VAL B 94 19.15 20.28 -29.35
C VAL B 94 19.00 21.42 -28.35
N LYS B 95 17.74 21.81 -28.11
CA LYS B 95 17.32 22.89 -27.21
C LYS B 95 17.59 22.53 -25.77
N TRP B 96 18.00 23.52 -24.96
CA TRP B 96 18.28 23.32 -23.54
C TRP B 96 16.97 23.26 -22.75
N ASP B 97 16.81 22.15 -22.00
CA ASP B 97 15.65 21.93 -21.14
C ASP B 97 16.11 22.01 -19.70
N ARG B 98 15.45 22.88 -18.92
CA ARG B 98 15.69 23.15 -17.50
C ARG B 98 15.47 21.92 -16.62
N ASP B 99 14.61 21.00 -17.06
CA ASP B 99 14.20 19.80 -16.33
C ASP B 99 15.05 18.55 -16.62
N MET B 100 16.04 18.64 -17.53
CA MET B 100 16.92 17.51 -17.87
C MET B 100 18.32 17.99 -18.31
N LEU C 1 53.74 10.45 -14.32
CA LEU C 1 54.74 10.56 -15.37
C LEU C 1 54.43 9.55 -16.48
N PRO C 2 54.43 9.96 -17.77
CA PRO C 2 54.08 9.01 -18.84
C PRO C 2 55.21 8.03 -19.18
N PHE C 3 54.91 7.01 -20.01
CA PHE C 3 55.85 5.99 -20.47
C PHE C 3 56.92 6.66 -21.34
N ASP C 4 58.18 6.38 -21.04
CA ASP C 4 59.34 7.04 -21.65
C ASP C 4 60.02 6.18 -22.70
N LYS C 5 59.23 5.62 -23.57
CA LYS C 5 59.73 4.81 -24.69
C LYS C 5 58.75 4.99 -25.83
N SER C 6 59.21 5.66 -26.90
CA SER C 6 58.43 5.93 -28.09
C SER C 6 58.88 5.01 -29.21
N THR C 7 58.01 4.05 -29.58
CA THR C 7 58.31 3.06 -30.61
C THR C 7 57.36 3.19 -31.78
N VAL C 8 57.94 3.19 -33.00
CA VAL C 8 57.18 3.27 -34.25
C VAL C 8 56.45 1.93 -34.47
N MET C 9 55.18 2.02 -34.88
CA MET C 9 54.33 0.88 -35.17
C MET C 9 54.58 0.37 -36.59
N GLN D 1 73.08 10.84 -12.21
CA GLN D 1 73.05 10.21 -13.54
C GLN D 1 74.47 9.87 -14.01
N SER D 2 74.97 8.68 -13.58
CA SER D 2 76.29 8.16 -13.93
C SER D 2 76.36 6.65 -13.70
N LEU D 3 77.47 6.03 -14.14
CA LEU D 3 77.73 4.61 -13.94
C LEU D 3 79.23 4.36 -13.80
N GLU D 4 79.59 3.26 -13.11
CA GLU D 4 80.97 2.88 -12.77
C GLU D 4 81.30 1.47 -13.26
N GLN D 5 82.54 1.26 -13.73
CA GLN D 5 83.06 -0.04 -14.18
C GLN D 5 84.60 -0.05 -14.07
N PRO D 6 85.25 -1.22 -13.80
CA PRO D 6 86.73 -1.22 -13.68
C PRO D 6 87.44 -0.74 -14.95
N SER D 7 88.66 -0.21 -14.79
CA SER D 7 89.44 0.31 -15.90
C SER D 7 89.99 -0.83 -16.76
N GLU D 8 90.61 -1.85 -16.12
CA GLU D 8 91.22 -3.01 -16.79
C GLU D 8 90.83 -4.32 -16.14
N VAL D 9 90.85 -5.40 -16.93
CA VAL D 9 90.59 -6.78 -16.51
C VAL D 9 91.45 -7.69 -17.40
N THR D 10 92.10 -8.71 -16.80
CA THR D 10 92.99 -9.60 -17.53
C THR D 10 92.59 -11.06 -17.31
N ALA D 11 92.63 -11.85 -18.40
CA ALA D 11 92.32 -13.27 -18.39
C ALA D 11 93.12 -14.00 -19.47
N VAL D 12 93.22 -15.33 -19.32
CA VAL D 12 93.97 -16.21 -20.21
C VAL D 12 93.01 -16.77 -21.27
N GLU D 13 93.56 -17.23 -22.42
CA GLU D 13 92.80 -17.84 -23.51
C GLU D 13 92.11 -19.11 -23.01
N GLY D 14 90.81 -19.21 -23.28
CA GLY D 14 89.99 -20.34 -22.87
C GLY D 14 89.27 -20.17 -21.54
N ALA D 15 89.70 -19.17 -20.75
CA ALA D 15 89.12 -18.88 -19.44
C ALA D 15 87.84 -18.03 -19.55
N ILE D 16 87.19 -17.74 -18.40
CA ILE D 16 86.00 -16.89 -18.35
C ILE D 16 86.39 -15.60 -17.64
N VAL D 17 85.72 -14.49 -17.96
CA VAL D 17 86.00 -13.21 -17.31
C VAL D 17 84.69 -12.48 -17.03
N GLN D 18 84.71 -11.66 -15.96
CA GLN D 18 83.55 -10.90 -15.52
C GLN D 18 83.88 -9.41 -15.48
N ILE D 19 82.98 -8.59 -16.02
CA ILE D 19 83.08 -7.14 -16.03
C ILE D 19 81.85 -6.59 -15.31
N ASN D 20 82.06 -6.02 -14.11
CA ASN D 20 80.98 -5.47 -13.29
C ASN D 20 80.64 -4.03 -13.68
N CYS D 21 79.38 -3.64 -13.49
N CYS D 21 79.36 -3.64 -13.52
CA CYS D 21 78.89 -2.30 -13.80
CA CYS D 21 78.87 -2.29 -13.80
C CYS D 21 77.77 -1.90 -12.84
C CYS D 21 77.77 -1.91 -12.82
N THR D 22 77.99 -0.81 -12.09
CA THR D 22 77.01 -0.28 -11.14
C THR D 22 76.55 1.04 -11.71
N TYR D 23 75.22 1.27 -11.73
CA TYR D 23 74.66 2.50 -12.25
C TYR D 23 73.97 3.27 -11.14
N GLN D 24 73.99 4.60 -11.22
CA GLN D 24 73.38 5.48 -10.22
C GLN D 24 72.56 6.55 -10.93
N THR D 25 71.27 6.23 -11.15
CA THR D 25 70.25 7.06 -11.82
C THR D 25 68.93 6.95 -11.05
N SER D 26 67.92 7.76 -11.42
CA SER D 26 66.63 7.73 -10.73
C SER D 26 65.51 6.99 -11.51
N GLY D 27 65.70 6.80 -12.82
CA GLY D 27 64.70 6.14 -13.65
C GLY D 27 65.24 5.19 -14.69
N PHE D 28 65.71 4.02 -14.26
CA PHE D 28 66.29 2.97 -15.11
C PHE D 28 65.25 2.36 -16.07
N TYR D 29 65.63 2.25 -17.36
CA TYR D 29 64.82 1.64 -18.41
C TYR D 29 65.55 0.44 -19.00
N GLY D 30 66.88 0.47 -19.01
CA GLY D 30 67.70 -0.61 -19.53
C GLY D 30 69.20 -0.48 -19.32
N LEU D 31 69.89 -1.65 -19.26
CA LEU D 31 71.34 -1.77 -19.12
C LEU D 31 71.89 -2.66 -20.25
N SER D 32 72.58 -2.03 -21.22
CA SER D 32 73.14 -2.72 -22.39
C SER D 32 74.68 -2.77 -22.35
N TRP D 33 75.26 -3.67 -23.17
CA TRP D 33 76.72 -3.85 -23.26
C TRP D 33 77.21 -3.75 -24.70
N TYR D 34 78.39 -3.12 -24.89
CA TYR D 34 78.98 -2.89 -26.21
C TYR D 34 80.48 -3.23 -26.24
N GLN D 35 80.94 -3.87 -27.33
CA GLN D 35 82.33 -4.24 -27.58
C GLN D 35 82.95 -3.26 -28.58
N GLN D 36 84.14 -2.72 -28.27
CA GLN D 36 84.82 -1.78 -29.16
C GLN D 36 86.33 -2.06 -29.27
N HIS D 37 86.76 -2.39 -30.50
CA HIS D 37 88.17 -2.59 -30.84
C HIS D 37 88.79 -1.24 -31.19
N ASP D 38 90.10 -1.04 -30.90
CA ASP D 38 90.83 0.21 -31.17
C ASP D 38 90.54 0.77 -32.58
N GLY D 39 89.94 1.96 -32.61
CA GLY D 39 89.57 2.65 -33.85
C GLY D 39 88.42 2.04 -34.62
N GLY D 40 87.57 1.28 -33.94
CA GLY D 40 86.43 0.60 -34.55
C GLY D 40 85.06 1.09 -34.11
N ALA D 41 84.02 0.40 -34.58
CA ALA D 41 82.61 0.68 -34.30
C ALA D 41 82.12 -0.10 -33.08
N PRO D 42 81.56 0.56 -32.02
CA PRO D 42 81.04 -0.21 -30.88
C PRO D 42 79.90 -1.12 -31.33
N THR D 43 80.04 -2.43 -31.09
CA THR D 43 79.05 -3.44 -31.48
C THR D 43 78.28 -3.94 -30.27
N PHE D 44 76.95 -4.07 -30.42
CA PHE D 44 76.03 -4.54 -29.39
C PHE D 44 76.31 -5.98 -29.01
N LEU D 45 76.19 -6.29 -27.70
CA LEU D 45 76.38 -7.63 -27.17
C LEU D 45 75.07 -8.14 -26.58
N SER D 46 74.57 -7.49 -25.50
CA SER D 46 73.30 -7.86 -24.85
C SER D 46 72.66 -6.66 -24.14
N TYR D 47 71.32 -6.74 -23.93
CA TYR D 47 70.50 -5.72 -23.28
C TYR D 47 69.70 -6.35 -22.14
N ASN D 48 69.61 -5.65 -21.01
CA ASN D 48 68.85 -6.07 -19.85
C ASN D 48 67.86 -4.98 -19.44
N ALA D 49 66.57 -5.24 -19.59
CA ALA D 49 65.51 -4.33 -19.17
C ALA D 49 65.00 -4.82 -17.82
N LEU D 50 64.58 -6.10 -17.75
CA LEU D 50 64.12 -6.75 -16.54
C LEU D 50 65.27 -7.53 -15.89
N ASP D 51 65.11 -7.89 -14.61
CA ASP D 51 66.10 -8.65 -13.85
C ASP D 51 66.24 -10.07 -14.38
N GLY D 52 67.47 -10.55 -14.42
CA GLY D 52 67.78 -11.89 -14.90
C GLY D 52 69.02 -11.95 -15.76
N LEU D 53 69.17 -13.07 -16.49
CA LEU D 53 70.30 -13.34 -17.36
C LEU D 53 69.88 -13.35 -18.84
N GLU D 54 70.70 -12.70 -19.67
CA GLU D 54 70.53 -12.64 -21.13
C GLU D 54 71.73 -13.34 -21.74
N GLU D 55 71.49 -14.42 -22.50
CA GLU D 55 72.57 -15.21 -23.12
C GLU D 55 72.55 -15.09 -24.64
N THR D 56 73.75 -14.82 -25.21
CA THR D 56 73.99 -14.71 -26.65
C THR D 56 75.36 -15.35 -26.92
N GLY D 57 75.35 -16.68 -27.08
CA GLY D 57 76.54 -17.48 -27.33
C GLY D 57 77.48 -17.50 -26.14
N ARG D 58 78.70 -16.96 -26.33
CA ARG D 58 79.74 -16.86 -25.30
C ARG D 58 79.54 -15.64 -24.38
N PHE D 59 78.57 -14.77 -24.69
CA PHE D 59 78.29 -13.58 -23.89
C PHE D 59 76.99 -13.72 -23.12
N SER D 60 77.02 -13.32 -21.85
CA SER D 60 75.87 -13.33 -20.98
C SER D 60 75.92 -12.11 -20.06
N SER D 61 74.77 -11.45 -19.87
CA SER D 61 74.72 -10.28 -19.00
C SER D 61 73.64 -10.42 -17.95
N PHE D 62 74.02 -10.16 -16.69
CA PHE D 62 73.14 -10.23 -15.52
C PHE D 62 72.68 -8.83 -15.14
N LEU D 63 71.51 -8.71 -14.50
CA LEU D 63 70.97 -7.46 -13.98
C LEU D 63 70.16 -7.68 -12.68
N SER D 64 70.33 -6.73 -11.75
CA SER D 64 69.62 -6.58 -10.49
C SER D 64 69.32 -5.09 -10.35
N ARG D 65 68.04 -4.73 -10.48
CA ARG D 65 67.56 -3.35 -10.43
C ARG D 65 67.51 -2.83 -9.00
N SER D 66 67.19 -3.70 -8.02
CA SER D 66 67.13 -3.37 -6.59
C SER D 66 68.52 -2.99 -6.06
N ASP D 67 69.58 -3.62 -6.60
CA ASP D 67 70.97 -3.37 -6.23
C ASP D 67 71.66 -2.43 -7.21
N SER D 68 70.96 -2.01 -8.31
CA SER D 68 71.46 -1.16 -9.39
C SER D 68 72.79 -1.72 -9.94
N TYR D 69 72.85 -3.06 -10.05
CA TYR D 69 74.04 -3.81 -10.43
C TYR D 69 73.78 -4.73 -11.63
N GLY D 70 74.78 -4.82 -12.49
CA GLY D 70 74.78 -5.65 -13.68
C GLY D 70 76.18 -6.04 -14.08
N TYR D 71 76.35 -7.24 -14.66
CA TYR D 71 77.68 -7.65 -15.10
C TYR D 71 77.63 -8.41 -16.42
N LEU D 72 78.77 -8.43 -17.13
CA LEU D 72 78.96 -9.12 -18.38
C LEU D 72 79.97 -10.25 -18.17
N LEU D 73 79.57 -11.45 -18.58
CA LEU D 73 80.38 -12.66 -18.46
C LEU D 73 80.71 -13.19 -19.86
N LEU D 74 82.01 -13.37 -20.15
CA LEU D 74 82.43 -13.89 -21.46
C LEU D 74 83.13 -15.22 -21.31
N GLN D 75 82.60 -16.23 -22.01
CA GLN D 75 83.06 -17.63 -22.02
C GLN D 75 84.07 -17.88 -23.14
N GLU D 76 84.86 -18.98 -23.02
CA GLU D 76 85.87 -19.48 -23.98
C GLU D 76 86.62 -18.32 -24.64
N LEU D 77 87.44 -17.62 -23.84
CA LEU D 77 88.16 -16.43 -24.29
C LEU D 77 89.12 -16.69 -25.44
N GLN D 78 88.94 -15.92 -26.51
CA GLN D 78 89.73 -15.93 -27.73
C GLN D 78 90.50 -14.61 -27.82
N MET D 79 91.57 -14.55 -28.64
CA MET D 79 92.39 -13.36 -28.79
C MET D 79 91.60 -12.18 -29.38
N LYS D 80 90.55 -12.46 -30.18
CA LYS D 80 89.68 -11.46 -30.78
C LYS D 80 88.80 -10.76 -29.72
N ASP D 81 88.71 -11.33 -28.50
CA ASP D 81 87.95 -10.74 -27.40
C ASP D 81 88.70 -9.57 -26.76
N SER D 82 89.99 -9.35 -27.12
CA SER D 82 90.78 -8.22 -26.64
C SER D 82 90.21 -6.95 -27.29
N ALA D 83 89.50 -6.16 -26.47
CA ALA D 83 88.82 -4.93 -26.84
C ALA D 83 88.38 -4.18 -25.58
N SER D 84 87.65 -3.05 -25.77
CA SER D 84 87.08 -2.28 -24.69
C SER D 84 85.59 -2.61 -24.58
N TYR D 85 85.12 -2.89 -23.36
CA TYR D 85 83.74 -3.27 -23.12
C TYR D 85 83.06 -2.18 -22.34
N PHE D 86 81.91 -1.73 -22.85
CA PHE D 86 81.17 -0.62 -22.27
C PHE D 86 79.78 -0.98 -21.84
N CYS D 87 79.41 -0.56 -20.62
N CYS D 87 79.43 -0.49 -20.65
CA CYS D 87 78.05 -0.72 -20.16
CA CYS D 87 78.12 -0.61 -20.00
C CYS D 87 77.34 0.60 -20.35
C CYS D 87 77.34 0.66 -20.31
N ALA D 88 76.09 0.54 -20.80
CA ALA D 88 75.28 1.70 -21.13
C ALA D 88 73.95 1.68 -20.39
N VAL D 89 73.56 2.83 -19.80
CA VAL D 89 72.32 2.92 -19.06
C VAL D 89 71.33 3.85 -19.79
N ASP D 90 70.13 3.33 -20.02
CA ASP D 90 68.99 4.02 -20.61
C ASP D 90 68.08 4.43 -19.49
N THR D 91 67.71 5.71 -19.41
CA THR D 91 66.87 6.24 -18.34
C THR D 91 65.56 6.83 -18.88
N GLY D 92 65.11 6.27 -19.99
CA GLY D 92 63.92 6.75 -20.68
C GLY D 92 64.32 7.73 -21.76
N GLY D 93 63.53 7.82 -22.81
CA GLY D 93 63.78 8.73 -23.92
C GLY D 93 64.74 8.25 -24.97
N PHE D 94 65.92 8.89 -25.05
CA PHE D 94 66.92 8.62 -26.09
C PHE D 94 68.38 8.82 -25.63
N LYS D 95 68.62 9.69 -24.62
CA LYS D 95 69.97 9.99 -24.11
C LYS D 95 70.56 8.78 -23.36
N THR D 96 71.59 8.16 -23.95
CA THR D 96 72.26 6.99 -23.38
C THR D 96 73.57 7.42 -22.70
N ILE D 97 73.77 6.98 -21.46
CA ILE D 97 74.98 7.26 -20.70
C ILE D 97 75.87 6.02 -20.75
N PHE D 98 77.08 6.18 -21.30
CA PHE D 98 78.09 5.14 -21.41
C PHE D 98 79.13 5.28 -20.34
N GLY D 99 79.70 4.16 -19.92
CA GLY D 99 80.77 4.15 -18.94
C GLY D 99 82.11 4.45 -19.57
N ALA D 100 83.15 4.58 -18.74
CA ALA D 100 84.52 4.88 -19.20
C ALA D 100 85.11 3.69 -19.96
N GLY D 101 84.52 2.51 -19.80
CA GLY D 101 84.93 1.28 -20.46
C GLY D 101 85.93 0.44 -19.68
N THR D 102 85.95 -0.86 -19.97
CA THR D 102 86.85 -1.82 -19.37
C THR D 102 87.67 -2.46 -20.47
N ARG D 103 89.00 -2.28 -20.42
CA ARG D 103 89.90 -2.86 -21.39
C ARG D 103 90.28 -4.26 -20.96
N LEU D 104 89.92 -5.27 -21.78
CA LEU D 104 90.22 -6.67 -21.50
C LEU D 104 91.47 -7.09 -22.28
N PHE D 105 92.41 -7.72 -21.58
CA PHE D 105 93.64 -8.25 -22.17
C PHE D 105 93.58 -9.77 -22.16
N VAL D 106 93.55 -10.38 -23.35
CA VAL D 106 93.49 -11.84 -23.47
C VAL D 106 94.93 -12.36 -23.61
N LYS D 107 95.40 -13.09 -22.59
CA LYS D 107 96.75 -13.65 -22.54
C LYS D 107 96.74 -14.99 -23.27
N ALA D 108 97.57 -15.09 -24.33
CA ALA D 108 97.66 -16.27 -25.19
C ALA D 108 98.21 -17.49 -24.46
N ASN D 109 97.61 -18.66 -24.71
CA ASN D 109 98.06 -19.93 -24.15
C ASN D 109 99.19 -20.47 -25.02
N ILE D 110 100.44 -20.39 -24.51
CA ILE D 110 101.61 -20.86 -25.23
C ILE D 110 101.92 -22.29 -24.76
N GLN D 111 101.86 -23.24 -25.71
CA GLN D 111 102.10 -24.66 -25.46
C GLN D 111 103.58 -24.95 -25.25
N ASN D 112 104.44 -24.56 -26.21
CA ASN D 112 105.88 -24.79 -26.12
C ASN D 112 106.66 -23.47 -26.27
N PRO D 113 107.00 -22.80 -25.13
CA PRO D 113 107.72 -21.52 -25.21
C PRO D 113 109.18 -21.70 -25.63
N ASP D 114 109.62 -20.89 -26.62
CA ASP D 114 110.98 -20.90 -27.15
C ASP D 114 111.51 -19.44 -27.21
N PRO D 115 111.71 -18.74 -26.07
CA PRO D 115 112.18 -17.34 -26.15
C PRO D 115 113.54 -17.21 -26.83
N ALA D 116 113.66 -16.24 -27.76
CA ALA D 116 114.85 -15.95 -28.56
C ALA D 116 114.81 -14.53 -29.12
N VAL D 117 116.00 -13.97 -29.45
CA VAL D 117 116.12 -12.63 -30.05
C VAL D 117 116.89 -12.78 -31.37
N TYR D 118 116.18 -12.57 -32.50
CA TYR D 118 116.72 -12.70 -33.85
C TYR D 118 116.97 -11.32 -34.50
N GLN D 119 117.97 -11.25 -35.41
CA GLN D 119 118.35 -10.02 -36.13
C GLN D 119 117.89 -10.10 -37.60
N LEU D 120 117.17 -9.07 -38.05
CA LEU D 120 116.63 -8.98 -39.41
C LEU D 120 117.31 -7.86 -40.20
N ARG D 121 117.38 -8.00 -41.54
CA ARG D 121 117.98 -7.02 -42.44
C ARG D 121 117.01 -6.52 -43.51
N ASP D 122 117.11 -5.23 -43.87
CA ASP D 122 116.30 -4.58 -44.90
C ASP D 122 116.94 -4.79 -46.28
N SER D 123 116.14 -4.69 -47.37
CA SER D 123 116.56 -4.83 -48.77
C SER D 123 117.73 -3.88 -49.07
N LYS D 124 117.67 -2.65 -48.55
CA LYS D 124 118.69 -1.62 -48.64
C LYS D 124 119.05 -1.19 -47.22
N SER D 125 120.11 -1.82 -46.66
CA SER D 125 120.63 -1.64 -45.29
C SER D 125 121.13 -0.20 -44.98
N SER D 126 120.93 0.75 -45.92
CA SER D 126 121.33 2.16 -45.81
C SER D 126 120.53 2.95 -44.76
N ASP D 127 119.48 2.35 -44.16
CA ASP D 127 118.65 3.01 -43.15
C ASP D 127 118.94 2.51 -41.71
N LYS D 128 118.58 1.25 -41.36
CA LYS D 128 118.78 0.68 -40.01
C LYS D 128 118.73 -0.87 -39.97
N SER D 129 118.68 -1.43 -38.74
CA SER D 129 118.61 -2.86 -38.42
C SER D 129 117.52 -3.10 -37.35
N VAL D 130 116.92 -4.32 -37.32
CA VAL D 130 115.84 -4.66 -36.39
C VAL D 130 116.17 -5.94 -35.58
N CYS D 131 115.80 -5.94 -34.29
CA CYS D 131 115.93 -7.02 -33.33
C CYS D 131 114.54 -7.48 -32.91
N LEU D 132 114.23 -8.77 -33.09
CA LEU D 132 112.92 -9.34 -32.78
C LEU D 132 112.98 -10.34 -31.63
N PHE D 133 112.19 -10.08 -30.58
CA PHE D 133 112.03 -10.97 -29.42
C PHE D 133 110.73 -11.72 -29.63
N THR D 134 110.80 -13.05 -29.79
CA THR D 134 109.62 -13.86 -30.08
C THR D 134 109.62 -15.24 -29.38
N ASP D 135 108.45 -15.92 -29.41
CA ASP D 135 108.12 -17.25 -28.87
C ASP D 135 108.24 -17.33 -27.32
N PHE D 136 108.24 -16.16 -26.65
CA PHE D 136 108.32 -16.09 -25.18
C PHE D 136 106.93 -16.35 -24.57
N ASP D 137 106.89 -16.74 -23.28
CA ASP D 137 105.64 -17.03 -22.56
C ASP D 137 104.84 -15.74 -22.28
N SER D 138 103.52 -15.87 -22.08
CA SER D 138 102.58 -14.77 -21.84
C SER D 138 102.83 -14.04 -20.50
N GLN D 139 103.54 -14.67 -19.57
CA GLN D 139 103.86 -14.10 -18.26
C GLN D 139 104.99 -13.05 -18.34
N THR D 140 105.82 -13.10 -19.40
CA THR D 140 106.97 -12.20 -19.61
C THR D 140 106.51 -10.77 -19.92
N ASN D 141 107.28 -9.78 -19.42
CA ASN D 141 107.02 -8.34 -19.59
C ASN D 141 108.17 -7.65 -20.33
N VAL D 142 107.83 -6.76 -21.28
CA VAL D 142 108.79 -5.99 -22.08
C VAL D 142 108.59 -4.48 -21.80
N SER D 143 109.68 -3.80 -21.38
CA SER D 143 109.68 -2.37 -21.05
C SER D 143 110.47 -1.55 -22.10
N GLN D 144 110.53 -0.22 -21.92
CA GLN D 144 111.23 0.70 -22.81
C GLN D 144 112.74 0.67 -22.57
N SER D 145 113.53 1.00 -23.61
CA SER D 145 115.00 1.01 -23.58
C SER D 145 115.58 2.18 -22.78
N LYS D 146 116.82 2.00 -22.28
CA LYS D 146 117.59 3.00 -21.53
C LYS D 146 117.99 4.15 -22.47
N ASP D 147 118.48 3.81 -23.68
CA ASP D 147 118.91 4.75 -24.71
C ASP D 147 117.71 5.49 -25.31
N SER D 148 117.92 6.73 -25.74
CA SER D 148 116.89 7.56 -26.34
C SER D 148 116.70 7.23 -27.83
N ASP D 149 117.75 6.70 -28.48
CA ASP D 149 117.76 6.35 -29.91
C ASP D 149 117.33 4.88 -30.17
N VAL D 150 117.05 4.10 -29.10
CA VAL D 150 116.60 2.70 -29.22
C VAL D 150 115.09 2.65 -28.95
N TYR D 151 114.31 2.21 -29.97
CA TYR D 151 112.85 2.12 -29.91
C TYR D 151 112.37 0.68 -29.74
N ILE D 152 111.41 0.46 -28.81
CA ILE D 152 110.81 -0.86 -28.55
C ILE D 152 109.28 -0.75 -28.55
N THR D 153 108.62 -1.69 -29.25
CA THR D 153 107.15 -1.78 -29.33
C THR D 153 106.65 -2.70 -28.21
N ASP D 154 105.32 -2.74 -27.97
CA ASP D 154 104.75 -3.62 -26.98
C ASP D 154 104.50 -4.99 -27.61
N LYS D 155 104.40 -6.05 -26.77
CA LYS D 155 104.16 -7.41 -27.23
C LYS D 155 102.76 -7.58 -27.80
N CYS D 156 102.65 -8.32 -28.92
CA CYS D 156 101.38 -8.61 -29.57
C CYS D 156 101.35 -10.09 -29.99
N VAL D 157 100.15 -10.70 -30.03
CA VAL D 157 99.96 -12.12 -30.35
C VAL D 157 99.54 -12.33 -31.81
N LEU D 158 100.31 -13.14 -32.56
CA LEU D 158 99.97 -13.54 -33.92
C LEU D 158 99.49 -14.99 -33.89
N ASP D 159 98.60 -15.35 -34.81
CA ASP D 159 98.07 -16.71 -34.86
C ASP D 159 98.22 -17.29 -36.27
N MET D 160 99.02 -18.36 -36.38
CA MET D 160 99.23 -19.11 -37.61
C MET D 160 98.15 -20.18 -37.65
N ARG D 161 96.95 -19.80 -38.15
CA ARG D 161 95.74 -20.63 -38.22
C ARG D 161 95.95 -21.99 -38.91
N SER D 162 96.93 -22.07 -39.85
CA SER D 162 97.29 -23.30 -40.57
C SER D 162 97.95 -24.33 -39.66
N MET D 163 98.70 -23.88 -38.65
CA MET D 163 99.47 -24.73 -37.77
C MET D 163 98.98 -24.76 -36.32
N ASP D 164 97.85 -24.05 -36.00
CA ASP D 164 97.28 -23.96 -34.65
C ASP D 164 98.37 -23.46 -33.66
N PHE D 165 99.16 -22.47 -34.12
CA PHE D 165 100.30 -21.94 -33.39
C PHE D 165 100.15 -20.43 -33.16
N LYS D 166 100.25 -20.02 -31.89
CA LYS D 166 100.20 -18.63 -31.45
C LYS D 166 101.56 -18.22 -30.87
N SER D 167 102.03 -17.00 -31.20
CA SER D 167 103.31 -16.53 -30.69
C SER D 167 103.29 -15.05 -30.32
N ASN D 168 103.92 -14.73 -29.18
CA ASN D 168 104.10 -13.37 -28.67
C ASN D 168 105.31 -12.76 -29.32
N SER D 169 105.24 -11.47 -29.70
CA SER D 169 106.36 -10.82 -30.39
C SER D 169 106.51 -9.35 -30.00
N ALA D 170 107.78 -8.92 -29.79
CA ALA D 170 108.18 -7.56 -29.46
C ALA D 170 109.36 -7.15 -30.33
N VAL D 171 109.21 -6.02 -31.06
CA VAL D 171 110.19 -5.50 -32.02
C VAL D 171 111.04 -4.37 -31.36
N ALA D 172 112.34 -4.30 -31.73
CA ALA D 172 113.30 -3.30 -31.25
C ALA D 172 114.22 -2.82 -32.40
N TRP D 173 114.49 -1.51 -32.49
CA TRP D 173 115.35 -0.94 -33.54
C TRP D 173 115.99 0.40 -33.13
N SER D 174 117.15 0.71 -33.77
CA SER D 174 117.95 1.93 -33.60
C SER D 174 118.69 2.23 -34.91
N ASN D 175 119.18 3.48 -35.07
CA ASN D 175 119.91 3.88 -36.29
C ASN D 175 121.44 3.93 -36.06
N LYS D 176 121.89 3.89 -34.79
CA LYS D 176 123.31 3.90 -34.46
C LYS D 176 123.94 2.53 -34.72
N SER D 177 125.14 2.50 -35.32
CA SER D 177 125.90 1.30 -35.68
C SER D 177 126.31 0.48 -34.43
N ASP D 178 126.31 1.12 -33.25
CA ASP D 178 126.62 0.54 -31.93
C ASP D 178 125.59 -0.52 -31.50
N PHE D 179 124.33 -0.39 -31.96
CA PHE D 179 123.19 -1.26 -31.64
C PHE D 179 123.35 -2.70 -32.14
N ALA D 180 123.00 -3.67 -31.27
CA ALA D 180 123.03 -5.12 -31.49
C ALA D 180 121.96 -5.83 -30.62
N CYS D 181 121.65 -7.11 -30.93
CA CYS D 181 120.63 -7.95 -30.27
C CYS D 181 120.88 -8.18 -28.77
N ALA D 182 122.14 -8.45 -28.37
CA ALA D 182 122.52 -8.73 -26.99
C ALA D 182 122.21 -7.57 -26.04
N ASN D 183 122.49 -6.32 -26.48
CA ASN D 183 122.27 -5.10 -25.70
C ASN D 183 120.87 -4.51 -25.93
N ALA D 184 120.18 -4.92 -27.02
CA ALA D 184 118.85 -4.43 -27.45
C ALA D 184 117.77 -4.45 -26.35
N PHE D 185 117.79 -5.44 -25.44
CA PHE D 185 116.76 -5.53 -24.41
C PHE D 185 117.31 -5.28 -23.00
N ASN D 186 116.78 -4.22 -22.38
CA ASN D 186 117.10 -3.74 -21.03
C ASN D 186 115.87 -3.97 -20.12
N ASN D 187 115.35 -5.23 -20.14
CA ASN D 187 114.17 -5.64 -19.37
C ASN D 187 114.28 -7.12 -18.91
N SER D 188 113.33 -7.55 -18.06
CA SER D 188 113.28 -8.91 -17.50
C SER D 188 112.94 -9.96 -18.56
N ILE D 189 113.99 -10.58 -19.13
CA ILE D 189 113.86 -11.62 -20.15
C ILE D 189 114.23 -12.99 -19.55
N ILE D 190 113.61 -14.05 -20.08
CA ILE D 190 113.75 -15.46 -19.70
C ILE D 190 115.22 -15.95 -19.91
N PRO D 191 115.77 -16.85 -19.06
CA PRO D 191 117.17 -17.26 -19.22
C PRO D 191 117.51 -18.05 -20.49
N GLU D 192 116.65 -19.01 -20.93
CA GLU D 192 116.94 -19.83 -22.11
C GLU D 192 116.61 -19.08 -23.44
N ASP D 193 117.23 -17.90 -23.61
CA ASP D 193 117.09 -17.08 -24.82
C ASP D 193 118.23 -17.36 -25.77
N THR D 194 117.91 -17.77 -27.02
CA THR D 194 118.93 -18.08 -28.02
C THR D 194 119.37 -16.77 -28.73
N PHE D 195 120.68 -16.64 -28.97
CA PHE D 195 121.34 -15.52 -29.64
C PHE D 195 122.38 -16.09 -30.60
N PHE D 196 122.34 -15.71 -31.89
CA PHE D 196 123.30 -16.28 -32.84
C PHE D 196 123.96 -15.26 -33.80
N PRO D 197 125.33 -15.26 -33.83
CA PRO D 197 126.04 -14.34 -34.73
C PRO D 197 126.51 -15.05 -36.03
N GLY E 1 75.73 -2.48 -42.85
CA GLY E 1 75.71 -1.74 -41.60
C GLY E 1 75.82 -0.23 -41.76
N VAL E 2 76.09 0.47 -40.65
CA VAL E 2 76.21 1.93 -40.65
C VAL E 2 77.61 2.31 -41.17
N SER E 3 77.65 3.17 -42.21
CA SER E 3 78.90 3.65 -42.78
C SER E 3 79.10 5.12 -42.36
N GLN E 4 80.37 5.55 -42.29
CA GLN E 4 80.75 6.91 -41.88
C GLN E 4 82.00 7.36 -42.64
N SER E 5 82.02 8.64 -43.07
CA SER E 5 83.15 9.20 -43.81
C SER E 5 83.46 10.64 -43.38
N PRO E 6 84.75 11.05 -43.29
CA PRO E 6 85.97 10.26 -43.55
C PRO E 6 86.34 9.39 -42.35
N ARG E 7 87.29 8.43 -42.53
CA ARG E 7 87.72 7.56 -41.43
C ARG E 7 88.60 8.34 -40.45
N TYR E 8 89.44 9.24 -41.00
CA TYR E 8 90.34 10.13 -40.28
C TYR E 8 90.26 11.52 -40.89
N LYS E 9 90.51 12.56 -40.09
CA LYS E 9 90.50 13.94 -40.59
C LYS E 9 91.39 14.85 -39.75
N VAL E 10 92.41 15.42 -40.39
CA VAL E 10 93.31 16.40 -39.78
C VAL E 10 92.87 17.77 -40.31
N ALA E 11 92.76 18.76 -39.42
CA ALA E 11 92.31 20.10 -39.79
C ALA E 11 93.04 21.20 -39.04
N LYS E 12 93.11 22.38 -39.67
CA LYS E 12 93.73 23.57 -39.08
C LYS E 12 92.67 24.33 -38.27
N ARG E 13 93.11 25.10 -37.27
CA ARG E 13 92.27 25.92 -36.39
C ARG E 13 91.50 26.96 -37.20
N GLY E 14 90.23 27.14 -36.87
CA GLY E 14 89.35 28.09 -37.53
C GLY E 14 88.69 27.62 -38.82
N GLN E 15 89.15 26.47 -39.35
CA GLN E 15 88.61 25.89 -40.59
C GLN E 15 87.32 25.13 -40.32
N ASP E 16 86.41 25.11 -41.31
CA ASP E 16 85.14 24.40 -41.22
C ASP E 16 85.33 22.94 -41.65
N VAL E 17 84.67 22.02 -40.94
CA VAL E 17 84.76 20.56 -41.17
C VAL E 17 83.35 19.97 -41.33
N ALA E 18 83.19 18.96 -42.22
CA ALA E 18 81.92 18.28 -42.46
C ALA E 18 82.08 16.76 -42.30
N LEU E 19 81.27 16.15 -41.40
CA LEU E 19 81.31 14.71 -41.11
C LEU E 19 80.01 14.04 -41.59
N ARG E 20 80.13 13.06 -42.48
CA ARG E 20 78.99 12.34 -43.06
C ARG E 20 78.74 11.01 -42.34
N CYS E 21 77.45 10.63 -42.22
CA CYS E 21 76.99 9.38 -41.61
C CYS E 21 75.86 8.79 -42.47
N ASP E 22 76.03 7.52 -42.87
CA ASP E 22 75.04 6.80 -43.67
C ASP E 22 74.50 5.62 -42.82
N PRO E 23 73.37 5.82 -42.11
CA PRO E 23 72.84 4.74 -41.27
C PRO E 23 72.14 3.64 -42.08
N ILE E 24 71.69 2.59 -41.38
CA ILE E 24 71.00 1.45 -41.96
C ILE E 24 69.62 1.91 -42.46
N SER E 25 69.24 1.47 -43.67
CA SER E 25 67.98 1.79 -44.34
C SER E 25 66.80 1.39 -43.46
N GLY E 26 65.87 2.32 -43.29
CA GLY E 26 64.66 2.11 -42.50
C GLY E 26 64.79 2.44 -41.03
N HIS E 27 66.00 2.81 -40.58
CA HIS E 27 66.24 3.18 -39.18
C HIS E 27 65.72 4.59 -38.93
N VAL E 28 64.63 4.69 -38.16
CA VAL E 28 63.95 5.93 -37.80
C VAL E 28 64.87 6.78 -36.91
N SER E 29 65.46 6.16 -35.86
CA SER E 29 66.34 6.84 -34.91
C SER E 29 67.79 6.94 -35.36
N LEU E 30 68.39 8.12 -35.14
CA LEU E 30 69.78 8.42 -35.43
C LEU E 30 70.40 9.20 -34.27
N PHE E 31 71.63 8.84 -33.90
CA PHE E 31 72.38 9.45 -32.82
C PHE E 31 73.77 9.86 -33.27
N TRP E 32 74.24 11.00 -32.78
CA TRP E 32 75.60 11.48 -32.98
C TRP E 32 76.26 11.50 -31.60
N TYR E 33 77.48 10.96 -31.51
CA TYR E 33 78.26 10.86 -30.27
C TYR E 33 79.67 11.40 -30.44
N GLN E 34 80.23 11.88 -29.32
CA GLN E 34 81.62 12.35 -29.24
C GLN E 34 82.35 11.39 -28.30
N GLN E 35 83.52 10.89 -28.72
CA GLN E 35 84.28 9.94 -27.91
C GLN E 35 85.71 10.45 -27.67
N ALA E 36 86.03 10.72 -26.38
CA ALA E 36 87.35 11.17 -25.95
C ALA E 36 88.20 9.97 -25.55
N LEU E 37 89.53 10.08 -25.70
CA LEU E 37 90.49 9.00 -25.37
C LEU E 37 90.36 8.58 -23.90
N GLY E 38 90.13 7.28 -23.69
CA GLY E 38 89.95 6.70 -22.37
C GLY E 38 88.55 6.88 -21.79
N GLN E 39 87.58 7.24 -22.66
CA GLN E 39 86.18 7.46 -22.29
C GLN E 39 85.22 6.77 -23.28
N GLY E 40 83.94 6.70 -22.90
CA GLY E 40 82.89 6.14 -23.72
C GLY E 40 82.19 7.20 -24.56
N PRO E 41 81.30 6.81 -25.50
CA PRO E 41 80.60 7.82 -26.31
C PRO E 41 79.67 8.70 -25.48
N GLU E 42 79.76 10.02 -25.68
CA GLU E 42 78.94 11.02 -25.01
C GLU E 42 77.94 11.58 -26.03
N PHE E 43 76.64 11.57 -25.67
CA PHE E 43 75.52 12.03 -26.51
C PHE E 43 75.71 13.47 -26.99
N LEU E 44 75.38 13.72 -28.27
CA LEU E 44 75.46 15.06 -28.89
C LEU E 44 74.07 15.53 -29.36
N THR E 45 73.44 14.77 -30.27
CA THR E 45 72.14 15.09 -30.85
C THR E 45 71.35 13.82 -31.23
N TYR E 46 70.01 13.93 -31.23
CA TYR E 46 69.10 12.83 -31.55
C TYR E 46 68.16 13.21 -32.70
N PHE E 47 67.97 12.27 -33.62
CA PHE E 47 67.11 12.43 -34.78
C PHE E 47 66.10 11.29 -34.89
N GLN E 48 64.84 11.65 -35.13
CA GLN E 48 63.77 10.71 -35.40
C GLN E 48 63.26 11.14 -36.75
N ASN E 49 63.73 10.44 -37.80
CA ASN E 49 63.53 10.74 -39.22
C ASN E 49 64.28 12.06 -39.50
N GLU E 50 63.63 13.08 -40.07
CA GLU E 50 64.28 14.36 -40.36
C GLU E 50 64.30 15.30 -39.13
N ALA E 51 63.38 15.08 -38.17
CA ALA E 51 63.23 15.92 -36.98
C ALA E 51 64.35 15.71 -35.95
N GLN E 52 65.10 16.80 -35.67
CA GLN E 52 66.14 16.83 -34.65
C GLN E 52 65.42 17.08 -33.32
N LEU E 53 65.15 16.00 -32.58
CA LEU E 53 64.38 16.06 -31.33
C LEU E 53 65.17 16.65 -30.16
N ASP E 54 66.51 16.60 -30.20
CA ASP E 54 67.38 17.11 -29.13
C ASP E 54 68.80 17.37 -29.62
N LYS E 55 69.51 18.30 -28.97
CA LYS E 55 70.89 18.68 -29.28
C LYS E 55 71.61 19.26 -28.04
N SER E 56 71.09 18.92 -26.84
CA SER E 56 71.61 19.35 -25.53
C SER E 56 73.08 18.96 -25.31
N GLY E 57 73.47 17.83 -25.85
CA GLY E 57 74.82 17.29 -25.76
C GLY E 57 75.87 18.00 -26.62
N LEU E 58 75.43 18.85 -27.58
CA LEU E 58 76.35 19.60 -28.45
C LEU E 58 77.11 20.66 -27.64
N PRO E 59 78.45 20.78 -27.86
CA PRO E 59 79.24 21.74 -27.06
C PRO E 59 78.95 23.20 -27.37
N SER E 60 79.01 23.59 -28.65
CA SER E 60 78.79 24.98 -29.08
C SER E 60 77.82 25.06 -30.27
N ASP E 61 77.32 26.27 -30.58
CA ASP E 61 76.42 26.51 -31.72
C ASP E 61 77.20 26.47 -33.05
N ARG E 62 78.54 26.26 -32.98
CA ARG E 62 79.45 26.06 -34.10
C ARG E 62 79.14 24.72 -34.77
N PHE E 63 78.65 23.77 -33.96
CA PHE E 63 78.24 22.42 -34.34
C PHE E 63 76.85 22.48 -34.95
N PHE E 64 76.68 21.91 -36.15
CA PHE E 64 75.38 21.90 -36.83
C PHE E 64 75.10 20.55 -37.46
N ALA E 65 74.06 19.88 -36.96
CA ALA E 65 73.64 18.57 -37.44
C ALA E 65 72.38 18.67 -38.26
N GLU E 66 72.37 17.95 -39.40
CA GLU E 66 71.25 17.92 -40.32
C GLU E 66 71.00 16.48 -40.78
N ARG E 67 69.76 16.23 -41.20
CA ARG E 67 69.24 14.99 -41.77
C ARG E 67 67.99 15.43 -42.57
N PRO E 68 68.15 16.21 -43.68
CA PRO E 68 66.97 16.74 -44.41
C PRO E 68 66.03 15.61 -44.84
N GLU E 69 66.61 14.57 -45.42
CA GLU E 69 65.95 13.32 -45.75
C GLU E 69 66.31 12.43 -44.56
N GLY E 70 65.33 11.74 -44.00
CA GLY E 70 65.54 10.91 -42.80
C GLY E 70 66.38 9.67 -43.00
N SER E 71 67.51 9.82 -43.71
CA SER E 71 68.45 8.77 -44.03
C SER E 71 69.93 9.20 -43.77
N VAL E 72 70.55 9.98 -44.67
CA VAL E 72 71.94 10.44 -44.50
C VAL E 72 71.98 11.63 -43.54
N SER E 73 72.92 11.62 -42.57
CA SER E 73 73.09 12.71 -41.62
C SER E 73 74.50 13.31 -41.66
N THR E 74 74.58 14.64 -41.71
CA THR E 74 75.85 15.36 -41.73
C THR E 74 76.00 16.20 -40.46
N LEU E 75 77.25 16.36 -40.00
CA LEU E 75 77.60 17.16 -38.84
C LEU E 75 78.70 18.13 -39.26
N LYS E 76 78.35 19.42 -39.33
CA LYS E 76 79.26 20.49 -39.74
C LYS E 76 79.79 21.22 -38.50
N ILE E 77 81.12 21.29 -38.35
CA ILE E 77 81.75 21.97 -37.23
C ILE E 77 82.45 23.24 -37.75
N GLN E 78 81.74 24.38 -37.64
CA GLN E 78 82.18 25.71 -38.04
C GLN E 78 83.29 26.19 -37.11
N ARG E 79 84.39 26.75 -37.67
CA ARG E 79 85.56 27.31 -36.93
C ARG E 79 86.08 26.30 -35.88
N THR E 80 86.84 25.28 -36.31
CA THR E 80 87.36 24.23 -35.43
C THR E 80 88.40 24.75 -34.43
N GLN E 81 88.43 24.12 -33.25
CA GLN E 81 89.33 24.39 -32.12
C GLN E 81 89.95 23.06 -31.66
N GLN E 82 91.11 23.09 -30.98
CA GLN E 82 91.79 21.89 -30.49
C GLN E 82 90.90 21.01 -29.60
N GLU E 83 90.01 21.63 -28.81
CA GLU E 83 89.07 20.96 -27.91
C GLU E 83 88.04 20.10 -28.69
N ASP E 84 87.85 20.35 -30.00
CA ASP E 84 86.93 19.59 -30.85
C ASP E 84 87.54 18.24 -31.28
N SER E 85 88.85 18.03 -31.07
CA SER E 85 89.56 16.79 -31.42
C SER E 85 89.02 15.62 -30.59
N ALA E 86 88.44 14.62 -31.29
CA ALA E 86 87.85 13.39 -30.75
C ALA E 86 87.32 12.50 -31.88
N VAL E 87 86.83 11.29 -31.55
CA VAL E 87 86.22 10.40 -32.53
C VAL E 87 84.73 10.72 -32.53
N TYR E 88 84.17 11.01 -33.71
CA TYR E 88 82.76 11.33 -33.83
C TYR E 88 82.03 10.13 -34.37
N LEU E 89 81.32 9.43 -33.48
CA LEU E 89 80.59 8.21 -33.81
C LEU E 89 79.14 8.51 -34.09
N CYS E 90 78.57 7.80 -35.07
N CYS E 90 78.56 7.79 -35.06
CA CYS E 90 77.15 7.94 -35.39
CA CYS E 90 77.17 7.90 -35.46
C CYS E 90 76.50 6.56 -35.23
C CYS E 90 76.49 6.54 -35.28
N ALA E 91 75.32 6.54 -34.63
CA ALA E 91 74.57 5.30 -34.36
C ALA E 91 73.13 5.41 -34.82
N SER E 92 72.47 4.25 -35.00
CA SER E 92 71.08 4.21 -35.43
C SER E 92 70.32 3.06 -34.78
N SER E 93 69.01 3.28 -34.56
CA SER E 93 68.08 2.30 -34.02
C SER E 93 66.89 2.15 -34.99
N PRO E 94 66.33 0.94 -35.17
CA PRO E 94 65.28 0.77 -36.18
C PRO E 94 63.97 1.54 -35.98
N THR E 95 63.38 1.50 -34.77
CA THR E 95 62.04 2.07 -34.55
C THR E 95 61.87 3.08 -33.39
N GLY E 96 62.97 3.56 -32.81
CA GLY E 96 62.87 4.53 -31.71
C GLY E 96 63.99 4.46 -30.69
N GLY E 97 63.77 5.13 -29.56
CA GLY E 97 64.74 5.18 -28.46
C GLY E 97 64.67 3.97 -27.56
N GLN E 98 65.68 3.84 -26.66
CA GLN E 98 65.83 2.76 -25.65
C GLN E 98 65.98 1.37 -26.31
N GLU E 99 66.57 1.32 -27.51
CA GLU E 99 66.75 0.09 -28.27
C GLU E 99 68.21 -0.22 -28.56
N THR E 100 68.47 -1.31 -29.31
CA THR E 100 69.79 -1.74 -29.75
C THR E 100 70.31 -0.69 -30.74
N GLN E 101 71.52 -0.19 -30.50
CA GLN E 101 72.11 0.82 -31.36
C GLN E 101 73.14 0.19 -32.28
N TYR E 102 73.16 0.66 -33.53
CA TYR E 102 74.05 0.18 -34.59
C TYR E 102 74.97 1.33 -34.97
N PHE E 103 76.26 1.18 -34.67
CA PHE E 103 77.26 2.21 -34.85
C PHE E 103 78.05 2.15 -36.15
N GLY E 104 78.58 3.31 -36.54
CA GLY E 104 79.48 3.49 -37.67
C GLY E 104 80.91 3.44 -37.16
N PRO E 105 81.94 3.33 -38.04
CA PRO E 105 83.33 3.24 -37.54
C PRO E 105 83.87 4.55 -36.96
N GLY E 106 83.12 5.63 -37.17
CA GLY E 106 83.46 6.95 -36.66
C GLY E 106 84.55 7.70 -37.40
N THR E 107 84.56 9.03 -37.23
CA THR E 107 85.56 9.92 -37.82
C THR E 107 86.49 10.40 -36.73
N ARG E 108 87.77 10.06 -36.83
CA ARG E 108 88.76 10.54 -35.87
C ARG E 108 89.20 11.92 -36.32
N LEU E 109 88.76 12.96 -35.59
CA LEU E 109 89.09 14.34 -35.92
C LEU E 109 90.22 14.84 -35.05
N LEU E 110 91.21 15.46 -35.69
CA LEU E 110 92.34 16.10 -35.01
C LEU E 110 92.48 17.52 -35.52
N VAL E 111 92.29 18.48 -34.63
CA VAL E 111 92.41 19.90 -34.94
C VAL E 111 93.77 20.37 -34.43
N LEU E 112 94.52 21.09 -35.28
CA LEU E 112 95.85 21.60 -34.96
C LEU E 112 95.96 23.10 -35.25
N GLU E 113 96.99 23.77 -34.67
CA GLU E 113 97.25 25.21 -34.87
C GLU E 113 97.60 25.51 -36.33
N ASP E 114 98.37 24.61 -36.97
CA ASP E 114 98.77 24.66 -38.38
C ASP E 114 98.98 23.22 -38.89
N LEU E 115 99.48 23.04 -40.12
CA LEU E 115 99.69 21.68 -40.65
C LEU E 115 101.15 21.45 -41.13
N LYS E 116 102.11 22.28 -40.65
CA LYS E 116 103.54 22.17 -41.02
C LYS E 116 104.21 20.89 -40.47
N ASN E 117 103.55 20.20 -39.52
CA ASN E 117 104.08 18.98 -38.89
C ASN E 117 103.57 17.69 -39.56
N VAL E 118 102.48 17.76 -40.36
CA VAL E 118 101.91 16.60 -41.07
C VAL E 118 103.01 15.94 -41.92
N PHE E 119 103.17 14.61 -41.80
CA PHE E 119 104.22 13.86 -42.49
C PHE E 119 103.78 12.47 -42.95
N PRO E 120 104.10 12.08 -44.21
CA PRO E 120 103.78 10.70 -44.64
C PRO E 120 104.80 9.72 -44.06
N PRO E 121 104.49 8.41 -43.88
CA PRO E 121 105.49 7.51 -43.30
C PRO E 121 106.50 6.99 -44.32
N GLU E 122 107.61 6.44 -43.79
CA GLU E 122 108.66 5.76 -44.53
C GLU E 122 108.48 4.29 -44.22
N VAL E 123 108.11 3.50 -45.24
CA VAL E 123 107.83 2.07 -45.04
C VAL E 123 109.04 1.24 -45.46
N ALA E 124 109.44 0.28 -44.59
CA ALA E 124 110.57 -0.61 -44.80
C ALA E 124 110.27 -2.02 -44.27
N VAL E 125 110.53 -3.04 -45.10
CA VAL E 125 110.35 -4.45 -44.71
C VAL E 125 111.71 -5.02 -44.31
N PHE E 126 111.72 -5.96 -43.38
CA PHE E 126 112.94 -6.59 -42.90
C PHE E 126 112.80 -8.10 -43.07
N GLU E 127 113.60 -8.67 -44.00
CA GLU E 127 113.60 -10.08 -44.37
C GLU E 127 113.91 -10.98 -43.15
N PRO E 128 113.28 -12.19 -43.06
CA PRO E 128 113.47 -13.04 -41.87
C PRO E 128 114.90 -13.54 -41.64
N SER E 129 115.19 -13.83 -40.35
CA SER E 129 116.48 -14.33 -39.89
C SER E 129 116.66 -15.79 -40.24
N GLU E 130 117.87 -16.16 -40.69
CA GLU E 130 118.24 -17.54 -41.03
C GLU E 130 118.21 -18.40 -39.78
N ALA E 131 118.62 -17.82 -38.64
CA ALA E 131 118.63 -18.45 -37.31
C ALA E 131 117.23 -18.88 -36.90
N GLU E 132 116.21 -18.03 -37.20
CA GLU E 132 114.79 -18.28 -36.91
C GLU E 132 114.28 -19.47 -37.73
N ILE E 133 114.65 -19.52 -39.03
CA ILE E 133 114.29 -20.58 -39.97
C ILE E 133 114.97 -21.89 -39.54
N SER E 134 116.23 -21.80 -39.08
CA SER E 134 117.02 -22.94 -38.63
C SER E 134 116.58 -23.47 -37.24
N HIS E 135 115.98 -22.61 -36.41
CA HIS E 135 115.57 -22.96 -35.04
C HIS E 135 114.09 -23.34 -34.92
N THR E 136 113.17 -22.63 -35.61
CA THR E 136 111.73 -22.87 -35.45
C THR E 136 111.01 -23.30 -36.75
N GLN E 137 111.71 -23.30 -37.91
CA GLN E 137 111.18 -23.65 -39.25
C GLN E 137 110.06 -22.65 -39.67
N LYS E 138 110.08 -21.46 -39.05
CA LYS E 138 109.13 -20.37 -39.27
C LYS E 138 109.92 -19.11 -39.65
N ALA E 139 109.31 -18.23 -40.43
CA ALA E 139 109.95 -17.01 -40.90
C ALA E 139 109.07 -15.79 -40.58
N THR E 140 109.64 -14.81 -39.84
CA THR E 140 108.92 -13.59 -39.46
C THR E 140 109.45 -12.39 -40.23
N LEU E 141 108.55 -11.78 -41.03
CA LEU E 141 108.79 -10.55 -41.78
C LEU E 141 108.35 -9.39 -40.91
N VAL E 142 109.23 -8.41 -40.65
CA VAL E 142 108.87 -7.28 -39.81
C VAL E 142 108.80 -6.01 -40.69
N CYS E 143 107.71 -5.25 -40.55
CA CYS E 143 107.50 -4.00 -41.28
C CYS E 143 107.69 -2.83 -40.34
N LEU E 144 108.25 -1.73 -40.86
CA LEU E 144 108.49 -0.55 -40.06
C LEU E 144 108.00 0.72 -40.75
N ALA E 145 106.92 1.29 -40.21
CA ALA E 145 106.32 2.55 -40.64
C ALA E 145 106.87 3.62 -39.70
N THR E 146 107.62 4.60 -40.24
CA THR E 146 108.31 5.60 -39.40
C THR E 146 108.13 7.05 -39.85
N GLY E 147 108.37 7.96 -38.91
CA GLY E 147 108.36 9.41 -39.08
C GLY E 147 107.10 10.00 -39.67
N PHE E 148 105.93 9.56 -39.19
CA PHE E 148 104.66 10.05 -39.70
C PHE E 148 103.89 10.83 -38.64
N TYR E 149 103.21 11.90 -39.09
CA TYR E 149 102.36 12.73 -38.26
C TYR E 149 101.09 13.09 -39.04
N PRO E 150 99.89 12.91 -38.48
CA PRO E 150 99.61 12.41 -37.12
C PRO E 150 99.48 10.87 -37.04
N ASP E 151 98.73 10.41 -36.03
CA ASP E 151 98.41 9.03 -35.64
C ASP E 151 97.46 8.33 -36.66
N HIS E 152 97.22 8.95 -37.82
CA HIS E 152 96.26 8.47 -38.84
C HIS E 152 96.90 7.56 -39.91
N VAL E 153 97.00 6.25 -39.61
CA VAL E 153 97.55 5.25 -40.54
C VAL E 153 96.74 3.94 -40.51
N GLU E 154 96.81 3.18 -41.61
CA GLU E 154 96.17 1.88 -41.77
C GLU E 154 97.15 0.93 -42.47
N LEU E 155 97.86 0.11 -41.65
CA LEU E 155 98.85 -0.87 -42.11
C LEU E 155 98.18 -2.18 -42.49
N SER E 156 98.61 -2.77 -43.61
CA SER E 156 98.10 -4.06 -44.10
C SER E 156 99.18 -4.85 -44.84
N TRP E 157 99.16 -6.19 -44.68
CA TRP E 157 100.10 -7.09 -45.35
C TRP E 157 99.43 -7.72 -46.57
N TRP E 158 100.14 -7.69 -47.71
CA TRP E 158 99.65 -8.22 -48.98
C TRP E 158 100.62 -9.26 -49.53
N VAL E 159 100.12 -10.50 -49.74
CA VAL E 159 100.95 -11.58 -50.28
C VAL E 159 100.36 -12.01 -51.62
N ASN E 160 101.18 -11.89 -52.70
CA ASN E 160 100.90 -12.22 -54.09
C ASN E 160 99.62 -11.50 -54.63
N GLY E 161 99.43 -10.25 -54.23
CA GLY E 161 98.33 -9.42 -54.67
C GLY E 161 97.11 -9.35 -53.77
N LYS E 162 96.91 -10.36 -52.90
CA LYS E 162 95.75 -10.41 -51.99
C LYS E 162 96.18 -10.16 -50.53
N GLU E 163 95.28 -9.55 -49.74
CA GLU E 163 95.49 -9.23 -48.33
C GLU E 163 95.45 -10.50 -47.45
N VAL E 164 96.36 -10.59 -46.47
CA VAL E 164 96.47 -11.73 -45.54
C VAL E 164 96.22 -11.27 -44.10
N HIS E 165 95.78 -12.21 -43.22
CA HIS E 165 95.48 -11.93 -41.81
C HIS E 165 96.09 -12.99 -40.86
N SER E 166 96.50 -14.16 -41.39
CA SER E 166 97.12 -15.25 -40.63
C SER E 166 98.61 -14.95 -40.41
N GLY E 167 99.06 -15.06 -39.17
CA GLY E 167 100.44 -14.80 -38.78
C GLY E 167 100.78 -13.31 -38.67
N VAL E 168 99.82 -12.44 -39.06
CA VAL E 168 99.93 -10.97 -39.05
C VAL E 168 99.72 -10.44 -37.63
N CYS E 169 100.54 -9.46 -37.21
N CYS E 169 100.54 -9.46 -37.21
CA CYS E 169 100.45 -8.83 -35.89
CA CYS E 169 100.45 -8.83 -35.89
C CYS E 169 100.92 -7.38 -35.94
C CYS E 169 100.92 -7.37 -35.95
N THR E 170 99.97 -6.43 -36.01
CA THR E 170 100.24 -4.99 -36.04
C THR E 170 100.16 -4.48 -34.59
N ASP E 171 100.98 -3.47 -34.23
CA ASP E 171 100.99 -2.85 -32.90
C ASP E 171 99.62 -2.28 -32.54
N PRO E 172 99.17 -2.39 -31.27
CA PRO E 172 97.84 -1.84 -30.90
C PRO E 172 97.76 -0.33 -31.09
N GLN E 173 98.78 0.39 -30.61
CA GLN E 173 98.90 1.85 -30.69
C GLN E 173 100.32 2.22 -31.16
N PRO E 174 100.48 3.14 -32.15
CA PRO E 174 101.85 3.51 -32.58
C PRO E 174 102.58 4.32 -31.52
N LEU E 175 103.89 4.06 -31.35
CA LEU E 175 104.72 4.75 -30.37
C LEU E 175 105.21 6.11 -30.88
N LYS E 176 105.68 6.95 -29.96
CA LYS E 176 106.24 8.27 -30.27
C LYS E 176 107.77 8.17 -30.34
N GLU E 177 108.36 8.65 -31.45
CA GLU E 177 109.80 8.62 -31.69
C GLU E 177 110.55 9.50 -30.68
N GLN E 178 109.92 10.62 -30.27
CA GLN E 178 110.44 11.56 -29.27
C GLN E 178 109.37 11.70 -28.17
N PRO E 179 109.40 10.90 -27.07
CA PRO E 179 108.32 10.99 -26.06
C PRO E 179 108.23 12.30 -25.29
N ALA E 180 109.35 13.04 -25.17
CA ALA E 180 109.41 14.31 -24.44
C ALA E 180 109.08 15.54 -25.33
N LEU E 181 108.26 15.34 -26.39
CA LEU E 181 107.88 16.39 -27.34
C LEU E 181 106.37 16.41 -27.64
N ASN E 182 105.83 17.62 -27.96
CA ASN E 182 104.40 17.85 -28.32
C ASN E 182 104.15 17.48 -29.77
N ASP E 183 105.10 17.86 -30.64
CA ASP E 183 105.15 17.70 -32.09
C ASP E 183 105.76 16.35 -32.53
N SER E 184 105.86 15.40 -31.58
CA SER E 184 106.45 14.07 -31.74
C SER E 184 105.88 13.27 -32.91
N ARG E 185 106.77 12.79 -33.79
CA ARG E 185 106.43 11.95 -34.93
C ARG E 185 106.21 10.52 -34.43
N TYR E 186 105.42 9.72 -35.16
CA TYR E 186 105.08 8.37 -34.73
C TYR E 186 105.78 7.27 -35.53
N ALA E 187 105.89 6.09 -34.88
CA ALA E 187 106.45 4.85 -35.44
C ALA E 187 105.50 3.69 -35.16
N LEU E 188 105.31 2.80 -36.15
CA LEU E 188 104.43 1.65 -36.03
C LEU E 188 105.07 0.43 -36.68
N SER E 189 105.10 -0.69 -35.95
CA SER E 189 105.67 -1.94 -36.44
C SER E 189 104.59 -3.01 -36.62
N SER E 190 104.89 -3.99 -37.47
CA SER E 190 104.01 -5.13 -37.74
C SER E 190 104.82 -6.35 -38.12
N ARG E 191 104.34 -7.54 -37.74
CA ARG E 191 105.01 -8.80 -38.03
C ARG E 191 104.11 -9.71 -38.86
N LEU E 192 104.70 -10.45 -39.81
CA LEU E 192 104.01 -11.45 -40.62
C LEU E 192 104.81 -12.73 -40.52
N ARG E 193 104.20 -13.76 -39.92
CA ARG E 193 104.88 -15.03 -39.77
C ARG E 193 104.32 -16.06 -40.72
N VAL E 194 105.20 -16.60 -41.58
CA VAL E 194 104.91 -17.64 -42.57
C VAL E 194 105.84 -18.83 -42.29
N SER E 195 105.63 -19.96 -42.97
CA SER E 195 106.49 -21.14 -42.83
C SER E 195 107.84 -20.91 -43.53
N ALA E 196 108.84 -21.76 -43.25
CA ALA E 196 110.16 -21.67 -43.88
C ALA E 196 110.06 -21.85 -45.39
N THR E 197 109.31 -22.90 -45.83
CA THR E 197 109.08 -23.25 -47.23
C THR E 197 108.35 -22.16 -48.02
N PHE E 198 107.42 -21.42 -47.37
CA PHE E 198 106.69 -20.34 -48.03
C PHE E 198 107.62 -19.16 -48.31
N TRP E 199 108.55 -18.86 -47.37
CA TRP E 199 109.53 -17.79 -47.54
C TRP E 199 110.63 -18.23 -48.51
N GLN E 200 111.00 -19.54 -48.48
CA GLN E 200 112.05 -20.12 -49.34
C GLN E 200 111.66 -20.12 -50.83
N ASN E 201 110.36 -19.98 -51.15
CA ASN E 201 109.88 -19.94 -52.53
C ASN E 201 110.06 -18.53 -53.11
N PRO E 202 110.93 -18.35 -54.14
CA PRO E 202 111.14 -17.00 -54.71
C PRO E 202 109.99 -16.51 -55.59
N ARG E 203 108.96 -17.34 -55.80
CA ARG E 203 107.76 -17.02 -56.57
C ARG E 203 106.77 -16.19 -55.74
N ASN E 204 106.93 -16.22 -54.40
CA ASN E 204 106.08 -15.51 -53.45
C ASN E 204 106.55 -14.05 -53.24
N HIS E 205 105.61 -13.12 -53.42
CA HIS E 205 105.82 -11.68 -53.28
C HIS E 205 105.17 -11.18 -51.99
N PHE E 206 105.93 -10.41 -51.18
CA PHE E 206 105.47 -9.86 -49.91
C PHE E 206 105.47 -8.34 -49.97
N ARG E 207 104.34 -7.71 -49.60
CA ARG E 207 104.23 -6.25 -49.62
C ARG E 207 103.51 -5.72 -48.38
N CYS E 208 104.21 -4.86 -47.62
CA CYS E 208 103.65 -4.18 -46.46
C CYS E 208 103.17 -2.82 -46.92
N GLN E 209 101.85 -2.59 -46.84
CA GLN E 209 101.19 -1.38 -47.28
C GLN E 209 100.76 -0.52 -46.10
N VAL E 210 100.98 0.81 -46.17
CA VAL E 210 100.58 1.74 -45.12
C VAL E 210 99.82 2.91 -45.76
N GLN E 211 98.50 2.94 -45.56
CA GLN E 211 97.62 4.01 -46.02
C GLN E 211 97.68 5.13 -44.99
N PHE E 212 98.13 6.31 -45.41
CA PHE E 212 98.27 7.48 -44.56
C PHE E 212 97.18 8.49 -44.87
N TYR E 213 96.58 9.10 -43.83
CA TYR E 213 95.53 10.09 -43.96
C TYR E 213 96.08 11.46 -43.57
N GLY E 214 96.33 12.28 -44.59
CA GLY E 214 96.88 13.61 -44.40
C GLY E 214 96.03 14.73 -44.95
N LEU E 215 96.60 15.48 -45.89
CA LEU E 215 95.99 16.66 -46.51
C LEU E 215 95.23 16.33 -47.79
N SER E 216 94.26 17.20 -48.13
CA SER E 216 93.46 17.11 -49.35
C SER E 216 94.01 18.13 -50.36
N GLU E 217 93.54 18.10 -51.61
CA GLU E 217 93.99 19.02 -52.68
C GLU E 217 93.67 20.49 -52.34
N ASN E 218 92.57 20.74 -51.61
CA ASN E 218 92.11 22.07 -51.20
C ASN E 218 92.96 22.70 -50.09
N ASP E 219 93.62 21.86 -49.25
CA ASP E 219 94.46 22.32 -48.13
C ASP E 219 95.69 23.09 -48.63
N GLU E 220 95.94 24.26 -48.01
CA GLU E 220 97.04 25.17 -48.34
C GLU E 220 98.39 24.59 -47.87
N TRP E 221 99.38 24.61 -48.77
CA TRP E 221 100.74 24.14 -48.50
C TRP E 221 101.75 25.01 -49.22
N THR E 222 102.50 25.81 -48.45
CA THR E 222 103.51 26.74 -48.97
C THR E 222 104.90 26.36 -48.40
N GLN E 223 105.25 25.07 -48.51
CA GLN E 223 106.53 24.54 -48.05
C GLN E 223 107.30 23.91 -49.22
N ASP E 224 108.65 23.85 -49.07
CA ASP E 224 109.56 23.31 -50.07
C ASP E 224 109.38 21.79 -50.25
N ARG E 225 109.18 21.05 -49.14
CA ARG E 225 108.94 19.59 -49.20
C ARG E 225 107.52 19.33 -49.74
N ALA E 226 107.32 18.15 -50.37
CA ALA E 226 106.05 17.73 -50.99
C ALA E 226 104.90 17.72 -49.98
N LYS E 227 103.68 18.08 -50.47
CA LYS E 227 102.45 18.14 -49.67
C LYS E 227 102.13 16.76 -49.06
N PRO E 228 102.03 16.66 -47.72
CA PRO E 228 101.74 15.36 -47.10
C PRO E 228 100.25 15.04 -47.23
N VAL E 229 99.87 14.56 -48.43
CA VAL E 229 98.51 14.21 -48.81
C VAL E 229 98.16 12.78 -48.39
N THR E 230 96.87 12.39 -48.54
CA THR E 230 96.36 11.06 -48.26
C THR E 230 96.99 10.14 -49.32
N GLN E 231 98.00 9.36 -48.92
CA GLN E 231 98.76 8.50 -49.83
C GLN E 231 99.07 7.12 -49.24
N ILE E 232 99.56 6.22 -50.11
CA ILE E 232 99.95 4.86 -49.76
C ILE E 232 101.47 4.72 -49.95
N VAL E 233 102.18 4.39 -48.87
CA VAL E 233 103.62 4.15 -48.87
C VAL E 233 103.82 2.65 -48.66
N SER E 234 104.64 2.01 -49.50
CA SER E 234 104.83 0.56 -49.44
C SER E 234 106.29 0.13 -49.61
N ALA E 235 106.61 -1.02 -49.00
CA ALA E 235 107.90 -1.70 -49.08
C ALA E 235 107.66 -3.16 -49.42
N GLU E 236 108.46 -3.72 -50.32
CA GLU E 236 108.27 -5.10 -50.74
C GLU E 236 109.53 -5.95 -50.62
N ALA E 237 109.32 -7.29 -50.67
CA ALA E 237 110.35 -8.32 -50.60
C ALA E 237 109.91 -9.56 -51.38
N TRP E 238 110.88 -10.26 -51.96
CA TRP E 238 110.66 -11.51 -52.70
C TRP E 238 111.31 -12.66 -51.94
N GLY E 239 110.74 -13.86 -52.08
CA GLY E 239 111.20 -15.07 -51.43
C GLY E 239 112.66 -15.40 -51.65
N ARG E 240 113.32 -16.00 -50.63
CA ARG E 240 114.73 -16.35 -50.67
C ARG E 240 114.97 -17.81 -50.29
N ALA E 241 115.43 -18.62 -51.26
CA ALA E 241 115.75 -20.03 -51.06
C ALA E 241 117.02 -20.19 -50.22
N ASP E 242 118.04 -19.35 -50.53
CA ASP E 242 119.37 -19.25 -49.88
C ASP E 242 119.96 -20.64 -49.53
N SER F 1 -40.05 1.43 9.64
CA SER F 1 -39.52 0.71 10.81
C SER F 1 -40.03 -0.73 10.84
N HIS F 2 -41.36 -0.91 10.87
CA HIS F 2 -41.97 -2.24 10.90
C HIS F 2 -43.14 -2.32 9.93
N SER F 3 -43.35 -3.51 9.38
CA SER F 3 -44.37 -3.73 8.36
C SER F 3 -45.07 -5.07 8.52
N MET F 4 -46.39 -5.09 8.28
CA MET F 4 -47.19 -6.30 8.24
C MET F 4 -47.78 -6.36 6.85
N ARG F 5 -47.45 -7.40 6.09
CA ARG F 5 -47.92 -7.53 4.71
C ARG F 5 -48.52 -8.90 4.44
N TYR F 6 -49.58 -8.93 3.64
CA TYR F 6 -50.26 -10.16 3.22
C TYR F 6 -50.14 -10.32 1.72
N PHE F 7 -49.83 -11.54 1.27
CA PHE F 7 -49.63 -11.87 -0.14
C PHE F 7 -50.61 -12.97 -0.55
N TYR F 8 -51.43 -12.71 -1.57
CA TYR F 8 -52.39 -13.70 -2.10
C TYR F 8 -52.00 -14.10 -3.50
N THR F 9 -52.24 -15.36 -3.85
CA THR F 9 -51.99 -15.89 -5.18
C THR F 9 -53.12 -16.85 -5.53
N ALA F 10 -53.95 -16.46 -6.50
CA ALA F 10 -55.05 -17.26 -7.00
C ALA F 10 -54.68 -17.73 -8.40
N MET F 11 -54.55 -19.05 -8.57
CA MET F 11 -54.11 -19.62 -9.83
C MET F 11 -55.15 -20.55 -10.44
N SER F 12 -55.59 -20.24 -11.66
CA SER F 12 -56.53 -21.10 -12.40
C SER F 12 -55.74 -22.20 -13.09
N ARG F 13 -56.21 -23.44 -12.99
CA ARG F 13 -55.55 -24.60 -13.60
C ARG F 13 -56.62 -25.42 -14.35
N PRO F 14 -57.03 -24.99 -15.58
CA PRO F 14 -58.08 -25.72 -16.32
C PRO F 14 -57.72 -27.18 -16.58
N GLY F 15 -58.63 -28.06 -16.17
CA GLY F 15 -58.48 -29.52 -16.29
C GLY F 15 -57.61 -30.17 -15.23
N ARG F 16 -57.13 -29.38 -14.26
CA ARG F 16 -56.28 -29.86 -13.15
C ARG F 16 -56.94 -29.54 -11.80
N GLY F 17 -58.26 -29.32 -11.82
CA GLY F 17 -59.07 -29.00 -10.66
C GLY F 17 -59.39 -27.53 -10.50
N GLU F 18 -60.18 -27.21 -9.45
CA GLU F 18 -60.62 -25.86 -9.09
C GLU F 18 -59.42 -24.95 -8.77
N PRO F 19 -59.50 -23.61 -9.02
CA PRO F 19 -58.35 -22.72 -8.75
C PRO F 19 -57.75 -22.87 -7.35
N ARG F 20 -56.41 -22.80 -7.29
CA ARG F 20 -55.62 -22.92 -6.07
C ARG F 20 -55.41 -21.54 -5.44
N PHE F 21 -55.77 -21.41 -4.16
CA PHE F 21 -55.58 -20.16 -3.42
C PHE F 21 -54.50 -20.33 -2.37
N ILE F 22 -53.47 -19.49 -2.43
CA ILE F 22 -52.37 -19.46 -1.48
C ILE F 22 -52.31 -18.08 -0.85
N ALA F 23 -52.37 -18.03 0.48
CA ALA F 23 -52.27 -16.81 1.27
C ALA F 23 -51.08 -16.93 2.22
N VAL F 24 -50.27 -15.89 2.30
CA VAL F 24 -49.08 -15.86 3.14
C VAL F 24 -48.97 -14.48 3.82
N GLY F 25 -48.74 -14.50 5.13
CA GLY F 25 -48.61 -13.31 5.95
C GLY F 25 -47.19 -13.11 6.47
N TYR F 26 -46.73 -11.85 6.45
CA TYR F 26 -45.40 -11.46 6.87
C TYR F 26 -45.39 -10.32 7.89
N VAL F 27 -44.43 -10.38 8.82
CA VAL F 27 -44.10 -9.31 9.77
C VAL F 27 -42.64 -9.02 9.44
N ASP F 28 -42.43 -7.97 8.62
CA ASP F 28 -41.15 -7.51 8.08
C ASP F 28 -40.63 -8.55 7.08
N ASP F 29 -39.56 -9.29 7.43
CA ASP F 29 -39.02 -10.33 6.55
C ASP F 29 -39.31 -11.72 7.12
N THR F 30 -39.99 -11.78 8.28
CA THR F 30 -40.39 -13.04 8.93
C THR F 30 -41.79 -13.42 8.46
N GLN F 31 -41.96 -14.67 8.02
CA GLN F 31 -43.23 -15.23 7.59
C GLN F 31 -43.88 -15.87 8.81
N PHE F 32 -45.15 -15.49 9.11
CA PHE F 32 -45.83 -15.99 10.30
C PHE F 32 -47.06 -16.86 10.03
N VAL F 33 -47.74 -16.72 8.87
CA VAL F 33 -48.91 -17.54 8.54
C VAL F 33 -48.92 -18.00 7.07
N ARG F 34 -49.63 -19.11 6.80
CA ARG F 34 -49.81 -19.69 5.47
C ARG F 34 -51.21 -20.31 5.35
N PHE F 35 -51.72 -20.38 4.12
CA PHE F 35 -52.96 -21.04 3.76
C PHE F 35 -52.83 -21.58 2.35
N ASP F 36 -53.20 -22.85 2.16
CA ASP F 36 -53.20 -23.53 0.89
C ASP F 36 -54.51 -24.29 0.78
N SER F 37 -55.30 -23.99 -0.26
CA SER F 37 -56.62 -24.59 -0.47
C SER F 37 -56.52 -26.02 -1.05
N ASP F 38 -55.30 -26.47 -1.42
CA ASP F 38 -55.06 -27.78 -2.04
C ASP F 38 -55.28 -28.98 -1.10
N ALA F 39 -55.21 -28.78 0.23
CA ALA F 39 -55.46 -29.86 1.19
C ALA F 39 -56.95 -30.27 1.18
N ALA F 40 -57.25 -31.54 1.57
CA ALA F 40 -58.62 -32.08 1.64
C ALA F 40 -59.49 -31.29 2.63
N SER F 41 -58.85 -30.81 3.72
CA SER F 41 -59.42 -29.96 4.76
C SER F 41 -58.43 -28.80 4.95
N PRO F 42 -58.59 -27.69 4.17
CA PRO F 42 -57.61 -26.58 4.26
C PRO F 42 -57.65 -25.82 5.59
N ARG F 43 -56.47 -25.57 6.16
CA ARG F 43 -56.32 -24.87 7.44
C ARG F 43 -55.18 -23.87 7.42
N THR F 44 -55.27 -22.85 8.28
CA THR F 44 -54.23 -21.83 8.45
C THR F 44 -53.15 -22.43 9.34
N GLU F 45 -51.87 -22.22 8.98
CA GLU F 45 -50.75 -22.80 9.72
C GLU F 45 -49.76 -21.77 10.23
N PRO F 46 -49.25 -21.94 11.48
CA PRO F 46 -48.21 -21.02 11.98
C PRO F 46 -46.87 -21.27 11.29
N ARG F 47 -46.11 -20.20 11.01
CA ARG F 47 -44.80 -20.32 10.33
C ARG F 47 -43.71 -19.54 11.12
N ALA F 48 -44.07 -19.11 12.34
CA ALA F 48 -43.22 -18.40 13.30
C ALA F 48 -43.55 -18.88 14.71
N PRO F 49 -42.58 -19.00 15.65
CA PRO F 49 -42.90 -19.53 16.99
C PRO F 49 -43.82 -18.63 17.83
N TRP F 50 -43.70 -17.29 17.68
CA TRP F 50 -44.45 -16.30 18.46
C TRP F 50 -45.95 -16.22 18.10
N ILE F 51 -46.39 -16.76 16.95
CA ILE F 51 -47.80 -16.72 16.56
C ILE F 51 -48.55 -17.95 17.13
N GLU F 52 -47.81 -19.00 17.54
CA GLU F 52 -48.35 -20.24 18.08
C GLU F 52 -49.12 -20.04 19.42
N GLN F 53 -48.88 -18.92 20.12
CA GLN F 53 -49.55 -18.58 21.38
C GLN F 53 -51.01 -18.11 21.18
N GLU F 54 -51.46 -17.97 19.91
CA GLU F 54 -52.83 -17.54 19.59
C GLU F 54 -53.83 -18.66 19.83
N GLY F 55 -55.00 -18.30 20.35
CA GLY F 55 -56.09 -19.23 20.63
C GLY F 55 -56.80 -19.75 19.40
N PRO F 56 -57.75 -20.71 19.54
CA PRO F 56 -58.45 -21.23 18.36
C PRO F 56 -59.34 -20.19 17.65
N GLU F 57 -59.82 -19.17 18.39
CA GLU F 57 -60.66 -18.07 17.87
C GLU F 57 -59.94 -17.34 16.73
N TYR F 58 -58.62 -17.17 16.85
CA TYR F 58 -57.74 -16.55 15.86
C TYR F 58 -57.61 -17.45 14.62
N TRP F 59 -57.22 -18.72 14.83
CA TRP F 59 -56.99 -19.69 13.77
C TRP F 59 -58.24 -20.01 12.95
N ASP F 60 -59.43 -20.07 13.59
N ASP F 60 -59.43 -20.06 13.58
CA ASP F 60 -60.69 -20.33 12.86
CA ASP F 60 -60.69 -20.32 12.90
C ASP F 60 -61.12 -19.09 12.06
C ASP F 60 -61.13 -19.10 12.09
N ARG F 61 -60.73 -17.91 12.54
CA ARG F 61 -61.07 -16.64 11.88
C ARG F 61 -60.28 -16.53 10.59
N ASN F 62 -58.97 -16.75 10.65
CA ASN F 62 -58.04 -16.74 9.51
C ASN F 62 -58.48 -17.77 8.47
N THR F 63 -58.84 -19.00 8.91
CA THR F 63 -59.29 -20.10 8.05
C THR F 63 -60.59 -19.72 7.34
N GLN F 64 -61.53 -19.06 8.06
CA GLN F 64 -62.81 -18.59 7.50
C GLN F 64 -62.58 -17.51 6.43
N ILE F 65 -61.68 -16.53 6.71
CA ILE F 65 -61.32 -15.44 5.81
C ILE F 65 -60.74 -16.00 4.51
N PHE F 66 -59.77 -16.93 4.63
CA PHE F 66 -59.09 -17.52 3.48
C PHE F 66 -59.98 -18.49 2.70
N LYS F 67 -60.95 -19.17 3.35
CA LYS F 67 -61.90 -20.06 2.68
C LYS F 67 -62.83 -19.22 1.78
N THR F 68 -63.21 -18.01 2.25
CA THR F 68 -64.04 -17.06 1.53
C THR F 68 -63.24 -16.46 0.36
N ASN F 69 -61.97 -16.11 0.62
CA ASN F 69 -61.06 -15.56 -0.39
C ASN F 69 -60.87 -16.58 -1.52
N THR F 70 -60.71 -17.88 -1.17
CA THR F 70 -60.58 -18.99 -2.13
C THR F 70 -61.79 -18.99 -3.08
N GLN F 71 -63.01 -18.82 -2.53
CA GLN F 71 -64.25 -18.79 -3.33
C GLN F 71 -64.34 -17.51 -4.18
N THR F 72 -64.07 -16.33 -3.57
CA THR F 72 -64.11 -15.03 -4.24
C THR F 72 -63.18 -15.00 -5.45
N TYR F 73 -61.94 -15.48 -5.27
CA TYR F 73 -60.92 -15.47 -6.33
C TYR F 73 -61.21 -16.49 -7.46
N ARG F 74 -62.00 -17.55 -7.18
CA ARG F 74 -62.44 -18.50 -8.22
C ARG F 74 -63.38 -17.78 -9.18
N GLU F 75 -64.27 -16.93 -8.62
CA GLU F 75 -65.23 -16.13 -9.37
C GLU F 75 -64.51 -14.97 -10.08
N SER F 76 -63.52 -14.34 -9.40
CA SER F 76 -62.74 -13.22 -9.94
C SER F 76 -61.91 -13.63 -11.17
N LEU F 77 -61.32 -14.85 -11.15
CA LEU F 77 -60.53 -15.39 -12.27
C LEU F 77 -61.45 -15.62 -13.47
N ARG F 78 -62.67 -16.15 -13.22
CA ARG F 78 -63.69 -16.42 -14.22
C ARG F 78 -64.16 -15.11 -14.88
N ASN F 79 -64.39 -14.06 -14.05
CA ASN F 79 -64.86 -12.74 -14.52
C ASN F 79 -63.80 -11.99 -15.32
N LEU F 80 -62.52 -12.00 -14.86
CA LEU F 80 -61.41 -11.34 -15.55
C LEU F 80 -61.14 -12.02 -16.89
N ARG F 81 -61.25 -13.36 -16.96
CA ARG F 81 -61.12 -14.16 -18.17
C ARG F 81 -62.14 -13.68 -19.22
N GLY F 82 -63.35 -13.35 -18.75
CA GLY F 82 -64.44 -12.83 -19.56
C GLY F 82 -64.22 -11.40 -20.03
N TYR F 83 -63.60 -10.55 -19.18
CA TYR F 83 -63.32 -9.15 -19.51
C TYR F 83 -62.32 -9.03 -20.67
N TYR F 84 -61.29 -9.89 -20.68
CA TYR F 84 -60.25 -9.89 -21.72
C TYR F 84 -60.59 -10.87 -22.86
N ASN F 85 -61.84 -11.45 -22.83
CA ASN F 85 -62.35 -12.42 -23.81
C ASN F 85 -61.28 -13.50 -24.09
N GLN F 86 -60.75 -14.05 -22.99
CA GLN F 86 -59.69 -15.06 -23.00
C GLN F 86 -60.27 -16.46 -23.01
N SER F 87 -59.47 -17.41 -23.50
CA SER F 87 -59.81 -18.83 -23.58
C SER F 87 -59.96 -19.44 -22.19
N GLU F 88 -60.87 -20.41 -22.05
CA GLU F 88 -61.15 -21.15 -20.83
C GLU F 88 -60.13 -22.31 -20.66
N ALA F 89 -59.13 -22.39 -21.55
CA ALA F 89 -58.08 -23.41 -21.55
C ALA F 89 -56.79 -22.96 -20.88
N GLY F 90 -56.50 -21.65 -20.96
CA GLY F 90 -55.28 -21.07 -20.39
C GLY F 90 -55.33 -20.86 -18.89
N SER F 91 -54.15 -20.92 -18.26
CA SER F 91 -53.96 -20.71 -16.83
C SER F 91 -53.66 -19.25 -16.57
N HIS F 92 -54.36 -18.63 -15.61
CA HIS F 92 -54.17 -17.22 -15.29
C HIS F 92 -53.96 -17.04 -13.79
N ILE F 93 -53.27 -15.96 -13.39
CA ILE F 93 -52.96 -15.70 -11.99
C ILE F 93 -53.43 -14.30 -11.57
N ILE F 94 -54.06 -14.24 -10.38
CA ILE F 94 -54.46 -13.01 -9.70
C ILE F 94 -53.62 -12.95 -8.43
N GLN F 95 -52.85 -11.86 -8.28
CA GLN F 95 -52.02 -11.66 -7.10
C GLN F 95 -52.46 -10.42 -6.37
N ARG F 96 -52.42 -10.45 -5.05
CA ARG F 96 -52.76 -9.31 -4.22
C ARG F 96 -51.72 -9.12 -3.15
N MET F 97 -51.34 -7.87 -2.93
CA MET F 97 -50.35 -7.49 -1.93
C MET F 97 -50.85 -6.26 -1.21
N TYR F 98 -51.16 -6.41 0.08
CA TYR F 98 -51.63 -5.31 0.92
C TYR F 98 -50.97 -5.38 2.30
N GLY F 99 -50.94 -4.25 2.98
CA GLY F 99 -50.36 -4.14 4.32
C GLY F 99 -50.19 -2.74 4.84
N CYS F 100 -49.68 -2.64 6.07
CA CYS F 100 -49.46 -1.37 6.76
C CYS F 100 -48.00 -1.22 7.21
N ASP F 101 -47.45 -0.02 7.00
CA ASP F 101 -46.10 0.38 7.41
C ASP F 101 -46.20 1.24 8.65
N LEU F 102 -45.46 0.86 9.69
CA LEU F 102 -45.42 1.53 10.99
C LEU F 102 -44.18 2.40 11.11
N GLY F 103 -44.37 3.60 11.64
CA GLY F 103 -43.28 4.56 11.86
C GLY F 103 -42.32 4.12 12.96
N PRO F 104 -41.12 4.74 13.08
CA PRO F 104 -40.17 4.34 14.15
C PRO F 104 -40.73 4.38 15.57
N ASP F 105 -41.89 5.03 15.75
CA ASP F 105 -42.64 5.18 16.99
C ASP F 105 -43.63 4.02 17.18
N GLY F 106 -44.64 3.94 16.31
CA GLY F 106 -45.69 2.94 16.33
C GLY F 106 -46.99 3.40 15.70
N ARG F 107 -46.96 4.53 14.98
CA ARG F 107 -48.13 5.10 14.30
C ARG F 107 -48.12 4.71 12.82
N LEU F 108 -49.32 4.67 12.17
CA LEU F 108 -49.42 4.32 10.75
C LEU F 108 -48.73 5.36 9.86
N LEU F 109 -47.71 4.90 9.13
CA LEU F 109 -46.94 5.70 8.20
C LEU F 109 -47.53 5.57 6.80
N ARG F 110 -47.72 4.33 6.31
CA ARG F 110 -48.24 4.07 4.97
C ARG F 110 -49.13 2.83 4.92
N GLY F 111 -50.29 2.99 4.27
CA GLY F 111 -51.24 1.93 4.00
C GLY F 111 -51.23 1.66 2.51
N HIS F 112 -51.29 0.38 2.10
CA HIS F 112 -51.25 0.03 0.67
C HIS F 112 -52.02 -1.24 0.34
N ASP F 113 -52.45 -1.34 -0.93
CA ASP F 113 -53.15 -2.47 -1.53
C ASP F 113 -52.94 -2.45 -3.04
N GLN F 114 -52.39 -3.52 -3.59
CA GLN F 114 -52.11 -3.66 -5.02
C GLN F 114 -52.56 -5.03 -5.51
N SER F 115 -53.21 -5.05 -6.67
CA SER F 115 -53.69 -6.27 -7.32
C SER F 115 -53.10 -6.39 -8.71
N ALA F 116 -52.79 -7.62 -9.12
CA ALA F 116 -52.21 -7.91 -10.42
C ALA F 116 -52.92 -9.05 -11.10
N TYR F 117 -52.87 -9.05 -12.43
CA TYR F 117 -53.42 -10.12 -13.25
C TYR F 117 -52.38 -10.51 -14.29
N ASP F 118 -51.83 -11.71 -14.13
CA ASP F 118 -50.80 -12.33 -14.98
C ASP F 118 -49.48 -11.50 -14.97
N GLY F 119 -49.07 -11.07 -13.78
CA GLY F 119 -47.84 -10.32 -13.55
C GLY F 119 -47.86 -8.86 -13.94
N LYS F 120 -49.03 -8.30 -14.25
CA LYS F 120 -49.21 -6.90 -14.61
C LYS F 120 -50.17 -6.22 -13.66
N ASP F 121 -49.87 -4.95 -13.27
CA ASP F 121 -50.72 -4.14 -12.39
C ASP F 121 -52.14 -4.12 -12.94
N TYR F 122 -53.14 -4.31 -12.07
CA TYR F 122 -54.55 -4.35 -12.48
C TYR F 122 -55.29 -3.21 -11.77
N ILE F 123 -55.44 -3.31 -10.45
CA ILE F 123 -56.11 -2.29 -9.63
C ILE F 123 -55.29 -2.08 -8.33
N ALA F 124 -55.11 -0.81 -7.95
CA ALA F 124 -54.35 -0.46 -6.76
C ALA F 124 -55.03 0.66 -5.99
N LEU F 125 -54.93 0.61 -4.64
CA LEU F 125 -55.47 1.64 -3.77
C LEU F 125 -54.54 2.84 -3.82
N ASN F 126 -55.13 4.03 -4.04
CA ASN F 126 -54.39 5.29 -4.14
C ASN F 126 -53.80 5.69 -2.79
N GLU F 127 -52.86 6.65 -2.80
CA GLU F 127 -52.18 7.17 -1.61
C GLU F 127 -53.16 7.75 -0.58
N ASP F 128 -54.31 8.31 -1.05
CA ASP F 128 -55.36 8.89 -0.21
C ASP F 128 -56.13 7.83 0.58
N LEU F 129 -56.11 6.56 0.09
CA LEU F 129 -56.80 5.36 0.62
C LEU F 129 -58.33 5.55 0.49
N SER F 130 -58.75 6.34 -0.53
CA SER F 130 -60.15 6.67 -0.80
C SER F 130 -60.56 6.25 -2.21
N SER F 131 -59.61 6.29 -3.16
CA SER F 131 -59.87 6.00 -4.56
C SER F 131 -58.96 4.89 -5.12
N TRP F 132 -59.32 4.41 -6.33
CA TRP F 132 -58.64 3.36 -7.06
C TRP F 132 -58.02 3.84 -8.35
N THR F 133 -56.91 3.21 -8.73
CA THR F 133 -56.27 3.46 -10.01
C THR F 133 -56.33 2.13 -10.76
N ALA F 134 -57.15 2.13 -11.82
CA ALA F 134 -57.37 1.01 -12.72
C ALA F 134 -56.37 1.12 -13.87
N ALA F 135 -55.76 -0.02 -14.25
CA ALA F 135 -54.75 -0.05 -15.32
C ALA F 135 -55.35 -0.10 -16.73
N ASP F 136 -56.62 -0.55 -16.87
CA ASP F 136 -57.30 -0.66 -18.17
C ASP F 136 -58.84 -0.57 -18.01
N THR F 137 -59.57 -0.79 -19.11
CA THR F 137 -61.05 -0.75 -19.16
C THR F 137 -61.66 -1.93 -18.40
N ALA F 138 -60.94 -3.08 -18.34
CA ALA F 138 -61.37 -4.26 -17.60
C ALA F 138 -61.32 -3.99 -16.10
N ALA F 139 -60.24 -3.32 -15.65
CA ALA F 139 -60.02 -2.94 -14.25
C ALA F 139 -61.06 -1.91 -13.77
N GLN F 140 -61.67 -1.15 -14.71
CA GLN F 140 -62.74 -0.18 -14.44
C GLN F 140 -64.00 -0.89 -13.97
N ILE F 141 -64.27 -2.09 -14.50
CA ILE F 141 -65.42 -2.92 -14.14
C ILE F 141 -65.25 -3.35 -12.67
N THR F 142 -64.03 -3.81 -12.29
CA THR F 142 -63.69 -4.22 -10.92
C THR F 142 -63.83 -3.00 -9.99
N GLN F 143 -63.38 -1.82 -10.44
CA GLN F 143 -63.42 -0.56 -9.69
C GLN F 143 -64.85 -0.16 -9.34
N ARG F 144 -65.76 -0.15 -10.34
CA ARG F 144 -67.17 0.23 -10.13
C ARG F 144 -67.84 -0.71 -9.14
N LYS F 145 -67.45 -2.01 -9.16
CA LYS F 145 -67.93 -3.03 -8.22
C LYS F 145 -67.43 -2.72 -6.81
N TRP F 146 -66.11 -2.47 -6.69
CA TRP F 146 -65.42 -2.17 -5.44
C TRP F 146 -65.84 -0.83 -4.83
N GLU F 147 -66.31 0.11 -5.67
CA GLU F 147 -66.83 1.40 -5.21
C GLU F 147 -68.22 1.19 -4.61
N ALA F 148 -69.08 0.38 -5.27
CA ALA F 148 -70.43 0.04 -4.82
C ALA F 148 -70.40 -0.78 -3.51
N ALA F 149 -69.35 -1.61 -3.33
CA ALA F 149 -69.14 -2.49 -2.18
C ALA F 149 -68.53 -1.78 -0.96
N ARG F 150 -68.01 -0.55 -1.15
CA ARG F 150 -67.38 0.30 -0.13
C ARG F 150 -66.06 -0.35 0.36
N VAL F 151 -65.29 -0.91 -0.60
CA VAL F 151 -64.01 -1.60 -0.34
C VAL F 151 -62.98 -0.60 0.20
N ALA F 152 -62.68 0.49 -0.55
CA ALA F 152 -61.70 1.51 -0.17
C ALA F 152 -61.90 2.04 1.25
N GLU F 153 -63.17 2.27 1.66
CA GLU F 153 -63.55 2.78 2.99
C GLU F 153 -63.22 1.77 4.09
N GLN F 154 -63.72 0.52 3.96
CA GLN F 154 -63.50 -0.55 4.93
C GLN F 154 -62.04 -1.03 4.94
N LEU F 155 -61.36 -0.95 3.79
CA LEU F 155 -59.96 -1.31 3.64
C LEU F 155 -59.09 -0.26 4.35
N ARG F 156 -59.44 1.04 4.19
CA ARG F 156 -58.77 2.16 4.88
C ARG F 156 -58.92 2.01 6.39
N ALA F 157 -60.16 1.68 6.86
CA ALA F 157 -60.49 1.47 8.26
C ALA F 157 -59.66 0.32 8.87
N TYR F 158 -59.41 -0.75 8.07
CA TYR F 158 -58.60 -1.90 8.47
C TYR F 158 -57.14 -1.48 8.59
N LEU F 159 -56.59 -0.82 7.54
CA LEU F 159 -55.18 -0.39 7.46
C LEU F 159 -54.81 0.62 8.55
N GLU F 160 -55.73 1.51 8.95
CA GLU F 160 -55.51 2.52 9.98
C GLU F 160 -55.76 1.97 11.39
N GLY F 161 -56.57 0.91 11.50
CA GLY F 161 -56.93 0.30 12.77
C GLY F 161 -56.36 -1.08 13.00
N LEU F 162 -57.16 -2.12 12.66
CA LEU F 162 -56.88 -3.55 12.83
C LEU F 162 -55.47 -3.99 12.36
N CYS F 163 -55.02 -3.53 11.17
CA CYS F 163 -53.71 -3.86 10.61
C CYS F 163 -52.59 -3.42 11.57
N VAL F 164 -52.61 -2.14 11.96
CA VAL F 164 -51.64 -1.48 12.86
C VAL F 164 -51.71 -2.11 14.27
N GLU F 165 -52.94 -2.31 14.80
CA GLU F 165 -53.24 -2.90 16.10
C GLU F 165 -52.61 -4.29 16.27
N TRP F 166 -52.89 -5.22 15.32
CA TRP F 166 -52.38 -6.58 15.33
C TRP F 166 -50.88 -6.63 15.09
N LEU F 167 -50.34 -5.73 14.23
CA LEU F 167 -48.90 -5.64 13.97
C LEU F 167 -48.16 -5.35 15.28
N ARG F 168 -48.64 -4.34 16.05
CA ARG F 168 -48.10 -3.96 17.35
C ARG F 168 -48.15 -5.15 18.33
N ARG F 169 -49.24 -5.96 18.27
CA ARG F 169 -49.42 -7.15 19.10
C ARG F 169 -48.38 -8.22 18.74
N TYR F 170 -48.16 -8.46 17.42
CA TYR F 170 -47.18 -9.44 16.92
C TYR F 170 -45.76 -9.01 17.27
N LEU F 171 -45.48 -7.69 17.15
CA LEU F 171 -44.17 -7.09 17.46
C LEU F 171 -43.82 -7.25 18.93
N GLU F 172 -44.82 -7.21 19.82
CA GLU F 172 -44.62 -7.36 21.27
C GLU F 172 -44.34 -8.83 21.63
N ASN F 173 -45.08 -9.77 21.01
CA ASN F 173 -44.94 -11.21 21.25
C ASN F 173 -43.62 -11.73 20.67
N GLY F 174 -43.27 -11.26 19.48
CA GLY F 174 -42.05 -11.66 18.80
C GLY F 174 -40.90 -10.68 18.92
N LYS F 175 -40.89 -9.84 19.97
CA LYS F 175 -39.87 -8.81 20.24
C LYS F 175 -38.44 -9.39 20.28
N GLU F 176 -38.29 -10.65 20.74
CA GLU F 176 -37.02 -11.35 20.84
C GLU F 176 -36.38 -11.65 19.47
N THR F 177 -37.20 -11.68 18.39
CA THR F 177 -36.72 -11.98 17.03
C THR F 177 -36.99 -10.84 16.02
N LEU F 178 -38.17 -10.20 16.11
CA LEU F 178 -38.62 -9.14 15.19
C LEU F 178 -38.00 -7.79 15.53
N GLN F 179 -38.05 -7.37 16.82
CA GLN F 179 -37.51 -6.09 17.28
C GLN F 179 -35.99 -6.17 17.57
N ARG F 180 -35.40 -7.35 17.31
CA ARG F 180 -33.97 -7.64 17.48
C ARG F 180 -33.34 -7.82 16.10
N ALA F 181 -32.19 -7.16 15.87
CA ALA F 181 -31.48 -7.27 14.60
C ALA F 181 -30.24 -8.15 14.74
N ASP F 182 -30.20 -9.27 13.98
CA ASP F 182 -29.07 -10.19 13.96
C ASP F 182 -27.97 -9.61 13.07
N PRO F 183 -26.77 -9.27 13.61
CA PRO F 183 -25.73 -8.69 12.75
C PRO F 183 -25.09 -9.74 11.84
N PRO F 184 -24.54 -9.35 10.66
CA PRO F 184 -23.95 -10.36 9.77
C PRO F 184 -22.61 -10.90 10.24
N LYS F 185 -22.46 -12.24 10.18
CA LYS F 185 -21.22 -12.96 10.43
C LYS F 185 -20.38 -12.75 9.20
N THR F 186 -19.19 -12.17 9.34
CA THR F 186 -18.37 -11.88 8.17
C THR F 186 -17.08 -12.70 8.13
N HIS F 187 -16.42 -12.67 6.95
CA HIS F 187 -15.15 -13.27 6.57
C HIS F 187 -14.89 -12.95 5.09
N VAL F 188 -13.61 -12.92 4.69
CA VAL F 188 -13.20 -12.63 3.32
C VAL F 188 -12.41 -13.83 2.79
N THR F 189 -12.76 -14.31 1.58
CA THR F 189 -12.11 -15.45 0.93
C THR F 189 -11.44 -15.03 -0.38
N HIS F 190 -10.32 -15.70 -0.70
CA HIS F 190 -9.51 -15.49 -1.89
C HIS F 190 -9.50 -16.76 -2.73
N HIS F 191 -9.50 -16.59 -4.07
CA HIS F 191 -9.48 -17.69 -5.04
C HIS F 191 -8.82 -17.20 -6.35
N PRO F 192 -7.84 -17.95 -6.92
CA PRO F 192 -7.19 -17.46 -8.15
C PRO F 192 -7.93 -17.82 -9.44
N VAL F 193 -7.66 -17.06 -10.52
CA VAL F 193 -8.27 -17.26 -11.85
C VAL F 193 -7.21 -17.16 -12.99
N SER F 194 -6.06 -16.46 -12.76
CA SER F 194 -5.00 -16.30 -13.76
C SER F 194 -3.60 -16.14 -13.12
N ASP F 195 -2.60 -15.63 -13.90
CA ASP F 195 -1.17 -15.41 -13.54
C ASP F 195 -0.96 -14.66 -12.22
N HIS F 196 -1.23 -13.34 -12.23
CA HIS F 196 -1.20 -12.42 -11.10
C HIS F 196 -2.55 -11.70 -11.20
N GLU F 197 -3.62 -12.51 -11.03
CA GLU F 197 -5.03 -12.16 -11.07
C GLU F 197 -5.78 -13.07 -10.07
N ALA F 198 -6.73 -12.51 -9.30
CA ALA F 198 -7.48 -13.26 -8.28
C ALA F 198 -8.88 -12.68 -8.01
N THR F 199 -9.77 -13.55 -7.51
CA THR F 199 -11.14 -13.21 -7.14
C THR F 199 -11.26 -13.14 -5.61
N LEU F 200 -11.59 -11.94 -5.08
CA LEU F 200 -11.79 -11.71 -3.64
C LEU F 200 -13.28 -11.62 -3.35
N ARG F 201 -13.79 -12.60 -2.59
CA ARG F 201 -15.20 -12.70 -2.26
C ARG F 201 -15.45 -12.44 -0.76
N CYS F 202 -16.16 -11.34 -0.44
CA CYS F 202 -16.52 -10.99 0.94
C CYS F 202 -17.84 -11.66 1.27
N TRP F 203 -18.00 -12.11 2.51
CA TRP F 203 -19.20 -12.83 2.91
C TRP F 203 -19.94 -12.20 4.09
N ALA F 204 -21.28 -12.21 3.99
CA ALA F 204 -22.23 -11.75 5.01
C ALA F 204 -23.22 -12.89 5.26
N LEU F 205 -23.24 -13.43 6.49
CA LEU F 205 -24.08 -14.60 6.85
C LEU F 205 -24.87 -14.42 8.14
N GLY F 206 -25.95 -15.19 8.28
CA GLY F 206 -26.82 -15.24 9.45
C GLY F 206 -27.34 -13.91 9.99
N PHE F 207 -27.68 -12.98 9.09
CA PHE F 207 -28.19 -11.67 9.47
C PHE F 207 -29.69 -11.54 9.25
N TYR F 208 -30.32 -10.67 10.05
CA TYR F 208 -31.73 -10.33 10.00
C TYR F 208 -31.90 -8.86 10.43
N PRO F 209 -32.63 -8.00 9.68
CA PRO F 209 -33.38 -8.27 8.44
C PRO F 209 -32.49 -8.33 7.19
N ALA F 210 -33.11 -8.64 6.03
CA ALA F 210 -32.48 -8.83 4.72
C ALA F 210 -31.76 -7.59 4.16
N GLU F 211 -32.17 -6.36 4.54
CA GLU F 211 -31.55 -5.13 4.04
C GLU F 211 -30.09 -5.03 4.51
N ILE F 212 -29.16 -5.02 3.53
CA ILE F 212 -27.71 -4.99 3.73
C ILE F 212 -27.02 -4.41 2.48
N THR F 213 -25.86 -3.73 2.67
CA THR F 213 -25.08 -3.19 1.55
C THR F 213 -23.65 -3.77 1.61
N LEU F 214 -23.22 -4.42 0.53
CA LEU F 214 -21.88 -4.99 0.40
C LEU F 214 -21.15 -4.26 -0.72
N THR F 215 -20.05 -3.57 -0.37
CA THR F 215 -19.29 -2.78 -1.33
C THR F 215 -17.79 -3.04 -1.20
N TRP F 216 -17.12 -3.22 -2.36
CA TRP F 216 -15.67 -3.43 -2.46
C TRP F 216 -15.00 -2.13 -2.86
N GLN F 217 -14.00 -1.72 -2.07
CA GLN F 217 -13.24 -0.48 -2.27
C GLN F 217 -11.78 -0.74 -2.66
N ARG F 218 -11.30 -0.01 -3.69
CA ARG F 218 -9.91 0.00 -4.18
C ARG F 218 -9.23 1.30 -3.76
N ASP F 219 -8.41 1.25 -2.70
CA ASP F 219 -7.68 2.38 -2.11
C ASP F 219 -8.63 3.49 -1.57
N GLY F 220 -9.89 3.14 -1.32
CA GLY F 220 -10.88 4.07 -0.80
C GLY F 220 -12.10 4.34 -1.65
N GLU F 221 -12.06 3.97 -2.95
CA GLU F 221 -13.17 4.20 -3.91
C GLU F 221 -13.81 2.88 -4.32
N ASP F 222 -15.15 2.90 -4.49
CA ASP F 222 -15.98 1.75 -4.90
C ASP F 222 -15.61 1.17 -6.26
N GLN F 223 -15.85 -0.14 -6.45
CA GLN F 223 -15.60 -0.85 -7.71
C GLN F 223 -16.92 -1.49 -8.18
N THR F 224 -18.02 -0.70 -8.08
CA THR F 224 -19.43 -1.02 -8.37
C THR F 224 -19.64 -1.59 -9.80
N GLN F 225 -18.91 -1.09 -10.81
CA GLN F 225 -19.03 -1.54 -12.19
C GLN F 225 -18.21 -2.80 -12.47
N ASP F 226 -17.25 -3.12 -11.56
CA ASP F 226 -16.38 -4.27 -11.70
C ASP F 226 -16.47 -5.23 -10.48
N THR F 227 -17.61 -5.19 -9.76
CA THR F 227 -17.96 -6.04 -8.63
C THR F 227 -19.10 -6.96 -9.05
N GLU F 228 -19.02 -8.24 -8.66
CA GLU F 228 -20.03 -9.24 -8.93
C GLU F 228 -20.74 -9.58 -7.62
N LEU F 229 -21.75 -8.77 -7.24
CA LEU F 229 -22.52 -8.99 -6.02
C LEU F 229 -23.81 -9.74 -6.33
N VAL F 230 -24.01 -10.87 -5.66
CA VAL F 230 -25.15 -11.78 -5.80
C VAL F 230 -26.34 -11.24 -4.98
N GLU F 231 -27.59 -11.66 -5.32
CA GLU F 231 -28.77 -11.17 -4.60
C GLU F 231 -28.94 -11.90 -3.25
N THR F 232 -29.46 -11.18 -2.23
CA THR F 232 -29.70 -11.67 -0.87
C THR F 232 -30.60 -12.91 -0.93
N ARG F 233 -30.13 -14.01 -0.32
CA ARG F 233 -30.80 -15.30 -0.33
C ARG F 233 -31.15 -15.79 1.09
N PRO F 234 -32.30 -16.50 1.27
CA PRO F 234 -32.64 -16.99 2.62
C PRO F 234 -31.78 -18.17 3.06
N ALA F 235 -31.36 -18.19 4.32
CA ALA F 235 -30.55 -19.27 4.85
C ALA F 235 -31.42 -20.51 5.10
N GLY F 236 -32.66 -20.29 5.55
CA GLY F 236 -33.64 -21.34 5.84
C GLY F 236 -34.08 -21.38 7.29
N ASP F 237 -33.36 -20.65 8.15
CA ASP F 237 -33.60 -20.56 9.59
C ASP F 237 -34.02 -19.12 9.99
N ARG F 238 -34.72 -18.43 9.06
CA ARG F 238 -35.24 -17.05 9.13
C ARG F 238 -34.13 -15.98 9.08
N THR F 239 -32.89 -16.38 8.74
CA THR F 239 -31.77 -15.45 8.58
C THR F 239 -31.43 -15.42 7.08
N PHE F 240 -30.56 -14.49 6.65
CA PHE F 240 -30.21 -14.34 5.24
C PHE F 240 -28.70 -14.26 5.05
N GLN F 241 -28.25 -14.43 3.79
CA GLN F 241 -26.84 -14.34 3.44
C GLN F 241 -26.65 -13.64 2.09
N LYS F 242 -25.48 -13.00 1.90
CA LYS F 242 -25.12 -12.27 0.69
C LYS F 242 -23.60 -12.20 0.56
N TRP F 243 -23.09 -12.10 -0.68
CA TRP F 243 -21.66 -11.94 -0.94
C TRP F 243 -21.40 -11.04 -2.14
N ALA F 244 -20.17 -10.51 -2.23
CA ALA F 244 -19.69 -9.64 -3.30
C ALA F 244 -18.26 -10.04 -3.68
N ALA F 245 -17.96 -10.13 -4.99
CA ALA F 245 -16.64 -10.54 -5.47
C ALA F 245 -16.03 -9.61 -6.50
N VAL F 246 -14.71 -9.41 -6.40
CA VAL F 246 -13.91 -8.58 -7.31
C VAL F 246 -12.81 -9.43 -7.97
N VAL F 247 -12.59 -9.25 -9.28
CA VAL F 247 -11.54 -9.94 -10.05
C VAL F 247 -10.42 -8.91 -10.20
N VAL F 248 -9.50 -8.94 -9.25
CA VAL F 248 -8.49 -7.92 -9.14
C VAL F 248 -7.06 -8.49 -9.20
N PRO F 249 -6.06 -7.71 -9.73
CA PRO F 249 -4.64 -8.23 -9.85
C PRO F 249 -3.96 -8.69 -8.53
N SER F 250 -3.14 -9.77 -8.68
CA SER F 250 -2.39 -10.35 -7.58
C SER F 250 -1.25 -9.44 -7.14
N GLY F 251 -1.03 -9.45 -5.81
CA GLY F 251 -0.06 -8.60 -5.15
C GLY F 251 -0.74 -7.35 -4.66
N GLU F 252 -1.97 -7.09 -5.16
CA GLU F 252 -2.79 -5.93 -4.80
C GLU F 252 -4.04 -6.41 -4.03
N GLU F 253 -4.04 -7.69 -3.58
CA GLU F 253 -5.13 -8.31 -2.79
C GLU F 253 -5.30 -7.62 -1.47
N GLN F 254 -4.17 -7.22 -0.85
CA GLN F 254 -4.15 -6.58 0.46
C GLN F 254 -4.25 -5.02 0.34
N ARG F 255 -4.79 -4.50 -0.78
CA ARG F 255 -5.05 -3.06 -0.92
C ARG F 255 -6.51 -2.88 -1.38
N TYR F 256 -7.31 -3.97 -1.26
CA TYR F 256 -8.75 -4.01 -1.49
C TYR F 256 -9.41 -4.18 -0.12
N THR F 257 -10.38 -3.33 0.18
CA THR F 257 -11.10 -3.35 1.45
C THR F 257 -12.60 -3.44 1.18
N CYS F 258 -13.32 -4.24 2.00
CA CYS F 258 -14.76 -4.37 1.82
C CYS F 258 -15.52 -3.75 2.99
N HIS F 259 -16.68 -3.16 2.67
CA HIS F 259 -17.56 -2.46 3.60
C HIS F 259 -18.91 -3.17 3.68
N VAL F 260 -19.31 -3.54 4.91
CA VAL F 260 -20.59 -4.22 5.15
C VAL F 260 -21.41 -3.36 6.12
N GLN F 261 -22.60 -2.92 5.65
CA GLN F 261 -23.53 -2.05 6.36
C GLN F 261 -24.86 -2.79 6.61
N HIS F 262 -25.26 -2.86 7.88
CA HIS F 262 -26.48 -3.51 8.37
C HIS F 262 -26.93 -2.84 9.68
N GLU F 263 -28.25 -2.88 10.01
CA GLU F 263 -28.77 -2.25 11.22
C GLU F 263 -28.34 -2.99 12.51
N GLY F 264 -27.92 -4.25 12.38
CA GLY F 264 -27.43 -5.07 13.48
C GLY F 264 -26.06 -4.63 13.96
N LEU F 265 -25.31 -3.92 13.09
CA LEU F 265 -23.99 -3.37 13.35
C LEU F 265 -24.11 -1.92 13.83
N PRO F 266 -23.51 -1.56 15.00
CA PRO F 266 -23.62 -0.16 15.48
C PRO F 266 -23.07 0.88 14.50
N LYS F 267 -21.94 0.56 13.83
CA LYS F 267 -21.29 1.40 12.83
C LYS F 267 -20.75 0.51 11.67
N PRO F 268 -20.48 1.05 10.45
CA PRO F 268 -20.03 0.18 9.35
C PRO F 268 -18.74 -0.60 9.64
N LEU F 269 -18.73 -1.87 9.19
CA LEU F 269 -17.65 -2.83 9.34
C LEU F 269 -16.75 -2.82 8.11
N THR F 270 -15.41 -2.77 8.32
CA THR F 270 -14.43 -2.75 7.24
C THR F 270 -13.41 -3.85 7.46
N LEU F 271 -13.34 -4.81 6.52
CA LEU F 271 -12.44 -5.95 6.61
C LEU F 271 -11.75 -6.27 5.28
N ARG F 272 -10.57 -6.89 5.39
CA ARG F 272 -9.70 -7.27 4.28
C ARG F 272 -9.25 -8.74 4.41
N TRP F 273 -8.41 -9.17 3.47
CA TRP F 273 -7.84 -10.50 3.31
C TRP F 273 -6.75 -10.76 4.38
N ILE G 2 -45.81 -10.82 -19.59
CA ILE G 2 -46.58 -12.00 -19.24
C ILE G 2 -45.68 -13.11 -18.67
N GLN G 3 -44.40 -13.20 -19.12
CA GLN G 3 -43.47 -14.25 -18.66
C GLN G 3 -42.08 -13.72 -18.30
N ARG G 4 -41.47 -14.33 -17.26
CA ARG G 4 -40.14 -14.00 -16.73
C ARG G 4 -39.32 -15.26 -16.43
N THR G 5 -38.02 -15.23 -16.75
CA THR G 5 -37.07 -16.33 -16.54
C THR G 5 -36.59 -16.39 -15.08
N PRO G 6 -36.54 -17.59 -14.42
CA PRO G 6 -36.07 -17.62 -13.04
C PRO G 6 -34.56 -17.49 -12.89
N LYS G 7 -34.15 -16.79 -11.83
CA LYS G 7 -32.78 -16.61 -11.39
C LYS G 7 -32.56 -17.68 -10.34
N ILE G 8 -31.47 -18.45 -10.45
CA ILE G 8 -31.27 -19.57 -9.52
C ILE G 8 -29.92 -19.46 -8.79
N GLN G 9 -29.92 -19.85 -7.51
CA GLN G 9 -28.78 -19.91 -6.59
C GLN G 9 -28.79 -21.22 -5.80
N VAL G 10 -27.65 -21.94 -5.80
CA VAL G 10 -27.51 -23.20 -5.03
C VAL G 10 -26.36 -23.00 -4.03
N TYR G 11 -26.66 -23.22 -2.74
CA TYR G 11 -25.76 -22.98 -1.62
C TYR G 11 -26.17 -23.80 -0.39
N SER G 12 -25.54 -23.54 0.77
CA SER G 12 -25.83 -24.21 2.03
C SER G 12 -26.11 -23.18 3.14
N ARG G 13 -26.86 -23.59 4.19
CA ARG G 13 -27.25 -22.79 5.35
C ARG G 13 -26.02 -22.17 6.03
N HIS G 14 -24.96 -22.97 6.22
CA HIS G 14 -23.68 -22.58 6.83
C HIS G 14 -22.50 -23.02 5.96
N PRO G 15 -21.31 -22.36 6.03
CA PRO G 15 -20.16 -22.88 5.28
C PRO G 15 -19.74 -24.19 5.91
N ALA G 16 -19.61 -25.25 5.10
CA ALA G 16 -19.33 -26.57 5.67
C ALA G 16 -18.11 -27.26 5.08
N GLU G 17 -17.67 -28.31 5.78
CA GLU G 17 -16.58 -29.19 5.38
C GLU G 17 -17.03 -30.63 5.63
N ASN G 18 -16.50 -31.55 4.81
CA ASN G 18 -16.77 -33.00 4.77
C ASN G 18 -17.04 -33.60 6.15
N GLY G 19 -18.21 -34.24 6.29
CA GLY G 19 -18.63 -34.90 7.52
C GLY G 19 -19.65 -34.16 8.38
N LYS G 20 -19.59 -32.82 8.39
CA LYS G 20 -20.49 -31.99 9.21
C LYS G 20 -21.87 -31.89 8.55
N SER G 21 -22.94 -32.30 9.28
CA SER G 21 -24.33 -32.29 8.80
C SER G 21 -24.81 -30.84 8.62
N ASN G 22 -25.44 -30.57 7.46
CA ASN G 22 -25.89 -29.23 7.05
C ASN G 22 -27.28 -29.28 6.39
N PHE G 23 -27.58 -28.27 5.54
CA PHE G 23 -28.81 -28.11 4.77
C PHE G 23 -28.48 -27.55 3.39
N LEU G 24 -28.88 -28.25 2.31
CA LEU G 24 -28.63 -27.80 0.95
C LEU G 24 -29.82 -26.98 0.47
N ASN G 25 -29.55 -25.75 0.02
CA ASN G 25 -30.58 -24.82 -0.44
C ASN G 25 -30.50 -24.55 -1.93
N CYS G 26 -31.68 -24.42 -2.55
CA CYS G 26 -31.88 -24.05 -3.94
C CYS G 26 -32.96 -22.97 -3.98
N TYR G 27 -32.53 -21.72 -4.17
CA TYR G 27 -33.42 -20.56 -4.16
C TYR G 27 -33.64 -20.03 -5.58
N VAL G 28 -34.88 -20.21 -6.08
CA VAL G 28 -35.33 -19.74 -7.39
C VAL G 28 -36.17 -18.48 -7.19
N SER G 29 -35.96 -17.44 -8.01
CA SER G 29 -36.66 -16.17 -7.89
C SER G 29 -36.79 -15.46 -9.24
N GLY G 30 -37.54 -14.35 -9.26
CA GLY G 30 -37.73 -13.51 -10.44
C GLY G 30 -38.47 -14.11 -11.62
N PHE G 31 -39.27 -15.18 -11.39
CA PHE G 31 -40.02 -15.85 -12.45
C PHE G 31 -41.53 -15.59 -12.39
N HIS G 32 -42.20 -15.77 -13.53
CA HIS G 32 -43.64 -15.67 -13.74
C HIS G 32 -44.01 -16.48 -15.00
N PRO G 33 -45.01 -17.40 -14.98
CA PRO G 33 -45.97 -17.76 -13.91
C PRO G 33 -45.35 -18.57 -12.75
N SER G 34 -46.18 -18.91 -11.75
CA SER G 34 -45.81 -19.61 -10.51
C SER G 34 -45.34 -21.06 -10.72
N ASP G 35 -45.93 -21.80 -11.69
CA ASP G 35 -45.61 -23.20 -11.96
C ASP G 35 -44.12 -23.37 -12.30
N ILE G 36 -43.39 -24.07 -11.41
CA ILE G 36 -41.95 -24.31 -11.55
C ILE G 36 -41.59 -25.74 -11.07
N GLU G 37 -40.64 -26.38 -11.77
CA GLU G 37 -40.12 -27.72 -11.45
C GLU G 37 -38.74 -27.57 -10.86
N VAL G 38 -38.58 -27.80 -9.55
CA VAL G 38 -37.29 -27.67 -8.87
C VAL G 38 -37.04 -28.91 -8.00
N ASP G 39 -35.87 -29.55 -8.18
CA ASP G 39 -35.44 -30.72 -7.41
C ASP G 39 -33.92 -30.68 -7.17
N LEU G 40 -33.48 -31.24 -6.04
CA LEU G 40 -32.08 -31.24 -5.63
C LEU G 40 -31.41 -32.56 -6.02
N LEU G 41 -30.17 -32.46 -6.54
CA LEU G 41 -29.41 -33.59 -7.08
C LEU G 41 -28.16 -33.94 -6.24
N LYS G 42 -27.99 -35.24 -5.95
CA LYS G 42 -26.85 -35.82 -5.24
C LYS G 42 -26.26 -36.92 -6.13
N ASN G 43 -25.19 -36.59 -6.89
CA ASN G 43 -24.50 -37.47 -7.85
C ASN G 43 -25.50 -37.91 -8.94
N GLY G 44 -26.34 -36.97 -9.35
CA GLY G 44 -27.39 -37.17 -10.34
C GLY G 44 -28.54 -37.98 -9.78
N GLU G 45 -28.87 -37.80 -8.49
CA GLU G 45 -29.98 -38.52 -7.87
C GLU G 45 -30.88 -37.54 -7.15
N ARG G 46 -32.18 -37.63 -7.42
CA ARG G 46 -33.21 -36.80 -6.83
C ARG G 46 -33.28 -37.08 -5.32
N ILE G 47 -32.93 -36.09 -4.47
CA ILE G 47 -33.03 -36.26 -3.02
C ILE G 47 -34.53 -36.39 -2.78
N GLU G 48 -34.96 -37.60 -2.41
CA GLU G 48 -36.38 -37.93 -2.33
C GLU G 48 -37.18 -37.27 -1.16
N LYS G 49 -36.51 -36.56 -0.21
CA LYS G 49 -37.26 -35.95 0.89
C LYS G 49 -37.18 -34.40 0.92
N VAL G 50 -37.01 -33.77 -0.28
CA VAL G 50 -36.89 -32.32 -0.45
C VAL G 50 -38.22 -31.60 -0.09
N GLU G 51 -38.10 -30.53 0.72
CA GLU G 51 -39.19 -29.64 1.15
C GLU G 51 -38.98 -28.25 0.53
N HIS G 52 -40.00 -27.38 0.58
CA HIS G 52 -39.90 -26.02 0.04
C HIS G 52 -40.76 -25.00 0.79
N SER G 53 -40.41 -23.71 0.63
CA SER G 53 -41.12 -22.58 1.23
C SER G 53 -42.44 -22.31 0.49
N ASP G 54 -43.34 -21.56 1.14
CA ASP G 54 -44.65 -21.19 0.59
C ASP G 54 -44.50 -20.14 -0.49
N LEU G 55 -45.32 -20.24 -1.54
CA LEU G 55 -45.29 -19.35 -2.69
C LEU G 55 -45.58 -17.90 -2.29
N SER G 56 -44.59 -17.04 -2.54
CA SER G 56 -44.64 -15.61 -2.29
C SER G 56 -44.07 -14.89 -3.51
N PHE G 57 -44.13 -13.55 -3.51
CA PHE G 57 -43.65 -12.75 -4.64
C PHE G 57 -43.11 -11.40 -4.19
N SER G 58 -42.39 -10.70 -5.09
CA SER G 58 -41.77 -9.41 -4.84
C SER G 58 -42.63 -8.27 -5.40
N LYS G 59 -42.11 -7.02 -5.30
CA LYS G 59 -42.72 -5.76 -5.76
C LYS G 59 -43.11 -5.80 -7.23
N ASP G 60 -42.31 -6.50 -8.06
CA ASP G 60 -42.54 -6.62 -9.51
C ASP G 60 -43.49 -7.79 -9.87
N TRP G 61 -44.10 -8.44 -8.84
CA TRP G 61 -45.07 -9.56 -8.93
C TRP G 61 -44.42 -10.91 -9.26
N SER G 62 -43.09 -10.94 -9.48
CA SER G 62 -42.36 -12.16 -9.80
C SER G 62 -42.24 -13.04 -8.56
N PHE G 63 -42.45 -14.35 -8.73
CA PHE G 63 -42.43 -15.33 -7.64
C PHE G 63 -41.01 -15.75 -7.25
N TYR G 64 -40.87 -16.21 -6.00
CA TYR G 64 -39.63 -16.75 -5.43
C TYR G 64 -39.97 -17.96 -4.56
N LEU G 65 -39.04 -18.91 -4.48
CA LEU G 65 -39.20 -20.17 -3.74
C LEU G 65 -37.86 -20.69 -3.24
N LEU G 66 -37.84 -21.33 -2.06
CA LEU G 66 -36.63 -21.92 -1.49
C LEU G 66 -36.84 -23.41 -1.23
N TYR G 67 -36.09 -24.25 -1.97
CA TYR G 67 -36.10 -25.70 -1.82
C TYR G 67 -34.91 -26.11 -0.96
N TYR G 68 -35.16 -26.86 0.12
CA TYR G 68 -34.14 -27.27 1.07
C TYR G 68 -34.26 -28.73 1.48
N THR G 69 -33.11 -29.37 1.80
CA THR G 69 -33.06 -30.77 2.24
C THR G 69 -31.90 -30.97 3.24
N GLU G 70 -32.07 -31.94 4.16
CA GLU G 70 -31.06 -32.30 5.15
C GLU G 70 -29.97 -33.09 4.42
N PHE G 71 -28.76 -32.52 4.34
CA PHE G 71 -27.64 -33.15 3.66
C PHE G 71 -26.37 -33.04 4.50
N THR G 72 -25.46 -34.01 4.36
CA THR G 72 -24.18 -33.98 5.05
C THR G 72 -23.11 -34.01 3.96
N PRO G 73 -22.54 -32.82 3.61
CA PRO G 73 -21.52 -32.78 2.53
C PRO G 73 -20.30 -33.64 2.86
N THR G 74 -19.79 -34.36 1.85
CA THR G 74 -18.64 -35.23 1.98
C THR G 74 -17.67 -34.87 0.82
N GLU G 75 -16.46 -35.46 0.83
CA GLU G 75 -15.30 -35.26 -0.05
C GLU G 75 -15.58 -34.85 -1.50
N LYS G 76 -16.21 -35.73 -2.33
CA LYS G 76 -16.39 -35.39 -3.75
C LYS G 76 -17.78 -35.76 -4.32
N ASP G 77 -18.82 -35.87 -3.47
CA ASP G 77 -20.18 -36.08 -3.99
C ASP G 77 -20.59 -34.76 -4.64
N GLU G 78 -20.64 -34.69 -5.98
CA GLU G 78 -21.01 -33.43 -6.62
C GLU G 78 -22.52 -33.21 -6.52
N TYR G 79 -22.90 -32.04 -5.99
CA TYR G 79 -24.28 -31.64 -5.79
C TYR G 79 -24.70 -30.62 -6.85
N ALA G 80 -26.01 -30.61 -7.18
CA ALA G 80 -26.57 -29.70 -8.19
C ALA G 80 -28.08 -29.47 -7.96
N CYS G 81 -28.65 -28.49 -8.68
CA CYS G 81 -30.08 -28.18 -8.63
C CYS G 81 -30.61 -28.06 -10.06
N ARG G 82 -31.62 -28.88 -10.40
CA ARG G 82 -32.26 -28.87 -11.71
C ARG G 82 -33.57 -28.07 -11.63
N VAL G 83 -33.72 -27.09 -12.54
CA VAL G 83 -34.88 -26.20 -12.58
C VAL G 83 -35.48 -26.14 -13.99
N ASN G 84 -36.80 -26.40 -14.09
CA ASN G 84 -37.54 -26.33 -15.35
C ASN G 84 -38.74 -25.42 -15.17
N HIS G 85 -38.91 -24.46 -16.09
CA HIS G 85 -39.96 -23.45 -16.13
C HIS G 85 -40.32 -23.20 -17.61
N VAL G 86 -41.60 -22.90 -17.90
CA VAL G 86 -42.16 -22.66 -19.26
C VAL G 86 -41.26 -21.72 -20.13
N THR G 87 -40.51 -20.81 -19.48
CA THR G 87 -39.62 -19.82 -20.10
C THR G 87 -38.26 -20.41 -20.55
N LEU G 88 -37.98 -21.68 -20.23
CA LEU G 88 -36.71 -22.34 -20.55
C LEU G 88 -36.91 -23.48 -21.55
N SER G 89 -35.98 -23.59 -22.53
CA SER G 89 -35.98 -24.62 -23.57
C SER G 89 -35.67 -26.00 -22.98
N GLN G 90 -34.54 -26.11 -22.25
CA GLN G 90 -34.12 -27.34 -21.58
C GLN G 90 -33.94 -27.08 -20.07
N PRO G 91 -34.23 -28.06 -19.16
CA PRO G 91 -34.08 -27.82 -17.72
C PRO G 91 -32.67 -27.35 -17.35
N LYS G 92 -32.59 -26.18 -16.68
CA LYS G 92 -31.32 -25.56 -16.27
C LYS G 92 -30.78 -26.22 -15.01
N ILE G 93 -29.54 -26.71 -15.08
CA ILE G 93 -28.86 -27.37 -13.97
C ILE G 93 -27.74 -26.46 -13.48
N VAL G 94 -27.74 -26.15 -12.18
CA VAL G 94 -26.73 -25.31 -11.53
C VAL G 94 -26.05 -26.15 -10.44
N LYS G 95 -24.73 -26.39 -10.59
CA LYS G 95 -23.93 -27.19 -9.67
C LYS G 95 -23.56 -26.43 -8.41
N TRP G 96 -23.57 -27.12 -7.26
CA TRP G 96 -23.25 -26.52 -5.96
C TRP G 96 -21.75 -26.38 -5.76
N ASP G 97 -21.35 -25.16 -5.39
CA ASP G 97 -19.98 -24.74 -5.10
C ASP G 97 -19.93 -24.25 -3.64
N ARG G 98 -18.90 -24.67 -2.90
CA ARG G 98 -18.66 -24.29 -1.50
C ARG G 98 -18.24 -22.83 -1.38
N ASP G 99 -17.47 -22.33 -2.36
CA ASP G 99 -16.89 -21.00 -2.40
C ASP G 99 -17.89 -19.90 -2.86
N MET G 100 -19.17 -20.26 -3.12
CA MET G 100 -20.23 -19.31 -3.49
C MET G 100 -21.61 -19.76 -2.95
N LEU H 1 -53.57 -10.07 11.41
CA LEU H 1 -54.89 -10.54 11.03
C LEU H 1 -55.24 -10.03 9.63
N PRO H 2 -55.70 -10.89 8.69
CA PRO H 2 -56.00 -10.42 7.33
C PRO H 2 -57.29 -9.58 7.24
N PHE H 3 -57.47 -8.89 6.09
CA PHE H 3 -58.64 -8.05 5.77
C PHE H 3 -59.87 -8.95 5.66
N ASP H 4 -60.89 -8.68 6.50
CA ASP H 4 -62.11 -9.49 6.60
C ASP H 4 -63.25 -8.96 5.71
N LYS H 5 -62.94 -8.71 4.43
CA LYS H 5 -63.91 -8.29 3.41
C LYS H 5 -63.43 -8.82 2.07
N SER H 6 -64.11 -9.84 1.56
CA SER H 6 -63.78 -10.48 0.30
C SER H 6 -64.74 -10.01 -0.78
N THR H 7 -64.22 -9.24 -1.75
CA THR H 7 -65.02 -8.69 -2.83
C THR H 7 -64.58 -9.23 -4.18
N VAL H 8 -65.55 -9.67 -4.99
CA VAL H 8 -65.34 -10.23 -6.32
C VAL H 8 -64.95 -9.10 -7.29
N MET H 9 -64.01 -9.42 -8.20
CA MET H 9 -63.50 -8.51 -9.23
C MET H 9 -64.35 -8.60 -10.50
N GLN I 1 -70.64 -9.19 21.07
CA GLN I 1 -71.30 -9.43 19.79
C GLN I 1 -72.81 -9.14 19.86
N SER I 2 -73.17 -7.85 20.08
CA SER I 2 -74.57 -7.39 20.18
C SER I 2 -74.69 -5.88 19.94
N LEU I 3 -75.94 -5.39 19.86
CA LEU I 3 -76.24 -3.96 19.70
C LEU I 3 -77.60 -3.62 20.35
N GLU I 4 -77.78 -2.35 20.72
CA GLU I 4 -78.96 -1.82 21.42
C GLU I 4 -79.52 -0.56 20.73
N GLN I 5 -80.86 -0.53 20.58
CA GLN I 5 -81.62 0.58 19.99
C GLN I 5 -82.99 0.72 20.73
N PRO I 6 -83.59 1.94 20.83
CA PRO I 6 -84.89 2.04 21.56
C PRO I 6 -86.01 1.20 20.96
N SER I 7 -86.95 0.75 21.78
CA SER I 7 -88.08 -0.06 21.35
C SER I 7 -89.05 0.74 20.47
N GLU I 8 -89.42 1.95 20.93
CA GLU I 8 -90.37 2.82 20.24
C GLU I 8 -89.93 4.28 20.22
N VAL I 9 -90.34 5.02 19.18
CA VAL I 9 -90.09 6.44 19.02
C VAL I 9 -91.30 7.04 18.29
N THR I 10 -91.73 8.25 18.70
CA THR I 10 -92.91 8.91 18.13
C THR I 10 -92.59 10.35 17.73
N ALA I 11 -93.26 10.84 16.67
CA ALA I 11 -93.13 12.20 16.12
C ALA I 11 -94.34 12.54 15.23
N VAL I 12 -94.59 13.84 15.05
CA VAL I 12 -95.68 14.36 14.22
C VAL I 12 -95.24 14.36 12.75
N GLU I 13 -96.22 14.40 11.82
CA GLU I 13 -96.00 14.49 10.38
C GLU I 13 -95.33 15.85 10.10
N GLY I 14 -94.29 15.83 9.28
CA GLY I 14 -93.53 17.03 8.93
C GLY I 14 -92.34 17.29 9.83
N ALA I 15 -92.32 16.66 11.02
CA ALA I 15 -91.23 16.80 12.01
C ALA I 15 -90.05 15.89 11.66
N ILE I 16 -89.01 15.90 12.51
CA ILE I 16 -87.82 15.06 12.34
C ILE I 16 -87.72 14.08 13.52
N VAL I 17 -87.03 12.95 13.34
CA VAL I 17 -86.88 11.96 14.41
C VAL I 17 -85.48 11.32 14.35
N GLN I 18 -84.96 10.94 15.52
CA GLN I 18 -83.64 10.32 15.68
C GLN I 18 -83.78 8.98 16.38
N ILE I 19 -83.15 7.94 15.79
CA ILE I 19 -83.14 6.58 16.33
C ILE I 19 -81.69 6.26 16.66
N ASN I 20 -81.37 6.16 17.95
CA ASN I 20 -80.02 5.88 18.42
C ASN I 20 -79.68 4.39 18.38
N CYS I 21 -78.41 4.07 18.10
N CYS I 21 -78.41 4.07 18.10
CA CYS I 21 -77.93 2.69 18.06
CA CYS I 21 -77.90 2.69 18.03
C CYS I 21 -76.51 2.62 18.63
C CYS I 21 -76.51 2.64 18.63
N THR I 22 -76.29 1.70 19.57
CA THR I 22 -75.00 1.47 20.22
C THR I 22 -74.66 0.02 20.02
N TYR I 23 -73.45 -0.24 19.51
CA TYR I 23 -73.00 -1.61 19.29
C TYR I 23 -71.90 -1.96 20.27
N GLN I 24 -71.94 -3.20 20.76
CA GLN I 24 -70.98 -3.75 21.70
C GLN I 24 -70.41 -5.01 21.07
N THR I 25 -69.37 -4.79 20.28
CA THR I 25 -68.65 -5.81 19.50
C THR I 25 -67.16 -5.43 19.43
N SER I 26 -66.29 -6.36 19.04
CA SER I 26 -64.85 -6.13 19.03
C SER I 26 -64.20 -5.87 17.65
N GLY I 27 -64.87 -6.16 16.54
CA GLY I 27 -64.24 -6.00 15.23
C GLY I 27 -64.99 -5.27 14.14
N PHE I 28 -65.72 -4.18 14.50
CA PHE I 28 -66.54 -3.32 13.62
C PHE I 28 -65.94 -3.08 12.21
N TYR I 29 -66.78 -3.29 11.18
CA TYR I 29 -66.48 -3.09 9.76
C TYR I 29 -67.51 -2.17 9.12
N GLY I 30 -68.71 -2.10 9.71
CA GLY I 30 -69.78 -1.25 9.20
C GLY I 30 -71.05 -1.23 10.02
N LEU I 31 -71.74 -0.09 9.99
CA LEU I 31 -73.03 0.14 10.64
C LEU I 31 -74.02 0.53 9.56
N SER I 32 -75.11 -0.22 9.41
CA SER I 32 -76.10 0.04 8.38
C SER I 32 -77.50 0.19 8.97
N TRP I 33 -78.43 0.73 8.17
CA TRP I 33 -79.82 0.94 8.59
C TRP I 33 -80.80 0.35 7.58
N TYR I 34 -81.80 -0.37 8.10
CA TYR I 34 -82.85 -1.02 7.32
C TYR I 34 -84.25 -0.66 7.81
N GLN I 35 -85.18 -0.46 6.87
CA GLN I 35 -86.59 -0.15 7.14
C GLN I 35 -87.43 -1.39 6.84
N GLN I 36 -88.38 -1.73 7.72
CA GLN I 36 -89.24 -2.90 7.49
C GLN I 36 -90.68 -2.61 7.86
N HIS I 37 -91.58 -2.74 6.86
CA HIS I 37 -93.01 -2.62 7.05
C HIS I 37 -93.55 -3.98 7.49
N ASP I 38 -94.65 -4.00 8.27
CA ASP I 38 -95.25 -5.23 8.82
C ASP I 38 -95.50 -6.28 7.74
N GLY I 39 -94.85 -7.43 7.90
CA GLY I 39 -94.91 -8.55 6.98
C GLY I 39 -94.25 -8.30 5.63
N GLY I 40 -93.34 -7.32 5.60
CA GLY I 40 -92.61 -6.93 4.40
C GLY I 40 -91.14 -7.28 4.39
N ALA I 41 -90.42 -6.76 3.38
CA ALA I 41 -89.00 -7.01 3.16
C ALA I 41 -88.13 -5.90 3.75
N PRO I 42 -87.10 -6.22 4.59
CA PRO I 42 -86.21 -5.16 5.09
C PRO I 42 -85.51 -4.47 3.91
N THR I 43 -85.60 -3.13 3.85
CA THR I 43 -85.05 -2.31 2.77
C THR I 43 -83.90 -1.44 3.29
N PHE I 44 -82.80 -1.39 2.54
CA PHE I 44 -81.58 -0.62 2.88
C PHE I 44 -81.82 0.89 2.82
N LEU I 45 -81.30 1.62 3.83
CA LEU I 45 -81.40 3.08 3.92
C LEU I 45 -80.03 3.74 3.74
N SER I 46 -79.05 3.44 4.63
CA SER I 46 -77.69 4.00 4.56
C SER I 46 -76.67 3.13 5.28
N TYR I 47 -75.39 3.22 4.87
CA TYR I 47 -74.26 2.46 5.41
C TYR I 47 -73.12 3.39 5.81
N ASN I 48 -72.61 3.20 7.03
CA ASN I 48 -71.47 3.93 7.58
C ASN I 48 -70.33 2.97 7.85
N ALA I 49 -69.23 3.13 7.11
CA ALA I 49 -68.02 2.35 7.29
C ALA I 49 -67.04 3.20 8.11
N LEU I 50 -66.81 4.44 7.64
CA LEU I 50 -65.96 5.42 8.30
C LEU I 50 -66.81 6.43 9.08
N ASP I 51 -66.16 7.20 9.96
CA ASP I 51 -66.77 8.22 10.81
C ASP I 51 -67.34 9.36 9.99
N GLY I 52 -68.54 9.80 10.38
CA GLY I 52 -69.21 10.92 9.72
C GLY I 52 -70.67 10.72 9.43
N LEU I 53 -71.17 11.55 8.49
CA LEU I 53 -72.58 11.56 8.07
C LEU I 53 -72.74 11.05 6.64
N GLU I 54 -73.78 10.24 6.43
CA GLU I 54 -74.20 9.69 5.15
C GLU I 54 -75.59 10.23 4.89
N GLU I 55 -75.80 10.88 3.73
CA GLU I 55 -77.09 11.51 3.43
C GLU I 55 -77.72 10.95 2.16
N THR I 56 -78.96 10.41 2.29
CA THR I 56 -79.73 9.85 1.18
C THR I 56 -81.16 10.39 1.29
N GLY I 57 -81.41 11.51 0.59
CA GLY I 57 -82.70 12.18 0.55
C GLY I 57 -83.08 12.79 1.88
N ARG I 58 -84.11 12.23 2.52
CA ARG I 58 -84.63 12.66 3.84
C ARG I 58 -83.99 11.88 4.98
N PHE I 59 -83.29 10.79 4.65
CA PHE I 59 -82.61 9.92 5.60
C PHE I 59 -81.13 10.25 5.66
N SER I 60 -80.57 10.32 6.87
CA SER I 60 -79.16 10.57 7.11
C SER I 60 -78.69 9.77 8.30
N SER I 61 -77.47 9.21 8.24
CA SER I 61 -76.97 8.42 9.35
C SER I 61 -75.57 8.83 9.77
N PHE I 62 -75.41 9.07 11.08
CA PHE I 62 -74.13 9.45 11.69
C PHE I 62 -73.48 8.22 12.29
N LEU I 63 -72.13 8.25 12.41
CA LEU I 63 -71.33 7.22 13.06
C LEU I 63 -70.09 7.80 13.72
N SER I 64 -69.86 7.36 14.96
CA SER I 64 -68.69 7.61 15.78
C SER I 64 -68.20 6.24 16.24
N ARG I 65 -67.08 5.79 15.64
CA ARG I 65 -66.48 4.49 15.90
C ARG I 65 -65.91 4.41 17.32
N SER I 66 -65.22 5.49 17.78
CA SER I 66 -64.62 5.58 19.11
C SER I 66 -65.68 5.52 20.24
N ASP I 67 -66.90 6.03 19.99
CA ASP I 67 -68.00 6.02 20.96
C ASP I 67 -68.90 4.80 20.75
N SER I 68 -68.65 3.98 19.71
CA SER I 68 -69.45 2.81 19.30
C SER I 68 -70.93 3.20 19.17
N TYR I 69 -71.16 4.43 18.66
CA TYR I 69 -72.47 5.04 18.56
C TYR I 69 -72.73 5.60 17.17
N GLY I 70 -73.96 5.42 16.73
CA GLY I 70 -74.48 5.89 15.46
C GLY I 70 -75.98 6.10 15.53
N TYR I 71 -76.51 7.03 14.72
CA TYR I 71 -77.95 7.26 14.72
C TYR I 71 -78.50 7.51 13.32
N LEU I 72 -79.80 7.25 13.16
CA LEU I 72 -80.54 7.47 11.94
C LEU I 72 -81.45 8.68 12.16
N LEU I 73 -81.34 9.67 11.27
CA LEU I 73 -82.11 10.91 11.32
C LEU I 73 -83.03 10.98 10.11
N LEU I 74 -84.36 11.02 10.37
CA LEU I 74 -85.37 11.10 9.30
C LEU I 74 -86.02 12.45 9.31
N GLN I 75 -85.91 13.18 8.20
CA GLN I 75 -86.47 14.53 8.05
C GLN I 75 -87.81 14.51 7.31
N GLU I 76 -88.61 15.59 7.48
CA GLU I 76 -89.92 15.86 6.85
C GLU I 76 -90.77 14.58 6.83
N LEU I 77 -91.09 14.07 8.03
CA LEU I 77 -91.80 12.82 8.25
C LEU I 77 -93.14 12.72 7.54
N GLN I 78 -93.35 11.56 6.93
CA GLN I 78 -94.55 11.16 6.20
C GLN I 78 -95.16 9.94 6.90
N MET I 79 -96.43 9.64 6.59
CA MET I 79 -97.15 8.50 7.16
C MET I 79 -96.54 7.17 6.72
N LYS I 80 -95.92 7.14 5.51
CA LYS I 80 -95.26 5.96 4.95
C LYS I 80 -93.96 5.60 5.70
N ASP I 81 -93.50 6.48 6.60
CA ASP I 81 -92.30 6.26 7.41
C ASP I 81 -92.63 5.43 8.66
N SER I 82 -93.93 5.21 8.96
CA SER I 82 -94.36 4.40 10.09
C SER I 82 -93.99 2.95 9.83
N ALA I 83 -92.88 2.50 10.44
CA ALA I 83 -92.32 1.16 10.27
C ALA I 83 -91.34 0.82 11.40
N SER I 84 -90.66 -0.33 11.25
CA SER I 84 -89.62 -0.79 12.16
C SER I 84 -88.28 -0.47 11.51
N TYR I 85 -87.40 0.21 12.26
CA TYR I 85 -86.09 0.60 11.75
C TYR I 85 -85.03 -0.17 12.50
N PHE I 86 -84.22 -0.92 11.75
CA PHE I 86 -83.20 -1.79 12.31
C PHE I 86 -81.80 -1.34 12.01
N CYS I 87 -80.96 -1.29 13.05
N CYS I 87 -80.97 -1.38 13.06
CA CYS I 87 -79.55 -0.98 12.84
CA CYS I 87 -79.56 -1.07 13.04
C CYS I 87 -78.80 -2.31 12.84
C CYS I 87 -78.81 -2.39 12.87
N ALA I 88 -77.90 -2.47 11.87
CA ALA I 88 -77.15 -3.70 11.64
C ALA I 88 -75.65 -3.47 11.74
N VAL I 89 -74.95 -4.38 12.42
CA VAL I 89 -73.50 -4.26 12.56
C VAL I 89 -72.79 -5.40 11.81
N ASP I 90 -71.77 -5.02 11.04
CA ASP I 90 -70.86 -5.88 10.29
C ASP I 90 -69.55 -5.91 11.07
N THR I 91 -69.04 -7.10 11.40
CA THR I 91 -67.82 -7.26 12.21
C THR I 91 -66.72 -8.00 11.43
N GLY I 92 -66.80 -7.93 10.11
CA GLY I 92 -65.89 -8.63 9.22
C GLY I 92 -66.50 -9.96 8.82
N GLY I 93 -66.37 -10.30 7.55
CA GLY I 93 -66.89 -11.55 7.03
C GLY I 93 -68.19 -11.40 6.27
N PHE I 94 -69.28 -11.91 6.85
CA PHE I 94 -70.59 -11.94 6.21
C PHE I 94 -71.74 -11.91 7.22
N LYS I 95 -71.49 -12.41 8.45
CA LYS I 95 -72.49 -12.48 9.52
C LYS I 95 -72.83 -11.08 10.04
N THR I 96 -74.05 -10.61 9.73
CA THR I 96 -74.55 -9.31 10.13
C THR I 96 -75.46 -9.50 11.33
N ILE I 97 -75.17 -8.78 12.43
CA ILE I 97 -75.96 -8.82 13.66
C ILE I 97 -76.97 -7.66 13.58
N PHE I 98 -78.26 -7.98 13.68
CA PHE I 98 -79.34 -7.00 13.63
C PHE I 98 -79.91 -6.73 15.01
N GLY I 99 -80.26 -5.47 15.25
CA GLY I 99 -80.90 -5.06 16.49
C GLY I 99 -82.34 -5.47 16.54
N ALA I 100 -82.95 -5.42 17.74
CA ALA I 100 -84.35 -5.78 17.98
C ALA I 100 -85.32 -4.94 17.13
N GLY I 101 -84.94 -3.69 16.85
CA GLY I 101 -85.72 -2.76 16.04
C GLY I 101 -86.39 -1.65 16.80
N THR I 102 -86.65 -0.54 16.10
CA THR I 102 -87.33 0.64 16.64
C THR I 102 -88.61 0.85 15.89
N ARG I 103 -89.77 0.72 16.58
CA ARG I 103 -91.05 0.96 15.92
C ARG I 103 -91.32 2.45 15.95
N LEU I 104 -91.42 3.07 14.75
CA LEU I 104 -91.71 4.49 14.63
C LEU I 104 -93.20 4.68 14.36
N PHE I 105 -93.80 5.64 15.07
CA PHE I 105 -95.21 6.02 14.92
C PHE I 105 -95.26 7.45 14.47
N VAL I 106 -95.83 7.70 13.29
CA VAL I 106 -95.98 9.05 12.75
C VAL I 106 -97.41 9.50 13.07
N LYS I 107 -97.53 10.53 13.93
CA LYS I 107 -98.80 11.10 14.33
C LYS I 107 -99.29 12.05 13.23
N ALA I 108 -100.43 11.72 12.61
CA ALA I 108 -101.03 12.49 11.51
C ALA I 108 -101.43 13.90 11.93
N ASN I 109 -101.07 14.89 11.10
CA ASN I 109 -101.40 16.29 11.33
C ASN I 109 -102.79 16.58 10.76
N ILE I 110 -103.81 16.58 11.63
CA ILE I 110 -105.19 16.83 11.24
C ILE I 110 -105.48 18.32 11.43
N GLN I 111 -105.57 19.05 10.30
CA GLN I 111 -105.84 20.49 10.22
C GLN I 111 -107.24 20.84 10.72
N ASN I 112 -108.28 20.18 10.16
CA ASN I 112 -109.66 20.42 10.53
C ASN I 112 -110.28 19.15 11.16
N PRO I 113 -110.20 18.99 12.51
CA PRO I 113 -110.78 17.81 13.14
C PRO I 113 -112.31 17.91 13.22
N ASP I 114 -113.00 16.90 12.67
CA ASP I 114 -114.46 16.82 12.66
C ASP I 114 -114.89 15.42 13.19
N PRO I 115 -114.64 15.08 14.50
CA PRO I 115 -114.98 13.74 15.00
C PRO I 115 -116.48 13.45 14.99
N ALA I 116 -116.84 12.25 14.49
CA ALA I 116 -118.22 11.76 14.37
C ALA I 116 -118.27 10.23 14.28
N VAL I 117 -119.46 9.64 14.57
CA VAL I 117 -119.71 8.19 14.51
C VAL I 117 -120.88 7.93 13.54
N TYR I 118 -120.69 7.01 12.57
CA TYR I 118 -121.69 6.66 11.55
C TYR I 118 -121.99 5.16 11.54
N GLN I 119 -123.24 4.77 11.24
CA GLN I 119 -123.69 3.37 11.18
C GLN I 119 -123.86 2.94 9.71
N LEU I 120 -123.01 2.02 9.24
CA LEU I 120 -123.00 1.53 7.87
C LEU I 120 -123.93 0.32 7.67
N ARG I 121 -124.42 0.12 6.43
CA ARG I 121 -125.33 -0.96 6.06
C ARG I 121 -124.70 -1.93 5.07
N ASP I 122 -125.02 -3.24 5.22
CA ASP I 122 -124.55 -4.35 4.39
C ASP I 122 -125.66 -4.84 3.44
N SER I 123 -125.27 -5.53 2.33
CA SER I 123 -126.17 -6.09 1.31
C SER I 123 -127.25 -7.00 1.93
N LYS I 124 -126.84 -7.85 2.90
CA LYS I 124 -127.72 -8.74 3.64
C LYS I 124 -127.38 -8.61 5.14
N SER I 125 -128.16 -7.76 5.85
CA SER I 125 -127.96 -7.48 7.28
C SER I 125 -128.47 -8.63 8.18
N SER I 126 -128.02 -9.86 7.88
CA SER I 126 -128.35 -11.08 8.62
C SER I 126 -127.12 -11.72 9.28
N ASP I 127 -126.11 -10.87 9.59
CA ASP I 127 -124.85 -11.26 10.22
C ASP I 127 -124.45 -10.31 11.37
N LYS I 128 -124.36 -8.97 11.10
CA LYS I 128 -124.00 -7.93 12.08
C LYS I 128 -124.17 -6.49 11.49
N SER I 129 -123.79 -5.46 12.28
CA SER I 129 -123.82 -4.04 11.96
C SER I 129 -122.46 -3.39 12.28
N VAL I 130 -122.01 -2.45 11.44
CA VAL I 130 -120.71 -1.79 11.60
C VAL I 130 -120.88 -0.29 11.94
N CYS I 131 -120.16 0.15 13.00
CA CYS I 131 -120.12 1.53 13.50
C CYS I 131 -118.70 2.07 13.28
N LEU I 132 -118.56 3.19 12.55
CA LEU I 132 -117.27 3.78 12.23
C LEU I 132 -117.06 5.14 12.91
N PHE I 133 -115.99 5.24 13.73
CA PHE I 133 -115.56 6.47 14.39
C PHE I 133 -114.39 7.01 13.59
N THR I 134 -114.56 8.22 13.00
CA THR I 134 -113.54 8.81 12.13
C THR I 134 -113.38 10.33 12.34
N ASP I 135 -112.37 10.92 11.64
CA ASP I 135 -111.97 12.34 11.57
C ASP I 135 -111.59 12.95 12.94
N PHE I 136 -111.25 12.10 13.93
CA PHE I 136 -110.82 12.55 15.25
C PHE I 136 -109.33 12.90 15.23
N ASP I 137 -108.86 13.66 16.25
CA ASP I 137 -107.46 14.07 16.34
C ASP I 137 -106.55 12.92 16.82
N SER I 138 -105.24 13.04 16.56
CA SER I 138 -104.21 12.04 16.91
C SER I 138 -103.98 11.88 18.42
N GLN I 139 -104.36 12.90 19.22
CA GLN I 139 -104.19 12.86 20.68
C GLN I 139 -105.21 11.95 21.37
N THR I 140 -106.29 11.58 20.65
CA THR I 140 -107.39 10.72 21.13
C THR I 140 -106.91 9.26 21.25
N ASN I 141 -107.40 8.56 22.29
CA ASN I 141 -107.09 7.16 22.60
C ASN I 141 -108.33 6.28 22.40
N VAL I 142 -108.16 5.09 21.80
CA VAL I 142 -109.25 4.15 21.54
C VAL I 142 -108.93 2.81 22.26
N SER I 143 -109.70 2.51 23.33
CA SER I 143 -109.54 1.29 24.14
C SER I 143 -110.53 0.20 23.72
N GLN I 144 -110.27 -1.05 24.13
CA GLN I 144 -111.09 -2.22 23.82
C GLN I 144 -112.43 -2.18 24.56
N SER I 145 -113.46 -2.86 24.00
CA SER I 145 -114.81 -2.92 24.54
C SER I 145 -114.92 -3.76 25.81
N LYS I 146 -115.87 -3.39 26.69
CA LYS I 146 -116.20 -4.07 27.94
C LYS I 146 -116.89 -5.41 27.61
N ASP I 147 -117.79 -5.39 26.62
CA ASP I 147 -118.54 -6.56 26.13
C ASP I 147 -117.62 -7.51 25.36
N SER I 148 -117.93 -8.81 25.41
CA SER I 148 -117.18 -9.84 24.69
C SER I 148 -117.71 -9.95 23.25
N ASP I 149 -118.96 -9.50 23.02
CA ASP I 149 -119.65 -9.52 21.73
C ASP I 149 -119.24 -8.33 20.82
N VAL I 150 -118.84 -7.19 21.42
CA VAL I 150 -118.44 -5.98 20.69
C VAL I 150 -116.93 -6.01 20.42
N TYR I 151 -116.55 -5.90 19.13
CA TYR I 151 -115.15 -5.89 18.68
C TYR I 151 -114.78 -4.51 18.16
N ILE I 152 -113.74 -3.89 18.75
CA ILE I 152 -113.29 -2.56 18.34
C ILE I 152 -111.84 -2.62 17.84
N THR I 153 -111.62 -2.23 16.57
CA THR I 153 -110.30 -2.19 15.93
C THR I 153 -109.54 -0.96 16.43
N ASP I 154 -108.20 -0.99 16.34
CA ASP I 154 -107.37 0.15 16.70
C ASP I 154 -107.42 1.19 15.56
N LYS I 155 -107.12 2.46 15.87
CA LYS I 155 -107.14 3.53 14.87
C LYS I 155 -106.04 3.36 13.83
N CYS I 156 -106.34 3.72 12.57
CA CYS I 156 -105.40 3.68 11.45
C CYS I 156 -105.60 4.92 10.58
N VAL I 157 -104.52 5.42 9.95
CA VAL I 157 -104.55 6.65 9.15
C VAL I 157 -104.60 6.35 7.65
N LEU I 158 -105.65 6.86 6.98
CA LEU I 158 -105.84 6.76 5.52
C LEU I 158 -105.42 8.06 4.86
N ASP I 159 -104.81 7.99 3.68
CA ASP I 159 -104.36 9.19 2.97
C ASP I 159 -104.95 9.27 1.57
N MET I 160 -105.69 10.35 1.31
CA MET I 160 -106.29 10.66 0.01
C MET I 160 -105.33 11.60 -0.70
N ARG I 161 -104.33 11.02 -1.38
CA ARG I 161 -103.25 11.71 -2.10
C ARG I 161 -103.74 12.83 -3.04
N SER I 162 -104.89 12.63 -3.68
CA SER I 162 -105.49 13.59 -4.61
C SER I 162 -106.16 14.77 -3.88
N MET I 163 -107.03 14.50 -2.90
CA MET I 163 -107.74 15.54 -2.14
C MET I 163 -106.86 16.18 -1.05
N ASP I 164 -105.67 15.60 -0.80
CA ASP I 164 -104.66 16.01 0.19
C ASP I 164 -105.28 16.04 1.62
N PHE I 165 -106.11 15.03 1.92
CA PHE I 165 -106.80 14.88 3.19
C PHE I 165 -106.44 13.54 3.86
N LYS I 166 -106.23 13.59 5.19
CA LYS I 166 -105.89 12.43 6.03
C LYS I 166 -106.88 12.31 7.18
N SER I 167 -107.23 11.07 7.58
CA SER I 167 -108.16 10.85 8.69
C SER I 167 -107.90 9.54 9.43
N ASN I 168 -108.02 9.57 10.76
CA ASN I 168 -107.89 8.41 11.64
C ASN I 168 -109.22 7.67 11.64
N SER I 169 -109.23 6.34 11.81
CA SER I 169 -110.48 5.58 11.78
C SER I 169 -110.47 4.34 12.70
N ALA I 170 -111.51 4.25 13.55
CA ALA I 170 -111.75 3.14 14.47
C ALA I 170 -113.10 2.48 14.15
N VAL I 171 -113.08 1.17 13.86
CA VAL I 171 -114.27 0.40 13.47
C VAL I 171 -114.75 -0.47 14.66
N ALA I 172 -116.08 -0.58 14.82
CA ALA I 172 -116.74 -1.37 15.87
C ALA I 172 -117.89 -2.19 15.29
N TRP I 173 -118.04 -3.46 15.73
CA TRP I 173 -119.13 -4.33 15.26
C TRP I 173 -119.53 -5.40 16.29
N SER I 174 -120.80 -5.87 16.19
CA SER I 174 -121.42 -6.89 17.03
C SER I 174 -122.68 -7.46 16.34
N ASN I 175 -122.90 -8.78 16.49
CA ASN I 175 -124.02 -9.51 15.88
C ASN I 175 -125.36 -9.24 16.58
N LYS I 176 -125.33 -8.97 17.91
CA LYS I 176 -126.52 -8.73 18.72
C LYS I 176 -127.22 -7.41 18.35
N SER I 177 -128.57 -7.42 18.36
CA SER I 177 -129.44 -6.29 18.06
C SER I 177 -129.32 -5.17 19.12
N ASP I 178 -128.77 -5.51 20.31
CA ASP I 178 -128.52 -4.64 21.45
C ASP I 178 -127.47 -3.55 21.11
N PHE I 179 -126.56 -3.86 20.17
CA PHE I 179 -125.49 -2.96 19.74
C PHE I 179 -126.00 -1.82 18.86
N ALA I 180 -125.52 -0.59 19.13
CA ALA I 180 -125.85 0.66 18.43
C ALA I 180 -124.67 1.64 18.51
N CYS I 181 -124.77 2.80 17.81
CA CYS I 181 -123.74 3.85 17.77
C CYS I 181 -123.55 4.56 19.10
N ALA I 182 -124.65 4.80 19.85
CA ALA I 182 -124.67 5.52 21.12
C ALA I 182 -123.78 4.86 22.21
N ASN I 183 -123.95 3.54 22.42
CA ASN I 183 -123.22 2.75 23.41
C ASN I 183 -121.89 2.15 22.91
N ALA I 184 -121.67 2.15 21.58
CA ALA I 184 -120.55 1.59 20.84
C ALA I 184 -119.16 1.78 21.49
N PHE I 185 -118.82 3.01 21.93
CA PHE I 185 -117.49 3.28 22.48
C PHE I 185 -117.49 3.62 23.96
N ASN I 186 -116.54 3.03 24.70
CA ASN I 186 -116.31 3.20 26.13
C ASN I 186 -114.84 3.64 26.33
N ASN I 187 -114.52 4.83 25.81
CA ASN I 187 -113.18 5.44 25.85
C ASN I 187 -113.29 6.98 25.83
N SER I 188 -112.15 7.67 26.07
CA SER I 188 -112.08 9.13 26.11
C SER I 188 -112.29 9.75 24.71
N ILE I 189 -113.56 9.87 24.31
CA ILE I 189 -113.97 10.45 23.02
C ILE I 189 -114.13 11.96 23.17
N ILE I 190 -114.12 12.69 22.04
CA ILE I 190 -114.28 14.15 22.01
C ILE I 190 -115.79 14.48 22.21
N PRO I 191 -116.14 15.44 23.10
CA PRO I 191 -117.57 15.73 23.35
C PRO I 191 -118.37 16.30 22.16
N GLU I 192 -117.70 16.79 21.10
CA GLU I 192 -118.40 17.34 19.92
C GLU I 192 -118.56 16.27 18.81
N ASP I 193 -118.82 15.00 19.21
CA ASP I 193 -119.03 13.87 18.31
C ASP I 193 -120.43 13.96 17.70
N THR I 194 -120.52 13.84 16.36
CA THR I 194 -121.79 13.95 15.63
C THR I 194 -122.43 12.57 15.38
N PHE I 195 -123.48 12.26 16.15
CA PHE I 195 -124.30 11.05 16.05
C PHE I 195 -125.64 11.41 15.44
N PHE I 196 -126.29 10.47 14.71
CA PHE I 196 -127.61 10.72 14.12
C PHE I 196 -128.42 9.42 13.93
N PRO I 197 -129.54 9.23 14.66
CA PRO I 197 -130.33 8.01 14.49
C PRO I 197 -131.46 8.17 13.45
N GLY J 1 -85.91 -7.49 -8.07
CA GLY J 1 -85.94 -7.69 -6.62
C GLY J 1 -85.88 -9.14 -6.20
N VAL J 2 -85.52 -9.38 -4.94
CA VAL J 2 -85.43 -10.73 -4.38
C VAL J 2 -86.86 -11.24 -4.13
N SER J 3 -87.20 -12.39 -4.74
CA SER J 3 -88.52 -13.00 -4.61
C SER J 3 -88.45 -14.28 -3.78
N GLN J 4 -89.49 -14.53 -2.97
CA GLN J 4 -89.61 -15.70 -2.12
C GLN J 4 -91.00 -16.31 -2.21
N SER J 5 -91.06 -17.65 -2.15
CA SER J 5 -92.30 -18.41 -2.22
C SER J 5 -92.24 -19.63 -1.29
N PRO J 6 -93.31 -19.92 -0.51
CA PRO J 6 -94.58 -19.19 -0.42
C PRO J 6 -94.50 -17.99 0.55
N ARG J 7 -95.44 -17.03 0.43
CA ARG J 7 -95.50 -15.86 1.31
C ARG J 7 -95.84 -16.32 2.74
N TYR J 8 -96.80 -17.25 2.85
CA TYR J 8 -97.25 -17.85 4.10
C TYR J 8 -97.26 -19.36 3.96
N LYS J 9 -96.97 -20.07 5.06
CA LYS J 9 -96.98 -21.51 5.08
C LYS J 9 -97.43 -22.01 6.43
N VAL J 10 -98.46 -22.86 6.43
CA VAL J 10 -98.98 -23.51 7.63
C VAL J 10 -98.71 -25.00 7.47
N ALA J 11 -98.07 -25.60 8.49
CA ALA J 11 -97.67 -26.99 8.45
C ALA J 11 -97.98 -27.73 9.75
N LYS J 12 -98.09 -29.06 9.65
CA LYS J 12 -98.33 -29.98 10.75
C LYS J 12 -96.99 -30.50 11.25
N ARG J 13 -96.82 -30.61 12.58
CA ARG J 13 -95.60 -31.11 13.24
C ARG J 13 -95.23 -32.49 12.66
N GLY J 14 -94.01 -32.58 12.13
CA GLY J 14 -93.49 -33.79 11.51
C GLY J 14 -93.36 -33.70 10.01
N GLN J 15 -94.05 -32.75 9.37
CA GLN J 15 -93.99 -32.53 7.91
C GLN J 15 -92.68 -31.92 7.47
N ASP J 16 -92.32 -32.14 6.19
CA ASP J 16 -91.16 -31.52 5.56
C ASP J 16 -91.64 -30.25 4.88
N VAL J 17 -90.96 -29.13 5.13
CA VAL J 17 -91.35 -27.83 4.56
C VAL J 17 -90.23 -27.31 3.66
N ALA J 18 -90.59 -26.90 2.44
CA ALA J 18 -89.66 -26.37 1.45
C ALA J 18 -89.87 -24.88 1.22
N LEU J 19 -88.79 -24.10 1.38
CA LEU J 19 -88.79 -22.65 1.18
C LEU J 19 -87.91 -22.32 -0.01
N ARG J 20 -88.40 -21.49 -0.94
CA ARG J 20 -87.67 -21.11 -2.15
C ARG J 20 -87.33 -19.62 -2.15
N CYS J 21 -86.11 -19.30 -2.63
CA CYS J 21 -85.58 -17.94 -2.73
C CYS J 21 -84.94 -17.73 -4.09
N ASP J 22 -85.36 -16.66 -4.79
CA ASP J 22 -84.82 -16.26 -6.09
C ASP J 22 -84.17 -14.89 -5.93
N PRO J 23 -82.83 -14.83 -5.79
CA PRO J 23 -82.16 -13.53 -5.60
C PRO J 23 -82.04 -12.74 -6.90
N ILE J 24 -81.42 -11.55 -6.84
CA ILE J 24 -81.19 -10.69 -7.99
C ILE J 24 -80.11 -11.38 -8.85
N SER J 25 -80.31 -11.40 -10.18
CA SER J 25 -79.41 -12.01 -11.15
C SER J 25 -78.00 -11.43 -11.03
N GLY J 26 -77.02 -12.33 -11.01
CA GLY J 26 -75.61 -11.97 -10.92
C GLY J 26 -75.05 -11.77 -9.52
N HIS J 27 -75.93 -11.65 -8.50
CA HIS J 27 -75.55 -11.46 -7.10
C HIS J 27 -74.80 -12.70 -6.60
N VAL J 28 -73.51 -12.50 -6.29
CA VAL J 28 -72.58 -13.53 -5.84
C VAL J 28 -72.99 -14.06 -4.46
N SER J 29 -73.35 -13.16 -3.53
CA SER J 29 -73.70 -13.51 -2.15
C SER J 29 -75.17 -13.80 -1.92
N LEU J 30 -75.46 -14.75 -1.02
CA LEU J 30 -76.81 -15.11 -0.60
C LEU J 30 -76.80 -15.44 0.88
N PHE J 31 -77.80 -14.92 1.60
CA PHE J 31 -77.98 -15.12 3.03
C PHE J 31 -79.37 -15.61 3.33
N TRP J 32 -79.49 -16.48 4.34
CA TRP J 32 -80.76 -16.94 4.88
C TRP J 32 -80.82 -16.45 6.32
N TYR J 33 -81.91 -15.79 6.68
CA TYR J 33 -82.17 -15.25 8.01
C TYR J 33 -83.49 -15.77 8.56
N GLN J 34 -83.56 -15.87 9.89
CA GLN J 34 -84.76 -16.23 10.64
C GLN J 34 -85.24 -14.97 11.32
N GLN J 35 -86.56 -14.77 11.49
CA GLN J 35 -87.03 -13.56 12.16
C GLN J 35 -88.20 -13.87 13.08
N ALA J 36 -87.93 -13.81 14.39
CA ALA J 36 -88.93 -13.99 15.44
C ALA J 36 -89.67 -12.69 15.66
N LEU J 37 -90.96 -12.77 16.05
CA LEU J 37 -91.82 -11.61 16.28
C LEU J 37 -91.23 -10.64 17.30
N GLY J 38 -91.16 -9.36 16.92
CA GLY J 38 -90.62 -8.28 17.73
C GLY J 38 -89.11 -8.24 17.81
N GLN J 39 -88.42 -8.92 16.87
CA GLN J 39 -86.95 -8.99 16.81
C GLN J 39 -86.44 -8.80 15.39
N GLY J 40 -85.14 -8.55 15.27
CA GLY J 40 -84.46 -8.38 13.99
C GLY J 40 -84.07 -9.71 13.37
N PRO J 41 -83.69 -9.73 12.07
CA PRO J 41 -83.30 -11.01 11.45
C PRO J 41 -82.02 -11.59 12.06
N GLU J 42 -82.02 -12.91 12.28
N GLU J 42 -82.01 -12.92 12.28
CA GLU J 42 -80.90 -13.67 12.85
CA GLU J 42 -80.88 -13.66 12.83
C GLU J 42 -80.34 -14.63 11.78
C GLU J 42 -80.34 -14.61 11.77
N PHE J 43 -79.04 -14.48 11.46
CA PHE J 43 -78.29 -15.25 10.44
C PHE J 43 -78.40 -16.75 10.63
N LEU J 44 -78.61 -17.47 9.50
CA LEU J 44 -78.69 -18.92 9.46
C LEU J 44 -77.51 -19.50 8.68
N THR J 45 -77.41 -19.16 7.38
CA THR J 45 -76.37 -19.67 6.50
C THR J 45 -75.97 -18.64 5.42
N TYR J 46 -74.77 -18.80 4.85
CA TYR J 46 -74.22 -17.93 3.81
C TYR J 46 -73.70 -18.71 2.61
N PHE J 47 -74.02 -18.21 1.42
CA PHE J 47 -73.60 -18.78 0.13
C PHE J 47 -72.88 -17.75 -0.70
N GLN J 48 -71.80 -18.18 -1.35
CA GLN J 48 -71.04 -17.40 -2.31
C GLN J 48 -71.01 -18.26 -3.54
N ASN J 49 -71.84 -17.88 -4.53
CA ASN J 49 -72.15 -18.65 -5.73
C ASN J 49 -72.90 -19.91 -5.25
N GLU J 50 -72.41 -21.12 -5.59
CA GLU J 50 -73.07 -22.37 -5.18
C GLU J 50 -72.51 -22.93 -3.85
N ALA J 51 -71.36 -22.40 -3.38
CA ALA J 51 -70.67 -22.88 -2.18
C ALA J 51 -71.27 -22.34 -0.88
N GLN J 52 -71.68 -23.26 0.02
CA GLN J 52 -72.18 -22.92 1.36
C GLN J 52 -70.95 -22.65 2.22
N LEU J 53 -70.60 -21.37 2.39
CA LEU J 53 -69.41 -20.97 3.12
C LEU J 53 -69.56 -21.11 4.63
N ASP J 54 -70.79 -20.93 5.16
CA ASP J 54 -71.06 -21.02 6.60
C ASP J 54 -72.49 -21.44 6.85
N LYS J 55 -72.71 -22.24 7.91
CA LYS J 55 -74.03 -22.71 8.31
C LYS J 55 -74.14 -22.78 9.87
N SER J 56 -73.34 -21.95 10.58
CA SER J 56 -73.28 -21.86 12.04
C SER J 56 -74.59 -21.36 12.68
N GLY J 57 -75.32 -20.51 11.97
CA GLY J 57 -76.57 -19.94 12.43
C GLY J 57 -77.77 -20.86 12.37
N LEU J 58 -77.66 -22.00 11.63
CA LEU J 58 -78.73 -22.99 11.50
C LEU J 58 -79.03 -23.62 12.86
N PRO J 59 -80.32 -23.72 13.26
CA PRO J 59 -80.64 -24.27 14.59
C PRO J 59 -80.40 -25.78 14.70
N SER J 60 -80.54 -26.53 13.59
CA SER J 60 -80.40 -27.99 13.58
C SER J 60 -79.98 -28.54 12.21
N ASP J 61 -79.56 -29.83 12.19
CA ASP J 61 -79.19 -30.61 11.00
C ASP J 61 -80.42 -30.78 10.08
N ARG J 62 -81.64 -30.61 10.66
CA ARG J 62 -82.94 -30.69 10.00
C ARG J 62 -83.09 -29.57 8.95
N PHE J 63 -82.42 -28.42 9.17
CA PHE J 63 -82.41 -27.26 8.28
C PHE J 63 -81.34 -27.50 7.22
N PHE J 64 -81.78 -27.71 5.98
CA PHE J 64 -80.91 -28.03 4.86
C PHE J 64 -81.06 -26.99 3.74
N ALA J 65 -79.97 -26.24 3.49
CA ALA J 65 -79.94 -25.19 2.47
C ALA J 65 -79.04 -25.56 1.30
N GLU J 66 -79.51 -25.22 0.09
CA GLU J 66 -78.81 -25.45 -1.18
C GLU J 66 -79.00 -24.28 -2.12
N ARG J 67 -78.05 -24.14 -3.05
CA ARG J 67 -77.98 -23.18 -4.15
C ARG J 67 -77.12 -23.90 -5.19
N PRO J 68 -77.67 -24.88 -5.94
CA PRO J 68 -76.79 -25.70 -6.80
C PRO J 68 -76.24 -25.00 -8.05
N GLU J 69 -77.00 -24.07 -8.63
CA GLU J 69 -76.58 -23.37 -9.86
C GLU J 69 -76.02 -21.97 -9.56
N GLY J 70 -75.90 -21.63 -8.28
CA GLY J 70 -75.39 -20.33 -7.83
C GLY J 70 -76.36 -19.19 -8.03
N SER J 71 -77.66 -19.51 -8.17
CA SER J 71 -78.73 -18.55 -8.35
C SER J 71 -79.90 -18.71 -7.35
N VAL J 72 -80.83 -19.65 -7.62
CA VAL J 72 -82.00 -19.94 -6.78
C VAL J 72 -81.50 -20.78 -5.59
N SER J 73 -81.97 -20.44 -4.38
CA SER J 73 -81.64 -21.15 -3.15
C SER J 73 -82.89 -21.69 -2.48
N THR J 74 -82.80 -22.92 -1.96
CA THR J 74 -83.90 -23.57 -1.24
C THR J 74 -83.49 -23.90 0.18
N LEU J 75 -84.40 -23.64 1.13
CA LEU J 75 -84.20 -23.98 2.54
C LEU J 75 -85.27 -25.01 2.90
N LYS J 76 -84.83 -26.25 3.13
CA LYS J 76 -85.72 -27.35 3.47
C LYS J 76 -85.62 -27.70 4.94
N ILE J 77 -86.78 -27.83 5.61
CA ILE J 77 -86.82 -28.18 7.03
C ILE J 77 -87.42 -29.57 7.15
N GLN J 78 -86.62 -30.52 7.67
CA GLN J 78 -87.01 -31.90 7.91
C GLN J 78 -87.69 -31.97 9.27
N ARG J 79 -88.77 -32.78 9.38
CA ARG J 79 -89.55 -32.99 10.62
C ARG J 79 -89.81 -31.68 11.37
N THR J 80 -90.60 -30.77 10.79
CA THR J 80 -90.90 -29.46 11.37
C THR J 80 -91.45 -29.57 12.78
N GLN J 81 -90.83 -28.81 13.70
CA GLN J 81 -91.25 -28.72 15.10
C GLN J 81 -91.93 -27.37 15.31
N GLN J 82 -92.68 -27.20 16.41
CA GLN J 82 -93.42 -25.97 16.73
C GLN J 82 -92.51 -24.73 16.83
N GLU J 83 -91.30 -24.89 17.39
CA GLU J 83 -90.32 -23.81 17.57
C GLU J 83 -89.76 -23.28 16.22
N ASP J 84 -89.99 -24.01 15.10
CA ASP J 84 -89.56 -23.62 13.76
C ASP J 84 -90.46 -22.51 13.17
N SER J 85 -91.54 -22.15 13.89
CA SER J 85 -92.47 -21.11 13.47
C SER J 85 -91.80 -19.73 13.61
N ALA J 86 -91.52 -19.11 12.45
CA ALA J 86 -90.87 -17.80 12.30
C ALA J 86 -90.97 -17.30 10.86
N VAL J 87 -90.42 -16.11 10.57
CA VAL J 87 -90.39 -15.53 9.23
C VAL J 87 -88.99 -15.80 8.68
N TYR J 88 -88.91 -16.59 7.61
CA TYR J 88 -87.62 -16.92 7.02
C TYR J 88 -87.34 -16.01 5.85
N LEU J 89 -86.41 -15.08 6.05
CA LEU J 89 -86.01 -14.08 5.07
C LEU J 89 -84.77 -14.52 4.34
N CYS J 90 -84.70 -14.22 3.04
N CYS J 90 -84.70 -14.21 3.04
CA CYS J 90 -83.52 -14.49 2.25
CA CYS J 90 -83.56 -14.51 2.17
C CYS J 90 -83.03 -13.16 1.68
C CYS J 90 -83.04 -13.21 1.55
N ALA J 91 -81.71 -13.00 1.59
CA ALA J 91 -81.09 -11.78 1.09
C ALA J 91 -79.97 -12.09 0.12
N SER J 92 -79.47 -11.06 -0.58
CA SER J 92 -78.37 -11.17 -1.52
C SER J 92 -77.58 -9.87 -1.59
N SER J 93 -76.31 -9.99 -1.99
CA SER J 93 -75.38 -8.89 -2.18
C SER J 93 -74.70 -9.07 -3.53
N PRO J 94 -74.37 -7.98 -4.27
CA PRO J 94 -73.80 -8.15 -5.61
C PRO J 94 -72.43 -8.86 -5.69
N THR J 95 -71.43 -8.41 -4.89
CA THR J 95 -70.07 -8.93 -5.03
C THR J 95 -69.37 -9.49 -3.75
N GLY J 96 -70.12 -9.71 -2.68
CA GLY J 96 -69.53 -10.26 -1.46
C GLY J 96 -70.16 -9.79 -0.17
N GLY J 97 -69.49 -10.09 0.94
CA GLY J 97 -69.93 -9.72 2.28
C GLY J 97 -69.60 -8.29 2.65
N GLN J 98 -70.19 -7.82 3.77
CA GLN J 98 -70.02 -6.47 4.37
C GLN J 98 -70.53 -5.38 3.43
N GLU J 99 -71.57 -5.70 2.65
CA GLU J 99 -72.17 -4.81 1.64
C GLU J 99 -73.66 -4.60 1.88
N THR J 100 -74.31 -3.81 1.01
CA THR J 100 -75.76 -3.56 1.00
C THR J 100 -76.47 -4.88 0.70
N GLN J 101 -77.43 -5.24 1.55
CA GLN J 101 -78.17 -6.49 1.36
C GLN J 101 -79.55 -6.20 0.81
N TYR J 102 -79.95 -7.00 -0.18
CA TYR J 102 -81.25 -6.90 -0.83
C TYR J 102 -82.06 -8.09 -0.38
N PHE J 103 -83.15 -7.82 0.34
CA PHE J 103 -84.00 -8.84 0.95
C PHE J 103 -85.25 -9.18 0.15
N GLY J 104 -85.78 -10.37 0.43
CA GLY J 104 -87.01 -10.90 -0.14
C GLY J 104 -88.17 -10.61 0.81
N PRO J 105 -89.44 -10.85 0.40
CA PRO J 105 -90.57 -10.56 1.31
C PRO J 105 -90.70 -11.53 2.48
N GLY J 106 -89.90 -12.61 2.46
CA GLY J 106 -89.88 -13.62 3.51
C GLY J 106 -91.00 -14.63 3.44
N THR J 107 -90.84 -15.74 4.19
CA THR J 107 -91.85 -16.79 4.30
C THR J 107 -92.29 -16.88 5.76
N ARG J 108 -93.56 -16.56 6.02
CA ARG J 108 -94.11 -16.67 7.36
C ARG J 108 -94.51 -18.13 7.58
N LEU J 109 -93.73 -18.85 8.39
CA LEU J 109 -93.99 -20.25 8.66
C LEU J 109 -94.61 -20.42 10.04
N LEU J 110 -95.70 -21.21 10.10
CA LEU J 110 -96.39 -21.56 11.32
C LEU J 110 -96.57 -23.06 11.37
N VAL J 111 -95.95 -23.70 12.37
CA VAL J 111 -96.01 -25.14 12.55
C VAL J 111 -96.92 -25.43 13.75
N LEU J 112 -97.97 -26.21 13.51
CA LEU J 112 -98.98 -26.58 14.52
C LEU J 112 -98.95 -28.08 14.78
N GLU J 113 -99.53 -28.54 15.91
CA GLU J 113 -99.60 -29.97 16.25
C GLU J 113 -100.49 -30.72 15.26
N ASP J 114 -101.62 -30.08 14.85
CA ASP J 114 -102.56 -30.59 13.86
C ASP J 114 -103.16 -29.41 13.08
N LEU J 115 -103.89 -29.70 12.00
CA LEU J 115 -104.51 -28.68 11.15
C LEU J 115 -106.05 -28.79 11.19
N LYS J 116 -106.61 -29.15 12.36
CA LYS J 116 -108.06 -29.32 12.52
C LYS J 116 -108.76 -27.96 12.79
N ASN J 117 -107.99 -26.92 13.17
CA ASN J 117 -108.52 -25.61 13.53
C ASN J 117 -108.32 -24.53 12.45
N VAL J 118 -107.81 -24.89 11.27
CA VAL J 118 -107.61 -23.93 10.18
C VAL J 118 -108.95 -23.64 9.49
N PHE J 119 -109.22 -22.34 9.23
CA PHE J 119 -110.47 -21.90 8.62
C PHE J 119 -110.26 -20.75 7.63
N PRO J 120 -110.99 -20.73 6.48
CA PRO J 120 -110.86 -19.59 5.56
C PRO J 120 -111.66 -18.38 6.09
N PRO J 121 -111.53 -17.15 5.54
CA PRO J 121 -112.28 -16.02 6.11
C PRO J 121 -113.70 -15.88 5.55
N GLU J 122 -114.45 -14.95 6.16
CA GLU J 122 -115.79 -14.52 5.77
C GLU J 122 -115.69 -13.04 5.44
N VAL J 123 -115.89 -12.68 4.16
CA VAL J 123 -115.74 -11.29 3.72
C VAL J 123 -117.09 -10.67 3.36
N ALA J 124 -117.38 -9.52 3.98
CA ALA J 124 -118.59 -8.73 3.78
C ALA J 124 -118.25 -7.24 3.72
N VAL J 125 -118.80 -6.52 2.72
CA VAL J 125 -118.57 -5.09 2.53
C VAL J 125 -119.71 -4.27 3.14
N PHE J 126 -119.37 -3.19 3.83
CA PHE J 126 -120.33 -2.32 4.49
C PHE J 126 -120.34 -0.94 3.81
N GLU J 127 -121.39 -0.71 2.98
CA GLU J 127 -121.63 0.50 2.19
C GLU J 127 -121.71 1.76 3.09
N PRO J 128 -121.16 2.93 2.65
CA PRO J 128 -121.15 4.11 3.53
C PRO J 128 -122.52 4.67 3.92
N SER J 129 -122.53 5.43 5.03
CA SER J 129 -123.71 6.10 5.57
C SER J 129 -124.03 7.35 4.77
N GLU J 130 -125.33 7.67 4.63
CA GLU J 130 -125.77 8.89 3.97
C GLU J 130 -125.42 10.08 4.85
N ALA J 131 -125.41 9.86 6.19
CA ALA J 131 -125.04 10.80 7.24
C ALA J 131 -123.58 11.24 7.10
N GLU J 132 -122.72 10.32 6.58
CA GLU J 132 -121.29 10.59 6.34
C GLU J 132 -121.12 11.50 5.13
N ILE J 133 -121.80 11.19 4.00
CA ILE J 133 -121.80 11.95 2.76
C ILE J 133 -122.35 13.37 3.02
N SER J 134 -123.43 13.45 3.81
CA SER J 134 -124.10 14.70 4.17
C SER J 134 -123.21 15.61 5.02
N HIS J 135 -122.51 15.05 6.02
CA HIS J 135 -121.68 15.78 6.97
C HIS J 135 -120.25 16.08 6.48
N THR J 136 -119.54 15.08 5.89
CA THR J 136 -118.14 15.27 5.49
C THR J 136 -117.91 15.46 3.98
N GLN J 137 -118.93 15.16 3.12
CA GLN J 137 -118.87 15.26 1.65
C GLN J 137 -117.86 14.23 1.09
N LYS J 138 -117.71 13.09 1.77
CA LYS J 138 -116.82 11.96 1.46
C LYS J 138 -117.53 10.64 1.77
N ALA J 139 -116.98 9.51 1.29
CA ALA J 139 -117.57 8.19 1.52
C ALA J 139 -116.53 7.19 1.99
N THR J 140 -116.79 6.52 3.13
CA THR J 140 -115.87 5.52 3.70
C THR J 140 -116.54 4.14 3.73
N LEU J 141 -116.07 3.25 2.83
CA LEU J 141 -116.49 1.85 2.75
C LEU J 141 -115.68 1.07 3.78
N VAL J 142 -116.28 0.09 4.46
CA VAL J 142 -115.56 -0.70 5.47
C VAL J 142 -115.70 -2.18 5.12
N CYS J 143 -114.56 -2.89 5.13
CA CYS J 143 -114.49 -4.32 4.86
C CYS J 143 -114.28 -5.09 6.14
N LEU J 144 -114.77 -6.34 6.19
CA LEU J 144 -114.61 -7.17 7.37
C LEU J 144 -114.32 -8.63 7.01
N ALA J 145 -113.09 -9.06 7.32
CA ALA J 145 -112.63 -10.43 7.15
C ALA J 145 -112.69 -11.08 8.53
N THR J 146 -113.56 -12.10 8.71
CA THR J 146 -113.78 -12.73 10.00
C THR J 146 -113.67 -14.25 9.98
N GLY J 147 -113.42 -14.82 11.16
CA GLY J 147 -113.33 -16.25 11.41
C GLY J 147 -112.29 -16.99 10.59
N PHE J 148 -111.09 -16.41 10.46
CA PHE J 148 -110.02 -17.06 9.70
C PHE J 148 -108.88 -17.50 10.59
N TYR J 149 -108.33 -18.68 10.29
CA TYR J 149 -107.18 -19.24 11.00
C TYR J 149 -106.28 -19.97 9.98
N PRO J 150 -104.96 -19.69 9.98
CA PRO J 150 -104.21 -18.78 10.87
C PRO J 150 -104.23 -17.33 10.38
N ASP J 151 -103.38 -16.47 11.00
CA ASP J 151 -103.19 -15.07 10.65
C ASP J 151 -102.33 -14.99 9.36
N HIS J 152 -102.82 -15.64 8.28
CA HIS J 152 -102.16 -15.73 6.98
C HIS J 152 -103.10 -15.23 5.88
N VAL J 153 -103.32 -13.89 5.84
CA VAL J 153 -104.22 -13.27 4.87
C VAL J 153 -103.60 -12.00 4.24
N GLU J 154 -104.07 -11.64 3.05
CA GLU J 154 -103.68 -10.44 2.31
C GLU J 154 -104.94 -9.74 1.80
N LEU J 155 -105.32 -8.63 2.45
CA LEU J 155 -106.51 -7.86 2.10
C LEU J 155 -106.15 -6.81 1.05
N SER J 156 -106.92 -6.79 -0.05
CA SER J 156 -106.76 -5.86 -1.16
C SER J 156 -108.10 -5.26 -1.58
N TRP J 157 -108.06 -4.00 -2.03
CA TRP J 157 -109.25 -3.28 -2.51
C TRP J 157 -109.14 -3.09 -4.01
N TRP J 158 -110.13 -3.63 -4.75
CA TRP J 158 -110.19 -3.55 -6.21
C TRP J 158 -111.37 -2.68 -6.66
N VAL J 159 -111.06 -1.48 -7.19
CA VAL J 159 -112.07 -0.53 -7.65
C VAL J 159 -112.03 -0.48 -9.18
N ASN J 160 -113.14 -0.91 -9.81
CA ASN J 160 -113.37 -0.98 -11.26
C ASN J 160 -112.28 -1.80 -11.98
N GLY J 161 -111.94 -2.95 -11.38
CA GLY J 161 -110.95 -3.88 -11.91
C GLY J 161 -109.48 -3.56 -11.68
N LYS J 162 -109.18 -2.39 -11.08
CA LYS J 162 -107.80 -1.95 -10.81
C LYS J 162 -107.62 -1.70 -9.31
N GLU J 163 -106.56 -2.30 -8.72
CA GLU J 163 -106.26 -2.24 -7.29
C GLU J 163 -105.90 -0.80 -6.83
N VAL J 164 -106.65 -0.30 -5.84
CA VAL J 164 -106.45 1.05 -5.26
C VAL J 164 -105.53 0.97 -4.04
N HIS J 165 -104.80 2.07 -3.81
CA HIS J 165 -103.88 2.22 -2.68
C HIS J 165 -104.11 3.56 -1.96
N SER J 166 -104.74 4.52 -2.65
CA SER J 166 -105.08 5.84 -2.11
C SER J 166 -106.41 5.77 -1.37
N GLY J 167 -106.44 6.32 -0.15
CA GLY J 167 -107.62 6.34 0.71
C GLY J 167 -107.97 5.00 1.33
N VAL J 168 -107.06 4.00 1.20
CA VAL J 168 -107.19 2.64 1.72
C VAL J 168 -106.44 2.53 3.05
N CYS J 169 -107.06 1.91 4.07
N CYS J 169 -107.06 1.91 4.07
CA CYS J 169 -106.41 1.73 5.37
CA CYS J 169 -106.41 1.73 5.37
C CYS J 169 -106.84 0.41 6.03
C CYS J 169 -106.84 0.41 6.03
N THR J 170 -105.96 -0.61 5.91
CA THR J 170 -106.17 -1.94 6.50
C THR J 170 -105.54 -1.91 7.89
N ASP J 171 -106.01 -2.79 8.80
CA ASP J 171 -105.46 -2.88 10.16
C ASP J 171 -104.03 -3.45 10.12
N PRO J 172 -103.08 -2.89 10.91
CA PRO J 172 -101.70 -3.42 10.88
C PRO J 172 -101.63 -4.85 11.42
N GLN J 173 -102.44 -5.15 12.45
CA GLN J 173 -102.52 -6.47 13.07
C GLN J 173 -103.97 -6.89 13.30
N PRO J 174 -104.36 -8.14 12.99
CA PRO J 174 -105.75 -8.56 13.22
C PRO J 174 -106.01 -8.86 14.69
N LEU J 175 -107.29 -8.80 15.09
CA LEU J 175 -107.70 -9.07 16.46
C LEU J 175 -108.19 -10.52 16.60
N LYS J 176 -108.04 -11.08 17.81
CA LYS J 176 -108.50 -12.43 18.12
C LYS J 176 -109.98 -12.34 18.51
N GLU J 177 -110.86 -13.09 17.81
CA GLU J 177 -112.31 -13.10 18.08
C GLU J 177 -112.58 -13.53 19.53
N GLN J 178 -111.87 -14.58 19.98
CA GLN J 178 -111.93 -15.11 21.34
C GLN J 178 -110.55 -14.83 21.98
N PRO J 179 -110.28 -13.62 22.52
CA PRO J 179 -108.92 -13.32 23.04
C PRO J 179 -108.37 -14.23 24.13
N ALA J 180 -109.24 -15.02 24.79
CA ALA J 180 -108.86 -15.94 25.85
C ALA J 180 -108.36 -17.29 25.30
N LEU J 181 -109.03 -17.82 24.25
CA LEU J 181 -108.75 -19.11 23.61
C LEU J 181 -107.32 -19.25 23.08
N ASN J 182 -106.76 -20.49 23.15
CA ASN J 182 -105.43 -20.85 22.65
C ASN J 182 -105.43 -20.78 21.12
N ASP J 183 -106.32 -21.55 20.48
CA ASP J 183 -106.50 -21.56 19.03
C ASP J 183 -107.74 -20.75 18.70
N SER J 184 -107.62 -19.44 18.90
CA SER J 184 -108.66 -18.44 18.66
C SER J 184 -108.64 -18.02 17.20
N ARG J 185 -109.82 -17.91 16.58
CA ARG J 185 -109.94 -17.48 15.19
C ARG J 185 -109.67 -15.96 15.12
N TYR J 186 -109.20 -15.47 13.96
CA TYR J 186 -108.84 -14.07 13.80
C TYR J 186 -109.87 -13.29 12.98
N ALA J 187 -109.86 -11.95 13.18
CA ALA J 187 -110.71 -10.98 12.50
C ALA J 187 -109.89 -9.75 12.12
N LEU J 188 -110.06 -9.27 10.88
CA LEU J 188 -109.36 -8.10 10.33
C LEU J 188 -110.35 -7.17 9.63
N SER J 189 -110.07 -5.85 9.62
CA SER J 189 -110.92 -4.86 8.97
C SER J 189 -110.07 -3.87 8.12
N SER J 190 -110.74 -3.16 7.20
CA SER J 190 -110.14 -2.16 6.32
C SER J 190 -111.13 -1.07 5.95
N ARG J 191 -110.63 0.11 5.55
CA ARG J 191 -111.45 1.25 5.13
C ARG J 191 -111.05 1.73 3.74
N LEU J 192 -112.02 2.23 2.96
CA LEU J 192 -111.83 2.77 1.62
C LEU J 192 -112.59 4.10 1.51
N ARG J 193 -111.85 5.22 1.59
CA ARG J 193 -112.48 6.54 1.52
C ARG J 193 -112.24 7.19 0.16
N VAL J 194 -113.36 7.60 -0.47
CA VAL J 194 -113.43 8.31 -1.75
C VAL J 194 -114.28 9.57 -1.54
N SER J 195 -114.49 10.37 -2.60
CA SER J 195 -115.35 11.55 -2.53
C SER J 195 -116.82 11.11 -2.53
N ALA J 196 -117.73 11.97 -2.05
CA ALA J 196 -119.17 11.66 -2.03
C ALA J 196 -119.70 11.41 -3.44
N THR J 197 -119.27 12.25 -4.40
CA THR J 197 -119.62 12.21 -5.82
C THR J 197 -119.19 10.91 -6.51
N PHE J 198 -118.05 10.32 -6.08
CA PHE J 198 -117.52 9.08 -6.66
C PHE J 198 -118.38 7.86 -6.26
N TRP J 199 -118.82 7.77 -4.99
CA TRP J 199 -119.64 6.67 -4.49
C TRP J 199 -121.07 6.72 -5.05
N GLN J 200 -121.66 7.94 -5.15
CA GLN J 200 -123.02 8.20 -5.64
C GLN J 200 -123.27 7.64 -7.05
N ASN J 201 -122.20 7.53 -7.87
CA ASN J 201 -122.24 6.98 -9.23
C ASN J 201 -122.50 5.46 -9.19
N PRO J 202 -123.63 4.97 -9.76
CA PRO J 202 -123.90 3.52 -9.72
C PRO J 202 -123.19 2.70 -10.80
N ARG J 203 -122.24 3.34 -11.53
CA ARG J 203 -121.46 2.69 -12.59
C ARG J 203 -120.07 2.25 -12.10
N ASN J 204 -119.68 2.69 -10.88
CA ASN J 204 -118.40 2.35 -10.24
C ASN J 204 -118.53 1.06 -9.43
N HIS J 205 -117.53 0.16 -9.56
CA HIS J 205 -117.49 -1.12 -8.85
C HIS J 205 -116.47 -1.08 -7.71
N PHE J 206 -116.87 -1.59 -6.53
CA PHE J 206 -116.03 -1.66 -5.33
C PHE J 206 -115.93 -3.11 -4.86
N ARG J 207 -114.72 -3.67 -4.82
CA ARG J 207 -114.50 -5.06 -4.40
C ARG J 207 -113.44 -5.16 -3.32
N CYS J 208 -113.71 -5.95 -2.27
CA CYS J 208 -112.77 -6.21 -1.20
C CYS J 208 -112.36 -7.67 -1.25
N GLN J 209 -111.14 -7.92 -1.72
CA GLN J 209 -110.57 -9.25 -1.89
C GLN J 209 -109.65 -9.62 -0.74
N VAL J 210 -109.74 -10.88 -0.26
CA VAL J 210 -108.91 -11.39 0.83
C VAL J 210 -108.31 -12.74 0.39
N GLN J 211 -107.00 -12.72 0.07
CA GLN J 211 -106.27 -13.93 -0.31
C GLN J 211 -105.88 -14.66 0.97
N PHE J 212 -106.43 -15.85 1.16
CA PHE J 212 -106.19 -16.69 2.32
C PHE J 212 -105.19 -17.79 1.98
N TYR J 213 -104.22 -18.01 2.88
CA TYR J 213 -103.19 -19.03 2.72
C TYR J 213 -103.45 -20.14 3.73
N GLY J 214 -103.76 -21.33 3.23
CA GLY J 214 -104.08 -22.49 4.04
C GLY J 214 -103.40 -23.77 3.63
N LEU J 215 -104.21 -24.81 3.40
CA LEU J 215 -103.77 -26.16 3.04
C LEU J 215 -103.61 -26.35 1.54
N SER J 216 -102.75 -27.32 1.16
CA SER J 216 -102.50 -27.68 -0.23
C SER J 216 -103.23 -29.01 -0.53
N GLU J 217 -103.39 -29.36 -1.82
CA GLU J 217 -104.08 -30.59 -2.25
C GLU J 217 -103.35 -31.87 -1.75
N ASN J 218 -102.09 -31.74 -1.30
CA ASN J 218 -101.26 -32.83 -0.77
C ASN J 218 -101.47 -33.02 0.75
N ASP J 219 -102.02 -31.99 1.45
CA ASP J 219 -102.30 -32.05 2.89
C ASP J 219 -103.50 -32.97 3.17
N GLU J 220 -103.46 -33.69 4.30
CA GLU J 220 -104.49 -34.66 4.68
C GLU J 220 -105.69 -34.00 5.38
N TRP J 221 -106.90 -34.44 4.98
CA TRP J 221 -108.18 -33.97 5.50
C TRP J 221 -109.15 -35.15 5.65
N THR J 222 -109.73 -35.30 6.87
CA THR J 222 -110.66 -36.38 7.20
C THR J 222 -112.02 -35.85 7.67
N GLN J 223 -112.02 -34.66 8.30
CA GLN J 223 -113.18 -33.95 8.88
C GLN J 223 -114.35 -33.73 7.90
N ASP J 224 -115.58 -33.59 8.46
CA ASP J 224 -116.85 -33.40 7.77
C ASP J 224 -116.90 -32.16 6.87
N ARG J 225 -116.43 -30.99 7.38
CA ARG J 225 -116.43 -29.74 6.62
C ARG J 225 -115.41 -29.78 5.46
N ALA J 226 -115.49 -28.81 4.54
CA ALA J 226 -114.61 -28.70 3.37
C ALA J 226 -113.16 -28.43 3.77
N LYS J 227 -112.20 -28.86 2.92
CA LYS J 227 -110.75 -28.65 3.14
C LYS J 227 -110.45 -27.14 3.05
N PRO J 228 -109.78 -26.55 4.07
CA PRO J 228 -109.50 -25.11 4.03
C PRO J 228 -108.24 -24.82 3.21
N VAL J 229 -108.38 -24.98 1.89
CA VAL J 229 -107.32 -24.78 0.90
C VAL J 229 -106.98 -23.29 0.75
N THR J 230 -105.83 -22.99 0.10
CA THR J 230 -105.37 -21.63 -0.21
C THR J 230 -106.39 -21.09 -1.23
N GLN J 231 -107.18 -20.09 -0.81
CA GLN J 231 -108.28 -19.55 -1.62
C GLN J 231 -108.44 -18.03 -1.53
N ILE J 232 -109.21 -17.47 -2.47
CA ILE J 232 -109.58 -16.05 -2.56
C ILE J 232 -111.04 -15.91 -2.14
N VAL J 233 -111.34 -14.94 -1.25
CA VAL J 233 -112.70 -14.65 -0.78
C VAL J 233 -112.97 -13.16 -1.06
N SER J 234 -114.06 -12.88 -1.81
CA SER J 234 -114.44 -11.52 -2.21
C SER J 234 -115.80 -11.09 -1.64
N ALA J 235 -116.13 -9.79 -1.80
CA ALA J 235 -117.38 -9.12 -1.41
C ALA J 235 -117.50 -7.84 -2.24
N GLU J 236 -118.43 -7.83 -3.20
CA GLU J 236 -118.63 -6.70 -4.11
C GLU J 236 -119.74 -5.75 -3.65
N ALA J 237 -119.60 -4.47 -4.05
CA ALA J 237 -120.52 -3.38 -3.76
C ALA J 237 -120.54 -2.37 -4.91
N TRP J 238 -121.74 -2.03 -5.40
CA TRP J 238 -121.95 -1.06 -6.47
C TRP J 238 -122.35 0.29 -5.87
N GLY J 239 -122.26 1.35 -6.68
CA GLY J 239 -122.62 2.70 -6.27
C GLY J 239 -124.10 2.88 -6.04
N ARG J 240 -124.45 3.77 -5.09
CA ARG J 240 -125.85 4.04 -4.72
C ARG J 240 -126.08 5.54 -4.52
N ALA J 241 -127.25 6.04 -4.99
CA ALA J 241 -127.64 7.45 -4.88
C ALA J 241 -128.43 7.70 -3.58
N ASP J 242 -129.48 6.89 -3.32
CA ASP J 242 -130.38 6.91 -2.15
C ASP J 242 -131.03 8.30 -1.93
N SER K 1 -38.39 14.80 3.80
CA SER K 1 -37.98 15.40 2.55
C SER K 1 -38.05 16.93 2.60
N HIS K 2 -39.22 17.48 2.97
CA HIS K 2 -39.43 18.92 3.06
C HIS K 2 -40.21 19.31 4.31
N SER K 3 -39.87 20.45 4.91
CA SER K 3 -40.53 20.91 6.13
C SER K 3 -40.75 22.42 6.16
N MET K 4 -41.78 22.86 6.91
CA MET K 4 -42.09 24.26 7.19
C MET K 4 -42.08 24.42 8.70
N ARG K 5 -41.29 25.38 9.20
CA ARG K 5 -41.17 25.62 10.64
C ARG K 5 -41.27 27.11 10.97
N TYR K 6 -41.74 27.43 12.19
CA TYR K 6 -41.85 28.80 12.69
C TYR K 6 -41.15 28.90 14.03
N PHE K 7 -40.27 29.88 14.17
CA PHE K 7 -39.47 30.10 15.36
C PHE K 7 -39.86 31.41 16.04
N TYR K 8 -40.56 31.31 17.18
CA TYR K 8 -41.00 32.44 18.02
C TYR K 8 -40.04 32.59 19.17
N THR K 9 -39.68 33.83 19.49
CA THR K 9 -38.80 34.12 20.62
C THR K 9 -39.27 35.44 21.25
N ALA K 10 -39.74 35.35 22.50
CA ALA K 10 -40.24 36.49 23.28
C ALA K 10 -39.33 36.73 24.47
N MET K 11 -38.74 37.92 24.55
CA MET K 11 -37.79 38.25 25.62
C MET K 11 -38.21 39.51 26.37
N SER K 12 -38.35 39.39 27.69
CA SER K 12 -38.64 40.53 28.57
C SER K 12 -37.34 41.29 28.80
N ARG K 13 -37.42 42.61 28.99
CA ARG K 13 -36.24 43.45 29.21
C ARG K 13 -36.59 44.56 30.19
N PRO K 14 -36.66 44.24 31.52
CA PRO K 14 -37.03 45.25 32.52
C PRO K 14 -36.11 46.47 32.52
N GLY K 15 -36.73 47.65 32.53
CA GLY K 15 -36.03 48.93 32.50
C GLY K 15 -35.57 49.36 31.13
N ARG K 16 -35.77 48.50 30.11
CA ARG K 16 -35.37 48.74 28.71
C ARG K 16 -36.59 48.66 27.77
N GLY K 17 -37.78 48.92 28.32
CA GLY K 17 -39.04 48.90 27.59
C GLY K 17 -39.78 47.57 27.64
N GLU K 18 -40.86 47.48 26.85
CA GLU K 18 -41.74 46.31 26.74
C GLU K 18 -41.04 45.11 26.08
N PRO K 19 -41.50 43.85 26.33
CA PRO K 19 -40.83 42.69 25.72
C PRO K 19 -40.76 42.71 24.19
N ARG K 20 -39.69 42.08 23.65
CA ARG K 20 -39.43 41.97 22.22
C ARG K 20 -39.90 40.61 21.71
N PHE K 21 -40.67 40.62 20.61
CA PHE K 21 -41.14 39.40 19.97
C PHE K 21 -40.57 39.30 18.55
N ILE K 22 -39.81 38.23 18.31
CA ILE K 22 -39.22 37.93 17.00
C ILE K 22 -39.80 36.60 16.50
N ALA K 23 -40.38 36.62 15.30
CA ALA K 23 -40.95 35.45 14.63
C ALA K 23 -40.22 35.22 13.31
N VAL K 24 -39.67 34.01 13.10
CA VAL K 24 -38.91 33.67 11.91
C VAL K 24 -39.45 32.37 11.28
N GLY K 25 -39.86 32.45 10.02
CA GLY K 25 -40.39 31.33 9.25
C GLY K 25 -39.33 30.69 8.36
N TYR K 26 -39.32 29.35 8.33
CA TYR K 26 -38.36 28.55 7.55
C TYR K 26 -39.03 27.50 6.66
N VAL K 27 -38.46 27.27 5.48
CA VAL K 27 -38.81 26.20 4.55
C VAL K 27 -37.49 25.45 4.36
N ASP K 28 -37.32 24.35 5.13
CA ASP K 28 -36.12 23.51 5.24
C ASP K 28 -35.03 24.30 5.99
N ASP K 29 -33.97 24.72 5.27
CA ASP K 29 -32.86 25.50 5.82
C ASP K 29 -32.95 26.96 5.36
N THR K 30 -33.84 27.24 4.38
CA THR K 30 -34.05 28.58 3.85
C THR K 30 -35.09 29.34 4.67
N GLN K 31 -34.66 30.48 5.22
CA GLN K 31 -35.50 31.41 5.95
C GLN K 31 -36.26 32.24 4.92
N PHE K 32 -37.56 32.48 5.13
CA PHE K 32 -38.33 33.23 4.13
C PHE K 32 -39.09 34.44 4.72
N VAL K 33 -39.32 34.49 6.04
CA VAL K 33 -40.02 35.62 6.68
C VAL K 33 -39.40 35.95 8.05
N ARG K 34 -39.55 37.22 8.46
CA ARG K 34 -39.09 37.72 9.76
C ARG K 34 -40.06 38.79 10.26
N PHE K 35 -40.18 38.90 11.58
CA PHE K 35 -40.96 39.92 12.28
C PHE K 35 -40.19 40.31 13.52
N ASP K 36 -40.20 41.60 13.84
CA ASP K 36 -39.53 42.15 15.01
C ASP K 36 -40.38 43.29 15.54
N SER K 37 -40.90 43.13 16.78
CA SER K 37 -41.74 44.13 17.45
C SER K 37 -40.99 45.43 17.76
N ASP K 38 -39.63 45.37 17.80
CA ASP K 38 -38.73 46.47 18.11
C ASP K 38 -38.81 47.66 17.15
N ALA K 39 -39.28 47.47 15.91
CA ALA K 39 -39.43 48.56 14.93
C ALA K 39 -40.61 49.47 15.33
N ALA K 40 -40.54 50.77 14.98
CA ALA K 40 -41.55 51.81 15.30
C ALA K 40 -42.97 51.33 14.98
N SER K 41 -43.19 50.86 13.74
CA SER K 41 -44.41 50.25 13.23
C SER K 41 -43.99 48.92 12.63
N PRO K 42 -44.01 47.81 13.42
CA PRO K 42 -43.46 46.54 12.93
C PRO K 42 -44.27 45.88 11.82
N ARG K 43 -43.55 45.31 10.84
CA ARG K 43 -44.12 44.63 9.69
C ARG K 43 -43.30 43.40 9.31
N THR K 44 -43.98 42.38 8.75
CA THR K 44 -43.37 41.14 8.28
C THR K 44 -42.56 41.45 7.02
N GLU K 45 -41.29 41.03 6.99
CA GLU K 45 -40.37 41.29 5.88
C GLU K 45 -40.04 40.02 5.11
N PRO K 46 -40.02 40.06 3.76
CA PRO K 46 -39.60 38.87 2.99
C PRO K 46 -38.09 38.64 3.16
N ARG K 47 -37.68 37.37 3.29
CA ARG K 47 -36.27 37.03 3.50
C ARG K 47 -35.74 36.09 2.40
N ALA K 48 -36.64 35.65 1.50
CA ALA K 48 -36.36 34.81 0.35
C ALA K 48 -36.98 35.45 -0.90
N PRO K 49 -36.39 35.33 -2.12
CA PRO K 49 -36.99 36.02 -3.29
C PRO K 49 -38.30 35.41 -3.77
N TRP K 50 -38.55 34.11 -3.51
CA TRP K 50 -39.74 33.39 -3.96
C TRP K 50 -41.02 33.68 -3.15
N ILE K 51 -40.94 34.50 -2.08
CA ILE K 51 -42.11 34.86 -1.26
C ILE K 51 -42.60 36.29 -1.63
N GLU K 52 -41.71 37.12 -2.22
CA GLU K 52 -42.00 38.51 -2.64
C GLU K 52 -43.19 38.61 -3.61
N GLN K 53 -43.54 37.50 -4.30
CA GLN K 53 -44.67 37.43 -5.24
C GLN K 53 -46.04 37.35 -4.55
N GLU K 54 -46.07 37.18 -3.20
CA GLU K 54 -47.31 37.10 -2.43
C GLU K 54 -48.03 38.44 -2.41
N GLY K 55 -49.36 38.38 -2.42
CA GLY K 55 -50.24 39.55 -2.41
C GLY K 55 -50.16 40.41 -1.16
N PRO K 56 -50.74 41.64 -1.18
CA PRO K 56 -50.68 42.50 0.01
C PRO K 56 -51.59 42.00 1.13
N GLU K 57 -52.58 41.15 0.79
CA GLU K 57 -53.52 40.53 1.72
C GLU K 57 -52.79 39.50 2.60
N TYR K 58 -51.72 38.89 2.05
CA TYR K 58 -50.88 37.91 2.72
C TYR K 58 -49.99 38.57 3.78
N TRP K 59 -49.28 39.67 3.40
CA TRP K 59 -48.36 40.36 4.30
C TRP K 59 -49.07 41.05 5.46
N ASP K 60 -50.30 41.56 5.23
CA ASP K 60 -51.10 42.20 6.27
C ASP K 60 -51.67 41.13 7.21
N ARG K 61 -51.82 39.92 6.70
CA ARG K 61 -52.33 38.76 7.46
C ARG K 61 -51.26 38.34 8.48
N ASN K 62 -50.04 38.13 8.03
CA ASN K 62 -48.89 37.75 8.85
C ASN K 62 -48.59 38.80 9.93
N THR K 63 -48.58 40.10 9.53
CA THR K 63 -48.32 41.25 10.40
C THR K 63 -49.35 41.29 11.54
N GLN K 64 -50.64 40.99 11.25
CA GLN K 64 -51.73 40.94 12.23
C GLN K 64 -51.51 39.80 13.23
N ILE K 65 -51.18 38.59 12.73
CA ILE K 65 -50.92 37.39 13.54
C ILE K 65 -49.75 37.67 14.49
N PHE K 66 -48.65 38.25 13.97
CA PHE K 66 -47.47 38.55 14.78
C PHE K 66 -47.70 39.76 15.70
N LYS K 67 -48.64 40.66 15.36
CA LYS K 67 -49.00 41.81 16.22
C LYS K 67 -49.78 41.30 17.44
N THR K 68 -50.58 40.23 17.25
CA THR K 68 -51.38 39.56 18.28
C THR K 68 -50.46 38.72 19.18
N ASN K 69 -49.53 37.95 18.56
CA ASN K 69 -48.58 37.11 19.29
C ASN K 69 -47.66 37.95 20.18
N THR K 70 -47.27 39.17 19.72
CA THR K 70 -46.46 40.12 20.51
C THR K 70 -47.18 40.43 21.83
N GLN K 71 -48.51 40.68 21.76
CA GLN K 71 -49.36 40.97 22.92
C GLN K 71 -49.57 39.72 23.78
N THR K 72 -49.86 38.55 23.17
CA THR K 72 -50.05 37.26 23.85
C THR K 72 -48.82 36.90 24.67
N TYR K 73 -47.62 36.97 24.06
CA TYR K 73 -46.36 36.63 24.70
C TYR K 73 -45.91 37.67 25.73
N ARG K 74 -46.45 38.91 25.64
CA ARG K 74 -46.19 39.96 26.61
C ARG K 74 -46.82 39.53 27.95
N GLU K 75 -48.07 39.04 27.88
CA GLU K 75 -48.84 38.53 29.02
C GLU K 75 -48.32 37.16 29.45
N SER K 76 -47.87 36.33 28.50
CA SER K 76 -47.32 34.99 28.78
C SER K 76 -46.03 35.08 29.63
N LEU K 77 -45.19 36.11 29.38
CA LEU K 77 -43.96 36.35 30.15
C LEU K 77 -44.31 36.80 31.57
N ARG K 78 -45.41 37.58 31.71
CA ARG K 78 -45.92 38.10 32.97
C ARG K 78 -46.43 36.95 33.86
N ASN K 79 -47.18 35.99 33.27
CA ASN K 79 -47.76 34.85 33.96
C ASN K 79 -46.73 33.82 34.42
N LEU K 80 -45.77 33.46 33.54
CA LEU K 80 -44.71 32.49 33.87
C LEU K 80 -43.79 33.04 34.97
N ARG K 81 -43.60 34.38 35.02
CA ARG K 81 -42.84 35.07 36.07
C ARG K 81 -43.53 34.84 37.42
N GLY K 82 -44.86 34.94 37.41
CA GLY K 82 -45.71 34.71 38.58
C GLY K 82 -45.73 33.27 39.03
N TYR K 83 -45.87 32.31 38.07
CA TYR K 83 -45.90 30.87 38.34
C TYR K 83 -44.64 30.39 39.06
N TYR K 84 -43.47 30.92 38.66
CA TYR K 84 -42.17 30.55 39.24
C TYR K 84 -41.77 31.50 40.39
N ASN K 85 -42.65 32.47 40.73
CA ASN K 85 -42.46 33.47 41.80
C ASN K 85 -41.07 34.13 41.66
N GLN K 86 -40.82 34.69 40.46
CA GLN K 86 -39.57 35.38 40.11
C GLN K 86 -39.75 36.88 40.20
N SER K 87 -38.63 37.62 40.38
CA SER K 87 -38.68 39.08 40.46
C SER K 87 -38.80 39.70 39.08
N GLU K 88 -39.31 40.94 39.03
CA GLU K 88 -39.45 41.72 37.80
C GLU K 88 -38.09 42.37 37.44
N ALA K 89 -36.99 41.91 38.06
CA ALA K 89 -35.65 42.44 37.81
C ALA K 89 -34.98 41.79 36.61
N GLY K 90 -35.06 40.45 36.53
CA GLY K 90 -34.44 39.67 35.47
C GLY K 90 -35.21 39.55 34.18
N SER K 91 -34.48 39.27 33.09
CA SER K 91 -34.98 39.05 31.74
C SER K 91 -35.20 37.56 31.52
N HIS K 92 -36.36 37.19 30.98
CA HIS K 92 -36.70 35.79 30.72
C HIS K 92 -37.10 35.60 29.26
N ILE K 93 -36.93 34.36 28.73
CA ILE K 93 -37.22 34.09 27.33
C ILE K 93 -38.21 32.93 27.17
N ILE K 94 -39.26 33.17 26.36
CA ILE K 94 -40.23 32.17 25.94
C ILE K 94 -39.93 31.89 24.48
N GLN K 95 -39.63 30.64 24.16
CA GLN K 95 -39.32 30.23 22.79
C GLN K 95 -40.35 29.24 22.33
N ARG K 96 -40.76 29.33 21.06
CA ARG K 96 -41.71 28.39 20.49
C ARG K 96 -41.26 27.98 19.11
N MET K 97 -41.35 26.70 18.84
CA MET K 97 -41.03 26.12 17.55
C MET K 97 -42.14 25.15 17.19
N TYR K 98 -42.77 25.36 16.02
CA TYR K 98 -43.84 24.51 15.52
C TYR K 98 -43.76 24.39 14.00
N GLY K 99 -44.26 23.27 13.46
CA GLY K 99 -44.25 23.04 12.03
C GLY K 99 -44.73 21.68 11.56
N CYS K 100 -44.66 21.48 10.25
CA CYS K 100 -45.10 20.26 9.58
C CYS K 100 -44.01 19.67 8.68
N ASP K 101 -43.87 18.35 8.71
CA ASP K 101 -42.94 17.56 7.90
C ASP K 101 -43.69 16.86 6.78
N LEU K 102 -43.10 16.86 5.59
CA LEU K 102 -43.62 16.24 4.38
C LEU K 102 -42.65 15.16 3.91
N GLY K 103 -43.17 14.00 3.55
CA GLY K 103 -42.36 12.90 3.03
C GLY K 103 -41.99 13.11 1.57
N PRO K 104 -41.24 12.17 0.93
CA PRO K 104 -40.91 12.36 -0.51
C PRO K 104 -42.14 12.30 -1.43
N ASP K 105 -43.31 11.99 -0.84
CA ASP K 105 -44.63 11.85 -1.46
C ASP K 105 -45.37 13.20 -1.61
N GLY K 106 -45.32 14.03 -0.58
CA GLY K 106 -46.02 15.31 -0.52
C GLY K 106 -47.24 15.30 0.37
N ARG K 107 -47.23 14.42 1.40
CA ARG K 107 -48.30 14.23 2.39
C ARG K 107 -47.75 14.51 3.80
N LEU K 108 -48.63 14.90 4.76
CA LEU K 108 -48.17 15.17 6.13
C LEU K 108 -47.60 13.92 6.80
N LEU K 109 -46.30 13.98 7.09
CA LEU K 109 -45.54 12.92 7.74
C LEU K 109 -45.58 13.12 9.25
N ARG K 110 -45.23 14.32 9.74
CA ARG K 110 -45.21 14.62 11.17
C ARG K 110 -45.43 16.12 11.47
N GLY K 111 -46.38 16.39 12.36
CA GLY K 111 -46.68 17.71 12.87
C GLY K 111 -46.06 17.84 14.25
N HIS K 112 -45.53 19.02 14.60
CA HIS K 112 -44.91 19.22 15.91
C HIS K 112 -45.07 20.66 16.43
N ASP K 113 -44.98 20.80 17.77
CA ASP K 113 -45.07 22.08 18.48
C ASP K 113 -44.48 21.92 19.88
N GLN K 114 -43.52 22.79 20.21
CA GLN K 114 -42.85 22.81 21.52
C GLN K 114 -42.63 24.24 21.97
N SER K 115 -42.63 24.45 23.29
CA SER K 115 -42.38 25.73 23.91
C SER K 115 -41.32 25.57 25.00
N ALA K 116 -40.52 26.62 25.19
CA ALA K 116 -39.46 26.65 26.18
C ALA K 116 -39.52 27.88 27.04
N TYR K 117 -38.93 27.78 28.24
CA TYR K 117 -38.80 28.88 29.18
C TYR K 117 -37.39 28.83 29.75
N ASP K 118 -36.56 29.85 29.40
CA ASP K 118 -35.17 30.04 29.79
C ASP K 118 -34.26 28.85 29.38
N GLY K 119 -34.51 28.30 28.19
CA GLY K 119 -33.72 27.22 27.61
C GLY K 119 -34.18 25.81 27.97
N LYS K 120 -35.21 25.70 28.82
CA LYS K 120 -35.77 24.42 29.26
C LYS K 120 -37.11 24.15 28.60
N ASP K 121 -37.42 22.87 28.27
CA ASP K 121 -38.71 22.46 27.72
C ASP K 121 -39.81 22.87 28.72
N TYR K 122 -40.88 23.49 28.23
CA TYR K 122 -41.96 23.93 29.10
C TYR K 122 -43.21 23.10 28.80
N ILE K 123 -43.76 23.22 27.58
CA ILE K 123 -44.94 22.48 27.12
C ILE K 123 -44.69 22.01 25.68
N ALA K 124 -45.21 20.82 25.33
CA ALA K 124 -45.05 20.24 24.01
C ALA K 124 -46.29 19.46 23.60
N LEU K 125 -46.62 19.52 22.30
CA LEU K 125 -47.72 18.76 21.72
C LEU K 125 -47.23 17.34 21.52
N ASN K 126 -47.98 16.36 22.06
CA ASN K 126 -47.63 14.95 21.95
C ASN K 126 -47.80 14.47 20.51
N GLU K 127 -47.08 13.38 20.15
CA GLU K 127 -47.08 12.77 18.82
C GLU K 127 -48.50 12.42 18.29
N ASP K 128 -49.50 12.36 19.18
CA ASP K 128 -50.90 12.07 18.84
C ASP K 128 -51.59 13.31 18.28
N LEU K 129 -51.03 14.52 18.54
CA LEU K 129 -51.50 15.86 18.15
C LEU K 129 -52.85 16.16 18.82
N SER K 130 -53.08 15.59 20.03
CA SER K 130 -54.32 15.75 20.80
C SER K 130 -54.06 16.15 22.24
N SER K 131 -52.93 15.69 22.82
CA SER K 131 -52.60 15.96 24.22
C SER K 131 -51.29 16.77 24.37
N TRP K 132 -51.06 17.27 25.61
CA TRP K 132 -49.91 18.07 25.98
C TRP K 132 -49.05 17.38 27.03
N THR K 133 -47.75 17.65 27.00
CA THR K 133 -46.78 17.18 27.98
C THR K 133 -46.18 18.43 28.61
N ALA K 134 -46.50 18.62 29.89
CA ALA K 134 -46.06 19.73 30.73
C ALA K 134 -44.83 19.31 31.53
N ALA K 135 -43.80 20.16 31.56
CA ALA K 135 -42.55 19.89 32.26
C ALA K 135 -42.71 19.98 33.77
N ASP K 136 -43.59 20.87 34.27
CA ASP K 136 -43.80 21.08 35.70
C ASP K 136 -45.24 21.52 36.03
N THR K 137 -45.46 21.98 37.28
CA THR K 137 -46.74 22.45 37.81
C THR K 137 -47.12 23.82 37.22
N ALA K 138 -46.11 24.59 36.75
CA ALA K 138 -46.31 25.89 36.11
C ALA K 138 -46.89 25.66 34.72
N ALA K 139 -46.34 24.68 33.99
CA ALA K 139 -46.75 24.27 32.65
C ALA K 139 -48.13 23.58 32.70
N GLN K 140 -48.52 23.07 33.88
CA GLN K 140 -49.83 22.46 34.16
C GLN K 140 -50.93 23.48 34.01
N ILE K 141 -50.67 24.72 34.48
CA ILE K 141 -51.60 25.85 34.41
C ILE K 141 -51.82 26.18 32.94
N THR K 142 -50.71 26.26 32.16
CA THR K 142 -50.72 26.51 30.72
C THR K 142 -51.51 25.41 30.00
N GLN K 143 -51.30 24.13 30.41
CA GLN K 143 -51.98 22.95 29.84
C GLN K 143 -53.49 23.03 30.03
N ARG K 144 -53.96 23.32 31.26
CA ARG K 144 -55.38 23.43 31.60
C ARG K 144 -56.02 24.62 30.87
N LYS K 145 -55.24 25.70 30.62
CA LYS K 145 -55.65 26.88 29.88
C LYS K 145 -55.82 26.54 28.40
N TRP K 146 -54.82 25.83 27.84
CA TRP K 146 -54.76 25.44 26.43
C TRP K 146 -55.79 24.37 26.09
N GLU K 147 -56.15 23.50 27.06
CA GLU K 147 -57.18 22.48 26.88
C GLU K 147 -58.54 23.15 26.75
N ALA K 148 -58.83 24.15 27.61
CA ALA K 148 -60.06 24.93 27.64
C ALA K 148 -60.23 25.79 26.37
N ALA K 149 -59.11 26.27 25.79
CA ALA K 149 -59.10 27.10 24.58
C ALA K 149 -59.18 26.27 23.30
N ARG K 150 -59.07 24.92 23.41
CA ARG K 150 -59.08 23.94 22.31
C ARG K 150 -57.89 24.20 21.36
N VAL K 151 -56.70 24.40 21.95
CA VAL K 151 -55.47 24.71 21.21
C VAL K 151 -55.02 23.50 20.40
N ALA K 152 -54.90 22.30 21.03
CA ALA K 152 -54.46 21.06 20.37
C ALA K 152 -55.35 20.69 19.16
N GLU K 153 -56.68 20.83 19.32
CA GLU K 153 -57.68 20.53 18.30
C GLU K 153 -57.48 21.44 17.06
N GLN K 154 -57.36 22.76 17.29
CA GLN K 154 -57.19 23.74 16.23
C GLN K 154 -55.78 23.73 15.65
N LEU K 155 -54.76 23.33 16.46
CA LEU K 155 -53.37 23.22 16.01
C LEU K 155 -53.21 21.98 15.10
N ARG K 156 -53.88 20.86 15.44
CA ARG K 156 -53.89 19.61 14.66
C ARG K 156 -54.43 19.88 13.25
N ALA K 157 -55.59 20.58 13.16
CA ALA K 157 -56.26 20.94 11.91
C ALA K 157 -55.40 21.91 11.07
N TYR K 158 -54.56 22.74 11.72
CA TYR K 158 -53.66 23.66 11.02
C TYR K 158 -52.47 22.87 10.45
N LEU K 159 -51.81 22.04 11.28
CA LEU K 159 -50.65 21.22 10.91
C LEU K 159 -51.00 20.22 9.79
N GLU K 160 -52.20 19.61 9.84
CA GLU K 160 -52.67 18.67 8.82
C GLU K 160 -53.18 19.40 7.58
N GLY K 161 -53.72 20.59 7.76
CA GLY K 161 -54.32 21.39 6.68
C GLY K 161 -53.46 22.48 6.08
N LEU K 162 -53.62 23.72 6.57
CA LEU K 162 -52.97 24.94 6.09
C LEU K 162 -51.44 24.90 6.08
N CYS K 163 -50.82 24.21 7.07
CA CYS K 163 -49.36 24.09 7.14
C CYS K 163 -48.83 23.38 5.88
N VAL K 164 -49.46 22.24 5.53
CA VAL K 164 -49.15 21.40 4.37
C VAL K 164 -49.47 22.15 3.07
N GLU K 165 -50.66 22.82 3.01
CA GLU K 165 -51.12 23.62 1.88
C GLU K 165 -50.12 24.70 1.49
N TRP K 166 -49.73 25.55 2.45
CA TRP K 166 -48.81 26.65 2.24
C TRP K 166 -47.38 26.14 1.99
N LEU K 167 -46.96 25.02 2.64
CA LEU K 167 -45.63 24.44 2.40
C LEU K 167 -45.52 23.97 0.95
N ARG K 168 -46.58 23.30 0.44
CA ARG K 168 -46.62 22.81 -0.95
C ARG K 168 -46.64 23.98 -1.94
N ARG K 169 -47.28 25.12 -1.54
CA ARG K 169 -47.34 26.34 -2.34
C ARG K 169 -45.94 26.99 -2.42
N TYR K 170 -45.22 27.06 -1.28
CA TYR K 170 -43.88 27.66 -1.20
C TYR K 170 -42.86 26.84 -1.98
N LEU K 171 -43.00 25.50 -1.94
CA LEU K 171 -42.12 24.57 -2.66
C LEU K 171 -42.25 24.70 -4.18
N GLU K 172 -43.45 25.03 -4.69
CA GLU K 172 -43.67 25.21 -6.13
C GLU K 172 -43.19 26.59 -6.58
N ASN K 173 -43.46 27.65 -5.79
CA ASN K 173 -43.06 29.03 -6.07
C ASN K 173 -41.54 29.22 -6.02
N GLY K 174 -40.85 28.37 -5.26
CA GLY K 174 -39.39 28.41 -5.10
C GLY K 174 -38.67 27.12 -5.41
N LYS K 175 -39.22 26.30 -6.34
CA LYS K 175 -38.66 24.99 -6.75
C LYS K 175 -37.24 25.11 -7.34
N GLU K 176 -36.93 26.24 -7.98
CA GLU K 176 -35.62 26.53 -8.59
C GLU K 176 -34.50 26.68 -7.54
N THR K 177 -34.87 26.82 -6.24
CA THR K 177 -33.90 26.98 -5.14
C THR K 177 -34.14 25.98 -4.00
N LEU K 178 -35.41 25.66 -3.69
CA LEU K 178 -35.78 24.74 -2.60
C LEU K 178 -35.67 23.27 -3.03
N GLN K 179 -36.30 22.89 -4.16
CA GLN K 179 -36.27 21.52 -4.67
C GLN K 179 -34.96 21.20 -5.41
N ARG K 180 -34.04 22.20 -5.50
CA ARG K 180 -32.72 22.08 -6.12
C ARG K 180 -31.64 21.99 -5.02
N ALA K 181 -30.77 20.97 -5.11
CA ALA K 181 -29.69 20.75 -4.14
C ALA K 181 -28.32 21.01 -4.77
N ASP K 182 -27.58 21.99 -4.21
CA ASP K 182 -26.25 22.37 -4.67
C ASP K 182 -25.19 21.40 -4.12
N PRO K 183 -24.39 20.74 -4.99
CA PRO K 183 -23.37 19.81 -4.46
C PRO K 183 -22.14 20.56 -3.92
N PRO K 184 -21.38 19.99 -2.96
CA PRO K 184 -20.22 20.72 -2.43
C PRO K 184 -18.99 20.69 -3.34
N LYS K 185 -18.32 21.84 -3.47
CA LYS K 185 -17.07 21.99 -4.21
C LYS K 185 -15.99 21.50 -3.26
N THR K 186 -15.35 20.37 -3.59
CA THR K 186 -14.39 19.73 -2.69
C THR K 186 -12.94 19.82 -3.14
N HIS K 187 -12.03 19.83 -2.14
CA HIS K 187 -10.56 19.86 -2.25
C HIS K 187 -9.93 19.57 -0.88
N VAL K 188 -8.71 19.04 -0.85
CA VAL K 188 -7.98 18.76 0.38
C VAL K 188 -6.69 19.61 0.41
N THR K 189 -6.34 20.15 1.59
CA THR K 189 -5.17 21.00 1.81
C THR K 189 -4.15 20.29 2.70
N HIS K 190 -2.85 20.66 2.52
CA HIS K 190 -1.72 20.09 3.26
C HIS K 190 -1.09 21.09 4.23
N HIS K 191 -0.88 20.68 5.50
CA HIS K 191 -0.31 21.55 6.53
C HIS K 191 0.67 20.79 7.45
N PRO K 192 2.00 21.01 7.34
CA PRO K 192 2.94 20.28 8.22
C PRO K 192 2.93 20.83 9.65
N VAL K 193 2.83 19.95 10.65
CA VAL K 193 2.82 20.30 12.08
C VAL K 193 4.14 19.89 12.76
N SER K 194 4.77 18.81 12.27
CA SER K 194 6.04 18.29 12.75
C SER K 194 6.93 17.90 11.54
N ASP K 195 8.03 17.15 11.78
CA ASP K 195 8.99 16.71 10.76
C ASP K 195 8.53 15.42 10.07
N HIS K 196 7.78 14.62 10.84
CA HIS K 196 7.26 13.29 10.50
C HIS K 196 5.74 13.21 10.70
N GLU K 197 5.10 14.40 10.96
CA GLU K 197 3.66 14.56 11.18
C GLU K 197 3.14 15.68 10.30
N ALA K 198 1.93 15.52 9.75
CA ALA K 198 1.28 16.52 8.89
C ALA K 198 -0.24 16.54 9.13
N THR K 199 -0.93 17.54 8.57
CA THR K 199 -2.39 17.70 8.71
C THR K 199 -3.03 17.78 7.32
N LEU K 200 -4.05 16.94 7.10
CA LEU K 200 -4.84 16.88 5.88
C LEU K 200 -6.23 17.36 6.16
N ARG K 201 -6.62 18.52 5.58
CA ARG K 201 -7.93 19.11 5.79
C ARG K 201 -8.78 19.03 4.53
N CYS K 202 -9.83 18.18 4.54
CA CYS K 202 -10.73 18.05 3.41
C CYS K 202 -11.85 19.07 3.54
N TRP K 203 -12.07 19.85 2.48
CA TRP K 203 -13.06 20.93 2.45
C TRP K 203 -14.30 20.61 1.63
N ALA K 204 -15.48 20.89 2.21
CA ALA K 204 -16.80 20.80 1.59
C ALA K 204 -17.35 22.22 1.56
N LEU K 205 -17.39 22.85 0.37
CA LEU K 205 -17.75 24.26 0.20
C LEU K 205 -18.94 24.52 -0.73
N GLY K 206 -19.71 25.57 -0.39
CA GLY K 206 -20.85 26.07 -1.14
C GLY K 206 -21.95 25.09 -1.46
N PHE K 207 -22.41 24.32 -0.45
CA PHE K 207 -23.47 23.32 -0.63
C PHE K 207 -24.77 23.71 0.07
N TYR K 208 -25.90 23.18 -0.44
CA TYR K 208 -27.25 23.34 0.09
C TYR K 208 -28.04 22.05 -0.19
N PRO K 209 -28.72 21.42 0.79
CA PRO K 209 -28.88 21.82 2.21
C PRO K 209 -27.63 21.54 3.06
N ALA K 210 -27.67 21.97 4.35
CA ALA K 210 -26.59 21.86 5.33
C ALA K 210 -26.20 20.41 5.69
N GLU K 211 -27.10 19.43 5.47
CA GLU K 211 -26.87 18.03 5.78
C GLU K 211 -25.71 17.46 4.94
N ILE K 212 -24.61 17.07 5.63
CA ILE K 212 -23.40 16.54 5.01
C ILE K 212 -22.67 15.57 5.97
N THR K 213 -21.83 14.69 5.39
CA THR K 213 -21.01 13.73 6.14
C THR K 213 -19.60 13.73 5.54
N LEU K 214 -18.61 14.11 6.35
CA LEU K 214 -17.21 14.15 5.96
C LEU K 214 -16.44 13.15 6.82
N THR K 215 -15.98 12.07 6.19
CA THR K 215 -15.26 11.01 6.89
C THR K 215 -13.88 10.79 6.30
N TRP K 216 -12.88 10.67 7.18
CA TRP K 216 -11.49 10.38 6.82
C TRP K 216 -11.24 8.90 7.04
N GLN K 217 -10.70 8.22 6.02
CA GLN K 217 -10.47 6.79 6.10
C GLN K 217 -8.99 6.42 6.06
N ARG K 218 -8.39 6.10 7.23
CA ARG K 218 -7.00 5.65 7.25
C ARG K 218 -6.98 4.22 6.75
N ASP K 219 -6.82 4.11 5.43
CA ASP K 219 -6.73 2.87 4.63
C ASP K 219 -8.04 2.05 4.60
N GLY K 220 -9.09 2.51 5.25
CA GLY K 220 -10.36 1.80 5.27
C GLY K 220 -11.20 1.96 6.52
N GLU K 221 -10.59 2.44 7.63
CA GLU K 221 -11.27 2.62 8.91
C GLU K 221 -11.53 4.09 9.22
N ASP K 222 -12.51 4.38 10.10
CA ASP K 222 -12.87 5.75 10.51
C ASP K 222 -11.97 6.21 11.67
N GLN K 223 -11.79 7.54 11.85
CA GLN K 223 -10.92 8.11 12.88
C GLN K 223 -11.63 9.09 13.81
N THR K 224 -12.83 8.77 14.35
CA THR K 224 -13.62 9.67 15.22
C THR K 224 -12.75 10.36 16.31
N GLN K 225 -11.73 9.66 16.86
CA GLN K 225 -10.82 10.19 17.89
C GLN K 225 -9.90 11.27 17.34
N ASP K 226 -9.39 11.08 16.11
CA ASP K 226 -8.43 11.98 15.44
C ASP K 226 -9.12 13.06 14.59
N THR K 227 -10.22 12.69 13.90
CA THR K 227 -10.97 13.54 13.00
C THR K 227 -11.53 14.75 13.74
N GLU K 228 -10.82 15.88 13.58
CA GLU K 228 -11.23 17.17 14.12
C GLU K 228 -12.14 17.77 13.06
N LEU K 229 -13.40 17.35 13.04
CA LEU K 229 -14.33 17.87 12.04
C LEU K 229 -15.13 19.01 12.67
N VAL K 230 -14.94 20.21 12.09
CA VAL K 230 -15.58 21.45 12.54
C VAL K 230 -17.09 21.38 12.24
N GLU K 231 -17.89 22.03 13.09
CA GLU K 231 -19.36 22.08 12.99
C GLU K 231 -19.78 22.87 11.74
N THR K 232 -20.76 22.34 10.96
CA THR K 232 -21.30 22.94 9.72
C THR K 232 -21.63 24.41 9.97
N ARG K 233 -21.09 25.29 9.11
CA ARG K 233 -21.25 26.73 9.23
C ARG K 233 -21.83 27.35 7.94
N PRO K 234 -22.67 28.41 8.04
CA PRO K 234 -23.18 29.03 6.81
C PRO K 234 -22.12 29.91 6.16
N ALA K 235 -22.05 29.92 4.83
CA ALA K 235 -21.09 30.76 4.11
C ALA K 235 -21.52 32.24 4.16
N GLY K 236 -22.84 32.46 4.18
CA GLY K 236 -23.44 33.78 4.23
C GLY K 236 -24.29 34.09 3.01
N ASP K 237 -24.18 33.25 1.97
CA ASP K 237 -24.89 33.38 0.69
C ASP K 237 -25.88 32.21 0.48
N ARG K 238 -26.54 31.76 1.58
CA ARG K 238 -27.53 30.67 1.65
C ARG K 238 -26.89 29.27 1.40
N THR K 239 -25.55 29.20 1.29
CA THR K 239 -24.82 27.94 1.11
C THR K 239 -24.07 27.66 2.42
N PHE K 240 -23.55 26.43 2.58
CA PHE K 240 -22.87 26.00 3.81
C PHE K 240 -21.45 25.49 3.56
N GLN K 241 -20.67 25.30 4.64
CA GLN K 241 -19.30 24.80 4.58
C GLN K 241 -18.94 23.94 5.80
N LYS K 242 -18.02 22.98 5.60
CA LYS K 242 -17.55 22.03 6.62
C LYS K 242 -16.20 21.44 6.22
N TRP K 243 -15.37 21.11 7.22
CA TRP K 243 -14.08 20.45 6.98
C TRP K 243 -13.78 19.42 8.07
N ALA K 244 -12.84 18.51 7.77
CA ALA K 244 -12.35 17.46 8.64
C ALA K 244 -10.84 17.36 8.50
N ALA K 245 -10.10 17.30 9.63
CA ALA K 245 -8.65 17.25 9.59
C ALA K 245 -8.06 16.11 10.42
N VAL K 246 -7.12 15.36 9.81
CA VAL K 246 -6.39 14.23 10.40
C VAL K 246 -4.90 14.55 10.52
N VAL K 247 -4.27 14.09 11.62
CA VAL K 247 -2.83 14.23 11.83
C VAL K 247 -2.23 12.93 11.31
N VAL K 248 -1.49 13.02 10.18
CA VAL K 248 -0.99 11.85 9.48
C VAL K 248 0.55 11.79 9.42
N PRO K 249 1.19 10.63 9.66
CA PRO K 249 2.66 10.56 9.57
C PRO K 249 3.12 10.97 8.18
N SER K 250 4.00 12.02 8.14
CA SER K 250 4.56 12.63 6.91
C SER K 250 5.05 11.54 5.95
N GLY K 251 4.62 11.63 4.69
CA GLY K 251 4.97 10.66 3.66
C GLY K 251 3.88 9.63 3.51
N GLU K 252 3.26 9.19 4.64
CA GLU K 252 2.17 8.19 4.64
C GLU K 252 0.84 8.85 4.32
N GLU K 253 0.86 9.99 3.64
CA GLU K 253 -0.35 10.80 3.34
C GLU K 253 -1.36 10.17 2.36
N GLN K 254 -0.97 9.99 1.09
CA GLN K 254 -1.80 9.47 -0.05
C GLN K 254 -2.53 8.15 0.25
N ARG K 255 -2.16 7.47 1.36
CA ARG K 255 -2.84 6.25 1.77
C ARG K 255 -3.97 6.63 2.75
N TYR K 256 -4.41 7.91 2.69
CA TYR K 256 -5.56 8.51 3.40
C TYR K 256 -6.52 9.02 2.35
N THR K 257 -7.80 8.74 2.53
CA THR K 257 -8.82 9.12 1.56
C THR K 257 -10.04 9.70 2.29
N CYS K 258 -10.65 10.74 1.70
CA CYS K 258 -11.83 11.35 2.32
C CYS K 258 -13.06 11.13 1.46
N HIS K 259 -14.20 10.90 2.14
CA HIS K 259 -15.49 10.66 1.51
C HIS K 259 -16.49 11.71 1.95
N VAL K 260 -17.14 12.33 0.96
CA VAL K 260 -18.13 13.38 1.18
C VAL K 260 -19.50 12.87 0.70
N GLN K 261 -20.47 12.82 1.64
CA GLN K 261 -21.83 12.38 1.38
C GLN K 261 -22.79 13.55 1.49
N HIS K 262 -23.49 13.84 0.38
CA HIS K 262 -24.45 14.93 0.23
C HIS K 262 -25.54 14.49 -0.76
N GLU K 263 -26.74 15.11 -0.69
CA GLU K 263 -27.84 14.76 -1.59
C GLU K 263 -27.69 15.41 -2.98
N GLY K 264 -26.83 16.43 -3.08
CA GLY K 264 -26.52 17.12 -4.32
C GLY K 264 -25.60 16.32 -5.22
N LEU K 265 -24.87 15.35 -4.63
CA LEU K 265 -23.94 14.45 -5.34
C LEU K 265 -24.69 13.18 -5.80
N PRO K 266 -24.45 12.69 -7.05
CA PRO K 266 -25.15 11.47 -7.51
C PRO K 266 -24.83 10.24 -6.66
N LYS K 267 -23.54 10.04 -6.34
CA LYS K 267 -23.02 8.95 -5.49
C LYS K 267 -21.89 9.51 -4.61
N PRO K 268 -21.64 8.96 -3.38
CA PRO K 268 -20.60 9.54 -2.52
C PRO K 268 -19.25 9.73 -3.22
N LEU K 269 -18.77 10.99 -3.21
CA LEU K 269 -17.50 11.39 -3.81
C LEU K 269 -16.33 11.01 -2.91
N THR K 270 -15.16 10.77 -3.50
CA THR K 270 -13.96 10.40 -2.76
C THR K 270 -12.74 11.11 -3.36
N LEU K 271 -11.87 11.65 -2.49
CA LEU K 271 -10.67 12.37 -2.92
C LEU K 271 -9.51 12.24 -1.93
N ARG K 272 -8.35 12.74 -2.38
CA ARG K 272 -7.04 12.81 -1.73
C ARG K 272 -6.29 13.95 -2.45
N TRP K 273 -4.98 14.14 -2.20
CA TRP K 273 -4.28 15.19 -2.96
C TRP K 273 -4.03 14.71 -4.40
N ILE L 2 -29.45 26.70 32.84
CA ILE L 2 -30.26 27.68 32.11
C ILE L 2 -29.38 28.64 31.27
N GLN L 3 -28.03 28.49 31.35
CA GLN L 3 -27.10 29.34 30.61
C GLN L 3 -26.05 28.51 29.85
N ARG L 4 -25.90 28.78 28.55
CA ARG L 4 -24.96 28.07 27.67
C ARG L 4 -23.93 29.02 27.08
N THR L 5 -22.66 28.59 27.04
CA THR L 5 -21.56 29.38 26.50
C THR L 5 -21.48 29.19 24.97
N PRO L 6 -21.25 30.29 24.20
CA PRO L 6 -21.23 30.16 22.74
C PRO L 6 -20.02 29.46 22.14
N LYS L 7 -20.28 28.74 21.04
CA LYS L 7 -19.32 28.11 20.15
C LYS L 7 -18.93 29.19 19.17
N ILE L 8 -17.63 29.38 18.95
CA ILE L 8 -17.16 30.45 18.10
C ILE L 8 -16.34 29.92 16.92
N GLN L 9 -16.62 30.46 15.73
CA GLN L 9 -15.96 30.09 14.47
C GLN L 9 -15.68 31.33 13.64
N VAL L 10 -14.40 31.53 13.27
CA VAL L 10 -13.99 32.67 12.45
C VAL L 10 -13.40 32.11 11.13
N TYR L 11 -13.99 32.55 9.99
CA TYR L 11 -13.65 32.07 8.65
C TYR L 11 -14.03 33.05 7.55
N SER L 12 -13.61 32.76 6.32
CA SER L 12 -13.92 33.57 5.13
C SER L 12 -14.99 32.86 4.28
N ARG L 13 -15.86 33.66 3.62
CA ARG L 13 -16.96 33.20 2.75
C ARG L 13 -16.45 32.33 1.59
N HIS L 14 -15.26 32.65 1.07
CA HIS L 14 -14.58 31.93 0.00
C HIS L 14 -13.09 31.73 0.34
N PRO L 15 -12.37 30.71 -0.18
CA PRO L 15 -10.93 30.66 0.09
C PRO L 15 -10.24 31.73 -0.76
N ALA L 16 -9.46 32.62 -0.15
CA ALA L 16 -8.85 33.71 -0.93
C ALA L 16 -7.40 33.98 -0.59
N GLU L 17 -6.67 34.47 -1.61
CA GLU L 17 -5.28 34.90 -1.49
C GLU L 17 -5.24 36.42 -1.32
N ASN L 18 -4.06 36.97 -1.01
CA ASN L 18 -3.83 38.39 -0.78
C ASN L 18 -4.20 39.23 -2.02
N GLY L 19 -5.13 40.17 -1.82
CA GLY L 19 -5.61 41.06 -2.86
C GLY L 19 -7.07 40.85 -3.26
N LYS L 20 -7.50 39.58 -3.37
CA LYS L 20 -8.88 39.21 -3.77
C LYS L 20 -9.83 39.43 -2.60
N SER L 21 -10.96 40.12 -2.85
CA SER L 21 -11.95 40.44 -1.83
C SER L 21 -13.09 39.43 -1.73
N ASN L 22 -13.59 39.22 -0.50
CA ASN L 22 -14.73 38.37 -0.15
C ASN L 22 -15.31 38.85 1.20
N PHE L 23 -15.90 37.96 2.01
CA PHE L 23 -16.48 38.34 3.29
C PHE L 23 -15.87 37.59 4.47
N LEU L 24 -15.66 38.30 5.60
CA LEU L 24 -15.15 37.72 6.84
C LEU L 24 -16.34 37.40 7.72
N ASN L 25 -16.51 36.12 8.06
CA ASN L 25 -17.62 35.62 8.86
C ASN L 25 -17.21 35.22 10.26
N CYS L 26 -18.13 35.40 11.22
CA CYS L 26 -17.99 35.00 12.61
C CYS L 26 -19.28 34.33 13.06
N TYR L 27 -19.31 32.99 12.96
CA TYR L 27 -20.48 32.19 13.33
C TYR L 27 -20.46 31.90 14.81
N VAL L 28 -21.36 32.55 15.54
CA VAL L 28 -21.54 32.44 16.99
C VAL L 28 -22.82 31.62 17.20
N SER L 29 -22.72 30.46 17.86
CA SER L 29 -23.84 29.53 18.06
C SER L 29 -23.82 28.83 19.42
N GLY L 30 -24.90 28.13 19.75
CA GLY L 30 -25.05 27.34 20.97
C GLY L 30 -25.09 28.11 22.28
N PHE L 31 -25.34 29.42 22.23
CA PHE L 31 -25.40 30.28 23.42
C PHE L 31 -26.84 30.51 23.90
N HIS L 32 -26.99 30.75 25.22
CA HIS L 32 -28.25 31.05 25.90
C HIS L 32 -27.94 31.81 27.21
N PRO L 33 -28.55 32.99 27.51
CA PRO L 33 -29.61 33.74 26.78
C PRO L 33 -29.15 34.36 25.43
N SER L 34 -30.05 35.07 24.75
CA SER L 34 -29.87 35.68 23.42
C SER L 34 -28.94 36.91 23.35
N ASP L 35 -28.76 37.66 24.46
CA ASP L 35 -27.91 38.88 24.45
C ASP L 35 -26.44 38.52 24.27
N ILE L 36 -25.84 38.99 23.17
CA ILE L 36 -24.44 38.70 22.82
C ILE L 36 -23.75 39.95 22.22
N GLU L 37 -22.48 40.17 22.60
CA GLU L 37 -21.64 41.27 22.11
C GLU L 37 -20.64 40.69 21.13
N VAL L 38 -20.84 40.90 19.82
CA VAL L 38 -19.95 40.35 18.79
C VAL L 38 -19.36 41.50 17.96
N ASP L 39 -18.03 41.50 17.81
CA ASP L 39 -17.28 42.49 17.03
C ASP L 39 -16.09 41.83 16.33
N LEU L 40 -15.87 42.22 15.07
CA LEU L 40 -14.79 41.73 14.20
C LEU L 40 -13.59 42.68 14.34
N LEU L 41 -12.37 42.12 14.29
CA LEU L 41 -11.13 42.89 14.50
C LEU L 41 -10.14 42.81 13.33
N LYS L 42 -9.48 43.94 13.04
CA LYS L 42 -8.43 44.09 12.04
C LYS L 42 -7.30 44.85 12.71
N ASN L 43 -6.25 44.12 13.09
CA ASN L 43 -5.04 44.59 13.80
C ASN L 43 -5.39 45.20 15.18
N GLY L 44 -6.53 44.78 15.73
CA GLY L 44 -7.04 45.24 17.01
C GLY L 44 -8.06 46.36 16.88
N GLU L 45 -8.22 46.92 15.65
CA GLU L 45 -9.18 47.99 15.37
C GLU L 45 -10.54 47.40 14.99
N ARG L 46 -11.61 48.00 15.51
CA ARG L 46 -12.98 47.54 15.26
C ARG L 46 -13.46 47.93 13.86
N ILE L 47 -13.81 46.92 13.04
CA ILE L 47 -14.38 47.14 11.69
C ILE L 47 -15.75 47.76 11.96
N GLU L 48 -15.95 49.03 11.54
CA GLU L 48 -17.14 49.80 11.90
C GLU L 48 -18.45 49.36 11.23
N LYS L 49 -18.45 48.90 9.97
CA LYS L 49 -19.73 48.51 9.38
C LYS L 49 -19.87 46.97 9.23
N VAL L 50 -20.14 46.33 10.39
CA VAL L 50 -20.35 44.88 10.51
C VAL L 50 -21.86 44.62 10.60
N GLU L 51 -22.35 43.66 9.79
CA GLU L 51 -23.76 43.26 9.73
C GLU L 51 -23.97 41.90 10.42
N HIS L 52 -25.24 41.53 10.68
CA HIS L 52 -25.58 40.25 11.32
C HIS L 52 -26.97 39.75 10.87
N SER L 53 -27.17 38.42 10.98
CA SER L 53 -28.40 37.73 10.60
C SER L 53 -29.48 37.85 11.70
N ASP L 54 -30.71 37.37 11.39
CA ASP L 54 -31.83 37.37 12.34
C ASP L 54 -31.62 36.31 13.39
N LEU L 55 -31.97 36.64 14.65
CA LEU L 55 -31.82 35.76 15.80
C LEU L 55 -32.74 34.54 15.67
N SER L 56 -32.12 33.37 15.43
CA SER L 56 -32.78 32.08 15.32
C SER L 56 -32.20 31.13 16.36
N PHE L 57 -32.84 29.97 16.59
CA PHE L 57 -32.36 29.02 17.58
C PHE L 57 -32.43 27.59 17.06
N SER L 58 -31.70 26.67 17.71
CA SER L 58 -31.65 25.26 17.35
C SER L 58 -32.71 24.44 18.10
N LYS L 59 -32.71 23.11 17.88
CA LYS L 59 -33.61 22.12 18.48
C LYS L 59 -33.45 22.09 20.01
N ASP L 60 -32.22 22.33 20.51
CA ASP L 60 -31.89 22.36 21.94
C ASP L 60 -32.12 23.77 22.54
N TRP L 61 -32.86 24.65 21.82
CA TRP L 61 -33.28 26.02 22.18
C TRP L 61 -32.12 27.05 22.19
N SER L 62 -30.88 26.62 21.93
CA SER L 62 -29.71 27.50 21.92
C SER L 62 -29.70 28.38 20.66
N PHE L 63 -29.39 29.69 20.83
CA PHE L 63 -29.39 30.68 19.77
C PHE L 63 -28.12 30.63 18.89
N TYR L 64 -28.22 31.23 17.68
CA TYR L 64 -27.12 31.34 16.71
C TYR L 64 -27.31 32.54 15.78
N LEU L 65 -26.18 33.11 15.31
CA LEU L 65 -26.13 34.25 14.38
C LEU L 65 -24.77 34.34 13.68
N LEU L 66 -24.76 34.95 12.49
CA LEU L 66 -23.55 35.14 11.70
C LEU L 66 -23.24 36.62 11.56
N TYR L 67 -22.09 37.06 12.10
CA TYR L 67 -21.61 38.43 11.99
C TYR L 67 -20.66 38.47 10.80
N TYR L 68 -20.87 39.40 9.86
CA TYR L 68 -20.08 39.47 8.63
C TYR L 68 -19.86 40.89 8.09
N THR L 69 -18.73 41.08 7.38
CA THR L 69 -18.34 42.34 6.74
C THR L 69 -17.56 42.06 5.43
N GLU L 70 -17.52 43.06 4.53
CA GLU L 70 -16.76 43.00 3.29
C GLU L 70 -15.30 43.24 3.62
N PHE L 71 -14.43 42.28 3.30
CA PHE L 71 -13.00 42.41 3.61
C PHE L 71 -12.13 41.89 2.46
N THR L 72 -10.84 42.23 2.48
CA THR L 72 -9.89 41.80 1.47
C THR L 72 -8.64 41.26 2.21
N PRO L 73 -8.43 39.91 2.20
CA PRO L 73 -7.24 39.36 2.89
C PRO L 73 -5.94 39.91 2.29
N THR L 74 -4.97 40.18 3.16
CA THR L 74 -3.67 40.70 2.79
C THR L 74 -2.64 39.92 3.64
N GLU L 75 -1.42 39.77 3.10
CA GLU L 75 -0.26 39.03 3.62
C GLU L 75 -0.09 39.03 5.15
N LYS L 76 -0.07 40.21 5.82
CA LYS L 76 0.22 40.26 7.25
C LYS L 76 -0.86 40.91 8.14
N ASP L 77 -2.00 41.36 7.57
CA ASP L 77 -3.09 41.96 8.36
C ASP L 77 -3.74 40.89 9.25
N GLU L 78 -3.68 41.07 10.59
CA GLU L 78 -4.25 40.12 11.53
C GLU L 78 -5.76 40.39 11.70
N TYR L 79 -6.56 39.31 11.57
CA TYR L 79 -8.01 39.36 11.73
C TYR L 79 -8.43 38.41 12.83
N ALA L 80 -9.41 38.82 13.65
CA ALA L 80 -9.91 38.05 14.79
C ALA L 80 -11.37 38.39 15.10
N CYS L 81 -12.03 37.57 15.92
CA CYS L 81 -13.41 37.82 16.35
C CYS L 81 -13.49 37.80 17.87
N ARG L 82 -14.00 38.89 18.46
CA ARG L 82 -14.17 39.04 19.90
C ARG L 82 -15.64 38.93 20.27
N VAL L 83 -15.97 38.00 21.16
CA VAL L 83 -17.34 37.74 21.61
C VAL L 83 -17.43 37.85 23.12
N ASN L 84 -18.51 38.49 23.60
CA ASN L 84 -18.81 38.63 25.02
C ASN L 84 -20.24 38.18 25.29
N HIS L 85 -20.39 37.33 26.32
CA HIS L 85 -21.66 36.76 26.79
C HIS L 85 -21.60 36.64 28.31
N VAL L 86 -22.77 36.68 28.99
CA VAL L 86 -22.92 36.60 30.46
C VAL L 86 -22.14 35.39 31.05
N THR L 87 -22.01 34.31 30.27
CA THR L 87 -21.33 33.06 30.58
C THR L 87 -19.79 33.20 30.62
N LEU L 88 -19.24 34.21 29.92
CA LEU L 88 -17.79 34.47 29.84
C LEU L 88 -17.35 35.49 30.88
N SER L 89 -16.14 35.30 31.44
CA SER L 89 -15.54 36.21 32.42
C SER L 89 -15.04 37.46 31.68
N GLN L 90 -14.08 37.26 30.76
CA GLN L 90 -13.48 38.27 29.90
C GLN L 90 -13.86 37.97 28.43
N PRO L 91 -14.06 38.99 27.56
CA PRO L 91 -14.43 38.69 26.15
C PRO L 91 -13.44 37.76 25.47
N LYS L 92 -13.96 36.74 24.76
CA LYS L 92 -13.13 35.74 24.09
C LYS L 92 -12.77 36.17 22.68
N ILE L 93 -11.46 36.25 22.40
CA ILE L 93 -10.94 36.62 21.08
C ILE L 93 -10.42 35.35 20.39
N VAL L 94 -10.96 35.05 19.20
CA VAL L 94 -10.54 33.89 18.40
C VAL L 94 -9.96 34.43 17.09
N LYS L 95 -8.65 34.18 16.86
CA LYS L 95 -7.94 34.68 15.68
C LYS L 95 -8.30 33.90 14.43
N TRP L 96 -8.42 34.63 13.31
CA TRP L 96 -8.75 34.04 12.01
C TRP L 96 -7.54 33.31 11.43
N ASP L 97 -7.72 32.02 11.17
CA ASP L 97 -6.73 31.17 10.53
C ASP L 97 -7.26 30.84 9.14
N ARG L 98 -6.55 31.35 8.12
CA ARG L 98 -6.86 31.20 6.69
C ARG L 98 -6.95 29.73 6.26
N ASP L 99 -6.11 28.87 6.88
CA ASP L 99 -6.03 27.43 6.62
C ASP L 99 -7.27 26.66 7.07
N MET L 100 -8.08 27.25 7.98
CA MET L 100 -9.28 26.60 8.52
C MET L 100 -10.44 27.61 8.71
N LEU M 1 -47.70 30.08 5.89
CA LEU M 1 -48.57 30.92 6.71
C LEU M 1 -48.55 30.46 8.17
N PRO M 2 -48.34 31.37 9.15
CA PRO M 2 -48.28 30.94 10.56
C PRO M 2 -49.65 30.56 11.15
N PHE M 3 -49.63 29.85 12.30
CA PHE M 3 -50.82 29.40 13.04
C PHE M 3 -51.60 30.63 13.53
N ASP M 4 -52.91 30.63 13.35
CA ASP M 4 -53.78 31.78 13.61
C ASP M 4 -54.62 31.60 14.87
N LYS M 5 -53.96 31.26 15.94
CA LYS M 5 -54.57 31.12 17.25
C LYS M 5 -53.51 31.45 18.29
N SER M 6 -53.69 32.60 18.95
CA SER M 6 -52.77 33.09 19.97
C SER M 6 -53.40 32.91 21.34
N THR M 7 -52.81 32.02 22.15
CA THR M 7 -53.30 31.69 23.48
C THR M 7 -52.24 31.99 24.52
N VAL M 8 -52.61 32.79 25.52
CA VAL M 8 -51.76 33.20 26.65
C VAL M 8 -51.41 31.95 27.49
N MET M 9 -50.13 31.85 27.90
CA MET M 9 -49.62 30.73 28.71
C MET M 9 -49.88 30.95 30.21
N GLN N 1 -66.88 36.18 3.18
CA GLN N 1 -67.01 35.42 4.43
C GLN N 1 -68.43 35.56 4.98
N SER N 2 -69.24 34.52 4.78
CA SER N 2 -70.64 34.49 5.22
C SER N 2 -71.06 33.07 5.61
N LEU N 3 -72.27 32.92 6.17
CA LEU N 3 -72.83 31.64 6.54
C LEU N 3 -74.37 31.69 6.45
N GLU N 4 -74.98 30.56 6.09
CA GLU N 4 -76.42 30.41 5.90
C GLU N 4 -77.02 29.44 6.92
N GLN N 5 -78.17 29.82 7.50
CA GLN N 5 -78.96 29.02 8.44
C GLN N 5 -80.45 29.38 8.26
N PRO N 6 -81.42 28.43 8.47
CA PRO N 6 -82.84 28.79 8.25
C PRO N 6 -83.31 29.97 9.11
N SER N 7 -84.32 30.72 8.61
CA SER N 7 -84.86 31.88 9.31
C SER N 7 -85.63 31.45 10.56
N GLU N 8 -86.51 30.46 10.42
CA GLU N 8 -87.36 29.93 11.49
C GLU N 8 -87.42 28.40 11.46
N VAL N 9 -87.75 27.80 12.61
CA VAL N 9 -87.94 26.36 12.77
C VAL N 9 -88.94 26.16 13.94
N THR N 10 -89.81 25.16 13.82
CA THR N 10 -90.85 24.87 14.82
C THR N 10 -90.93 23.38 15.11
N ALA N 11 -91.18 23.04 16.38
CA ALA N 11 -91.33 21.68 16.88
C ALA N 11 -92.24 21.68 18.12
N VAL N 12 -92.88 20.55 18.38
CA VAL N 12 -93.78 20.35 19.52
C VAL N 12 -92.94 19.99 20.75
N GLU N 13 -93.34 20.47 21.94
CA GLU N 13 -92.69 20.21 23.22
C GLU N 13 -92.47 18.68 23.41
N GLY N 14 -91.24 18.31 23.77
CA GLY N 14 -90.84 16.93 23.99
C GLY N 14 -90.16 16.31 22.77
N ALA N 15 -90.30 16.95 21.59
CA ALA N 15 -89.73 16.49 20.33
C ALA N 15 -88.27 16.92 20.18
N ILE N 16 -87.67 16.63 19.00
CA ILE N 16 -86.29 17.01 18.69
C ILE N 16 -86.30 17.96 17.48
N VAL N 17 -85.31 18.85 17.38
CA VAL N 17 -85.22 19.80 16.28
C VAL N 17 -83.76 19.93 15.81
N GLN N 18 -83.58 20.16 14.50
CA GLN N 18 -82.29 20.32 13.85
C GLN N 18 -82.22 21.70 13.20
N ILE N 19 -81.12 22.42 13.45
CA ILE N 19 -80.86 23.73 12.87
C ILE N 19 -79.59 23.57 12.03
N ASN N 20 -79.76 23.49 10.71
CA ASN N 20 -78.65 23.33 9.77
C ASN N 20 -77.88 24.65 9.59
N CYS N 21 -76.58 24.57 9.30
N CYS N 21 -76.58 24.56 9.29
CA CYS N 21 -75.73 25.74 9.07
CA CYS N 21 -75.70 25.70 9.09
C CYS N 21 -74.60 25.39 8.10
C CYS N 21 -74.60 25.37 8.07
N THR N 22 -74.46 26.20 7.04
CA THR N 22 -73.41 26.05 6.02
C THR N 22 -72.61 27.33 6.03
N TYR N 23 -71.29 27.22 5.99
CA TYR N 23 -70.44 28.40 6.01
C TYR N 23 -69.69 28.55 4.69
N GLN N 24 -69.62 29.78 4.17
CA GLN N 24 -68.95 30.09 2.91
C GLN N 24 -67.85 31.07 3.24
N THR N 25 -66.66 30.52 3.51
CA THR N 25 -65.48 31.28 3.92
C THR N 25 -64.20 30.56 3.45
N SER N 26 -63.08 31.31 3.40
CA SER N 26 -61.77 30.83 2.96
C SER N 26 -60.98 30.11 4.07
N GLY N 27 -61.16 30.55 5.32
CA GLY N 27 -60.48 29.97 6.47
C GLY N 27 -61.44 29.31 7.45
N PHE N 28 -60.94 28.35 8.22
CA PHE N 28 -61.77 27.65 9.21
C PHE N 28 -60.93 27.19 10.38
N TYR N 29 -61.37 27.54 11.58
CA TYR N 29 -60.74 27.16 12.84
C TYR N 29 -61.78 26.48 13.71
N GLY N 30 -63.02 26.91 13.60
CA GLY N 30 -64.12 26.34 14.37
C GLY N 30 -65.49 26.90 14.06
N LEU N 31 -66.50 26.07 14.35
CA LEU N 31 -67.91 26.41 14.20
C LEU N 31 -68.54 26.29 15.58
N SER N 32 -69.21 27.37 16.04
CA SER N 32 -69.81 27.41 17.37
C SER N 32 -71.29 27.78 17.33
N TRP N 33 -72.00 27.46 18.42
CA TRP N 33 -73.43 27.70 18.57
C TRP N 33 -73.72 28.52 19.80
N TYR N 34 -74.60 29.52 19.64
CA TYR N 34 -75.01 30.43 20.71
C TYR N 34 -76.52 30.57 20.75
N GLN N 35 -77.08 30.64 21.96
CA GLN N 35 -78.51 30.79 22.18
C GLN N 35 -78.78 32.19 22.72
N GLN N 36 -79.75 32.90 22.15
CA GLN N 36 -80.08 34.23 22.61
C GLN N 36 -81.58 34.41 22.76
N HIS N 37 -82.00 34.66 24.01
CA HIS N 37 -83.39 34.99 24.32
C HIS N 37 -83.57 36.47 24.00
N ASP N 38 -84.79 36.88 23.58
CA ASP N 38 -85.09 38.26 23.17
C ASP N 38 -84.60 39.27 24.21
N GLY N 39 -83.63 40.10 23.81
CA GLY N 39 -83.02 41.13 24.65
C GLY N 39 -82.02 40.61 25.67
N GLY N 40 -81.64 39.35 25.54
CA GLY N 40 -80.70 38.69 26.44
C GLY N 40 -79.30 38.54 25.87
N ALA N 41 -78.41 37.94 26.66
CA ALA N 41 -77.02 37.72 26.29
C ALA N 41 -76.85 36.41 25.51
N PRO N 42 -76.14 36.40 24.35
CA PRO N 42 -75.89 35.12 23.66
C PRO N 42 -75.07 34.19 24.57
N THR N 43 -75.60 32.98 24.83
CA THR N 43 -74.96 32.00 25.71
C THR N 43 -74.46 30.82 24.88
N PHE N 44 -73.18 30.46 25.07
CA PHE N 44 -72.46 29.38 24.38
C PHE N 44 -73.13 28.03 24.58
N LEU N 45 -73.22 27.24 23.49
CA LEU N 45 -73.82 25.90 23.52
C LEU N 45 -72.75 24.83 23.26
N SER N 46 -72.09 24.88 22.08
CA SER N 46 -71.06 23.91 21.70
C SER N 46 -70.12 24.47 20.63
N TYR N 47 -68.89 23.93 20.57
CA TYR N 47 -67.84 24.32 19.64
C TYR N 47 -67.26 23.09 18.96
N ASN N 48 -67.22 23.10 17.62
CA ASN N 48 -66.64 22.04 16.80
C ASN N 48 -65.40 22.57 16.08
N ALA N 49 -64.23 22.01 16.38
CA ALA N 49 -62.97 22.40 15.74
C ALA N 49 -62.62 21.36 14.68
N LEU N 50 -62.75 20.08 15.05
CA LEU N 50 -62.53 18.92 14.19
C LEU N 50 -63.87 18.29 13.82
N ASP N 51 -63.89 17.45 12.75
CA ASP N 51 -65.08 16.74 12.30
C ASP N 51 -65.63 15.83 13.39
N GLY N 52 -66.96 15.75 13.47
CA GLY N 52 -67.60 14.87 14.45
C GLY N 52 -68.72 15.50 15.24
N LEU N 53 -69.08 14.86 16.36
CA LEU N 53 -70.17 15.27 17.24
C LEU N 53 -69.69 15.68 18.62
N GLU N 54 -70.24 16.81 19.09
CA GLU N 54 -70.01 17.34 20.43
C GLU N 54 -71.33 17.23 21.19
N GLU N 55 -71.38 16.37 22.22
CA GLU N 55 -72.59 16.17 23.03
C GLU N 55 -72.48 16.92 24.36
N THR N 56 -73.51 17.75 24.67
CA THR N 56 -73.57 18.54 25.91
C THR N 56 -75.03 18.57 26.40
N GLY N 57 -75.40 17.55 27.15
CA GLY N 57 -76.75 17.38 27.69
C GLY N 57 -77.75 17.05 26.59
N ARG N 58 -78.81 17.87 26.47
CA ARG N 58 -79.86 17.73 25.46
C ARG N 58 -79.41 18.34 24.12
N PHE N 59 -78.27 19.04 24.10
CA PHE N 59 -77.80 19.74 22.92
C PHE N 59 -76.51 19.13 22.38
N SER N 60 -76.50 18.81 21.08
CA SER N 60 -75.35 18.26 20.38
C SER N 60 -75.15 18.99 19.05
N SER N 61 -73.90 19.09 18.59
CA SER N 61 -73.61 19.74 17.33
C SER N 61 -72.62 18.94 16.50
N PHE N 62 -72.95 18.75 15.22
CA PHE N 62 -72.14 18.02 14.26
C PHE N 62 -71.43 19.00 13.32
N LEU N 63 -70.26 18.59 12.81
CA LEU N 63 -69.46 19.34 11.85
C LEU N 63 -68.80 18.42 10.84
N SER N 64 -68.73 18.89 9.60
CA SER N 64 -68.06 18.27 8.46
C SER N 64 -67.32 19.37 7.72
N ARG N 65 -66.01 19.49 7.96
CA ARG N 65 -65.15 20.52 7.37
C ARG N 65 -65.16 20.45 5.83
N SER N 66 -65.07 19.22 5.26
CA SER N 66 -65.04 18.98 3.81
C SER N 66 -66.36 19.39 3.12
N ASP N 67 -67.51 19.17 3.79
CA ASP N 67 -68.82 19.54 3.25
C ASP N 67 -69.17 20.99 3.59
N SER N 68 -68.30 21.69 4.36
CA SER N 68 -68.43 23.09 4.79
C SER N 68 -69.83 23.31 5.43
N TYR N 69 -70.25 22.33 6.25
CA TYR N 69 -71.57 22.26 6.87
C TYR N 69 -71.52 21.67 8.29
N GLY N 70 -72.43 22.15 9.12
CA GLY N 70 -72.64 21.71 10.49
C GLY N 70 -74.08 21.89 10.91
N TYR N 71 -74.47 21.28 12.04
CA TYR N 71 -75.84 21.42 12.54
C TYR N 71 -75.93 21.24 14.03
N LEU N 72 -76.96 21.85 14.63
CA LEU N 72 -77.28 21.79 16.05
C LEU N 72 -78.54 20.96 16.23
N LEU N 73 -78.48 19.97 17.11
CA LEU N 73 -79.61 19.07 17.41
C LEU N 73 -80.05 19.27 18.85
N LEU N 74 -81.36 19.49 19.07
CA LEU N 74 -81.92 19.72 20.41
C LEU N 74 -82.88 18.61 20.78
N GLN N 75 -82.57 17.89 21.86
CA GLN N 75 -83.35 16.77 22.39
C GLN N 75 -84.32 17.24 23.47
N GLU N 76 -85.41 16.47 23.69
CA GLU N 76 -86.46 16.66 24.70
C GLU N 76 -86.79 18.15 24.89
N LEU N 77 -87.26 18.79 23.82
CA LEU N 77 -87.56 20.22 23.76
C LEU N 77 -88.51 20.68 24.85
N GLN N 78 -88.17 21.83 25.43
CA GLN N 78 -88.88 22.52 26.50
C GLN N 78 -89.24 23.92 26.03
N MET N 79 -90.16 24.61 26.74
CA MET N 79 -90.59 25.97 26.40
C MET N 79 -89.46 26.99 26.51
N LYS N 80 -88.51 26.77 27.44
CA LYS N 80 -87.35 27.64 27.67
C LYS N 80 -86.37 27.64 26.46
N ASP N 81 -86.51 26.66 25.54
CA ASP N 81 -85.67 26.54 24.35
C ASP N 81 -86.15 27.48 23.24
N SER N 82 -87.33 28.12 23.41
CA SER N 82 -87.88 29.09 22.47
C SER N 82 -87.02 30.36 22.52
N ALA N 83 -86.12 30.49 21.53
CA ALA N 83 -85.17 31.59 21.40
C ALA N 83 -84.61 31.63 19.98
N SER N 84 -83.51 32.38 19.79
CA SER N 84 -82.78 32.48 18.53
C SER N 84 -81.46 31.74 18.68
N TYR N 85 -81.10 30.94 17.68
CA TYR N 85 -79.88 30.14 17.70
C TYR N 85 -78.95 30.63 16.61
N PHE N 86 -77.72 30.99 16.99
CA PHE N 86 -76.76 31.54 16.07
C PHE N 86 -75.56 30.66 15.83
N CYS N 87 -75.28 30.33 14.55
N CYS N 87 -75.27 30.44 14.54
CA CYS N 87 -74.07 29.58 14.24
CA CYS N 87 -74.12 29.70 14.05
C CYS N 87 -72.99 30.59 13.87
C CYS N 87 -72.98 30.70 13.88
N ALA N 88 -71.83 30.44 14.49
CA ALA N 88 -70.68 31.34 14.37
C ALA N 88 -69.48 30.62 13.81
N VAL N 89 -68.75 31.28 12.90
CA VAL N 89 -67.58 30.67 12.28
C VAL N 89 -66.33 31.48 12.66
N ASP N 90 -65.27 30.75 13.01
CA ASP N 90 -63.95 31.26 13.33
C ASP N 90 -63.05 30.91 12.16
N THR N 91 -62.38 31.92 11.60
CA THR N 91 -61.56 31.79 10.38
C THR N 91 -60.07 32.07 10.66
N GLY N 92 -59.71 32.15 11.93
CA GLY N 92 -58.36 32.47 12.37
C GLY N 92 -58.33 33.87 12.91
N GLY N 93 -57.64 34.05 14.03
CA GLY N 93 -57.51 35.34 14.67
C GLY N 93 -58.40 35.56 15.86
N PHE N 94 -59.43 36.41 15.69
CA PHE N 94 -60.35 36.85 16.74
C PHE N 94 -61.73 37.28 16.20
N LYS N 95 -61.78 37.71 14.93
CA LYS N 95 -62.99 38.19 14.27
C LYS N 95 -63.90 37.00 13.93
N THR N 96 -65.04 36.90 14.65
CA THR N 96 -66.02 35.83 14.49
C THR N 96 -67.19 36.32 13.66
N ILE N 97 -67.58 35.55 12.63
CA ILE N 97 -68.71 35.87 11.77
C ILE N 97 -69.93 35.11 12.31
N PHE N 98 -70.99 35.84 12.65
CA PHE N 98 -72.23 35.27 13.17
C PHE N 98 -73.31 35.26 12.11
N GLY N 99 -74.13 34.22 12.12
CA GLY N 99 -75.25 34.09 11.20
C GLY N 99 -76.40 34.98 11.62
N ALA N 100 -77.40 35.14 10.73
CA ALA N 100 -78.58 35.98 10.98
C ALA N 100 -79.47 35.39 12.10
N GLY N 101 -79.29 34.10 12.38
CA GLY N 101 -80.02 33.40 13.43
C GLY N 101 -81.28 32.69 13.01
N THR N 102 -81.61 31.63 13.75
CA THR N 102 -82.79 30.80 13.54
C THR N 102 -83.70 30.92 14.75
N ARG N 103 -84.95 31.34 14.53
CA ARG N 103 -85.88 31.42 15.63
C ARG N 103 -86.57 30.07 15.80
N LEU N 104 -86.45 29.50 17.01
CA LEU N 104 -87.10 28.24 17.33
C LEU N 104 -88.35 28.52 18.14
N PHE N 105 -89.49 28.07 17.63
CA PHE N 105 -90.77 28.17 18.30
C PHE N 105 -91.12 26.79 18.86
N VAL N 106 -91.25 26.68 20.19
CA VAL N 106 -91.61 25.40 20.80
C VAL N 106 -93.12 25.44 21.05
N LYS N 107 -93.87 24.53 20.41
CA LYS N 107 -95.32 24.45 20.55
C LYS N 107 -95.66 23.66 21.81
N ALA N 108 -96.29 24.34 22.78
CA ALA N 108 -96.70 23.75 24.06
C ALA N 108 -97.69 22.61 23.86
N ASN N 109 -97.53 21.53 24.62
CA ASN N 109 -98.44 20.41 24.54
C ASN N 109 -99.57 20.62 25.55
N ILE N 110 -100.80 20.79 25.04
CA ILE N 110 -101.98 21.02 25.88
C ILE N 110 -102.71 19.68 26.00
N GLN N 111 -102.63 19.08 27.20
CA GLN N 111 -103.23 17.78 27.53
C GLN N 111 -104.75 17.86 27.62
N ASN N 112 -105.28 18.87 28.35
CA ASN N 112 -106.72 19.02 28.52
C ASN N 112 -107.19 20.41 28.03
N PRO N 113 -107.46 20.57 26.70
CA PRO N 113 -107.89 21.88 26.18
C PRO N 113 -109.33 22.20 26.57
N ASP N 114 -109.55 23.44 27.07
CA ASP N 114 -110.84 23.95 27.48
C ASP N 114 -110.93 25.44 27.04
N PRO N 115 -111.10 25.73 25.72
CA PRO N 115 -111.13 27.13 25.27
C PRO N 115 -112.29 27.95 25.83
N ALA N 116 -112.03 29.24 26.13
CA ALA N 116 -113.01 30.19 26.67
C ALA N 116 -112.55 31.64 26.58
N VAL N 117 -113.50 32.56 26.36
CA VAL N 117 -113.30 34.01 26.28
C VAL N 117 -113.93 34.63 27.54
N TYR N 118 -113.15 35.42 28.30
CA TYR N 118 -113.60 36.02 29.55
C TYR N 118 -113.58 37.56 29.55
N GLN N 119 -114.17 38.18 30.59
CA GLN N 119 -114.20 39.63 30.78
C GLN N 119 -113.61 40.01 32.14
N LEU N 120 -112.68 40.98 32.14
CA LEU N 120 -111.99 41.42 33.34
C LEU N 120 -112.30 42.89 33.66
N ARG N 121 -112.36 43.24 34.96
CA ARG N 121 -112.61 44.60 35.44
C ARG N 121 -111.43 45.13 36.25
N ASP N 122 -111.01 46.37 35.97
CA ASP N 122 -109.91 47.06 36.65
C ASP N 122 -110.33 47.49 38.06
N SER N 123 -109.35 47.81 38.94
CA SER N 123 -109.57 48.31 40.30
C SER N 123 -110.38 49.61 40.28
N LYS N 124 -110.24 50.37 39.18
CA LYS N 124 -110.90 51.62 38.87
C LYS N 124 -111.31 51.60 37.39
N SER N 125 -112.60 51.35 37.09
CA SER N 125 -113.09 51.27 35.71
C SER N 125 -113.26 52.69 35.12
N SER N 126 -112.14 53.45 35.06
CA SER N 126 -112.01 54.81 34.54
C SER N 126 -110.96 54.78 33.41
N ASP N 127 -111.00 53.67 32.67
CA ASP N 127 -110.24 53.29 31.49
C ASP N 127 -111.06 52.16 30.79
N LYS N 128 -110.46 51.39 29.89
CA LYS N 128 -111.06 50.35 29.06
C LYS N 128 -111.56 49.05 29.74
N SER N 129 -112.11 48.14 28.89
CA SER N 129 -112.63 46.81 29.17
C SER N 129 -111.69 45.78 28.52
N VAL N 130 -111.34 44.69 29.23
CA VAL N 130 -110.38 43.70 28.73
C VAL N 130 -111.01 42.30 28.59
N CYS N 131 -110.80 41.69 27.41
CA CYS N 131 -111.21 40.33 27.02
C CYS N 131 -109.99 39.43 26.97
N LEU N 132 -110.11 38.20 27.50
CA LEU N 132 -109.03 37.23 27.54
C LEU N 132 -109.45 35.87 26.98
N PHE N 133 -108.87 35.49 25.84
CA PHE N 133 -109.07 34.18 25.20
C PHE N 133 -107.95 33.29 25.69
N THR N 134 -108.29 32.24 26.46
CA THR N 134 -107.29 31.38 27.07
C THR N 134 -107.67 29.88 27.04
N ASP N 135 -106.72 29.01 27.45
CA ASP N 135 -106.79 27.55 27.60
C ASP N 135 -107.14 26.82 26.29
N PHE N 136 -106.68 27.35 25.15
CA PHE N 136 -106.90 26.77 23.82
C PHE N 136 -105.65 25.99 23.36
N ASP N 137 -105.78 25.21 22.26
CA ASP N 137 -104.71 24.35 21.71
C ASP N 137 -103.70 25.14 20.85
N SER N 138 -102.51 24.54 20.66
CA SER N 138 -101.38 25.09 19.89
C SER N 138 -101.63 25.19 18.38
N GLN N 139 -102.73 24.59 17.88
CA GLN N 139 -103.08 24.65 16.46
C GLN N 139 -104.00 25.85 16.16
N THR N 140 -104.55 26.49 17.21
CA THR N 140 -105.41 27.66 17.10
C THR N 140 -104.52 28.90 16.86
N ASN N 141 -104.90 29.73 15.88
CA ASN N 141 -104.18 30.94 15.48
C ASN N 141 -105.01 32.20 15.78
N VAL N 142 -104.33 33.27 16.23
CA VAL N 142 -104.97 34.55 16.55
C VAL N 142 -104.40 35.66 15.63
N SER N 143 -105.30 36.24 14.80
CA SER N 143 -104.98 37.33 13.88
C SER N 143 -105.58 38.65 14.39
N GLN N 144 -105.07 39.79 13.87
CA GLN N 144 -105.47 41.14 14.28
C GLN N 144 -106.95 41.48 14.04
N SER N 145 -107.47 42.42 14.84
CA SER N 145 -108.86 42.91 14.82
C SER N 145 -109.21 43.66 13.54
N LYS N 146 -110.52 43.67 13.20
CA LYS N 146 -111.07 44.38 12.04
C LYS N 146 -111.18 45.88 12.37
N ASP N 147 -111.44 46.21 13.65
CA ASP N 147 -111.56 47.58 14.16
C ASP N 147 -110.20 48.13 14.56
N SER N 148 -109.94 49.41 14.25
CA SER N 148 -108.70 50.11 14.59
C SER N 148 -108.64 50.47 16.08
N ASP N 149 -109.80 50.48 16.75
CA ASP N 149 -109.96 50.80 18.18
C ASP N 149 -109.63 49.60 19.10
N VAL N 150 -109.71 48.37 18.56
CA VAL N 150 -109.48 47.13 19.32
C VAL N 150 -108.03 46.64 19.14
N TYR N 151 -107.32 46.41 20.27
CA TYR N 151 -105.93 45.94 20.30
C TYR N 151 -105.89 44.48 20.77
N ILE N 152 -105.34 43.58 19.92
CA ILE N 152 -105.23 42.16 20.25
C ILE N 152 -103.74 41.75 20.29
N THR N 153 -103.33 41.08 21.38
CA THR N 153 -101.97 40.57 21.58
C THR N 153 -101.87 39.16 21.03
N ASP N 154 -100.71 38.81 20.45
CA ASP N 154 -100.49 37.46 19.92
C ASP N 154 -100.37 36.46 21.08
N LYS N 155 -100.83 35.22 20.85
CA LYS N 155 -100.84 34.14 21.82
C LYS N 155 -99.46 33.84 22.41
N CYS N 156 -99.42 33.59 23.72
CA CYS N 156 -98.21 33.25 24.46
C CYS N 156 -98.59 32.22 25.55
N VAL N 157 -97.62 31.36 25.96
CA VAL N 157 -97.85 30.27 26.91
C VAL N 157 -97.24 30.58 28.30
N LEU N 158 -98.06 30.41 29.35
CA LEU N 158 -97.65 30.58 30.75
C LEU N 158 -97.51 29.18 31.40
N ASP N 159 -96.54 29.02 32.30
CA ASP N 159 -96.32 27.72 32.97
C ASP N 159 -96.42 27.86 34.49
N MET N 160 -97.49 27.28 35.06
CA MET N 160 -97.73 27.20 36.49
C MET N 160 -97.01 25.95 36.97
N ARG N 161 -95.69 26.09 37.23
CA ARG N 161 -94.74 25.04 37.62
C ARG N 161 -95.23 24.18 38.80
N SER N 162 -95.78 24.83 39.84
CA SER N 162 -96.29 24.21 41.06
C SER N 162 -97.35 23.13 40.79
N MET N 163 -98.27 23.41 39.84
CA MET N 163 -99.37 22.53 39.46
C MET N 163 -99.05 21.67 38.23
N ASP N 164 -97.93 21.95 37.53
CA ASP N 164 -97.48 21.28 36.29
C ASP N 164 -98.52 21.53 35.18
N PHE N 165 -98.93 22.81 35.04
CA PHE N 165 -99.95 23.23 34.08
C PHE N 165 -99.45 24.34 33.15
N LYS N 166 -99.65 24.16 31.84
CA LYS N 166 -99.28 25.10 30.78
C LYS N 166 -100.54 25.51 30.01
N SER N 167 -100.63 26.80 29.60
CA SER N 167 -101.81 27.29 28.87
C SER N 167 -101.52 28.49 27.97
N ASN N 168 -102.11 28.48 26.76
CA ASN N 168 -102.03 29.55 25.78
C ASN N 168 -103.05 30.63 26.14
N SER N 169 -102.79 31.90 25.76
CA SER N 169 -103.70 33.01 26.02
C SER N 169 -103.39 34.24 25.16
N ALA N 170 -104.45 34.92 24.72
CA ALA N 170 -104.45 36.15 23.94
C ALA N 170 -105.32 37.19 24.62
N VAL N 171 -104.87 38.45 24.64
CA VAL N 171 -105.58 39.54 25.31
C VAL N 171 -106.07 40.58 24.28
N ALA N 172 -107.37 40.92 24.35
CA ALA N 172 -108.03 41.91 23.50
C ALA N 172 -108.65 43.02 24.35
N TRP N 173 -108.44 44.30 23.98
CA TRP N 173 -109.00 45.42 24.75
C TRP N 173 -109.30 46.65 23.88
N SER N 174 -110.32 47.44 24.32
CA SER N 174 -110.79 48.68 23.72
C SER N 174 -111.62 49.47 24.73
N ASN N 175 -111.50 50.81 24.71
CA ASN N 175 -112.20 51.71 25.63
C ASN N 175 -113.66 52.00 25.22
N LYS N 176 -114.01 51.73 23.94
CA LYS N 176 -115.35 51.96 23.39
C LYS N 176 -116.37 51.01 24.05
N SER N 177 -117.59 51.55 24.34
CA SER N 177 -118.71 50.82 24.96
C SER N 177 -119.25 49.72 24.03
N ASP N 178 -119.03 49.87 22.70
CA ASP N 178 -119.43 48.93 21.64
C ASP N 178 -118.68 47.59 21.76
N PHE N 179 -117.47 47.60 22.34
CA PHE N 179 -116.62 46.42 22.52
C PHE N 179 -117.16 45.49 23.63
N ALA N 180 -117.28 44.19 23.29
CA ALA N 180 -117.77 43.12 24.17
C ALA N 180 -117.04 41.79 23.86
N CYS N 181 -117.26 40.75 24.69
CA CYS N 181 -116.63 39.42 24.58
C CYS N 181 -117.01 38.67 23.30
N ALA N 182 -118.24 38.87 22.80
CA ALA N 182 -118.75 38.19 21.60
C ALA N 182 -118.05 38.65 20.32
N ASN N 183 -117.92 39.97 20.10
CA ASN N 183 -117.29 40.55 18.90
C ASN N 183 -115.75 40.64 19.02
N ALA N 184 -115.21 40.43 20.24
CA ALA N 184 -113.80 40.52 20.61
C ALA N 184 -112.80 39.85 19.65
N PHE N 185 -113.11 38.67 19.09
CA PHE N 185 -112.13 37.99 18.24
C PHE N 185 -112.64 37.74 16.81
N ASN N 186 -111.85 38.25 15.83
CA ASN N 186 -112.08 38.19 14.39
C ASN N 186 -111.09 37.20 13.74
N ASN N 187 -111.15 35.92 14.16
CA ASN N 187 -110.28 34.84 13.67
C ASN N 187 -110.92 33.45 13.85
N SER N 188 -110.32 32.41 13.23
CA SER N 188 -110.78 31.02 13.28
C SER N 188 -110.56 30.40 14.66
N ILE N 189 -111.58 30.53 15.53
CA ILE N 189 -111.58 29.97 16.88
C ILE N 189 -112.16 28.54 16.83
N ILE N 190 -112.21 27.85 17.98
CA ILE N 190 -112.74 26.49 18.09
C ILE N 190 -114.23 26.60 18.48
N PRO N 191 -115.17 25.84 17.84
CA PRO N 191 -116.61 26.03 18.13
C PRO N 191 -117.12 25.72 19.55
N GLU N 192 -116.37 24.98 20.40
CA GLU N 192 -116.85 24.65 21.75
C GLU N 192 -116.32 25.64 22.84
N ASP N 193 -116.22 26.93 22.49
CA ASP N 193 -115.77 27.99 23.39
C ASP N 193 -116.88 28.42 24.35
N THR N 194 -116.52 28.73 25.63
CA THR N 194 -117.46 29.13 26.68
C THR N 194 -117.56 30.67 26.75
N PHE N 195 -118.81 31.20 26.77
CA PHE N 195 -119.13 32.62 26.85
C PHE N 195 -120.29 32.87 27.85
N PHE N 196 -119.99 32.86 29.17
CA PHE N 196 -121.02 33.07 30.20
C PHE N 196 -121.29 34.57 30.43
N PRO N 197 -122.56 35.03 30.28
CA PRO N 197 -122.85 36.46 30.46
C PRO N 197 -123.48 36.77 31.84
N GLY O 1 -70.07 36.54 35.57
CA GLY O 1 -70.82 36.89 34.38
C GLY O 1 -70.56 38.30 33.89
N VAL O 2 -70.34 38.46 32.57
CA VAL O 2 -70.08 39.74 31.90
C VAL O 2 -71.28 40.68 32.11
N SER O 3 -71.01 41.90 32.62
CA SER O 3 -72.06 42.89 32.88
C SER O 3 -71.94 44.10 31.94
N GLN O 4 -73.09 44.72 31.61
CA GLN O 4 -73.18 45.88 30.74
C GLN O 4 -74.16 46.91 31.29
N SER O 5 -73.79 48.20 31.18
CA SER O 5 -74.60 49.32 31.64
C SER O 5 -74.47 50.52 30.69
N PRO O 6 -75.58 51.21 30.34
CA PRO O 6 -76.97 50.96 30.74
C PRO O 6 -77.58 49.80 29.96
N ARG O 7 -78.73 49.25 30.39
CA ARG O 7 -79.39 48.15 29.65
C ARG O 7 -80.04 48.73 28.39
N TYR O 8 -80.65 49.93 28.53
CA TYR O 8 -81.30 50.69 27.48
C TYR O 8 -80.80 52.13 27.49
N LYS O 9 -80.82 52.79 26.33
CA LYS O 9 -80.41 54.19 26.22
C LYS O 9 -81.10 54.90 25.06
N VAL O 10 -81.84 55.95 25.38
CA VAL O 10 -82.47 56.83 24.39
C VAL O 10 -81.58 58.08 24.33
N ALA O 11 -81.32 58.59 23.13
CA ALA O 11 -80.47 59.76 22.96
C ALA O 11 -80.96 60.65 21.81
N LYS O 12 -80.60 61.95 21.90
CA LYS O 12 -80.91 62.97 20.91
C LYS O 12 -79.72 63.05 19.95
N ARG O 13 -80.00 63.06 18.64
CA ARG O 13 -78.99 63.12 17.57
C ARG O 13 -78.06 64.31 17.81
N GLY O 14 -76.77 64.01 17.98
CA GLY O 14 -75.74 64.99 18.26
C GLY O 14 -75.07 64.80 19.60
N GLN O 15 -75.73 64.08 20.53
CA GLN O 15 -75.22 63.79 21.87
C GLN O 15 -74.10 62.75 21.84
N ASP O 16 -73.37 62.64 22.96
CA ASP O 16 -72.33 61.65 23.17
C ASP O 16 -72.90 60.57 24.08
N VAL O 17 -72.69 59.29 23.72
CA VAL O 17 -73.22 58.15 24.49
C VAL O 17 -72.06 57.26 24.95
N ALA O 18 -72.03 56.94 26.26
CA ALA O 18 -71.02 56.08 26.86
C ALA O 18 -71.60 54.73 27.27
N LEU O 19 -71.06 53.64 26.70
CA LEU O 19 -71.50 52.26 27.00
C LEU O 19 -70.43 51.58 27.83
N ARG O 20 -70.81 51.01 28.98
CA ARG O 20 -69.87 50.37 29.90
C ARG O 20 -69.97 48.84 29.86
N CYS O 21 -68.81 48.17 29.87
CA CYS O 21 -68.69 46.73 29.88
C CYS O 21 -67.74 46.30 31.00
N ASP O 22 -68.16 45.29 31.77
CA ASP O 22 -67.36 44.72 32.85
C ASP O 22 -67.26 43.20 32.62
N PRO O 23 -66.17 42.74 31.97
CA PRO O 23 -66.03 41.32 31.66
C PRO O 23 -65.71 40.46 32.90
N ILE O 24 -65.53 39.14 32.69
CA ILE O 24 -65.17 38.19 33.74
C ILE O 24 -63.72 38.50 34.11
N SER O 25 -63.43 38.57 35.43
CA SER O 25 -62.09 38.88 35.95
C SER O 25 -61.07 37.87 35.45
N GLY O 26 -59.97 38.39 34.92
CA GLY O 26 -58.87 37.59 34.39
C GLY O 26 -58.86 37.46 32.88
N HIS O 27 -60.06 37.44 32.25
CA HIS O 27 -60.26 37.28 30.79
C HIS O 27 -59.41 38.29 30.01
N VAL O 28 -58.44 37.76 29.25
CA VAL O 28 -57.47 38.50 28.45
C VAL O 28 -58.17 39.18 27.25
N SER O 29 -59.05 38.44 26.56
CA SER O 29 -59.74 38.93 25.37
C SER O 29 -61.06 39.59 25.66
N LEU O 30 -61.34 40.69 24.94
CA LEU O 30 -62.59 41.45 25.00
C LEU O 30 -62.97 41.85 23.59
N PHE O 31 -64.25 41.71 23.26
CA PHE O 31 -64.80 42.02 21.94
C PHE O 31 -65.99 42.94 22.06
N TRP O 32 -66.15 43.84 21.09
CA TRP O 32 -67.32 44.70 20.98
C TRP O 32 -68.07 44.30 19.72
N TYR O 33 -69.38 44.15 19.83
CA TYR O 33 -70.28 43.77 18.74
C TYR O 33 -71.44 44.71 18.63
N GLN O 34 -71.98 44.81 17.41
CA GLN O 34 -73.16 45.61 17.08
C GLN O 34 -74.19 44.63 16.54
N GLN O 35 -75.39 44.61 17.12
CA GLN O 35 -76.44 43.70 16.68
C GLN O 35 -77.66 44.46 16.20
N ALA O 36 -77.93 44.37 14.89
CA ALA O 36 -79.10 44.97 14.25
C ALA O 36 -80.32 44.09 14.49
N LEU O 37 -81.54 44.59 14.21
CA LEU O 37 -82.78 43.83 14.42
C LEU O 37 -82.87 42.63 13.48
N GLY O 38 -83.20 41.48 14.07
CA GLY O 38 -83.35 40.20 13.37
C GLY O 38 -82.09 39.68 12.70
N GLN O 39 -80.92 40.04 13.26
CA GLN O 39 -79.62 39.62 12.73
C GLN O 39 -78.65 39.22 13.84
N GLY O 40 -77.50 38.67 13.45
CA GLY O 40 -76.46 38.25 14.37
C GLY O 40 -75.48 39.35 14.71
N PRO O 41 -74.73 39.23 15.82
CA PRO O 41 -73.77 40.28 16.19
C PRO O 41 -72.64 40.44 15.17
N GLU O 42 -72.39 41.70 14.74
N GLU O 42 -72.38 41.69 14.75
CA GLU O 42 -71.32 42.06 13.80
CA GLU O 42 -71.31 42.05 13.82
C GLU O 42 -70.17 42.72 14.56
C GLU O 42 -70.16 42.70 14.58
N PHE O 43 -68.95 42.18 14.39
CA PHE O 43 -67.70 42.62 15.06
C PHE O 43 -67.41 44.11 14.88
N LEU O 44 -66.89 44.75 15.96
CA LEU O 44 -66.51 46.17 15.98
C LEU O 44 -65.03 46.32 16.30
N THR O 45 -64.61 45.88 17.51
CA THR O 45 -63.22 46.01 17.95
C THR O 45 -62.83 44.85 18.88
N TYR O 46 -61.51 44.63 19.03
CA TYR O 46 -60.93 43.57 19.85
C TYR O 46 -59.78 44.09 20.70
N PHE O 47 -59.73 43.61 21.95
CA PHE O 47 -58.70 43.94 22.93
C PHE O 47 -58.10 42.68 23.54
N GLN O 48 -56.79 42.71 23.77
CA GLN O 48 -56.03 41.70 24.50
C GLN O 48 -55.32 42.50 25.56
N ASN O 49 -55.83 42.38 26.80
CA ASN O 49 -55.44 43.17 27.97
C ASN O 49 -55.87 44.62 27.68
N GLU O 50 -54.97 45.61 27.69
CA GLU O 50 -55.35 47.00 27.41
C GLU O 50 -55.17 47.40 25.93
N ALA O 51 -54.44 46.57 25.16
CA ALA O 51 -54.13 46.83 23.75
C ALA O 51 -55.30 46.63 22.80
N GLN O 52 -55.70 47.69 22.08
CA GLN O 52 -56.72 47.61 21.04
C GLN O 52 -56.01 47.10 19.79
N LEU O 53 -56.03 45.78 19.61
CA LEU O 53 -55.33 45.13 18.51
C LEU O 53 -55.99 45.36 17.15
N ASP O 54 -57.33 45.52 17.12
CA ASP O 54 -58.07 45.71 15.88
C ASP O 54 -59.33 46.55 16.10
N LYS O 55 -59.65 47.43 15.13
CA LYS O 55 -60.82 48.30 15.18
C LYS O 55 -61.43 48.48 13.75
N SER O 56 -61.31 47.45 12.90
CA SER O 56 -61.78 47.43 11.51
C SER O 56 -63.30 47.39 11.39
N GLY O 57 -63.98 46.81 12.38
CA GLY O 57 -65.44 46.70 12.40
C GLY O 57 -66.17 47.97 12.80
N LEU O 58 -65.44 48.97 13.35
CA LEU O 58 -66.00 50.26 13.77
C LEU O 58 -66.53 51.02 12.54
N PRO O 59 -67.82 51.46 12.55
CA PRO O 59 -68.36 52.16 11.38
C PRO O 59 -67.73 53.53 11.10
N SER O 60 -67.25 54.22 12.16
CA SER O 60 -66.68 55.56 12.07
C SER O 60 -65.70 55.86 13.22
N ASP O 61 -64.95 56.97 13.10
CA ASP O 61 -64.02 57.50 14.10
C ASP O 61 -64.78 58.03 15.33
N ARG O 62 -66.11 58.20 15.19
CA ARG O 62 -67.03 58.63 16.24
C ARG O 62 -67.12 57.57 17.35
N PHE O 63 -66.87 56.30 16.97
CA PHE O 63 -66.84 55.14 17.87
C PHE O 63 -65.43 55.04 18.45
N PHE O 64 -65.31 55.24 19.77
CA PHE O 64 -64.03 55.20 20.45
C PHE O 64 -64.11 54.23 21.63
N ALA O 65 -63.30 53.16 21.56
CA ALA O 65 -63.28 52.11 22.57
C ALA O 65 -61.97 52.09 23.35
N GLU O 66 -62.09 51.96 24.67
CA GLU O 66 -60.96 51.92 25.60
C GLU O 66 -61.16 50.84 26.67
N ARG O 67 -60.06 50.25 27.10
CA ARG O 67 -59.94 49.27 28.17
C ARG O 67 -58.62 49.63 28.85
N PRO O 68 -58.54 50.80 29.56
CA PRO O 68 -57.24 51.28 30.07
C PRO O 68 -56.47 50.37 31.03
N GLU O 69 -57.14 49.74 32.01
CA GLU O 69 -56.48 48.89 33.01
C GLU O 69 -56.49 47.39 32.62
N GLY O 70 -57.00 47.08 31.42
CA GLY O 70 -57.06 45.72 30.91
C GLY O 70 -58.31 44.94 31.25
N SER O 71 -59.19 45.53 32.09
CA SER O 71 -60.45 44.90 32.50
C SER O 71 -61.73 45.60 31.98
N VAL O 72 -62.26 46.60 32.71
CA VAL O 72 -63.48 47.35 32.34
C VAL O 72 -63.25 48.09 31.00
N SER O 73 -64.20 47.96 30.08
CA SER O 73 -64.14 48.59 28.77
C SER O 73 -65.30 49.56 28.53
N THR O 74 -65.02 50.64 27.79
CA THR O 74 -66.02 51.65 27.44
C THR O 74 -66.04 51.88 25.94
N LEU O 75 -67.24 52.04 25.38
CA LEU O 75 -67.45 52.38 23.98
C LEU O 75 -68.21 53.70 23.96
N LYS O 76 -67.49 54.77 23.61
CA LYS O 76 -68.05 56.12 23.59
C LYS O 76 -68.34 56.52 22.15
N ILE O 77 -69.59 56.89 21.86
CA ILE O 77 -70.02 57.28 20.52
C ILE O 77 -70.24 58.79 20.48
N GLN O 78 -69.33 59.50 19.80
CA GLN O 78 -69.31 60.94 19.60
C GLN O 78 -70.34 61.34 18.53
N ARG O 79 -71.06 62.45 18.74
CA ARG O 79 -72.08 63.00 17.81
C ARG O 79 -73.00 61.89 17.25
N THR O 80 -73.70 61.16 18.14
CA THR O 80 -74.55 60.04 17.77
C THR O 80 -75.53 60.38 16.65
N GLN O 81 -75.57 59.52 15.63
CA GLN O 81 -76.46 59.63 14.48
C GLN O 81 -77.56 58.57 14.59
N GLN O 82 -78.67 58.73 13.86
CA GLN O 82 -79.81 57.79 13.90
C GLN O 82 -79.41 56.37 13.49
N GLU O 83 -78.45 56.24 12.55
CA GLU O 83 -77.92 54.97 12.04
C GLU O 83 -77.10 54.18 13.11
N ASP O 84 -76.82 54.81 14.28
CA ASP O 84 -76.08 54.17 15.36
C ASP O 84 -77.00 53.33 16.25
N SER O 85 -78.32 53.45 16.07
CA SER O 85 -79.33 52.70 16.82
C SER O 85 -79.22 51.21 16.54
N ALA O 86 -78.83 50.45 17.59
CA ALA O 86 -78.63 48.98 17.60
C ALA O 86 -78.37 48.49 19.02
N VAL O 87 -78.20 47.16 19.19
CA VAL O 87 -77.87 46.57 20.47
C VAL O 87 -76.35 46.39 20.47
N TYR O 88 -75.66 47.00 21.42
CA TYR O 88 -74.21 46.86 21.48
C TYR O 88 -73.87 45.84 22.52
N LEU O 89 -73.31 44.72 22.05
CA LEU O 89 -72.93 43.61 22.91
C LEU O 89 -71.44 43.58 23.16
N CYS O 90 -71.03 43.21 24.38
N CYS O 90 -71.05 43.18 24.37
CA CYS O 90 -69.63 43.05 24.72
CA CYS O 90 -69.67 43.04 24.80
C CYS O 90 -69.43 41.61 25.19
C CYS O 90 -69.43 41.60 25.23
N ALA O 91 -68.30 41.01 24.82
CA ALA O 91 -67.97 39.63 25.16
C ALA O 91 -66.51 39.49 25.58
N SER O 92 -66.20 38.41 26.30
CA SER O 92 -64.85 38.14 26.75
C SER O 92 -64.49 36.66 26.63
N SER O 93 -63.20 36.39 26.46
CA SER O 93 -62.62 35.06 26.36
C SER O 93 -61.44 34.98 27.33
N PRO O 94 -61.25 33.83 28.02
CA PRO O 94 -60.19 33.77 29.05
C PRO O 94 -58.75 34.02 28.61
N THR O 95 -58.25 33.39 27.52
CA THR O 95 -56.83 33.48 27.18
C THR O 95 -56.48 33.83 25.72
N GLY O 96 -57.45 34.25 24.91
CA GLY O 96 -57.16 34.60 23.53
C GLY O 96 -58.33 34.46 22.57
N GLY O 97 -58.03 34.54 21.28
CA GLY O 97 -59.01 34.43 20.22
C GLY O 97 -59.35 33.00 19.88
N GLN O 98 -60.41 32.81 19.05
CA GLN O 98 -60.93 31.52 18.56
C GLN O 98 -61.41 30.63 19.71
N GLU O 99 -61.78 31.25 20.84
CA GLU O 99 -62.25 30.56 22.05
C GLU O 99 -63.76 30.74 22.24
N THR O 100 -64.28 30.16 23.34
CA THR O 100 -65.65 30.28 23.82
C THR O 100 -65.82 31.72 24.28
N GLN O 101 -66.87 32.39 23.80
CA GLN O 101 -67.12 33.79 24.14
C GLN O 101 -68.24 33.88 25.17
N TYR O 102 -68.07 34.80 26.13
CA TYR O 102 -69.00 35.06 27.23
C TYR O 102 -69.52 36.46 27.07
N PHE O 103 -70.83 36.60 26.81
CA PHE O 103 -71.46 37.88 26.51
C PHE O 103 -72.19 38.54 27.66
N GLY O 104 -72.33 39.86 27.54
CA GLY O 104 -73.10 40.71 28.44
C GLY O 104 -74.50 40.84 27.88
N PRO O 105 -75.49 41.34 28.65
CA PRO O 105 -76.87 41.44 28.11
C PRO O 105 -77.05 42.58 27.09
N GLY O 106 -76.00 43.38 26.90
CA GLY O 106 -75.96 44.46 25.94
C GLY O 106 -76.61 45.76 26.33
N THR O 107 -76.50 46.75 25.43
CA THR O 107 -77.10 48.07 25.57
C THR O 107 -77.91 48.34 24.31
N ARG O 108 -79.23 48.40 24.47
CA ARG O 108 -80.13 48.72 23.37
C ARG O 108 -80.16 50.24 23.22
N LEU O 109 -79.39 50.76 22.24
CA LEU O 109 -79.31 52.19 22.02
C LEU O 109 -80.24 52.63 20.89
N LEU O 110 -81.05 53.67 21.16
CA LEU O 110 -81.96 54.28 20.21
C LEU O 110 -81.64 55.77 20.12
N VAL O 111 -81.30 56.24 18.92
CA VAL O 111 -80.94 57.64 18.64
C VAL O 111 -82.08 58.26 17.81
N LEU O 112 -82.68 59.35 18.34
CA LEU O 112 -83.79 60.07 17.69
C LEU O 112 -83.40 61.51 17.38
N GLU O 113 -84.17 62.19 16.50
CA GLU O 113 -83.93 63.60 16.14
C GLU O 113 -84.12 64.53 17.35
N ASP O 114 -85.11 64.18 18.22
CA ASP O 114 -85.45 64.84 19.49
C ASP O 114 -86.23 63.86 20.37
N LEU O 115 -86.43 64.20 21.66
CA LEU O 115 -87.10 63.32 22.61
C LEU O 115 -88.48 63.86 23.08
N LYS O 116 -89.13 64.74 22.27
CA LYS O 116 -90.43 65.32 22.63
C LYS O 116 -91.59 64.30 22.55
N ASN O 117 -91.38 63.16 21.87
CA ASN O 117 -92.38 62.10 21.69
C ASN O 117 -92.22 60.96 22.71
N VAL O 118 -91.18 61.02 23.56
CA VAL O 118 -90.88 60.03 24.60
C VAL O 118 -91.92 60.18 25.74
N PHE O 119 -92.54 59.05 26.13
CA PHE O 119 -93.58 59.01 27.18
C PHE O 119 -93.42 57.82 28.12
N PRO O 120 -93.69 57.96 29.44
CA PRO O 120 -93.63 56.80 30.33
C PRO O 120 -94.92 55.94 30.20
N PRO O 121 -95.02 54.71 30.79
CA PRO O 121 -96.24 53.93 30.58
C PRO O 121 -97.35 54.15 31.63
N GLU O 122 -98.58 53.79 31.24
CA GLU O 122 -99.78 53.76 32.08
C GLU O 122 -100.01 52.30 32.46
N VAL O 123 -99.90 51.96 33.75
CA VAL O 123 -100.03 50.56 34.17
C VAL O 123 -101.36 50.34 34.92
N ALA O 124 -102.11 49.27 34.53
CA ALA O 124 -103.40 48.89 35.11
C ALA O 124 -103.55 47.36 35.19
N VAL O 125 -103.93 46.84 36.38
CA VAL O 125 -104.13 45.41 36.62
C VAL O 125 -105.62 45.06 36.58
N PHE O 126 -106.01 44.27 35.57
CA PHE O 126 -107.39 43.84 35.37
C PHE O 126 -107.61 42.52 36.12
N GLU O 127 -108.40 42.58 37.21
CA GLU O 127 -108.71 41.49 38.13
C GLU O 127 -109.41 40.30 37.42
N PRO O 128 -109.16 39.04 37.89
CA PRO O 128 -109.72 37.86 37.19
C PRO O 128 -111.25 37.75 37.14
N SER O 129 -111.74 37.08 36.08
CA SER O 129 -113.16 36.83 35.81
C SER O 129 -113.71 35.80 36.77
N GLU O 130 -114.94 36.01 37.28
CA GLU O 130 -115.60 35.06 38.17
C GLU O 130 -116.04 33.84 37.38
N ALA O 131 -116.32 34.02 36.07
CA ALA O 131 -116.68 32.95 35.13
C ALA O 131 -115.51 31.99 34.94
N GLU O 132 -114.26 32.52 35.04
CA GLU O 132 -113.02 31.76 34.90
C GLU O 132 -112.75 30.91 36.15
N ILE O 133 -112.83 31.51 37.35
CA ILE O 133 -112.60 30.83 38.64
C ILE O 133 -113.65 29.71 38.83
N SER O 134 -114.86 29.90 38.28
CA SER O 134 -115.95 28.93 38.34
C SER O 134 -115.75 27.76 37.36
N HIS O 135 -115.39 28.06 36.10
CA HIS O 135 -115.24 27.09 35.02
C HIS O 135 -113.88 26.35 35.00
N THR O 136 -112.78 27.00 35.42
CA THR O 136 -111.44 26.39 35.36
C THR O 136 -110.76 26.11 36.71
N GLN O 137 -111.16 26.82 37.78
CA GLN O 137 -110.59 26.73 39.15
C GLN O 137 -109.20 27.40 39.21
N LYS O 138 -108.97 28.38 38.32
CA LYS O 138 -107.75 29.18 38.21
C LYS O 138 -108.12 30.64 37.96
N ALA O 139 -107.26 31.59 38.37
CA ALA O 139 -107.52 33.02 38.23
C ALA O 139 -106.40 33.74 37.47
N THR O 140 -106.75 34.43 36.36
CA THR O 140 -105.77 35.12 35.53
C THR O 140 -105.87 36.65 35.66
N LEU O 141 -104.85 37.24 36.31
CA LEU O 141 -104.67 38.69 36.47
C LEU O 141 -103.97 39.19 35.21
N VAL O 142 -104.55 40.17 34.50
CA VAL O 142 -103.95 40.67 33.27
C VAL O 142 -103.52 42.12 33.46
N CYS O 143 -102.21 42.36 33.29
CA CYS O 143 -101.58 43.67 33.41
C CYS O 143 -101.52 44.36 32.05
N LEU O 144 -101.51 45.70 32.05
CA LEU O 144 -101.44 46.47 30.82
C LEU O 144 -100.62 47.74 30.97
N ALA O 145 -99.53 47.83 30.18
CA ALA O 145 -98.66 49.00 30.08
C ALA O 145 -99.01 49.69 28.77
N THR O 146 -99.47 50.94 28.83
CA THR O 146 -99.94 51.67 27.64
C THR O 146 -99.28 53.03 27.44
N GLY O 147 -99.28 53.48 26.18
CA GLY O 147 -98.78 54.76 25.72
C GLY O 147 -97.35 55.09 26.12
N PHE O 148 -96.43 54.14 25.95
CA PHE O 148 -95.03 54.37 26.30
C PHE O 148 -94.15 54.46 25.07
N TYR O 149 -93.13 55.34 25.14
CA TYR O 149 -92.14 55.52 24.08
C TYR O 149 -90.79 55.86 24.72
N PRO O 150 -89.69 55.17 24.37
CA PRO O 150 -89.58 54.10 23.36
C PRO O 150 -89.93 52.71 23.93
N ASP O 151 -89.59 51.65 23.17
CA ASP O 151 -89.80 50.24 23.45
C ASP O 151 -88.85 49.74 24.60
N HIS O 152 -88.36 50.66 25.45
CA HIS O 152 -87.42 50.36 26.53
C HIS O 152 -88.15 50.16 27.87
N VAL O 153 -88.68 48.94 28.11
CA VAL O 153 -89.41 48.59 29.34
C VAL O 153 -89.09 47.16 29.81
N GLU O 154 -89.21 46.93 31.13
CA GLU O 154 -89.00 45.63 31.79
C GLU O 154 -90.16 45.33 32.74
N LEU O 155 -91.18 44.60 32.25
CA LEU O 155 -92.36 44.24 33.04
C LEU O 155 -92.06 43.05 33.96
N SER O 156 -92.52 43.15 35.22
CA SER O 156 -92.37 42.11 36.23
C SER O 156 -93.56 42.07 37.18
N TRP O 157 -93.86 40.87 37.72
CA TRP O 157 -94.95 40.65 38.67
C TRP O 157 -94.38 40.40 40.06
N TRP O 158 -95.01 41.00 41.09
CA TRP O 158 -94.59 40.86 42.48
C TRP O 158 -95.75 40.39 43.33
N VAL O 159 -95.63 39.17 43.91
CA VAL O 159 -96.66 38.58 44.77
C VAL O 159 -96.11 38.54 46.19
N ASN O 160 -96.73 39.35 47.08
CA ASN O 160 -96.42 39.52 48.51
C ASN O 160 -94.96 39.98 48.74
N GLY O 161 -94.47 40.85 47.85
CA GLY O 161 -93.14 41.44 47.94
C GLY O 161 -92.03 40.74 47.18
N LYS O 162 -92.26 39.47 46.78
CA LYS O 162 -91.28 38.67 46.03
C LYS O 162 -91.65 38.59 44.55
N GLU O 163 -90.63 38.65 43.66
CA GLU O 163 -90.85 38.59 42.22
C GLU O 163 -91.22 37.16 41.83
N VAL O 164 -92.24 37.01 40.97
CA VAL O 164 -92.72 35.70 40.54
C VAL O 164 -92.48 35.49 39.04
N HIS O 165 -92.20 34.24 38.67
CA HIS O 165 -91.95 33.83 37.28
C HIS O 165 -92.94 32.74 36.88
N SER O 166 -93.35 31.89 37.84
CA SER O 166 -94.32 30.81 37.63
C SER O 166 -95.71 31.39 37.33
N GLY O 167 -96.31 30.88 36.25
CA GLY O 167 -97.64 31.29 35.78
C GLY O 167 -97.70 32.68 35.18
N VAL O 168 -96.56 33.22 34.70
CA VAL O 168 -96.43 34.55 34.13
C VAL O 168 -96.05 34.47 32.65
N CYS O 169 -96.69 35.30 31.80
N CYS O 169 -96.69 35.30 31.80
CA CYS O 169 -96.39 35.37 30.37
CA CYS O 169 -96.39 35.37 30.37
C CYS O 169 -96.56 36.80 29.86
C CYS O 169 -96.56 36.80 29.85
N THR O 170 -95.42 37.42 29.48
CA THR O 170 -95.36 38.77 28.93
C THR O 170 -95.16 38.61 27.43
N ASP O 171 -95.75 39.51 26.61
CA ASP O 171 -95.63 39.45 25.16
C ASP O 171 -94.15 39.63 24.74
N PRO O 172 -93.66 38.89 23.72
CA PRO O 172 -92.25 39.02 23.32
C PRO O 172 -91.92 40.41 22.75
N GLN O 173 -92.89 41.02 22.05
CA GLN O 173 -92.76 42.34 21.45
C GLN O 173 -94.07 43.12 21.61
N PRO O 174 -94.01 44.37 22.13
CA PRO O 174 -95.25 45.16 22.30
C PRO O 174 -95.86 45.61 20.98
N LEU O 175 -97.18 45.85 20.98
CA LEU O 175 -97.90 46.31 19.80
C LEU O 175 -97.98 47.82 19.78
N LYS O 176 -97.87 48.41 18.56
CA LYS O 176 -97.97 49.85 18.35
C LYS O 176 -99.44 50.26 18.50
N GLU O 177 -99.73 51.23 19.38
CA GLU O 177 -101.08 51.74 19.62
C GLU O 177 -101.66 52.34 18.34
N GLN O 178 -100.83 53.08 17.60
CA GLN O 178 -101.19 53.67 16.31
C GLN O 178 -100.28 53.01 15.26
N PRO O 179 -100.60 51.78 14.74
CA PRO O 179 -99.69 51.14 13.78
C PRO O 179 -99.41 51.94 12.51
N ALA O 180 -100.26 52.95 12.22
CA ALA O 180 -100.13 53.84 11.07
C ALA O 180 -99.12 54.97 11.34
N LEU O 181 -99.17 55.60 12.53
CA LEU O 181 -98.30 56.73 12.92
C LEU O 181 -96.81 56.38 12.92
N ASN O 182 -95.96 57.34 12.48
CA ASN O 182 -94.50 57.24 12.48
C ASN O 182 -94.01 57.13 13.92
N ASP O 183 -94.36 58.14 14.74
CA ASP O 183 -94.06 58.22 16.16
C ASP O 183 -95.25 57.62 16.93
N SER O 184 -95.40 56.30 16.81
CA SER O 184 -96.46 55.55 17.47
C SER O 184 -96.04 55.13 18.86
N ARG O 185 -96.92 55.32 19.84
CA ARG O 185 -96.64 54.90 21.21
C ARG O 185 -96.93 53.41 21.33
N TYR O 186 -96.22 52.72 22.23
CA TYR O 186 -96.32 51.28 22.40
C TYR O 186 -97.26 50.86 23.53
N ALA O 187 -97.84 49.65 23.37
CA ALA O 187 -98.72 48.99 24.33
C ALA O 187 -98.24 47.55 24.55
N LEU O 188 -98.12 47.13 25.81
CA LEU O 188 -97.66 45.78 26.16
C LEU O 188 -98.53 45.17 27.27
N SER O 189 -98.92 43.90 27.08
CA SER O 189 -99.74 43.17 28.05
C SER O 189 -98.94 42.03 28.69
N SER O 190 -99.44 41.53 29.83
CA SER O 190 -98.84 40.42 30.59
C SER O 190 -99.91 39.73 31.43
N ARG O 191 -99.77 38.43 31.65
CA ARG O 191 -100.73 37.65 32.44
C ARG O 191 -100.07 36.97 33.63
N LEU O 192 -100.83 36.75 34.71
CA LEU O 192 -100.39 36.02 35.90
C LEU O 192 -101.53 35.11 36.35
N ARG O 193 -101.27 33.81 36.40
CA ARG O 193 -102.28 32.85 36.82
C ARG O 193 -101.91 32.17 38.13
N VAL O 194 -102.88 32.13 39.04
CA VAL O 194 -102.80 31.51 40.37
C VAL O 194 -104.04 30.61 40.59
N SER O 195 -104.01 29.75 41.61
CA SER O 195 -105.11 28.84 41.94
C SER O 195 -106.34 29.60 42.44
N ALA O 196 -107.53 28.98 42.36
CA ALA O 196 -108.81 29.53 42.81
C ALA O 196 -108.74 29.99 44.26
N THR O 197 -108.18 29.14 45.14
CA THR O 197 -108.02 29.38 46.58
C THR O 197 -107.01 30.50 46.87
N PHE O 198 -106.03 30.73 45.96
CA PHE O 198 -105.00 31.76 46.14
C PHE O 198 -105.56 33.17 45.89
N TRP O 199 -106.31 33.38 44.80
CA TRP O 199 -106.88 34.69 44.46
C TRP O 199 -108.01 35.08 45.42
N GLN O 200 -108.85 34.11 45.83
CA GLN O 200 -109.99 34.35 46.73
C GLN O 200 -109.54 34.79 48.15
N ASN O 201 -108.27 34.51 48.53
CA ASN O 201 -107.68 34.90 49.81
C ASN O 201 -107.41 36.43 49.79
N PRO O 202 -108.07 37.23 50.67
CA PRO O 202 -107.84 38.69 50.64
C PRO O 202 -106.57 39.15 51.40
N ARG O 203 -105.66 38.22 51.71
CA ARG O 203 -104.40 38.49 52.39
C ARG O 203 -103.24 38.62 51.39
N ASN O 204 -103.41 38.06 50.17
CA ASN O 204 -102.41 38.07 49.11
C ASN O 204 -102.39 39.38 48.33
N HIS O 205 -101.18 39.94 48.12
CA HIS O 205 -100.91 41.19 47.42
C HIS O 205 -100.32 40.92 46.04
N PHE O 206 -100.94 41.46 44.99
CA PHE O 206 -100.50 41.29 43.60
C PHE O 206 -100.13 42.64 42.99
N ARG O 207 -98.85 42.81 42.61
CA ARG O 207 -98.36 44.05 42.00
C ARG O 207 -97.73 43.77 40.63
N CYS O 208 -97.91 44.71 39.69
CA CYS O 208 -97.34 44.63 38.34
C CYS O 208 -96.46 45.85 38.12
N GLN O 209 -95.14 45.63 38.18
CA GLN O 209 -94.12 46.66 38.07
C GLN O 209 -93.57 46.75 36.65
N VAL O 210 -93.53 47.98 36.09
CA VAL O 210 -92.98 48.22 34.75
C VAL O 210 -91.86 49.26 34.88
N GLN O 211 -90.61 48.79 34.75
CA GLN O 211 -89.43 49.64 34.79
C GLN O 211 -89.30 50.29 33.41
N PHE O 212 -89.45 51.62 33.35
CA PHE O 212 -89.36 52.37 32.12
C PHE O 212 -87.99 53.02 32.01
N TYR O 213 -87.43 53.04 30.79
CA TYR O 213 -86.14 53.65 30.51
C TYR O 213 -86.33 54.81 29.55
N GLY O 214 -86.00 56.00 30.01
CA GLY O 214 -86.14 57.23 29.24
C GLY O 214 -85.04 58.24 29.46
N LEU O 215 -85.45 59.49 29.69
CA LEU O 215 -84.57 60.64 29.89
C LEU O 215 -83.82 60.62 31.22
N SER O 216 -82.56 61.04 31.16
CA SER O 216 -81.64 61.21 32.29
C SER O 216 -81.79 62.65 32.80
N GLU O 217 -81.19 63.01 33.95
CA GLU O 217 -81.29 64.37 34.47
C GLU O 217 -80.45 65.36 33.63
N ASN O 218 -79.45 64.83 32.88
CA ASN O 218 -78.57 65.60 31.99
C ASN O 218 -79.27 65.93 30.66
N ASP O 219 -80.44 65.32 30.41
CA ASP O 219 -81.21 65.53 29.18
C ASP O 219 -82.14 66.73 29.34
N GLU O 220 -82.07 67.65 28.36
CA GLU O 220 -82.85 68.89 28.30
C GLU O 220 -84.35 68.61 28.18
N TRP O 221 -85.17 69.41 28.87
CA TRP O 221 -86.63 69.29 28.82
C TRP O 221 -87.27 70.68 28.92
N THR O 222 -87.93 71.08 27.82
CA THR O 222 -88.56 72.40 27.67
C THR O 222 -90.09 72.32 27.54
N GLN O 223 -90.65 71.11 27.43
CA GLN O 223 -92.09 70.91 27.27
C GLN O 223 -92.83 71.06 28.60
N ASP O 224 -94.12 71.45 28.51
CA ASP O 224 -95.05 71.70 29.63
C ASP O 224 -95.20 70.49 30.54
N ARG O 225 -95.59 69.32 29.97
CA ARG O 225 -95.77 68.06 30.71
C ARG O 225 -94.46 67.60 31.37
N ALA O 226 -94.56 66.87 32.50
CA ALA O 226 -93.43 66.37 33.29
C ALA O 226 -92.41 65.59 32.44
N LYS O 227 -91.10 65.73 32.79
CA LYS O 227 -89.99 65.08 32.09
C LYS O 227 -90.15 63.55 32.16
N PRO O 228 -90.15 62.85 31.00
CA PRO O 228 -90.31 61.38 31.04
C PRO O 228 -89.00 60.69 31.42
N VAL O 229 -88.70 60.72 32.73
CA VAL O 229 -87.49 60.14 33.32
C VAL O 229 -87.59 58.62 33.45
N THR O 230 -86.45 57.98 33.81
CA THR O 230 -86.37 56.55 34.08
C THR O 230 -87.16 56.35 35.36
N GLN O 231 -88.36 55.77 35.25
CA GLN O 231 -89.25 55.59 36.39
C GLN O 231 -89.90 54.20 36.40
N ILE O 232 -90.49 53.88 37.55
CA ILE O 232 -91.26 52.66 37.80
C ILE O 232 -92.72 53.07 37.91
N VAL O 233 -93.58 52.45 37.09
CA VAL O 233 -95.01 52.69 37.11
C VAL O 233 -95.65 51.36 37.53
N SER O 234 -96.32 51.36 38.70
CA SER O 234 -96.92 50.16 39.26
C SER O 234 -98.43 50.24 39.40
N ALA O 235 -99.08 49.08 39.37
CA ALA O 235 -100.50 48.86 39.55
C ALA O 235 -100.69 47.64 40.44
N GLU O 236 -101.44 47.78 41.53
CA GLU O 236 -101.63 46.69 42.48
C GLU O 236 -103.11 46.40 42.78
N ALA O 237 -103.38 45.15 43.21
CA ALA O 237 -104.70 44.64 43.57
C ALA O 237 -104.58 43.49 44.56
N TRP O 238 -105.33 43.58 45.68
CA TRP O 238 -105.34 42.54 46.71
C TRP O 238 -106.38 41.47 46.35
N GLY O 239 -106.40 40.37 47.12
CA GLY O 239 -107.32 39.25 46.90
C GLY O 239 -108.77 39.59 47.14
N ARG O 240 -109.68 38.90 46.40
CA ARG O 240 -111.12 39.12 46.48
C ARG O 240 -111.88 37.78 46.57
N ALA O 241 -112.65 37.61 47.66
CA ALA O 241 -113.43 36.39 47.93
C ALA O 241 -114.67 36.30 47.03
N ASP O 242 -115.47 37.41 46.94
CA ASP O 242 -116.71 37.58 46.15
C ASP O 242 -117.79 36.56 46.52
N SER P 1 37.64 -14.78 -7.18
CA SER P 1 36.95 -15.82 -7.93
C SER P 1 37.06 -17.17 -7.22
N HIS P 2 38.28 -17.76 -7.19
CA HIS P 2 38.51 -19.06 -6.56
C HIS P 2 39.73 -19.03 -5.64
N SER P 3 39.69 -19.83 -4.56
CA SER P 3 40.78 -19.88 -3.58
C SER P 3 41.03 -21.30 -3.07
N MET P 4 42.30 -21.61 -2.80
CA MET P 4 42.72 -22.88 -2.18
C MET P 4 43.38 -22.55 -0.87
N ARG P 5 42.91 -23.17 0.22
CA ARG P 5 43.42 -22.92 1.56
C ARG P 5 43.65 -24.24 2.32
N TYR P 6 44.64 -24.23 3.24
CA TYR P 6 44.98 -25.35 4.10
C TYR P 6 44.89 -24.91 5.55
N PHE P 7 44.14 -25.66 6.35
CA PHE P 7 43.89 -25.38 7.76
C PHE P 7 44.53 -26.43 8.63
N TYR P 8 45.46 -26.01 9.50
CA TYR P 8 46.19 -26.88 10.40
C TYR P 8 45.84 -26.60 11.84
N THR P 9 45.69 -27.66 12.64
CA THR P 9 45.46 -27.59 14.08
C THR P 9 46.33 -28.62 14.75
N ALA P 10 47.22 -28.16 15.62
CA ALA P 10 48.12 -29.01 16.40
C ALA P 10 47.77 -28.80 17.85
N MET P 11 47.23 -29.84 18.50
CA MET P 11 46.79 -29.72 19.88
C MET P 11 47.48 -30.73 20.79
N SER P 12 48.19 -30.23 21.80
CA SER P 12 48.85 -31.04 22.82
C SER P 12 47.78 -31.55 23.80
N ARG P 13 47.99 -32.74 24.38
CA ARG P 13 47.05 -33.33 25.34
C ARG P 13 47.88 -34.07 26.41
N PRO P 14 48.44 -33.33 27.40
CA PRO P 14 49.29 -33.97 28.43
C PRO P 14 48.54 -35.03 29.22
N GLY P 15 49.16 -36.21 29.32
CA GLY P 15 48.60 -37.37 30.00
C GLY P 15 47.59 -38.15 29.16
N ARG P 16 47.16 -37.57 28.02
CA ARG P 16 46.18 -38.14 27.09
C ARG P 16 46.86 -38.55 25.76
N GLY P 17 48.17 -38.71 25.79
CA GLY P 17 48.98 -39.12 24.64
C GLY P 17 49.80 -38.01 24.02
N GLU P 18 50.25 -38.24 22.78
CA GLU P 18 51.07 -37.31 21.99
C GLU P 18 50.18 -36.24 21.32
N PRO P 19 50.72 -35.05 20.94
CA PRO P 19 49.88 -34.04 20.30
C PRO P 19 49.21 -34.51 19.00
N ARG P 20 47.94 -34.12 18.84
CA ARG P 20 47.12 -34.46 17.69
C ARG P 20 47.23 -33.38 16.61
N PHE P 21 47.63 -33.78 15.39
CA PHE P 21 47.74 -32.86 14.25
C PHE P 21 46.64 -33.16 13.24
N ILE P 22 45.77 -32.17 13.01
CA ILE P 22 44.68 -32.25 12.03
C ILE P 22 44.97 -31.26 10.91
N ALA P 23 44.95 -31.76 9.66
CA ALA P 23 45.14 -30.95 8.45
C ALA P 23 43.93 -31.11 7.55
N VAL P 24 43.36 -29.98 7.12
CA VAL P 24 42.17 -29.96 6.27
C VAL P 24 42.41 -29.01 5.07
N GLY P 25 42.07 -29.49 3.88
CA GLY P 25 42.23 -28.74 2.65
C GLY P 25 40.91 -28.35 1.98
N TYR P 26 40.82 -27.07 1.57
CA TYR P 26 39.64 -26.51 0.92
C TYR P 26 39.93 -25.92 -0.46
N VAL P 27 38.92 -25.99 -1.34
CA VAL P 27 38.85 -25.34 -2.64
C VAL P 27 37.55 -24.56 -2.55
N ASP P 28 37.67 -23.27 -2.17
CA ASP P 28 36.61 -22.29 -1.92
C ASP P 28 35.87 -22.69 -0.64
N ASP P 29 34.67 -23.29 -0.76
CA ASP P 29 33.87 -23.73 0.38
C ASP P 29 33.73 -25.26 0.40
N THR P 30 34.42 -25.95 -0.54
CA THR P 30 34.41 -27.41 -0.65
C THR P 30 35.68 -27.99 -0.04
N GLN P 31 35.51 -28.84 0.99
CA GLN P 31 36.60 -29.56 1.64
C GLN P 31 36.95 -30.74 0.76
N PHE P 32 38.25 -30.94 0.45
CA PHE P 32 38.65 -32.04 -0.44
C PHE P 32 39.61 -33.04 0.19
N VAL P 33 40.32 -32.66 1.28
CA VAL P 33 41.27 -33.58 1.95
C VAL P 33 41.23 -33.42 3.47
N ARG P 34 41.55 -34.53 4.18
CA ARG P 34 41.64 -34.58 5.63
C ARG P 34 42.83 -35.45 6.04
N PHE P 35 43.43 -35.10 7.16
CA PHE P 35 44.52 -35.84 7.81
C PHE P 35 44.38 -35.66 9.29
N ASP P 36 44.34 -36.77 10.03
CA ASP P 36 44.24 -36.80 11.47
C ASP P 36 45.27 -37.79 11.97
N SER P 37 46.24 -37.29 12.75
CA SER P 37 47.33 -38.10 13.31
C SER P 37 46.85 -39.12 14.34
N ASP P 38 45.62 -38.92 14.89
CA ASP P 38 44.99 -39.75 15.90
C ASP P 38 44.72 -41.20 15.43
N ALA P 39 44.60 -41.43 14.11
CA ALA P 39 44.40 -42.78 13.54
C ALA P 39 45.62 -43.67 13.86
N ALA P 40 45.41 -45.01 13.98
CA ALA P 40 46.45 -46.00 14.30
C ALA P 40 47.66 -45.88 13.34
N SER P 41 47.36 -45.70 12.04
CA SER P 41 48.31 -45.47 10.95
C SER P 41 47.69 -44.36 10.08
N PRO P 42 47.98 -43.06 10.40
CA PRO P 42 47.31 -41.96 9.69
C PRO P 42 47.65 -41.82 8.21
N ARG P 43 46.61 -41.55 7.41
CA ARG P 43 46.69 -41.38 5.96
C ARG P 43 45.79 -40.25 5.49
N THR P 44 46.19 -39.55 4.41
CA THR P 44 45.40 -38.45 3.82
C THR P 44 44.19 -39.08 3.13
N GLU P 45 42.99 -38.59 3.45
CA GLU P 45 41.74 -39.15 2.94
C GLU P 45 41.00 -38.21 1.98
N PRO P 46 40.43 -38.75 0.87
CA PRO P 46 39.63 -37.91 -0.03
C PRO P 46 38.33 -37.47 0.64
N ARG P 47 37.92 -36.21 0.41
CA ARG P 47 36.69 -35.65 0.99
C ARG P 47 35.78 -35.08 -0.11
N ALA P 48 36.29 -34.96 -1.34
CA ALA P 48 35.56 -34.49 -2.53
C ALA P 48 35.64 -35.56 -3.64
N PRO P 49 34.64 -35.68 -4.55
CA PRO P 49 34.71 -36.75 -5.57
C PRO P 49 35.80 -36.54 -6.62
N TRP P 50 36.03 -35.28 -7.03
CA TRP P 50 37.00 -34.90 -8.07
C TRP P 50 38.48 -35.09 -7.66
N ILE P 51 38.77 -35.43 -6.38
CA ILE P 51 40.14 -35.65 -5.92
C ILE P 51 40.48 -37.15 -5.94
N GLU P 52 39.45 -38.02 -5.86
CA GLU P 52 39.59 -39.49 -5.85
C GLU P 52 40.34 -40.04 -7.08
N GLN P 53 40.32 -39.28 -8.20
CA GLN P 53 40.98 -39.64 -9.46
C GLN P 53 42.51 -39.49 -9.38
N GLU P 54 43.05 -38.85 -8.31
CA GLU P 54 44.49 -38.68 -8.12
C GLU P 54 45.15 -40.02 -7.82
N GLY P 55 46.33 -40.23 -8.42
CA GLY P 55 47.10 -41.46 -8.28
C GLY P 55 47.65 -41.72 -6.89
N PRO P 56 48.19 -42.95 -6.63
CA PRO P 56 48.74 -43.26 -5.30
C PRO P 56 49.90 -42.34 -4.90
N GLU P 57 50.75 -41.95 -5.88
CA GLU P 57 51.91 -41.06 -5.74
C GLU P 57 51.52 -39.75 -5.00
N TYR P 58 50.36 -39.16 -5.37
CA TYR P 58 49.80 -37.94 -4.80
C TYR P 58 49.44 -38.14 -3.32
N TRP P 59 48.60 -39.15 -3.03
CA TRP P 59 48.13 -39.48 -1.67
C TRP P 59 49.26 -39.86 -0.71
N ASP P 60 50.36 -40.42 -1.24
CA ASP P 60 51.54 -40.80 -0.46
C ASP P 60 52.36 -39.55 -0.13
N ARG P 61 52.41 -38.56 -1.06
CA ARG P 61 53.13 -37.30 -0.87
C ARG P 61 52.46 -36.46 0.22
N ASN P 62 51.11 -36.34 0.17
CA ASN P 62 50.29 -35.62 1.14
C ASN P 62 50.48 -36.23 2.54
N THR P 63 50.42 -37.58 2.63
CA THR P 63 50.61 -38.34 3.88
C THR P 63 52.02 -38.05 4.44
N GLN P 64 53.05 -38.06 3.57
CA GLN P 64 54.44 -37.78 3.96
C GLN P 64 54.57 -36.36 4.52
N ILE P 65 54.04 -35.34 3.80
CA ILE P 65 54.07 -33.92 4.21
C ILE P 65 53.41 -33.77 5.58
N PHE P 66 52.20 -34.33 5.75
CA PHE P 66 51.42 -34.24 6.99
C PHE P 66 52.02 -35.08 8.12
N LYS P 67 52.80 -36.14 7.80
CA LYS P 67 53.49 -36.96 8.80
C LYS P 67 54.65 -36.17 9.42
N THR P 68 55.34 -35.39 8.57
CA THR P 68 56.47 -34.53 8.93
C THR P 68 55.95 -33.36 9.79
N ASN P 69 54.83 -32.73 9.40
CA ASN P 69 54.22 -31.63 10.13
C ASN P 69 53.73 -32.07 11.50
N THR P 70 53.24 -33.32 11.63
CA THR P 70 52.79 -33.90 12.90
C THR P 70 53.97 -33.88 13.90
N GLN P 71 55.17 -34.29 13.44
CA GLN P 71 56.39 -34.31 14.24
C GLN P 71 56.88 -32.88 14.51
N THR P 72 56.87 -32.00 13.48
CA THR P 72 57.30 -30.59 13.55
C THR P 72 56.48 -29.82 14.59
N TYR P 73 55.14 -29.92 14.54
CA TYR P 73 54.25 -29.19 15.42
C TYR P 73 54.29 -29.72 16.86
N ARG P 74 54.71 -30.99 17.07
CA ARG P 74 54.89 -31.56 18.41
C ARG P 74 56.04 -30.80 19.09
N GLU P 75 57.15 -30.60 18.34
CA GLU P 75 58.34 -29.88 18.77
C GLU P 75 58.02 -28.39 18.90
N SER P 76 57.20 -27.83 17.98
CA SER P 76 56.77 -26.43 17.99
C SER P 76 55.94 -26.11 19.23
N LEU P 77 55.08 -27.07 19.67
CA LEU P 77 54.25 -26.93 20.88
C LEU P 77 55.13 -26.92 22.13
N ARG P 78 56.19 -27.74 22.15
CA ARG P 78 57.15 -27.83 23.25
C ARG P 78 57.92 -26.51 23.40
N ASN P 79 58.33 -25.91 22.26
CA ASN P 79 59.08 -24.65 22.22
C ASN P 79 58.24 -23.45 22.64
N LEU P 80 57.00 -23.33 22.12
CA LEU P 80 56.10 -22.23 22.45
C LEU P 80 55.72 -22.25 23.94
N ARG P 81 55.62 -23.44 24.55
CA ARG P 81 55.34 -23.63 25.99
C ARG P 81 56.50 -23.03 26.80
N GLY P 82 57.73 -23.25 26.35
CA GLY P 82 58.95 -22.74 26.97
C GLY P 82 59.09 -21.23 26.84
N TYR P 83 58.77 -20.69 25.64
CA TYR P 83 58.83 -19.26 25.33
C TYR P 83 57.96 -18.44 26.28
N TYR P 84 56.73 -18.93 26.55
CA TYR P 84 55.76 -18.26 27.41
C TYR P 84 55.87 -18.72 28.87
N ASN P 85 56.84 -19.61 29.19
CA ASN P 85 57.12 -20.18 30.51
C ASN P 85 55.81 -20.75 31.13
N GLN P 86 55.07 -21.52 30.29
CA GLN P 86 53.81 -22.16 30.65
C GLN P 86 54.06 -23.54 31.25
N SER P 87 53.08 -24.07 32.00
CA SER P 87 53.21 -25.39 32.62
C SER P 87 52.98 -26.50 31.59
N GLU P 88 53.52 -27.69 31.88
CA GLU P 88 53.38 -28.89 31.05
C GLU P 88 52.03 -29.58 31.28
N ALA P 89 51.20 -29.06 32.22
CA ALA P 89 49.89 -29.62 32.56
C ALA P 89 48.81 -29.22 31.55
N GLY P 90 48.80 -27.94 31.17
CA GLY P 90 47.81 -27.37 30.26
C GLY P 90 47.86 -27.83 28.81
N SER P 91 46.69 -27.77 28.16
CA SER P 91 46.48 -28.10 26.75
C SER P 91 46.67 -26.83 25.92
N HIS P 92 47.43 -26.90 24.81
CA HIS P 92 47.69 -25.72 23.98
C HIS P 92 47.48 -26.01 22.50
N ILE P 93 47.06 -24.98 21.73
CA ILE P 93 46.73 -25.13 20.30
C ILE P 93 47.53 -24.17 19.42
N ILE P 94 48.18 -24.74 18.39
CA ILE P 94 48.85 -24.02 17.33
C ILE P 94 47.97 -24.18 16.08
N GLN P 95 47.56 -23.07 15.48
CA GLN P 95 46.73 -23.08 14.28
C GLN P 95 47.45 -22.43 13.13
N ARG P 96 47.27 -22.95 11.92
CA ARG P 96 47.88 -22.37 10.73
C ARG P 96 46.89 -22.38 9.58
N MET P 97 46.88 -21.30 8.82
CA MET P 97 46.02 -21.12 7.66
C MET P 97 46.82 -20.41 6.58
N TYR P 98 47.04 -21.08 5.45
CA TYR P 98 47.76 -20.53 4.32
C TYR P 98 47.04 -20.90 3.02
N GLY P 99 47.22 -20.06 2.01
CA GLY P 99 46.61 -20.30 0.70
C GLY P 99 46.81 -19.23 -0.35
N CYS P 100 46.29 -19.51 -1.54
CA CYS P 100 46.39 -18.64 -2.70
C CYS P 100 45.00 -18.30 -3.25
N ASP P 101 44.80 -17.01 -3.57
CA ASP P 101 43.55 -16.47 -4.13
C ASP P 101 43.76 -16.17 -5.60
N LEU P 102 42.79 -16.58 -6.43
CA LEU P 102 42.80 -16.38 -7.87
C LEU P 102 41.76 -15.37 -8.30
N GLY P 103 42.11 -14.56 -9.29
CA GLY P 103 41.19 -13.58 -9.88
C GLY P 103 40.30 -14.24 -10.93
N PRO P 104 39.26 -13.53 -11.46
CA PRO P 104 38.40 -14.18 -12.48
C PRO P 104 39.12 -14.46 -13.81
N ASP P 105 40.43 -14.19 -13.85
CA ASP P 105 41.33 -14.40 -14.99
C ASP P 105 42.23 -15.63 -14.76
N GLY P 106 42.18 -16.20 -13.56
CA GLY P 106 42.99 -17.35 -13.17
C GLY P 106 44.40 -16.97 -12.79
N ARG P 107 44.62 -15.69 -12.45
CA ARG P 107 45.92 -15.15 -12.05
C ARG P 107 45.97 -14.97 -10.54
N LEU P 108 47.17 -15.12 -9.93
CA LEU P 108 47.34 -14.96 -8.49
C LEU P 108 47.03 -13.53 -8.06
N LEU P 109 45.96 -13.39 -7.27
CA LEU P 109 45.51 -12.12 -6.73
C LEU P 109 46.23 -11.87 -5.41
N ARG P 110 46.13 -12.81 -4.46
CA ARG P 110 46.77 -12.69 -3.15
C ARG P 110 47.15 -14.05 -2.56
N GLY P 111 48.41 -14.14 -2.14
CA GLY P 111 48.95 -15.30 -1.44
C GLY P 111 49.02 -14.94 0.02
N HIS P 112 48.75 -15.89 0.94
CA HIS P 112 48.77 -15.56 2.37
C HIS P 112 49.12 -16.74 3.26
N ASP P 113 49.64 -16.43 4.47
CA ASP P 113 50.01 -17.39 5.51
C ASP P 113 49.92 -16.72 6.88
N GLN P 114 49.26 -17.39 7.83
CA GLN P 114 49.07 -16.93 9.20
C GLN P 114 49.12 -18.11 10.17
N SER P 115 49.66 -17.87 11.36
CA SER P 115 49.73 -18.85 12.43
C SER P 115 49.23 -18.23 13.72
N ALA P 116 48.60 -19.06 14.57
CA ALA P 116 48.06 -18.62 15.85
C ALA P 116 48.46 -19.53 16.97
N TYR P 117 48.44 -18.98 18.19
CA TYR P 117 48.71 -19.72 19.42
C TYR P 117 47.59 -19.41 20.39
N ASP P 118 46.84 -20.44 20.78
CA ASP P 118 45.69 -20.41 21.71
C ASP P 118 44.59 -19.41 21.26
N GLY P 119 44.36 -19.32 19.96
CA GLY P 119 43.36 -18.45 19.35
C GLY P 119 43.77 -17.02 19.10
N LYS P 120 45.06 -16.70 19.37
CA LYS P 120 45.65 -15.38 19.18
C LYS P 120 46.66 -15.38 18.06
N ASP P 121 46.69 -14.32 17.23
CA ASP P 121 47.67 -14.16 16.15
C ASP P 121 49.08 -14.31 16.72
N TYR P 122 49.93 -15.11 16.08
CA TYR P 122 51.29 -15.35 16.55
C TYR P 122 52.27 -14.80 15.51
N ILE P 123 52.33 -15.42 14.32
CA ILE P 123 53.20 -15.00 13.22
C ILE P 123 52.40 -15.03 11.91
N ALA P 124 52.56 -13.98 11.08
CA ALA P 124 51.87 -13.86 9.80
C ALA P 124 52.81 -13.39 8.70
N LEU P 125 52.62 -13.90 7.48
CA LEU P 125 53.41 -13.50 6.32
C LEU P 125 52.87 -12.16 5.85
N ASN P 126 53.76 -11.21 5.55
CA ASN P 126 53.34 -9.88 5.10
C ASN P 126 52.88 -9.90 3.65
N GLU P 127 52.17 -8.83 3.23
CA GLU P 127 51.61 -8.65 1.89
C GLU P 127 52.68 -8.72 0.79
N ASP P 128 53.94 -8.38 1.12
CA ASP P 128 55.08 -8.42 0.19
C ASP P 128 55.53 -9.86 -0.05
N LEU P 129 55.15 -10.79 0.88
CA LEU P 129 55.47 -12.22 0.91
C LEU P 129 56.99 -12.42 1.12
N SER P 130 57.65 -11.40 1.69
CA SER P 130 59.10 -11.37 1.94
C SER P 130 59.44 -11.33 3.42
N SER P 131 58.58 -10.67 4.23
CA SER P 131 58.81 -10.49 5.66
C SER P 131 57.70 -11.11 6.54
N TRP P 132 57.88 -11.03 7.87
CA TRP P 132 56.96 -11.56 8.88
C TRP P 132 56.52 -10.51 9.89
N THR P 133 55.34 -10.72 10.50
CA THR P 133 54.82 -9.86 11.56
C THR P 133 54.68 -10.71 12.82
N ALA P 134 55.47 -10.40 13.84
CA ALA P 134 55.43 -11.07 15.13
C ALA P 134 54.47 -10.32 16.04
N ALA P 135 53.58 -11.05 16.74
CA ALA P 135 52.60 -10.45 17.63
C ALA P 135 53.20 -10.14 19.01
N ASP P 136 54.34 -10.79 19.36
CA ASP P 136 55.04 -10.60 20.62
C ASP P 136 56.53 -10.98 20.49
N THR P 137 57.25 -11.04 21.62
CA THR P 137 58.68 -11.38 21.68
C THR P 137 58.88 -12.89 21.50
N ALA P 138 57.89 -13.72 21.87
CA ALA P 138 57.95 -15.17 21.69
C ALA P 138 57.92 -15.52 20.20
N ALA P 139 57.14 -14.76 19.42
CA ALA P 139 57.00 -14.89 17.97
C ALA P 139 58.24 -14.37 17.25
N GLN P 140 59.04 -13.48 17.90
CA GLN P 140 60.30 -12.94 17.37
C GLN P 140 61.35 -14.05 17.23
N ILE P 141 61.35 -15.01 18.18
CA ILE P 141 62.25 -16.16 18.21
C ILE P 141 61.94 -17.05 16.98
N THR P 142 60.63 -17.33 16.74
CA THR P 142 60.14 -18.10 15.60
C THR P 142 60.55 -17.40 14.28
N GLN P 143 60.39 -16.06 14.23
CA GLN P 143 60.71 -15.20 13.08
C GLN P 143 62.18 -15.34 12.69
N ARG P 144 63.11 -15.28 13.67
CA ARG P 144 64.55 -15.42 13.43
C ARG P 144 64.89 -16.83 12.94
N LYS P 145 64.19 -17.86 13.46
CA LYS P 145 64.35 -19.26 13.05
C LYS P 145 63.89 -19.44 11.60
N TRP P 146 62.75 -18.82 11.25
CA TRP P 146 62.12 -18.89 9.94
C TRP P 146 62.83 -18.04 8.89
N GLU P 147 63.54 -16.96 9.32
CA GLU P 147 64.33 -16.11 8.41
C GLU P 147 65.57 -16.89 7.96
N ALA P 148 66.24 -17.56 8.92
CA ALA P 148 67.44 -18.37 8.71
C ALA P 148 67.13 -19.62 7.86
N ALA P 149 65.92 -20.19 8.00
CA ALA P 149 65.46 -21.38 7.28
C ALA P 149 64.94 -21.04 5.88
N ARG P 150 64.77 -19.72 5.58
CA ARG P 150 64.28 -19.16 4.31
C ARG P 150 62.82 -19.58 4.04
N VAL P 151 61.97 -19.53 5.09
CA VAL P 151 60.55 -19.92 5.00
C VAL P 151 59.80 -18.99 4.03
N ALA P 152 59.89 -17.64 4.22
CA ALA P 152 59.19 -16.64 3.39
C ALA P 152 59.49 -16.80 1.89
N GLU P 153 60.78 -17.03 1.54
CA GLU P 153 61.27 -17.19 0.17
C GLU P 153 60.67 -18.44 -0.50
N GLN P 154 60.72 -19.59 0.19
CA GLN P 154 60.21 -20.87 -0.32
C GLN P 154 58.68 -20.93 -0.26
N LEU P 155 58.06 -20.14 0.64
CA LEU P 155 56.61 -20.04 0.76
C LEU P 155 56.04 -19.15 -0.34
N ARG P 156 56.74 -18.04 -0.68
CA ARG P 156 56.33 -17.13 -1.75
C ARG P 156 56.27 -17.87 -3.09
N ALA P 157 57.31 -18.68 -3.39
CA ALA P 157 57.43 -19.49 -4.60
C ALA P 157 56.33 -20.55 -4.69
N TYR P 158 55.94 -21.14 -3.54
CA TYR P 158 54.87 -22.13 -3.49
C TYR P 158 53.53 -21.46 -3.78
N LEU P 159 53.23 -20.35 -3.06
CA LEU P 159 51.98 -19.59 -3.19
C LEU P 159 51.80 -19.02 -4.60
N GLU P 160 52.90 -18.52 -5.22
CA GLU P 160 52.88 -17.98 -6.59
C GLU P 160 52.97 -19.07 -7.67
N GLY P 161 53.42 -20.27 -7.28
CA GLY P 161 53.62 -21.38 -8.19
C GLY P 161 52.71 -22.59 -8.01
N LEU P 162 53.22 -23.60 -7.27
CA LEU P 162 52.55 -24.89 -7.02
C LEU P 162 51.12 -24.75 -6.44
N CYS P 163 50.85 -23.72 -5.62
CA CYS P 163 49.52 -23.46 -5.05
C CYS P 163 48.55 -23.11 -6.19
N VAL P 164 48.96 -22.17 -7.07
CA VAL P 164 48.21 -21.68 -8.24
C VAL P 164 47.99 -22.83 -9.24
N GLU P 165 49.05 -23.62 -9.52
CA GLU P 165 49.03 -24.74 -10.47
C GLU P 165 48.11 -25.88 -10.02
N TRP P 166 48.12 -26.23 -8.72
CA TRP P 166 47.25 -27.30 -8.21
C TRP P 166 45.80 -26.82 -8.07
N LEU P 167 45.57 -25.55 -7.67
CA LEU P 167 44.22 -24.98 -7.56
C LEU P 167 43.52 -25.02 -8.92
N ARG P 168 44.25 -24.69 -10.00
CA ARG P 168 43.75 -24.73 -11.38
C ARG P 168 43.38 -26.15 -11.80
N ARG P 169 44.25 -27.13 -11.44
CA ARG P 169 44.06 -28.56 -11.70
C ARG P 169 42.77 -29.05 -11.03
N TYR P 170 42.54 -28.63 -9.77
CA TYR P 170 41.36 -28.96 -8.98
C TYR P 170 40.12 -28.34 -9.61
N LEU P 171 40.22 -27.08 -10.06
CA LEU P 171 39.13 -26.34 -10.70
C LEU P 171 38.74 -26.96 -12.04
N GLU P 172 39.70 -27.58 -12.74
CA GLU P 172 39.42 -28.25 -14.02
C GLU P 172 38.78 -29.61 -13.80
N ASN P 173 39.34 -30.43 -12.88
CA ASN P 173 38.85 -31.79 -12.55
C ASN P 173 37.45 -31.76 -11.92
N GLY P 174 37.15 -30.72 -11.15
CA GLY P 174 35.87 -30.56 -10.48
C GLY P 174 35.05 -29.39 -11.00
N LYS P 175 35.16 -29.10 -12.30
CA LYS P 175 34.47 -28.00 -12.99
C LYS P 175 32.93 -28.07 -12.87
N GLU P 176 32.38 -29.30 -12.79
CA GLU P 176 30.93 -29.52 -12.69
C GLU P 176 30.35 -29.06 -11.36
N THR P 177 31.16 -29.04 -10.29
CA THR P 177 30.68 -28.66 -8.95
C THR P 177 31.33 -27.38 -8.40
N LEU P 178 32.64 -27.16 -8.66
CA LEU P 178 33.37 -26.00 -8.16
C LEU P 178 33.11 -24.73 -8.99
N GLN P 179 33.05 -24.85 -10.32
CA GLN P 179 32.83 -23.72 -11.24
C GLN P 179 31.34 -23.47 -11.53
N ARG P 180 30.44 -24.23 -10.88
CA ARG P 180 28.99 -24.11 -11.03
C ARG P 180 28.37 -23.58 -9.74
N ALA P 181 27.76 -22.39 -9.82
CA ALA P 181 27.09 -21.77 -8.67
C ALA P 181 25.65 -22.23 -8.58
N ASP P 182 25.24 -22.72 -7.41
CA ASP P 182 23.88 -23.17 -7.16
C ASP P 182 23.06 -22.00 -6.62
N PRO P 183 22.03 -21.50 -7.35
CA PRO P 183 21.25 -20.37 -6.84
C PRO P 183 20.38 -20.79 -5.65
N PRO P 184 20.01 -19.87 -4.73
CA PRO P 184 19.20 -20.30 -3.59
C PRO P 184 17.72 -20.50 -3.90
N LYS P 185 17.16 -21.62 -3.40
CA LYS P 185 15.74 -21.92 -3.46
C LYS P 185 15.13 -21.01 -2.40
N THR P 186 14.26 -20.08 -2.82
CA THR P 186 13.72 -19.09 -1.89
C THR P 186 12.21 -19.15 -1.69
N HIS P 187 11.76 -18.79 -0.46
CA HIS P 187 10.36 -18.71 -0.03
C HIS P 187 10.23 -17.88 1.27
N VAL P 188 9.04 -17.29 1.51
CA VAL P 188 8.74 -16.48 2.69
C VAL P 188 7.59 -17.16 3.48
N THR P 189 7.71 -17.19 4.82
CA THR P 189 6.72 -17.81 5.71
C THR P 189 6.15 -16.80 6.72
N HIS P 190 4.93 -17.07 7.23
CA HIS P 190 4.25 -16.22 8.20
C HIS P 190 4.08 -16.92 9.52
N HIS P 191 4.39 -16.21 10.61
CA HIS P 191 4.26 -16.71 11.98
C HIS P 191 3.73 -15.58 12.86
N PRO P 192 2.44 -15.61 13.27
CA PRO P 192 1.93 -14.54 14.15
C PRO P 192 2.52 -14.67 15.55
N VAL P 193 2.84 -13.53 16.17
CA VAL P 193 3.44 -13.51 17.51
C VAL P 193 2.48 -12.86 18.53
N SER P 194 1.63 -11.94 18.05
CA SER P 194 0.65 -11.21 18.86
C SER P 194 -0.66 -10.98 18.05
N ASP P 195 -1.60 -10.22 18.63
CA ASP P 195 -2.89 -9.89 18.01
C ASP P 195 -2.73 -8.82 16.91
N HIS P 196 -1.66 -8.02 16.99
CA HIS P 196 -1.35 -6.95 16.03
C HIS P 196 0.09 -7.03 15.52
N GLU P 197 0.81 -8.13 15.81
CA GLU P 197 2.18 -8.32 15.38
C GLU P 197 2.42 -9.72 14.83
N ALA P 198 3.28 -9.81 13.81
CA ALA P 198 3.64 -11.04 13.12
C ALA P 198 5.14 -11.05 12.79
N THR P 199 5.65 -12.15 12.20
CA THR P 199 7.06 -12.29 11.83
C THR P 199 7.18 -12.90 10.43
N LEU P 200 7.86 -12.17 9.51
CA LEU P 200 8.11 -12.61 8.14
C LEU P 200 9.51 -13.18 8.03
N ARG P 201 9.62 -14.45 7.61
CA ARG P 201 10.88 -15.15 7.49
C ARG P 201 11.20 -15.44 6.02
N CYS P 202 12.33 -14.93 5.52
CA CYS P 202 12.72 -15.21 4.13
C CYS P 202 13.84 -16.24 4.13
N TRP P 203 13.59 -17.37 3.47
CA TRP P 203 14.49 -18.50 3.41
C TRP P 203 15.33 -18.56 2.16
N ALA P 204 16.63 -18.87 2.34
CA ALA P 204 17.60 -19.09 1.28
C ALA P 204 18.16 -20.50 1.49
N LEU P 205 17.70 -21.46 0.67
CA LEU P 205 18.05 -22.88 0.80
C LEU P 205 18.83 -23.43 -0.39
N GLY P 206 19.62 -24.47 -0.14
CA GLY P 206 20.40 -25.20 -1.13
C GLY P 206 21.31 -24.41 -2.05
N PHE P 207 21.91 -23.30 -1.56
CA PHE P 207 22.80 -22.48 -2.37
C PHE P 207 24.28 -22.83 -2.16
N TYR P 208 25.10 -22.53 -3.17
CA TYR P 208 26.55 -22.68 -3.20
C TYR P 208 27.15 -21.64 -4.17
N PRO P 209 28.19 -20.87 -3.77
CA PRO P 209 28.90 -20.87 -2.49
C PRO P 209 28.11 -20.18 -1.37
N ALA P 210 28.67 -20.15 -0.14
CA ALA P 210 28.07 -19.60 1.07
C ALA P 210 27.80 -18.08 1.02
N GLU P 211 28.48 -17.33 0.13
CA GLU P 211 28.28 -15.88 0.01
C GLU P 211 26.86 -15.56 -0.47
N ILE P 212 26.13 -14.79 0.36
CA ILE P 212 24.74 -14.38 0.15
C ILE P 212 24.41 -13.19 1.08
N THR P 213 23.40 -12.39 0.69
CA THR P 213 22.90 -11.26 1.48
C THR P 213 21.37 -11.27 1.42
N LEU P 214 20.74 -11.36 2.60
CA LEU P 214 19.28 -11.35 2.75
C LEU P 214 18.87 -10.07 3.46
N THR P 215 18.15 -9.18 2.74
CA THR P 215 17.72 -7.88 3.29
C THR P 215 16.22 -7.71 3.18
N TRP P 216 15.61 -7.20 4.26
CA TRP P 216 14.18 -6.89 4.30
C TRP P 216 14.00 -5.39 4.10
N GLN P 217 13.06 -5.00 3.23
CA GLN P 217 12.79 -3.61 2.87
C GLN P 217 11.34 -3.22 3.20
N ARG P 218 11.13 -2.20 4.08
CA ARG P 218 9.76 -1.72 4.33
C ARG P 218 9.41 -0.77 3.18
N ASP P 219 8.78 -1.33 2.13
CA ASP P 219 8.38 -0.80 0.82
C ASP P 219 9.35 0.35 0.38
N GLY P 220 10.64 0.02 0.31
CA GLY P 220 11.67 0.95 -0.11
C GLY P 220 12.84 1.10 0.83
N GLU P 221 12.59 1.32 2.14
CA GLU P 221 13.68 1.52 3.09
C GLU P 221 14.25 0.20 3.64
N ASP P 222 15.45 0.27 4.27
CA ASP P 222 16.14 -0.90 4.81
C ASP P 222 15.91 -1.05 6.33
N GLN P 223 15.56 -2.29 6.73
CA GLN P 223 15.18 -2.70 8.09
C GLN P 223 16.37 -3.21 8.93
N THR P 224 17.58 -2.71 8.63
CA THR P 224 18.89 -3.01 9.23
C THR P 224 18.88 -3.33 10.77
N GLN P 225 18.48 -2.37 11.64
CA GLN P 225 18.47 -2.56 13.10
C GLN P 225 17.23 -3.34 13.58
N ASP P 226 16.35 -3.78 12.67
CA ASP P 226 15.12 -4.50 13.04
C ASP P 226 15.10 -5.94 12.48
N THR P 227 16.11 -6.32 11.67
CA THR P 227 16.16 -7.66 11.09
C THR P 227 16.92 -8.63 12.00
N GLU P 228 16.38 -9.84 12.17
CA GLU P 228 16.99 -10.92 12.92
C GLU P 228 17.50 -11.93 11.89
N LEU P 229 18.68 -11.67 11.31
CA LEU P 229 19.23 -12.58 10.31
C LEU P 229 20.26 -13.49 10.95
N VAL P 230 19.99 -14.80 10.87
CA VAL P 230 20.81 -15.88 11.41
C VAL P 230 22.04 -16.10 10.51
N GLU P 231 23.17 -16.58 11.09
CA GLU P 231 24.41 -16.79 10.33
C GLU P 231 24.27 -17.97 9.36
N THR P 232 24.97 -17.89 8.20
CA THR P 232 24.96 -18.92 7.15
C THR P 232 25.43 -20.25 7.73
N ARG P 233 24.56 -21.26 7.64
CA ARG P 233 24.78 -22.61 8.17
C ARG P 233 24.86 -23.65 7.04
N PRO P 234 25.72 -24.69 7.17
CA PRO P 234 25.76 -25.72 6.11
C PRO P 234 24.58 -26.68 6.20
N ALA P 235 24.02 -27.08 5.05
CA ALA P 235 22.90 -28.03 5.04
C ALA P 235 23.37 -29.44 5.41
N GLY P 236 24.60 -29.79 5.04
CA GLY P 236 25.21 -31.08 5.31
C GLY P 236 25.48 -31.91 4.06
N ASP P 237 25.06 -31.38 2.89
CA ASP P 237 25.22 -32.00 1.58
C ASP P 237 25.96 -31.06 0.59
N ARG P 238 26.95 -30.29 1.11
CA ARG P 238 27.81 -29.32 0.42
C ARG P 238 27.05 -28.03 -0.02
N THR P 239 25.79 -27.87 0.42
CA THR P 239 25.01 -26.64 0.15
C THR P 239 24.85 -25.88 1.47
N PHE P 240 24.42 -24.61 1.39
CA PHE P 240 24.27 -23.78 2.58
C PHE P 240 22.84 -23.22 2.69
N GLN P 241 22.50 -22.73 3.89
CA GLN P 241 21.20 -22.14 4.17
C GLN P 241 21.31 -20.92 5.09
N LYS P 242 20.36 -19.98 4.95
CA LYS P 242 20.28 -18.73 5.71
C LYS P 242 18.86 -18.16 5.68
N TRP P 243 18.47 -17.44 6.74
CA TRP P 243 17.18 -16.75 6.79
C TRP P 243 17.30 -15.39 7.48
N ALA P 244 16.40 -14.47 7.10
CA ALA P 244 16.27 -13.12 7.65
C ALA P 244 14.81 -12.92 8.06
N ALA P 245 14.59 -12.42 9.29
CA ALA P 245 13.24 -12.24 9.81
C ALA P 245 12.99 -10.83 10.35
N VAL P 246 11.75 -10.34 10.15
CA VAL P 246 11.31 -9.03 10.61
C VAL P 246 9.97 -9.13 11.35
N VAL P 247 9.92 -8.55 12.56
CA VAL P 247 8.73 -8.47 13.41
C VAL P 247 7.93 -7.26 12.85
N VAL P 248 6.77 -7.55 12.23
CA VAL P 248 5.94 -6.59 11.48
C VAL P 248 4.50 -6.36 12.05
N PRO P 249 3.74 -5.32 11.60
CA PRO P 249 2.39 -5.11 12.15
C PRO P 249 1.24 -5.86 11.44
N SER P 250 1.10 -5.71 10.08
CA SER P 250 0.07 -6.28 9.17
C SER P 250 -1.22 -5.45 9.17
N GLN P 254 1.56 -7.71 1.60
CA GLN P 254 2.11 -6.76 2.55
C GLN P 254 3.10 -5.81 1.84
N ARG P 255 3.47 -4.70 2.52
CA ARG P 255 4.41 -3.70 2.00
C ARG P 255 5.84 -3.98 2.51
N TYR P 256 6.23 -5.27 2.50
CA TYR P 256 7.54 -5.75 2.93
C TYR P 256 8.11 -6.71 1.88
N THR P 257 9.20 -6.32 1.22
CA THR P 257 9.86 -7.14 0.20
C THR P 257 11.21 -7.61 0.70
N CYS P 258 11.57 -8.87 0.39
CA CYS P 258 12.90 -9.36 0.76
C CYS P 258 13.74 -9.50 -0.47
N HIS P 259 15.01 -9.10 -0.35
CA HIS P 259 15.97 -9.13 -1.45
C HIS P 259 17.08 -10.12 -1.16
N VAL P 260 17.46 -10.87 -2.19
CA VAL P 260 18.49 -11.89 -2.11
C VAL P 260 19.48 -11.69 -3.26
N GLN P 261 20.76 -11.53 -2.89
CA GLN P 261 21.89 -11.36 -3.80
C GLN P 261 22.79 -12.58 -3.68
N HIS P 262 23.04 -13.25 -4.81
CA HIS P 262 23.85 -14.46 -4.94
C HIS P 262 24.42 -14.54 -6.35
N GLU P 263 25.63 -15.11 -6.53
CA GLU P 263 26.27 -15.23 -7.85
C GLU P 263 25.56 -16.25 -8.76
N GLY P 264 24.76 -17.14 -8.16
CA GLY P 264 23.96 -18.12 -8.87
C GLY P 264 22.78 -17.47 -9.57
N LEU P 265 22.37 -16.29 -9.07
CA LEU P 265 21.29 -15.47 -9.63
C LEU P 265 21.85 -14.51 -10.68
N PRO P 266 21.25 -14.44 -11.90
CA PRO P 266 21.78 -13.51 -12.93
C PRO P 266 21.71 -12.05 -12.48
N LYS P 267 20.55 -11.66 -11.92
CA LYS P 267 20.28 -10.34 -11.36
C LYS P 267 19.55 -10.52 -10.00
N PRO P 268 19.77 -9.63 -8.99
CA PRO P 268 19.14 -9.84 -7.68
C PRO P 268 17.65 -10.17 -7.70
N LEU P 269 17.26 -11.07 -6.80
CA LEU P 269 15.89 -11.57 -6.66
C LEU P 269 15.16 -10.87 -5.52
N THR P 270 13.88 -10.55 -5.76
CA THR P 270 12.98 -9.92 -4.79
C THR P 270 11.68 -10.72 -4.77
N LEU P 271 11.16 -10.99 -3.57
CA LEU P 271 9.97 -11.80 -3.34
C LEU P 271 9.29 -11.42 -2.02
N ARG P 272 7.96 -11.64 -1.94
CA ARG P 272 7.19 -11.31 -0.74
C ARG P 272 5.84 -12.06 -0.70
N TRP P 273 5.75 -12.99 0.27
CA TRP P 273 4.61 -13.79 0.76
C TRP P 273 3.59 -14.33 -0.29
N GLU P 274 2.52 -15.00 0.22
CA GLU P 274 1.38 -15.58 -0.48
C GLU P 274 0.10 -15.09 0.19
N ILE Q 2 41.02 -15.55 25.67
CA ILE Q 2 41.62 -16.87 25.48
C ILE Q 2 40.54 -17.92 25.14
N GLN Q 3 39.32 -17.77 25.70
CA GLN Q 3 38.23 -18.72 25.48
C GLN Q 3 36.99 -18.06 24.88
N ARG Q 4 36.39 -18.73 23.88
CA ARG Q 4 35.19 -18.27 23.18
C ARG Q 4 34.07 -19.30 23.31
N THR Q 5 32.84 -18.84 23.63
CA THR Q 5 31.68 -19.70 23.84
C THR Q 5 31.02 -20.01 22.48
N PRO Q 6 30.60 -21.28 22.25
CA PRO Q 6 30.00 -21.61 20.95
C PRO Q 6 28.60 -21.06 20.71
N LYS Q 7 28.35 -20.70 19.45
CA LYS Q 7 27.06 -20.28 18.94
C LYS Q 7 26.39 -21.55 18.49
N ILE Q 8 25.10 -21.72 18.83
CA ILE Q 8 24.41 -22.95 18.47
C ILE Q 8 23.22 -22.67 17.56
N GLN Q 9 23.04 -23.54 16.57
CA GLN Q 9 21.96 -23.52 15.60
C GLN Q 9 21.49 -24.95 15.38
N VAL Q 10 20.19 -25.20 15.58
CA VAL Q 10 19.61 -26.51 15.41
C VAL Q 10 18.51 -26.41 14.34
N TYR Q 11 18.69 -27.17 13.24
CA TYR Q 11 17.84 -27.16 12.05
C TYR Q 11 17.83 -28.52 11.34
N SER Q 12 17.21 -28.57 10.14
CA SER Q 12 17.12 -29.76 9.32
C SER Q 12 17.66 -29.47 7.91
N ARG Q 13 18.12 -30.51 7.20
CA ARG Q 13 18.68 -30.45 5.84
C ARG Q 13 17.68 -29.83 4.87
N HIS Q 14 16.46 -30.40 4.83
CA HIS Q 14 15.36 -29.97 3.97
C HIS Q 14 14.18 -29.51 4.82
N PRO Q 15 13.27 -28.62 4.33
CA PRO Q 15 12.12 -28.21 5.16
C PRO Q 15 11.33 -29.45 5.61
N ALA Q 16 11.13 -29.59 6.93
CA ALA Q 16 10.52 -30.75 7.56
C ALA Q 16 9.05 -31.00 7.20
N GLU Q 17 8.73 -32.29 7.06
CA GLU Q 17 7.43 -32.89 6.80
C GLU Q 17 7.25 -34.02 7.82
N ASN Q 18 6.04 -34.17 8.38
CA ASN Q 18 5.73 -35.12 9.46
C ASN Q 18 5.64 -36.61 9.07
N GLY Q 19 6.56 -37.08 8.24
CA GLY Q 19 6.60 -38.48 7.82
C GLY Q 19 7.77 -38.87 6.94
N LYS Q 20 8.43 -37.87 6.33
CA LYS Q 20 9.56 -38.08 5.42
C LYS Q 20 10.89 -38.05 6.16
N SER Q 21 11.82 -38.92 5.73
CA SER Q 21 13.18 -39.00 6.31
C SER Q 21 13.97 -37.76 5.90
N ASN Q 22 14.60 -37.14 6.90
CA ASN Q 22 15.39 -35.91 6.80
C ASN Q 22 16.74 -36.09 7.51
N PHE Q 23 17.39 -34.98 7.92
CA PHE Q 23 18.67 -34.97 8.63
C PHE Q 23 18.65 -33.88 9.68
N LEU Q 24 18.74 -34.26 10.97
CA LEU Q 24 18.76 -33.27 12.05
C LEU Q 24 20.18 -32.74 12.18
N ASN Q 25 20.33 -31.41 12.06
CA ASN Q 25 21.61 -30.73 12.11
C ASN Q 25 21.77 -29.86 13.33
N CYS Q 26 22.98 -29.84 13.89
CA CYS Q 26 23.38 -28.98 14.99
C CYS Q 26 24.73 -28.38 14.64
N TYR Q 27 24.71 -27.08 14.28
CA TYR Q 27 25.90 -26.35 13.85
C TYR Q 27 26.46 -25.53 15.01
N VAL Q 28 27.63 -25.97 15.50
CA VAL Q 28 28.38 -25.35 16.59
C VAL Q 28 29.54 -24.58 15.98
N SER Q 29 29.63 -23.27 16.26
CA SER Q 29 30.66 -22.39 15.69
C SER Q 29 31.11 -21.31 16.67
N GLY Q 30 32.22 -20.65 16.35
CA GLY Q 30 32.78 -19.56 17.13
C GLY Q 30 33.32 -19.90 18.51
N PHE Q 31 33.74 -21.17 18.72
CA PHE Q 31 34.26 -21.59 20.02
C PHE Q 31 35.78 -21.83 20.00
N HIS Q 32 36.41 -21.65 21.16
CA HIS Q 32 37.83 -21.86 21.42
C HIS Q 32 38.01 -22.19 22.91
N PRO Q 33 38.70 -23.29 23.32
CA PRO Q 33 39.45 -24.28 22.52
C PRO Q 33 38.55 -25.27 21.74
N SER Q 34 39.17 -26.26 21.07
CA SER Q 34 38.52 -27.23 20.17
C SER Q 34 37.63 -28.29 20.88
N ASP Q 35 38.02 -28.83 22.05
CA ASP Q 35 37.26 -29.87 22.74
C ASP Q 35 35.86 -29.38 23.08
N ILE Q 36 34.84 -30.07 22.54
CA ILE Q 36 33.43 -29.76 22.70
C ILE Q 36 32.60 -31.06 22.76
N GLU Q 37 31.54 -31.07 23.58
CA GLU Q 37 30.62 -32.20 23.71
C GLU Q 37 29.30 -31.82 23.05
N VAL Q 38 28.97 -32.46 21.93
CA VAL Q 38 27.73 -32.15 21.21
C VAL Q 38 26.93 -33.44 20.98
N ASP Q 39 25.66 -33.46 21.44
CA ASP Q 39 24.77 -34.60 21.27
C ASP Q 39 23.41 -34.15 20.75
N LEU Q 40 22.84 -34.92 19.83
CA LEU Q 40 21.51 -34.69 19.28
C LEU Q 40 20.53 -35.43 20.18
N LEU Q 41 19.50 -34.73 20.66
CA LEU Q 41 18.55 -35.29 21.66
C LEU Q 41 17.15 -35.52 21.10
N LYS Q 42 16.68 -36.77 21.11
CA LYS Q 42 15.30 -37.10 20.67
C LYS Q 42 14.49 -37.51 21.89
N ASN Q 43 13.67 -36.61 22.42
CA ASN Q 43 12.83 -36.89 23.62
C ASN Q 43 13.72 -37.23 24.82
N GLY Q 44 14.85 -36.53 24.93
CA GLY Q 44 15.78 -36.56 26.03
C GLY Q 44 16.73 -37.75 25.91
N GLU Q 45 16.43 -38.65 24.96
CA GLU Q 45 17.21 -39.86 24.65
C GLU Q 45 18.29 -39.51 23.64
N ARG Q 46 19.51 -39.97 23.89
CA ARG Q 46 20.65 -39.70 23.03
C ARG Q 46 20.58 -40.56 21.75
N ILE Q 47 20.53 -39.89 20.58
CA ILE Q 47 20.55 -40.57 19.27
C ILE Q 47 21.95 -41.17 19.20
N GLU Q 48 22.05 -42.51 19.14
CA GLU Q 48 23.33 -43.20 19.26
C GLU Q 48 24.26 -43.08 18.05
N LYS Q 49 23.76 -43.06 16.79
CA LYS Q 49 24.71 -42.98 15.68
C LYS Q 49 24.72 -41.58 15.02
N VAL Q 50 25.25 -40.60 15.79
CA VAL Q 50 25.40 -39.21 15.37
C VAL Q 50 26.82 -39.06 14.78
N GLU Q 51 26.90 -38.44 13.59
CA GLU Q 51 28.15 -38.19 12.88
C GLU Q 51 28.52 -36.71 12.97
N HIS Q 52 29.76 -36.34 12.57
CA HIS Q 52 30.21 -34.94 12.60
C HIS Q 52 31.30 -34.65 11.54
N SER Q 53 31.37 -33.39 11.09
CA SER Q 53 32.34 -32.91 10.11
C SER Q 53 33.74 -32.77 10.75
N ASP Q 54 34.79 -32.68 9.90
CA ASP Q 54 36.18 -32.54 10.35
C ASP Q 54 36.40 -31.16 10.95
N LEU Q 55 37.25 -31.09 11.99
CA LEU Q 55 37.55 -29.86 12.72
C LEU Q 55 38.28 -28.85 11.83
N SER Q 56 37.58 -27.74 11.57
CA SER Q 56 38.08 -26.60 10.80
C SER Q 56 37.81 -25.33 11.60
N PHE Q 57 38.41 -24.21 11.19
CA PHE Q 57 38.24 -22.95 11.91
C PHE Q 57 38.05 -21.76 10.97
N SER Q 58 37.59 -20.63 11.53
CA SER Q 58 37.31 -19.40 10.79
C SER Q 58 38.50 -18.42 10.81
N LYS Q 59 38.30 -17.23 10.22
CA LYS Q 59 39.27 -16.13 10.10
C LYS Q 59 39.77 -15.65 11.45
N ASP Q 60 38.91 -15.69 12.49
CA ASP Q 60 39.20 -15.27 13.85
C ASP Q 60 39.78 -16.41 14.72
N TRP Q 61 40.11 -17.56 14.10
CA TRP Q 61 40.71 -18.79 14.68
C TRP Q 61 39.71 -19.63 15.49
N SER Q 62 38.45 -19.20 15.59
CA SER Q 62 37.41 -19.94 16.31
C SER Q 62 36.96 -21.15 15.49
N PHE Q 63 36.78 -22.30 16.15
CA PHE Q 63 36.42 -23.57 15.53
C PHE Q 63 34.92 -23.69 15.22
N TYR Q 64 34.58 -24.64 14.31
CA TYR Q 64 33.22 -24.94 13.91
C TYR Q 64 33.08 -26.38 13.42
N LEU Q 65 31.93 -27.01 13.73
CA LEU Q 65 31.58 -28.37 13.28
C LEU Q 65 30.06 -28.55 13.23
N LEU Q 66 29.61 -29.49 12.39
CA LEU Q 66 28.21 -29.82 12.22
C LEU Q 66 27.98 -31.26 12.69
N TYR Q 67 27.05 -31.42 13.64
CA TYR Q 67 26.65 -32.71 14.17
C TYR Q 67 25.34 -33.08 13.51
N TYR Q 68 25.27 -34.27 12.91
CA TYR Q 68 24.11 -34.69 12.16
C TYR Q 68 23.78 -36.18 12.28
N THR Q 69 22.48 -36.48 12.16
CA THR Q 69 21.92 -37.83 12.16
C THR Q 69 20.71 -37.84 11.21
N GLU Q 70 20.50 -38.97 10.51
CA GLU Q 70 19.35 -39.15 9.64
C GLU Q 70 18.15 -39.37 10.57
N PHE Q 71 17.08 -38.60 10.40
CA PHE Q 71 15.93 -38.70 11.30
C PHE Q 71 14.62 -38.51 10.53
N THR Q 72 13.49 -38.77 11.21
CA THR Q 72 12.17 -38.58 10.65
C THR Q 72 11.36 -37.76 11.65
N PRO Q 73 11.03 -36.49 11.33
CA PRO Q 73 10.28 -35.69 12.30
C PRO Q 73 8.81 -36.09 12.35
N THR Q 74 8.28 -36.26 13.57
CA THR Q 74 6.87 -36.56 13.79
C THR Q 74 6.23 -35.22 14.14
N GLU Q 75 5.00 -35.24 14.68
CA GLU Q 75 4.29 -34.04 15.07
C GLU Q 75 4.56 -33.72 16.56
N LYS Q 76 4.70 -34.77 17.39
CA LYS Q 76 4.80 -34.65 18.85
C LYS Q 76 6.19 -34.82 19.47
N ASP Q 77 7.00 -35.84 19.08
CA ASP Q 77 8.28 -36.06 19.74
C ASP Q 77 9.28 -34.93 19.41
N GLU Q 78 9.64 -34.15 20.45
CA GLU Q 78 10.52 -32.97 20.42
C GLU Q 78 11.98 -33.33 20.19
N TYR Q 79 12.70 -32.52 19.39
CA TYR Q 79 14.14 -32.71 19.12
C TYR Q 79 14.93 -31.52 19.67
N ALA Q 80 16.19 -31.75 20.08
CA ALA Q 80 17.06 -30.71 20.65
C ALA Q 80 18.55 -31.02 20.43
N CYS Q 81 19.44 -30.16 20.97
CA CYS Q 81 20.90 -30.30 20.87
C CYS Q 81 21.55 -29.87 22.19
N ARG Q 82 22.33 -30.77 22.82
CA ARG Q 82 23.02 -30.51 24.08
C ARG Q 82 24.52 -30.28 23.83
N VAL Q 83 25.00 -29.06 24.13
CA VAL Q 83 26.39 -28.66 23.91
C VAL Q 83 27.08 -28.34 25.24
N ASN Q 84 28.29 -28.89 25.44
CA ASN Q 84 29.12 -28.67 26.63
C ASN Q 84 30.52 -28.25 26.19
N HIS Q 85 31.00 -27.13 26.74
CA HIS Q 85 32.30 -26.51 26.50
C HIS Q 85 32.81 -25.93 27.83
N VAL Q 86 34.14 -25.86 28.02
CA VAL Q 86 34.82 -25.33 29.22
C VAL Q 86 34.30 -23.90 29.58
N THR Q 87 33.80 -23.18 28.57
CA THR Q 87 33.25 -21.83 28.63
C THR Q 87 31.87 -21.79 29.32
N LEU Q 88 31.18 -22.95 29.43
CA LEU Q 88 29.85 -23.06 30.02
C LEU Q 88 29.89 -23.75 31.38
N SER Q 89 29.03 -23.29 32.30
CA SER Q 89 28.88 -23.87 33.65
C SER Q 89 28.07 -25.15 33.55
N GLN Q 90 26.87 -25.05 32.97
CA GLN Q 90 25.94 -26.17 32.73
C GLN Q 90 25.71 -26.32 31.21
N PRO Q 91 25.61 -27.58 30.69
CA PRO Q 91 25.44 -27.76 29.23
C PRO Q 91 24.24 -27.00 28.66
N LYS Q 92 24.44 -26.37 27.49
CA LYS Q 92 23.39 -25.59 26.84
C LYS Q 92 22.55 -26.49 25.95
N ILE Q 93 21.23 -26.51 26.20
CA ILE Q 93 20.27 -27.29 25.42
C ILE Q 93 19.47 -26.30 24.58
N VAL Q 94 19.45 -26.53 23.27
CA VAL Q 94 18.74 -25.69 22.30
C VAL Q 94 17.77 -26.59 21.51
N LYS Q 95 16.46 -26.37 21.73
CA LYS Q 95 15.39 -27.14 21.10
C LYS Q 95 15.26 -26.83 19.62
N TRP Q 96 14.99 -27.87 18.82
CA TRP Q 96 14.81 -27.76 17.38
C TRP Q 96 13.49 -27.09 17.06
N ASP Q 97 13.54 -26.07 16.20
CA ASP Q 97 12.34 -25.38 15.74
C ASP Q 97 12.28 -25.49 14.23
N ARG Q 98 11.20 -26.13 13.76
CA ARG Q 98 10.85 -26.40 12.37
C ARG Q 98 10.75 -25.11 11.54
N ASP Q 99 10.21 -24.04 12.17
CA ASP Q 99 9.97 -22.75 11.56
C ASP Q 99 11.22 -21.86 11.43
N MET Q 100 12.35 -22.24 12.06
CA MET Q 100 13.59 -21.45 11.98
C MET Q 100 14.86 -22.35 12.02
N LEU R 1 47.73 -29.23 -3.41
CA LEU R 1 48.89 -29.85 -2.78
C LEU R 1 49.43 -28.95 -1.66
N PRO R 2 49.69 -29.50 -0.44
CA PRO R 2 50.19 -28.65 0.65
C PRO R 2 51.63 -28.19 0.48
N PHE R 3 52.05 -27.19 1.29
CA PHE R 3 53.41 -26.62 1.28
C PHE R 3 54.39 -27.66 1.84
N ASP R 4 55.44 -27.96 1.07
CA ASP R 4 56.42 -29.00 1.36
C ASP R 4 57.67 -28.48 2.10
N LYS R 5 57.46 -27.72 3.18
CA LYS R 5 58.54 -27.25 4.04
C LYS R 5 57.99 -27.15 5.45
N SER R 6 58.49 -28.02 6.33
CA SER R 6 58.07 -28.08 7.71
C SER R 6 59.19 -27.55 8.59
N THR R 7 58.95 -26.38 9.19
CA THR R 7 59.92 -25.68 10.02
C THR R 7 59.38 -25.54 11.45
N VAL R 8 60.20 -25.97 12.42
CA VAL R 8 59.90 -25.91 13.85
C VAL R 8 59.85 -24.43 14.28
N MET R 9 58.83 -24.05 15.07
CA MET R 9 58.64 -22.70 15.59
C MET R 9 59.50 -22.46 16.83
N GLN S 1 63.69 -36.63 -10.93
CA GLN S 1 64.55 -36.04 -9.90
C GLN S 1 66.03 -36.19 -10.30
N SER S 2 66.48 -35.34 -11.24
CA SER S 2 67.86 -35.38 -11.73
C SER S 2 68.47 -33.98 -11.84
N LEU S 3 69.81 -33.93 -11.90
CA LEU S 3 70.60 -32.72 -12.05
C LEU S 3 71.99 -33.08 -12.62
N GLU S 4 72.56 -32.18 -13.42
CA GLU S 4 73.84 -32.38 -14.10
C GLU S 4 74.74 -31.14 -13.98
N GLN S 5 76.05 -31.38 -13.80
CA GLN S 5 77.11 -30.38 -13.70
C GLN S 5 78.39 -30.94 -14.37
N PRO S 6 79.32 -30.10 -14.91
CA PRO S 6 80.52 -30.66 -15.57
C PRO S 6 81.39 -31.52 -14.65
N SER S 7 82.20 -32.42 -15.24
CA SER S 7 83.07 -33.33 -14.48
C SER S 7 84.23 -32.55 -13.85
N GLU S 8 84.89 -31.70 -14.64
CA GLU S 8 86.04 -30.89 -14.22
C GLU S 8 85.98 -29.47 -14.75
N VAL S 9 86.72 -28.57 -14.07
CA VAL S 9 86.88 -27.18 -14.45
C VAL S 9 88.29 -26.77 -13.96
N THR S 10 89.01 -25.97 -14.75
CA THR S 10 90.38 -25.56 -14.42
C THR S 10 90.54 -24.06 -14.61
N ALA S 11 91.32 -23.42 -13.73
CA ALA S 11 91.58 -21.99 -13.78
C ALA S 11 92.88 -21.62 -13.06
N VAL S 12 93.49 -20.51 -13.51
CA VAL S 12 94.73 -19.91 -13.01
C VAL S 12 94.46 -19.30 -11.61
N GLU S 13 95.52 -19.11 -10.81
CA GLU S 13 95.44 -18.49 -9.48
C GLU S 13 95.19 -16.99 -9.68
N GLY S 14 94.16 -16.49 -9.01
CA GLY S 14 93.74 -15.09 -9.09
C GLY S 14 92.61 -14.90 -10.10
N ALA S 15 92.34 -15.93 -10.91
CA ALA S 15 91.31 -15.93 -11.95
C ALA S 15 89.89 -16.08 -11.36
N ILE S 16 88.90 -16.15 -12.26
CA ILE S 16 87.47 -16.27 -11.95
C ILE S 16 86.97 -17.52 -12.70
N VAL S 17 86.18 -18.39 -12.03
CA VAL S 17 85.67 -19.62 -12.61
C VAL S 17 84.12 -19.73 -12.44
N GLN S 18 83.47 -20.53 -13.32
CA GLN S 18 82.02 -20.75 -13.32
C GLN S 18 81.71 -22.25 -13.38
N ILE S 19 80.84 -22.71 -12.46
CA ILE S 19 80.37 -24.08 -12.42
C ILE S 19 78.87 -24.04 -12.68
N ASN S 20 78.45 -24.51 -13.86
CA ASN S 20 77.03 -24.55 -14.26
C ASN S 20 76.34 -25.80 -13.73
N CYS S 21 75.04 -25.69 -13.43
N CYS S 21 75.04 -25.69 -13.42
CA CYS S 21 74.23 -26.80 -12.92
CA CYS S 21 74.21 -26.78 -12.91
C CYS S 21 72.80 -26.71 -13.45
C CYS S 21 72.80 -26.68 -13.49
N THR S 22 72.37 -27.73 -14.18
CA THR S 22 71.03 -27.85 -14.77
C THR S 22 70.32 -28.95 -14.03
N TYR S 23 69.02 -28.79 -13.79
CA TYR S 23 68.22 -29.79 -13.06
C TYR S 23 66.88 -29.99 -13.74
N GLN S 24 66.20 -31.11 -13.43
CA GLN S 24 64.87 -31.39 -13.93
C GLN S 24 64.05 -32.03 -12.84
N THR S 25 62.97 -31.34 -12.42
CA THR S 25 62.07 -31.76 -11.35
C THR S 25 60.69 -31.13 -11.54
N SER S 26 59.67 -31.72 -10.89
CA SER S 26 58.27 -31.27 -10.97
C SER S 26 57.95 -30.18 -9.94
N GLY S 27 58.56 -30.25 -8.75
CA GLY S 27 58.31 -29.29 -7.68
C GLY S 27 59.54 -28.80 -6.94
N PHE S 28 60.33 -27.93 -7.60
CA PHE S 28 61.56 -27.32 -7.08
C PHE S 28 61.27 -26.41 -5.88
N TYR S 29 62.21 -26.38 -4.91
CA TYR S 29 62.11 -25.56 -3.69
C TYR S 29 63.40 -24.75 -3.47
N GLY S 30 64.54 -25.28 -3.90
CA GLY S 30 65.81 -24.60 -3.75
C GLY S 30 66.99 -25.27 -4.41
N LEU S 31 67.99 -24.46 -4.79
CA LEU S 31 69.25 -24.91 -5.38
C LEU S 31 70.39 -24.44 -4.50
N SER S 32 71.22 -25.38 -4.00
CA SER S 32 72.32 -25.05 -3.09
C SER S 32 73.67 -25.56 -3.60
N TRP S 33 74.77 -24.98 -3.05
CA TRP S 33 76.15 -25.30 -3.42
C TRP S 33 76.98 -25.72 -2.21
N TYR S 34 77.80 -26.77 -2.39
CA TYR S 34 78.64 -27.32 -1.33
C TYR S 34 80.06 -27.57 -1.82
N GLN S 35 81.05 -27.23 -0.99
CA GLN S 35 82.48 -27.44 -1.26
C GLN S 35 82.96 -28.63 -0.44
N GLN S 36 83.68 -29.57 -1.07
CA GLN S 36 84.21 -30.72 -0.37
C GLN S 36 85.63 -31.04 -0.81
N HIS S 37 86.56 -30.91 0.14
CA HIS S 37 87.96 -31.29 -0.04
C HIS S 37 88.05 -32.82 0.11
N ASP S 38 89.04 -33.45 -0.54
CA ASP S 38 89.26 -34.91 -0.50
C ASP S 38 89.23 -35.44 0.94
N GLY S 39 88.24 -36.28 1.23
CA GLY S 39 88.05 -36.89 2.54
C GLY S 39 87.60 -35.93 3.62
N GLY S 40 86.99 -34.81 3.20
CA GLY S 40 86.51 -33.76 4.08
C GLY S 40 85.00 -33.68 4.15
N ALA S 41 84.49 -32.73 4.94
CA ALA S 41 83.06 -32.51 5.14
C ALA S 41 82.51 -31.52 4.12
N PRO S 42 81.40 -31.82 3.40
CA PRO S 42 80.84 -30.81 2.49
C PRO S 42 80.41 -29.57 3.27
N THR S 43 80.91 -28.39 2.89
CA THR S 43 80.59 -27.12 3.55
C THR S 43 79.72 -26.29 2.63
N PHE S 44 78.70 -25.62 3.21
CA PHE S 44 77.73 -24.79 2.52
C PHE S 44 78.36 -23.51 1.97
N LEU S 45 77.99 -23.13 0.74
CA LEU S 45 78.49 -21.92 0.08
C LEU S 45 77.37 -20.89 -0.10
N SER S 46 76.27 -21.28 -0.77
CA SER S 46 75.11 -20.43 -1.04
C SER S 46 73.86 -21.24 -1.39
N TYR S 47 72.68 -20.64 -1.13
CA TYR S 47 71.36 -21.23 -1.38
C TYR S 47 70.50 -20.24 -2.16
N ASN S 48 69.88 -20.71 -3.25
CA ASN S 48 68.95 -19.92 -4.07
C ASN S 48 67.56 -20.53 -4.04
N ALA S 49 66.57 -19.78 -3.59
CA ALA S 49 65.18 -20.23 -3.58
C ALA S 49 64.44 -19.54 -4.70
N LEU S 50 64.59 -18.21 -4.79
CA LEU S 50 63.98 -17.37 -5.83
C LEU S 50 65.00 -17.01 -6.90
N ASP S 51 64.52 -16.48 -8.05
CA ASP S 51 65.36 -16.04 -9.16
C ASP S 51 66.20 -14.83 -8.75
N GLY S 52 67.48 -14.88 -9.09
CA GLY S 52 68.41 -13.81 -8.76
C GLY S 52 69.81 -14.30 -8.47
N LEU S 53 70.58 -13.46 -7.75
CA LEU S 53 71.96 -13.73 -7.40
C LEU S 53 72.17 -13.59 -5.89
N GLU S 54 72.88 -14.57 -5.32
CA GLU S 54 73.26 -14.61 -3.91
C GLU S 54 74.76 -14.37 -3.81
N GLU S 55 75.17 -13.35 -3.04
CA GLU S 55 76.59 -13.02 -2.88
C GLU S 55 77.04 -13.24 -1.45
N THR S 56 78.17 -13.96 -1.27
CA THR S 56 78.78 -14.24 0.03
C THR S 56 80.29 -14.28 -0.19
N GLY S 57 80.92 -13.12 -0.07
CA GLY S 57 82.35 -12.93 -0.27
C GLY S 57 82.78 -13.08 -1.71
N ARG S 58 83.71 -14.03 -1.96
CA ARG S 58 84.24 -14.32 -3.30
C ARG S 58 83.32 -15.28 -4.06
N PHE S 59 82.28 -15.82 -3.38
CA PHE S 59 81.39 -16.81 -3.97
C PHE S 59 79.98 -16.25 -4.18
N SER S 60 79.47 -16.42 -5.40
CA SER S 60 78.12 -15.99 -5.79
C SER S 60 77.41 -17.10 -6.55
N SER S 61 76.11 -17.27 -6.33
CA SER S 61 75.36 -18.29 -7.03
C SER S 61 74.08 -17.71 -7.65
N PHE S 62 73.93 -17.92 -8.96
CA PHE S 62 72.77 -17.47 -9.75
C PHE S 62 71.78 -18.63 -9.92
N LEU S 63 70.49 -18.28 -10.04
CA LEU S 63 69.41 -19.23 -10.29
C LEU S 63 68.35 -18.63 -11.23
N SER S 64 67.86 -19.47 -12.15
CA SER S 64 66.78 -19.20 -13.08
C SER S 64 65.83 -20.39 -13.01
N ARG S 65 64.70 -20.23 -12.32
CA ARG S 65 63.71 -21.29 -12.12
C ARG S 65 63.01 -21.68 -13.43
N SER S 66 62.75 -20.71 -14.33
CA SER S 66 62.09 -20.95 -15.62
C SER S 66 62.97 -21.74 -16.58
N ASP S 67 64.30 -21.53 -16.52
CA ASP S 67 65.27 -22.24 -17.38
C ASP S 67 65.81 -23.49 -16.69
N SER S 68 65.43 -23.72 -15.40
CA SER S 68 65.85 -24.83 -14.54
C SER S 68 67.39 -24.95 -14.53
N TYR S 69 68.05 -23.79 -14.47
CA TYR S 69 69.50 -23.64 -14.51
C TYR S 69 69.98 -22.68 -13.43
N GLY S 70 71.16 -22.98 -12.92
CA GLY S 70 71.85 -22.18 -11.91
C GLY S 70 73.34 -22.35 -12.03
N TYR S 71 74.12 -21.40 -11.51
CA TYR S 71 75.57 -21.55 -11.57
C TYR S 71 76.25 -20.92 -10.37
N LEU S 72 77.47 -21.39 -10.07
CA LEU S 72 78.32 -20.90 -8.99
C LEU S 72 79.52 -20.21 -9.61
N LEU S 73 79.76 -18.98 -9.20
CA LEU S 73 80.87 -18.16 -9.66
C LEU S 73 81.85 -17.95 -8.51
N LEU S 74 83.11 -18.39 -8.70
CA LEU S 74 84.17 -18.28 -7.69
C LEU S 74 85.20 -17.25 -8.15
N GLN S 75 85.27 -16.12 -7.44
CA GLN S 75 86.17 -15.00 -7.73
C GLN S 75 87.49 -15.08 -6.94
N GLU S 76 88.53 -14.36 -7.44
CA GLU S 76 89.90 -14.24 -6.88
C GLU S 76 90.36 -15.59 -6.34
N LEU S 77 90.59 -16.53 -7.26
CA LEU S 77 90.92 -17.92 -6.95
C LEU S 77 92.26 -18.10 -6.23
N GLN S 78 92.17 -18.83 -5.12
CA GLN S 78 93.27 -19.21 -4.24
C GLN S 78 93.44 -20.72 -4.34
N MET S 79 94.58 -21.27 -3.86
CA MET S 79 94.88 -22.70 -3.91
C MET S 79 93.95 -23.53 -3.04
N LYS S 80 93.44 -22.94 -1.93
CA LYS S 80 92.53 -23.60 -0.99
C LYS S 80 91.16 -23.89 -1.65
N ASP S 81 90.88 -23.25 -2.81
CA ASP S 81 89.64 -23.43 -3.57
C ASP S 81 89.68 -24.71 -4.43
N SER S 82 90.87 -25.36 -4.55
CA SER S 82 91.01 -26.61 -5.28
C SER S 82 90.31 -27.70 -4.48
N ALA S 83 89.08 -28.02 -4.89
CA ALA S 83 88.21 -28.99 -4.23
C ALA S 83 87.14 -29.47 -5.19
N SER S 84 86.11 -30.16 -4.65
CA SER S 84 84.96 -30.63 -5.39
C SER S 84 83.77 -29.76 -5.01
N TYR S 85 83.01 -29.32 -6.02
CA TYR S 85 81.85 -28.46 -5.78
C TYR S 85 80.62 -29.18 -6.25
N PHE S 86 79.66 -29.35 -5.34
CA PHE S 86 78.43 -30.07 -5.59
C PHE S 86 77.21 -29.18 -5.59
N CYS S 87 76.35 -29.34 -6.60
N CYS S 87 76.34 -29.41 -6.57
CA CYS S 87 75.09 -28.61 -6.62
CA CYS S 87 75.07 -28.75 -6.77
C CYS S 87 74.01 -29.57 -6.15
C CYS S 87 73.98 -29.64 -6.16
N ALA S 88 73.17 -29.08 -5.25
CA ALA S 88 72.11 -29.85 -4.60
C ALA S 88 70.76 -29.22 -4.90
N VAL S 89 69.76 -30.06 -5.21
CA VAL S 89 68.42 -29.58 -5.49
C VAL S 89 67.46 -30.10 -4.40
N ASP S 90 66.65 -29.18 -3.88
CA ASP S 90 65.62 -29.45 -2.89
C ASP S 90 64.28 -29.38 -3.63
N THR S 91 63.49 -30.46 -3.56
CA THR S 91 62.23 -30.56 -4.30
C THR S 91 61.04 -30.76 -3.34
N GLY S 92 61.16 -30.22 -2.15
CA GLY S 92 60.15 -30.35 -1.11
C GLY S 92 60.45 -31.55 -0.25
N GLY S 93 60.12 -31.45 1.03
CA GLY S 93 60.33 -32.52 1.98
C GLY S 93 61.68 -32.32 2.62
N PHE S 94 62.52 -33.37 2.58
CA PHE S 94 63.83 -33.41 3.24
C PHE S 94 64.92 -34.09 2.43
N LYS S 95 64.54 -34.94 1.43
CA LYS S 95 65.46 -35.68 0.58
C LYS S 95 66.12 -34.74 -0.44
N THR S 96 67.43 -34.57 -0.32
CA THR S 96 68.20 -33.69 -1.20
C THR S 96 68.95 -34.55 -2.22
N ILE S 97 68.91 -34.12 -3.48
CA ILE S 97 69.58 -34.77 -4.60
C ILE S 97 70.86 -33.98 -4.89
N PHE S 98 72.01 -34.64 -4.77
CA PHE S 98 73.32 -34.03 -5.04
C PHE S 98 73.85 -34.48 -6.38
N GLY S 99 74.52 -33.57 -7.09
CA GLY S 99 75.14 -33.87 -8.37
C GLY S 99 76.39 -34.71 -8.18
N ALA S 100 76.93 -35.26 -9.28
CA ALA S 100 78.14 -36.08 -9.23
C ALA S 100 79.35 -35.25 -8.77
N GLY S 101 79.28 -33.93 -8.97
CA GLY S 101 80.31 -32.98 -8.57
C GLY S 101 81.21 -32.51 -9.67
N THR S 102 81.85 -31.35 -9.44
CA THR S 102 82.79 -30.72 -10.35
C THR S 102 84.10 -30.52 -9.61
N ARG S 103 85.21 -31.03 -10.15
CA ARG S 103 86.50 -30.84 -9.51
C ARG S 103 87.16 -29.61 -10.11
N LEU S 104 87.51 -28.64 -9.24
CA LEU S 104 88.20 -27.44 -9.66
C LEU S 104 89.68 -27.60 -9.39
N PHE S 105 90.51 -27.36 -10.41
CA PHE S 105 91.96 -27.40 -10.32
C PHE S 105 92.48 -25.98 -10.44
N VAL S 106 93.15 -25.48 -9.39
CA VAL S 106 93.67 -24.12 -9.40
C VAL S 106 95.16 -24.20 -9.77
N LYS S 107 95.51 -23.62 -10.93
CA LYS S 107 96.89 -23.57 -11.44
C LYS S 107 97.62 -22.43 -10.76
N ALA S 108 98.63 -22.75 -9.94
CA ALA S 108 99.42 -21.77 -9.18
C ALA S 108 100.24 -20.89 -10.12
N ASN S 109 100.39 -19.60 -9.79
CA ASN S 109 101.20 -18.71 -10.59
C ASN S 109 102.61 -18.67 -10.00
N ILE S 110 103.57 -19.30 -10.71
CA ILE S 110 104.96 -19.39 -10.28
C ILE S 110 105.70 -18.22 -10.95
N GLN S 111 106.09 -17.23 -10.13
CA GLN S 111 106.77 -15.99 -10.55
C GLN S 111 108.17 -16.24 -11.13
N ASN S 112 109.04 -16.91 -10.37
CA ASN S 112 110.41 -17.16 -10.83
C ASN S 112 110.66 -18.69 -10.92
N PRO S 113 110.46 -19.28 -12.14
CA PRO S 113 110.67 -20.72 -12.29
C PRO S 113 112.14 -21.09 -12.37
N ASP S 114 112.60 -21.96 -11.44
CA ASP S 114 113.98 -22.44 -11.36
C ASP S 114 113.97 -24.00 -11.42
N PRO S 115 113.59 -24.63 -12.56
CA PRO S 115 113.53 -26.11 -12.58
C PRO S 115 114.88 -26.77 -12.34
N ALA S 116 114.90 -27.75 -11.42
CA ALA S 116 116.08 -28.52 -11.02
C ALA S 116 115.72 -29.85 -10.36
N VAL S 117 116.56 -30.88 -10.57
CA VAL S 117 116.40 -32.23 -10.01
C VAL S 117 117.54 -32.46 -8.99
N TYR S 118 117.19 -32.92 -7.77
CA TYR S 118 118.14 -33.13 -6.68
C TYR S 118 118.14 -34.57 -6.13
N GLN S 119 119.18 -34.93 -5.33
CA GLN S 119 119.34 -36.25 -4.70
C GLN S 119 119.29 -36.14 -3.18
N LEU S 120 118.29 -36.78 -2.55
CA LEU S 120 118.12 -36.75 -1.10
C LEU S 120 118.63 -38.01 -0.41
N ARG S 121 119.19 -37.85 0.80
CA ARG S 121 119.73 -38.94 1.62
C ARG S 121 118.96 -39.08 2.94
N ASP S 122 118.78 -40.32 3.39
CA ASP S 122 118.10 -40.69 4.63
C ASP S 122 119.10 -40.66 5.81
N SER S 123 118.61 -40.81 7.07
CA SER S 123 119.44 -40.89 8.28
C SER S 123 120.25 -42.20 8.26
N LYS S 124 119.64 -43.25 7.68
CA LYS S 124 120.20 -44.58 7.44
C LYS S 124 119.70 -45.06 6.08
N SER S 125 120.55 -44.88 5.04
CA SER S 125 120.28 -45.17 3.62
C SER S 125 120.13 -46.69 3.32
N SER S 126 119.72 -47.49 4.32
CA SER S 126 119.53 -48.94 4.21
C SER S 126 118.17 -49.38 3.60
N ASP S 127 117.54 -48.50 2.79
CA ASP S 127 116.28 -48.79 2.10
C ASP S 127 116.24 -48.38 0.62
N LYS S 128 116.43 -47.08 0.29
CA LYS S 128 116.40 -46.55 -1.09
C LYS S 128 117.04 -45.15 -1.23
N SER S 129 116.88 -44.53 -2.43
CA SER S 129 117.36 -43.19 -2.79
C SER S 129 116.22 -42.40 -3.45
N VAL S 130 116.06 -41.11 -3.06
CA VAL S 130 114.98 -40.23 -3.53
C VAL S 130 115.50 -39.09 -4.43
N CYS S 131 114.72 -38.77 -5.48
CA CYS S 131 114.94 -37.70 -6.46
C CYS S 131 113.74 -36.76 -6.44
N LEU S 132 113.98 -35.44 -6.42
CA LEU S 132 112.90 -34.44 -6.37
C LEU S 132 113.00 -33.40 -7.50
N PHE S 133 112.05 -33.45 -8.45
CA PHE S 133 111.94 -32.48 -9.54
C PHE S 133 111.03 -31.36 -9.03
N THR S 134 111.62 -30.20 -8.71
CA THR S 134 110.90 -29.08 -8.12
C THR S 134 111.18 -27.74 -8.86
N ASP S 135 110.38 -26.70 -8.51
CA ASP S 135 110.41 -25.32 -8.99
C ASP S 135 110.18 -25.18 -10.52
N PHE S 136 109.23 -25.98 -11.06
CA PHE S 136 108.89 -25.92 -12.49
C PHE S 136 107.56 -25.17 -12.71
N ASP S 137 107.31 -24.71 -13.96
CA ASP S 137 106.12 -23.95 -14.35
C ASP S 137 104.84 -24.82 -14.33
N SER S 138 103.68 -24.16 -14.19
CA SER S 138 102.35 -24.79 -14.13
C SER S 138 101.90 -25.42 -15.46
N GLN S 139 102.59 -25.12 -16.58
CA GLN S 139 102.27 -25.68 -17.89
C GLN S 139 103.08 -26.95 -18.18
N THR S 140 103.98 -27.33 -17.25
CA THR S 140 104.83 -28.53 -17.36
C THR S 140 104.03 -29.77 -16.93
N ASN S 141 104.11 -30.84 -17.73
CA ASN S 141 103.44 -32.12 -17.52
C ASN S 141 104.37 -33.14 -16.87
N VAL S 142 103.82 -34.01 -15.99
CA VAL S 142 104.57 -35.07 -15.33
C VAL S 142 103.82 -36.41 -15.54
N SER S 143 104.55 -37.41 -16.05
CA SER S 143 104.05 -38.76 -16.31
C SER S 143 104.91 -39.80 -15.57
N GLN S 144 104.44 -41.06 -15.50
CA GLN S 144 105.11 -42.16 -14.82
C GLN S 144 106.41 -42.61 -15.53
N SER S 145 107.17 -43.51 -14.87
CA SER S 145 108.43 -44.08 -15.37
C SER S 145 108.17 -45.31 -16.24
N LYS S 146 109.17 -45.68 -17.08
CA LYS S 146 109.11 -46.85 -17.95
C LYS S 146 109.25 -48.13 -17.11
N ASP S 147 110.26 -48.16 -16.21
CA ASP S 147 110.53 -49.26 -15.30
C ASP S 147 109.50 -49.27 -14.15
N SER S 148 109.01 -50.46 -13.77
CA SER S 148 108.03 -50.62 -12.69
C SER S 148 108.67 -50.39 -11.30
N ASP S 149 110.01 -50.52 -11.23
CA ASP S 149 110.80 -50.36 -10.00
C ASP S 149 110.93 -48.88 -9.58
N VAL S 150 110.72 -47.93 -10.53
CA VAL S 150 110.82 -46.49 -10.29
C VAL S 150 109.41 -45.91 -10.08
N TYR S 151 109.19 -45.26 -8.91
CA TYR S 151 107.90 -44.66 -8.53
C TYR S 151 107.92 -43.14 -8.74
N ILE S 152 106.98 -42.63 -9.56
CA ILE S 152 106.86 -41.19 -9.82
C ILE S 152 105.48 -40.71 -9.35
N THR S 153 105.48 -39.71 -8.45
CA THR S 153 104.29 -39.08 -7.89
C THR S 153 103.79 -37.97 -8.81
N ASP S 154 102.48 -37.65 -8.76
CA ASP S 154 101.92 -36.56 -9.55
C ASP S 154 102.33 -35.23 -8.90
N LYS S 155 102.47 -34.16 -9.72
CA LYS S 155 102.89 -32.84 -9.25
C LYS S 155 101.88 -32.23 -8.27
N CYS S 156 102.39 -31.54 -7.24
CA CYS S 156 101.57 -30.88 -6.24
C CYS S 156 102.26 -29.57 -5.79
N VAL S 157 101.44 -28.55 -5.45
CA VAL S 157 101.94 -27.22 -5.06
C VAL S 157 101.89 -27.00 -3.54
N LEU S 158 103.00 -26.48 -2.99
CA LEU S 158 103.15 -26.12 -1.59
C LEU S 158 103.26 -24.60 -1.49
N ASP S 159 102.82 -24.03 -0.35
CA ASP S 159 102.88 -22.58 -0.16
C ASP S 159 103.55 -22.22 1.16
N MET S 160 104.71 -21.55 1.07
CA MET S 160 105.45 -21.06 2.23
C MET S 160 104.84 -19.70 2.58
N ARG S 161 103.70 -19.74 3.29
CA ARG S 161 102.86 -18.61 3.72
C ARG S 161 103.68 -17.41 4.21
N SER S 162 104.74 -17.69 4.99
CA SER S 162 105.65 -16.70 5.57
C SER S 162 106.46 -15.95 4.51
N MET S 163 107.02 -16.65 3.50
CA MET S 163 107.84 -16.05 2.45
C MET S 163 107.03 -15.72 1.18
N ASP S 164 105.71 -16.01 1.18
CA ASP S 164 104.76 -15.81 0.08
C ASP S 164 105.35 -16.37 -1.23
N PHE S 165 105.65 -17.69 -1.19
CA PHE S 165 106.26 -18.39 -2.31
C PHE S 165 105.59 -19.74 -2.54
N LYS S 166 105.23 -20.01 -3.79
CA LYS S 166 104.59 -21.26 -4.22
C LYS S 166 105.49 -21.98 -5.22
N SER S 167 105.68 -23.29 -5.02
CA SER S 167 106.54 -24.10 -5.86
C SER S 167 105.93 -25.45 -6.21
N ASN S 168 106.06 -25.84 -7.50
CA ASN S 168 105.61 -27.14 -8.00
C ASN S 168 106.69 -28.17 -7.68
N SER S 169 106.29 -29.41 -7.38
CA SER S 169 107.25 -30.47 -7.04
C SER S 169 106.69 -31.88 -7.28
N ALA S 170 107.59 -32.80 -7.67
CA ALA S 170 107.32 -34.22 -7.92
C ALA S 170 108.47 -35.06 -7.33
N VAL S 171 108.16 -36.30 -6.92
CA VAL S 171 109.14 -37.21 -6.31
C VAL S 171 109.31 -38.47 -7.19
N ALA S 172 110.56 -38.99 -7.24
CA ALA S 172 110.94 -40.20 -7.96
C ALA S 172 111.88 -41.03 -7.09
N TRP S 173 111.53 -42.30 -6.81
CA TRP S 173 112.36 -43.15 -5.96
C TRP S 173 112.39 -44.61 -6.39
N SER S 174 113.49 -45.30 -6.04
CA SER S 174 113.76 -46.72 -6.29
C SER S 174 114.89 -47.21 -5.39
N ASN S 175 114.85 -48.50 -5.00
CA ASN S 175 115.86 -49.14 -4.15
C ASN S 175 117.06 -49.65 -4.96
N LYS S 176 116.96 -49.59 -6.30
CA LYS S 176 118.01 -50.03 -7.22
C LYS S 176 119.17 -49.01 -7.26
N SER S 177 120.42 -49.53 -7.24
CA SER S 177 121.66 -48.73 -7.30
C SER S 177 121.82 -48.05 -8.66
N ASP S 178 121.29 -48.69 -9.73
CA ASP S 178 121.29 -48.24 -11.12
C ASP S 178 120.56 -46.88 -11.27
N PHE S 179 119.52 -46.67 -10.44
CA PHE S 179 118.68 -45.48 -10.43
C PHE S 179 119.45 -44.24 -9.93
N ALA S 180 119.40 -43.15 -10.74
CA ALA S 180 120.02 -41.85 -10.46
C ALA S 180 119.14 -40.71 -10.99
N CYS S 181 119.36 -39.47 -10.50
CA CYS S 181 118.61 -38.25 -10.80
C CYS S 181 118.49 -37.97 -12.31
N ALA S 182 119.59 -38.13 -13.07
CA ALA S 182 119.67 -37.84 -14.50
C ALA S 182 118.67 -38.68 -15.33
N ASN S 183 118.63 -40.01 -15.10
CA ASN S 183 117.76 -40.98 -15.79
C ASN S 183 116.36 -41.15 -15.19
N ALA S 184 116.13 -40.65 -13.97
CA ALA S 184 114.92 -40.76 -13.16
C ALA S 184 113.61 -40.43 -13.91
N PHE S 185 113.58 -39.34 -14.70
CA PHE S 185 112.36 -38.89 -15.37
C PHE S 185 112.35 -39.17 -16.87
N ASN S 186 111.20 -39.65 -17.37
CA ASN S 186 110.93 -39.99 -18.76
C ASN S 186 109.70 -39.19 -19.25
N ASN S 187 109.88 -37.86 -19.31
CA ASN S 187 108.84 -36.90 -19.72
C ASN S 187 109.46 -35.59 -20.24
N SER S 188 108.67 -34.77 -20.97
CA SER S 188 109.10 -33.51 -21.55
C SER S 188 109.40 -32.45 -20.47
N ILE S 189 110.66 -32.45 -19.98
CA ILE S 189 111.16 -31.52 -18.96
C ILE S 189 111.66 -30.24 -19.66
N ILE S 190 111.77 -29.13 -18.90
CA ILE S 190 112.25 -27.84 -19.40
C ILE S 190 113.80 -27.92 -19.61
N PRO S 191 114.35 -27.45 -20.76
CA PRO S 191 115.79 -27.64 -21.04
C PRO S 191 116.81 -27.05 -20.06
N GLU S 192 116.48 -26.01 -19.25
CA GLU S 192 117.46 -25.43 -18.34
C GLU S 192 117.43 -26.08 -16.92
N ASP S 193 117.10 -27.39 -16.87
CA ASP S 193 117.04 -28.18 -15.63
C ASP S 193 118.44 -28.43 -15.07
N THR S 194 118.66 -28.04 -13.80
CA THR S 194 119.95 -28.20 -13.11
C THR S 194 120.05 -29.60 -12.50
N PHE S 195 121.17 -30.29 -12.78
CA PHE S 195 121.51 -31.62 -12.29
C PHE S 195 122.92 -31.56 -11.71
N PHE S 196 123.07 -31.17 -10.42
CA PHE S 196 124.39 -31.04 -9.82
C PHE S 196 124.89 -32.34 -9.16
N PRO S 197 125.87 -33.04 -9.79
CA PRO S 197 126.36 -34.30 -9.22
C PRO S 197 127.71 -34.13 -8.52
N GLY T 1 80.05 -27.70 15.27
CA GLY T 1 80.57 -28.54 14.19
C GLY T 1 80.21 -30.00 14.38
N VAL T 2 79.57 -30.60 13.34
CA VAL T 2 79.14 -32.00 13.34
C VAL T 2 80.39 -32.91 13.32
N SER T 3 80.49 -33.82 14.31
CA SER T 3 81.62 -34.74 14.43
C SER T 3 81.18 -36.18 14.13
N GLN T 4 82.12 -36.99 13.59
CA GLN T 4 81.89 -38.38 13.23
C GLN T 4 83.06 -39.26 13.65
N SER T 5 82.76 -40.50 14.04
CA SER T 5 83.75 -41.49 14.48
C SER T 5 83.31 -42.92 14.09
N PRO T 6 84.24 -43.77 13.60
CA PRO T 6 85.65 -43.50 13.30
C PRO T 6 85.81 -42.73 11.98
N ARG T 7 86.98 -42.13 11.72
CA ARG T 7 87.22 -41.41 10.46
C ARG T 7 87.34 -42.42 9.32
N TYR T 8 88.02 -43.54 9.60
CA TYR T 8 88.26 -44.65 8.70
C TYR T 8 87.90 -45.95 9.39
N LYS T 9 87.43 -46.93 8.61
CA LYS T 9 87.10 -48.24 9.15
C LYS T 9 87.37 -49.33 8.13
N VAL T 10 88.22 -50.30 8.49
CA VAL T 10 88.49 -51.47 7.68
C VAL T 10 87.78 -52.63 8.38
N ALA T 11 86.96 -53.36 7.65
CA ALA T 11 86.18 -54.45 8.22
C ALA T 11 86.25 -55.71 7.37
N LYS T 12 86.10 -56.85 8.03
CA LYS T 12 86.06 -58.18 7.41
C LYS T 12 84.60 -58.47 7.06
N ARG T 13 84.36 -59.05 5.88
CA ARG T 13 83.02 -59.42 5.40
C ARG T 13 82.35 -60.36 6.41
N GLY T 14 81.14 -60.00 6.81
CA GLY T 14 80.38 -60.74 7.81
C GLY T 14 80.27 -60.03 9.15
N GLN T 15 81.24 -59.15 9.45
CA GLN T 15 81.29 -58.37 10.70
C GLN T 15 80.19 -57.31 10.78
N ASP T 16 79.95 -56.81 11.99
CA ASP T 16 79.02 -55.71 12.27
C ASP T 16 79.83 -54.43 12.42
N VAL T 17 79.37 -53.34 11.79
CA VAL T 17 80.09 -52.05 11.83
C VAL T 17 79.15 -51.00 12.45
N ALA T 18 79.67 -50.22 13.43
CA ALA T 18 78.93 -49.15 14.11
C ALA T 18 79.54 -47.79 13.84
N LEU T 19 78.75 -46.85 13.31
CA LEU T 19 79.20 -45.48 12.97
C LEU T 19 78.44 -44.46 13.80
N ARG T 20 79.17 -43.58 14.50
CA ARG T 20 78.60 -42.55 15.37
C ARG T 20 78.60 -41.17 14.70
N CYS T 21 77.52 -40.40 14.95
CA CYS T 21 77.32 -39.03 14.46
C CYS T 21 76.87 -38.14 15.61
N ASP T 22 77.62 -37.05 15.86
CA ASP T 22 77.26 -36.09 16.89
C ASP T 22 76.99 -34.74 16.21
N PRO T 23 75.69 -34.39 15.98
CA PRO T 23 75.38 -33.14 15.30
C PRO T 23 75.51 -31.92 16.22
N ILE T 24 75.14 -30.73 15.69
CA ILE T 24 75.16 -29.48 16.43
C ILE T 24 73.98 -29.49 17.41
N SER T 25 74.24 -29.06 18.66
CA SER T 25 73.27 -29.02 19.76
C SER T 25 72.04 -28.20 19.36
N GLY T 26 70.86 -28.80 19.52
CA GLY T 26 69.59 -28.18 19.22
C GLY T 26 69.04 -28.40 17.82
N HIS T 27 69.90 -28.89 16.88
CA HIS T 27 69.49 -29.16 15.50
C HIS T 27 68.44 -30.28 15.49
N VAL T 28 67.23 -29.92 15.03
CA VAL T 28 66.05 -30.79 14.96
C VAL T 28 66.26 -31.88 13.90
N SER T 29 66.68 -31.49 12.69
CA SER T 29 66.88 -32.42 11.57
C SER T 29 68.25 -33.04 11.55
N LEU T 30 68.30 -34.32 11.16
CA LEU T 30 69.51 -35.11 10.98
C LEU T 30 69.34 -36.00 9.77
N PHE T 31 70.38 -36.08 8.94
CA PHE T 31 70.39 -36.86 7.70
C PHE T 31 71.60 -37.77 7.64
N TRP T 32 71.41 -38.96 7.06
CA TRP T 32 72.49 -39.89 6.78
C TRP T 32 72.63 -40.01 5.27
N TYR T 33 73.86 -39.94 4.79
CA TYR T 33 74.21 -40.02 3.39
C TYR T 33 75.30 -41.05 3.15
N GLN T 34 75.33 -41.58 1.93
CA GLN T 34 76.33 -42.52 1.44
C GLN T 34 77.07 -41.82 0.30
N GLN T 35 78.40 -42.00 0.18
CA GLN T 35 79.13 -41.34 -0.88
C GLN T 35 80.10 -42.30 -1.55
N ALA T 36 79.85 -42.58 -2.83
CA ALA T 36 80.68 -43.42 -3.68
C ALA T 36 81.82 -42.59 -4.28
N LEU T 37 82.88 -43.25 -4.76
CA LEU T 37 84.05 -42.60 -5.36
C LEU T 37 83.67 -41.81 -6.62
N GLY T 38 84.00 -40.52 -6.62
CA GLY T 38 83.71 -39.61 -7.72
C GLY T 38 82.23 -39.27 -7.89
N GLN T 39 81.47 -39.36 -6.79
CA GLN T 39 80.02 -39.09 -6.76
C GLN T 39 79.66 -38.18 -5.59
N GLY T 40 78.43 -37.67 -5.61
CA GLY T 40 77.91 -36.81 -4.55
C GLY T 40 77.19 -37.61 -3.49
N PRO T 41 76.90 -37.01 -2.31
CA PRO T 41 76.19 -37.76 -1.27
C PRO T 41 74.78 -38.20 -1.71
N GLU T 42 74.41 -39.45 -1.39
N GLU T 42 74.40 -39.44 -1.38
CA GLU T 42 73.10 -40.03 -1.72
CA GLU T 42 73.10 -40.02 -1.70
C GLU T 42 72.34 -40.33 -0.42
C GLU T 42 72.35 -40.32 -0.40
N PHE T 43 71.12 -39.77 -0.30
CA PHE T 43 70.24 -39.89 0.88
C PHE T 43 69.99 -41.34 1.31
N LEU T 44 70.09 -41.59 2.63
CA LEU T 44 69.83 -42.89 3.26
C LEU T 44 68.59 -42.82 4.13
N THR T 45 68.64 -42.00 5.19
CA THR T 45 67.55 -41.84 6.15
C THR T 45 67.49 -40.39 6.72
N TYR T 46 66.31 -40.01 7.25
CA TYR T 46 66.05 -38.70 7.82
C TYR T 46 65.36 -38.79 9.18
N PHE T 47 65.85 -37.99 10.14
CA PHE T 47 65.33 -37.88 11.50
C PHE T 47 64.96 -36.45 11.84
N GLN T 48 63.85 -36.28 12.54
CA GLN T 48 63.39 -35.03 13.12
C GLN T 48 63.24 -35.36 14.58
N ASN T 49 64.19 -34.85 15.40
CA ASN T 49 64.35 -35.14 16.83
C ASN T 49 64.76 -36.62 16.92
N GLU T 50 63.93 -37.50 17.53
CA GLU T 50 64.26 -38.92 17.64
C GLU T 50 63.45 -39.78 16.63
N ALA T 51 62.39 -39.20 16.06
CA ALA T 51 61.52 -39.88 15.10
C ALA T 51 62.16 -40.04 13.72
N GLN T 52 62.38 -41.29 13.30
CA GLN T 52 62.90 -41.62 11.96
C GLN T 52 61.72 -41.48 11.01
N LEU T 53 61.63 -40.33 10.34
CA LEU T 53 60.50 -40.05 9.46
C LEU T 53 60.58 -40.82 8.15
N ASP T 54 61.80 -41.15 7.68
CA ASP T 54 62.01 -41.84 6.42
C ASP T 54 63.30 -42.62 6.39
N LYS T 55 63.28 -43.80 5.74
CA LYS T 55 64.44 -44.68 5.57
C LYS T 55 64.39 -45.34 4.17
N SER T 56 63.83 -44.62 3.18
CA SER T 56 63.65 -45.05 1.78
C SER T 56 64.98 -45.27 1.04
N GLY T 57 66.01 -44.51 1.39
CA GLY T 57 67.33 -44.57 0.76
C GLY T 57 68.26 -45.63 1.28
N LEU T 58 67.87 -46.38 2.33
CA LEU T 58 68.70 -47.45 2.90
C LEU T 58 68.76 -48.64 1.91
N PRO T 59 69.96 -49.20 1.64
CA PRO T 59 70.06 -50.29 0.65
C PRO T 59 69.45 -51.62 1.13
N SER T 60 69.39 -51.82 2.46
CA SER T 60 68.86 -53.04 3.09
C SER T 60 68.49 -52.78 4.55
N ASP T 61 67.78 -53.74 5.19
CA ASP T 61 67.41 -53.67 6.60
C ASP T 61 68.63 -53.95 7.49
N ARG T 62 69.75 -54.43 6.88
CA ARG T 62 71.05 -54.65 7.54
C ARG T 62 71.59 -53.31 8.07
N PHE T 63 71.15 -52.22 7.42
CA PHE T 63 71.43 -50.83 7.78
C PHE T 63 70.41 -50.42 8.83
N PHE T 64 70.89 -50.08 10.04
CA PHE T 64 70.02 -49.73 11.15
C PHE T 64 70.46 -48.42 11.79
N ALA T 65 69.64 -47.37 11.58
CA ALA T 65 69.90 -46.01 12.07
C ALA T 65 69.00 -45.63 13.24
N GLU T 66 69.62 -45.05 14.29
CA GLU T 66 68.96 -44.62 15.51
C GLU T 66 69.49 -43.28 15.99
N ARG T 67 68.64 -42.54 16.71
CA ARG T 67 68.87 -41.27 17.38
C ARG T 67 67.89 -41.31 18.56
N PRO T 68 68.11 -42.19 19.58
CA PRO T 68 67.08 -42.39 20.60
C PRO T 68 66.78 -41.21 21.53
N GLU T 69 67.74 -40.29 21.75
CA GLU T 69 67.51 -39.15 22.65
C GLU T 69 67.29 -37.85 21.85
N GLY T 70 67.30 -37.95 20.52
CA GLY T 70 67.11 -36.82 19.62
C GLY T 70 68.33 -35.95 19.37
N SER T 71 69.54 -36.51 19.61
CA SER T 71 70.80 -35.80 19.42
C SER T 71 71.96 -36.56 18.73
N VAL T 72 72.52 -37.60 19.40
CA VAL T 72 73.62 -38.45 18.91
C VAL T 72 72.92 -39.51 18.06
N SER T 73 73.47 -39.80 16.88
CA SER T 73 72.91 -40.80 15.98
C SER T 73 73.92 -41.90 15.65
N THR T 74 73.42 -43.12 15.48
CA THR T 74 74.24 -44.28 15.12
C THR T 74 73.68 -44.96 13.89
N LEU T 75 74.59 -45.42 13.01
CA LEU T 75 74.25 -46.19 11.82
C LEU T 75 75.01 -47.49 11.93
N LYS T 76 74.29 -48.57 12.22
CA LYS T 76 74.90 -49.89 12.39
C LYS T 76 74.61 -50.75 11.17
N ILE T 77 75.67 -51.25 10.53
CA ILE T 77 75.57 -52.12 9.36
C ILE T 77 75.85 -53.55 9.83
N GLN T 78 74.81 -54.38 9.80
CA GLN T 78 74.82 -55.78 10.19
C GLN T 78 75.33 -56.64 9.04
N ARG T 79 76.14 -57.69 9.37
CA ARG T 79 76.71 -58.67 8.43
C ARG T 79 77.17 -57.97 7.14
N THR T 80 78.14 -57.04 7.29
CA THR T 80 78.70 -56.20 6.22
C THR T 80 79.12 -56.98 4.98
N GLN T 81 78.88 -56.36 3.81
CA GLN T 81 79.24 -56.88 2.49
C GLN T 81 80.20 -55.90 1.83
N GLN T 82 80.97 -56.38 0.85
CA GLN T 82 81.95 -55.57 0.10
C GLN T 82 81.29 -54.34 -0.57
N GLU T 83 80.01 -54.46 -0.97
CA GLU T 83 79.22 -53.40 -1.60
C GLU T 83 78.92 -52.23 -0.62
N ASP T 84 79.08 -52.46 0.70
CA ASP T 84 78.85 -51.44 1.73
C ASP T 84 80.04 -50.48 1.84
N SER T 85 81.12 -50.69 1.07
CA SER T 85 82.31 -49.84 1.06
C SER T 85 81.98 -48.50 0.40
N ALA T 86 81.96 -47.43 1.21
CA ALA T 86 81.66 -46.05 0.83
C ALA T 86 81.99 -45.08 1.97
N VAL T 87 81.78 -43.77 1.74
CA VAL T 87 81.97 -42.74 2.77
C VAL T 87 80.58 -42.42 3.31
N TYR T 88 80.34 -42.76 4.58
CA TYR T 88 79.05 -42.50 5.18
C TYR T 88 79.10 -41.16 5.90
N LEU T 89 78.42 -40.18 5.32
CA LEU T 89 78.36 -38.80 5.81
C LEU T 89 77.08 -38.54 6.55
N CYS T 90 77.17 -37.78 7.64
N CYS T 90 77.17 -37.76 7.63
CA CYS T 90 75.99 -37.39 8.41
CA CYS T 90 76.04 -37.39 8.47
C CYS T 90 75.92 -35.87 8.43
C CYS T 90 75.92 -35.86 8.51
N ALA T 91 74.70 -35.33 8.32
CA ALA T 91 74.45 -33.90 8.31
C ALA T 91 73.28 -33.54 9.22
N SER T 92 73.15 -32.26 9.56
CA SER T 92 72.06 -31.75 10.40
C SER T 92 71.68 -30.34 9.99
N SER T 93 70.39 -30.02 10.16
CA SER T 93 69.80 -28.71 9.88
C SER T 93 69.11 -28.22 11.17
N PRO T 94 69.12 -26.90 11.45
CA PRO T 94 68.56 -26.43 12.73
C PRO T 94 67.09 -26.70 13.03
N THR T 95 66.15 -26.37 12.11
CA THR T 95 64.71 -26.42 12.44
C THR T 95 63.81 -27.23 11.45
N GLY T 96 64.40 -27.95 10.51
CA GLY T 96 63.63 -28.75 9.56
C GLY T 96 64.34 -29.01 8.26
N GLY T 97 63.58 -29.48 7.27
CA GLY T 97 64.11 -29.80 5.94
C GLY T 97 64.09 -28.59 5.01
N GLN T 98 64.79 -28.71 3.85
CA GLN T 98 64.93 -27.70 2.79
C GLN T 98 65.74 -26.50 3.30
N GLU T 99 66.61 -26.73 4.30
CA GLU T 99 67.48 -25.73 4.93
C GLU T 99 68.95 -25.98 4.61
N THR T 100 69.83 -25.16 5.22
CA THR T 100 71.29 -25.27 5.15
C THR T 100 71.66 -26.52 5.93
N GLN T 101 72.51 -27.37 5.36
CA GLN T 101 72.94 -28.61 5.98
C GLN T 101 74.38 -28.47 6.47
N TYR T 102 74.63 -28.95 7.69
CA TYR T 102 75.94 -28.91 8.33
C TYR T 102 76.41 -30.35 8.43
N PHE T 103 77.48 -30.68 7.71
CA PHE T 103 78.01 -32.04 7.59
C PHE T 103 79.17 -32.37 8.53
N GLY T 104 79.29 -33.67 8.80
CA GLY T 104 80.37 -34.27 9.58
C GLY T 104 81.51 -34.66 8.65
N PRO T 105 82.70 -35.00 9.18
CA PRO T 105 83.83 -35.34 8.28
C PRO T 105 83.71 -36.72 7.62
N GLY T 106 82.67 -37.47 7.97
CA GLY T 106 82.39 -38.79 7.39
C GLY T 106 83.17 -39.96 7.96
N THR T 107 82.87 -41.14 7.43
CA THR T 107 83.52 -42.40 7.76
C THR T 107 83.80 -43.17 6.48
N ARG T 108 85.08 -43.34 6.15
CA ARG T 108 85.49 -44.10 4.97
C ARG T 108 85.50 -45.57 5.40
N LEU T 109 84.49 -46.32 4.93
CA LEU T 109 84.38 -47.74 5.25
C LEU T 109 84.85 -48.60 4.09
N LEU T 110 85.67 -49.61 4.41
CA LEU T 110 86.17 -50.57 3.44
C LEU T 110 85.93 -51.97 3.99
N VAL T 111 85.10 -52.73 3.29
CA VAL T 111 84.74 -54.09 3.64
C VAL T 111 85.46 -55.03 2.67
N LEU T 112 86.32 -55.90 3.21
CA LEU T 112 87.12 -56.86 2.43
C LEU T 112 86.70 -58.29 2.75
N GLU T 113 87.10 -59.28 1.92
CA GLU T 113 86.78 -60.70 2.16
C GLU T 113 87.44 -61.23 3.44
N ASP T 114 88.62 -60.67 3.79
CA ASP T 114 89.42 -60.98 4.97
C ASP T 114 90.38 -59.81 5.28
N LEU T 115 91.13 -59.90 6.38
CA LEU T 115 92.09 -58.85 6.76
C LEU T 115 93.55 -59.37 6.77
N LYS T 116 93.85 -60.41 5.98
CA LYS T 116 95.20 -60.98 5.93
C LYS T 116 96.17 -60.11 5.08
N ASN T 117 95.62 -59.24 4.22
CA ASN T 117 96.41 -58.41 3.29
C ASN T 117 96.64 -56.96 3.79
N VAL T 118 96.23 -56.63 5.04
CA VAL T 118 96.45 -55.28 5.57
C VAL T 118 97.85 -55.19 6.19
N PHE T 119 98.50 -54.03 6.02
CA PHE T 119 99.86 -53.76 6.52
C PHE T 119 100.02 -52.31 6.98
N PRO T 120 100.76 -52.03 8.08
CA PRO T 120 100.99 -50.62 8.47
C PRO T 120 102.08 -49.99 7.58
N PRO T 121 102.26 -48.65 7.54
CA PRO T 121 103.28 -48.09 6.65
C PRO T 121 104.69 -48.03 7.25
N GLU T 122 105.70 -48.01 6.36
CA GLU T 122 107.11 -47.82 6.67
C GLU T 122 107.42 -46.36 6.36
N VAL T 123 107.71 -45.56 7.40
CA VAL T 123 107.93 -44.13 7.25
C VAL T 123 109.43 -43.78 7.31
N ALA T 124 109.90 -43.03 6.31
CA ALA T 124 111.29 -42.58 6.19
C ALA T 124 111.38 -41.11 5.78
N VAL T 125 112.18 -40.32 6.51
CA VAL T 125 112.42 -38.90 6.23
C VAL T 125 113.69 -38.74 5.41
N PHE T 126 113.63 -37.96 4.33
CA PHE T 126 114.76 -37.72 3.45
C PHE T 126 115.23 -36.29 3.57
N GLU T 127 116.47 -36.12 4.05
CA GLU T 127 117.13 -34.83 4.29
C GLU T 127 117.38 -34.10 2.95
N PRO T 128 117.29 -32.74 2.92
CA PRO T 128 117.49 -32.01 1.66
C PRO T 128 118.88 -32.15 1.03
N SER T 129 119.00 -31.68 -0.23
CA SER T 129 120.26 -31.68 -0.99
C SER T 129 121.05 -30.43 -0.69
N GLU T 130 122.40 -30.56 -0.62
CA GLU T 130 123.27 -29.41 -0.39
C GLU T 130 123.32 -28.54 -1.64
N ALA T 131 123.03 -29.13 -2.81
CA ALA T 131 122.95 -28.44 -4.10
C ALA T 131 121.70 -27.55 -4.13
N GLU T 132 120.58 -28.00 -3.51
CA GLU T 132 119.31 -27.28 -3.42
C GLU T 132 119.47 -26.00 -2.60
N ILE T 133 120.22 -26.09 -1.48
CA ILE T 133 120.54 -24.98 -0.57
C ILE T 133 121.41 -23.96 -1.33
N SER T 134 122.33 -24.45 -2.18
CA SER T 134 123.24 -23.63 -2.98
C SER T 134 122.53 -22.94 -4.15
N HIS T 135 121.55 -23.62 -4.78
CA HIS T 135 120.84 -23.14 -5.97
C HIS T 135 119.61 -22.27 -5.67
N THR T 136 118.80 -22.64 -4.64
CA THR T 136 117.56 -21.93 -4.33
C THR T 136 117.58 -21.16 -3.00
N GLN T 137 118.42 -21.60 -2.03
CA GLN T 137 118.57 -21.07 -0.66
C GLN T 137 117.37 -21.52 0.22
N LYS T 138 116.71 -22.59 -0.23
CA LYS T 138 115.58 -23.25 0.43
C LYS T 138 115.91 -24.74 0.55
N ALA T 139 115.42 -25.39 1.60
CA ALA T 139 115.68 -26.81 1.87
C ALA T 139 114.36 -27.61 1.94
N THR T 140 114.22 -28.62 1.06
CA THR T 140 113.01 -29.44 1.00
C THR T 140 113.25 -30.85 1.55
N LEU T 141 112.45 -31.20 2.57
CA LEU T 141 112.41 -32.52 3.21
C LEU T 141 111.33 -33.35 2.52
N VAL T 142 111.59 -34.65 2.31
CA VAL T 142 110.62 -35.55 1.66
C VAL T 142 110.33 -36.73 2.59
N CYS T 143 109.05 -37.12 2.69
CA CYS T 143 108.63 -38.22 3.55
C CYS T 143 108.00 -39.33 2.73
N LEU T 144 108.46 -40.57 2.96
CA LEU T 144 107.93 -41.73 2.26
C LEU T 144 107.25 -42.70 3.20
N ALA T 145 105.92 -42.83 3.05
CA ALA T 145 105.08 -43.80 3.75
C ALA T 145 104.87 -44.93 2.76
N THR T 146 105.51 -46.09 3.00
CA THR T 146 105.49 -47.20 2.04
C THR T 146 104.88 -48.49 2.58
N GLY T 147 104.41 -49.32 1.64
CA GLY T 147 103.83 -50.64 1.87
C GLY T 147 102.71 -50.69 2.89
N PHE T 148 101.65 -49.90 2.67
CA PHE T 148 100.52 -49.89 3.59
C PHE T 148 99.23 -50.29 2.89
N TYR T 149 98.33 -50.94 3.64
CA TYR T 149 97.03 -51.38 3.17
C TYR T 149 96.01 -51.34 4.33
N PRO T 150 94.84 -50.71 4.14
CA PRO T 150 94.37 -50.02 2.92
C PRO T 150 94.81 -48.55 2.89
N ASP T 151 94.23 -47.77 1.97
CA ASP T 151 94.49 -46.34 1.78
C ASP T 151 93.77 -45.54 2.90
N HIS T 152 94.07 -45.89 4.16
CA HIS T 152 93.49 -45.27 5.36
C HIS T 152 94.63 -44.70 6.20
N VAL T 153 95.22 -43.60 5.70
CA VAL T 153 96.34 -42.91 6.34
C VAL T 153 96.10 -41.41 6.45
N GLU T 154 96.82 -40.76 7.38
CA GLU T 154 96.81 -39.32 7.61
C GLU T 154 98.23 -38.87 7.89
N LEU T 155 98.86 -38.21 6.90
CA LEU T 155 100.24 -37.72 7.01
C LEU T 155 100.25 -36.28 7.50
N SER T 156 101.13 -35.99 8.48
CA SER T 156 101.32 -34.65 9.04
C SER T 156 102.78 -34.39 9.37
N TRP T 157 103.17 -33.11 9.39
CA TRP T 157 104.53 -32.69 9.72
C TRP T 157 104.55 -31.93 11.03
N TRP T 158 105.55 -32.21 11.87
CA TRP T 158 105.72 -31.58 13.17
C TRP T 158 107.10 -30.94 13.25
N VAL T 159 107.14 -29.62 13.45
CA VAL T 159 108.38 -28.86 13.56
C VAL T 159 108.44 -28.29 14.99
N ASN T 160 109.33 -28.88 15.82
CA ASN T 160 109.57 -28.54 17.23
C ASN T 160 108.28 -28.67 18.07
N GLY T 161 107.64 -29.84 17.97
CA GLY T 161 106.41 -30.17 18.70
C GLY T 161 105.13 -29.48 18.24
N LYS T 162 105.23 -28.57 17.26
CA LYS T 162 104.09 -27.85 16.70
C LYS T 162 103.78 -28.35 15.29
N GLU T 163 102.50 -28.68 15.02
CA GLU T 163 102.06 -29.18 13.72
C GLU T 163 102.06 -28.06 12.69
N VAL T 164 102.88 -28.20 11.64
CA VAL T 164 103.01 -27.20 10.57
C VAL T 164 102.11 -27.56 9.39
N HIS T 165 101.59 -26.53 8.72
CA HIS T 165 100.73 -26.65 7.55
C HIS T 165 101.29 -25.80 6.40
N SER T 166 102.24 -24.90 6.73
CA SER T 166 102.93 -24.01 5.78
C SER T 166 104.08 -24.75 5.09
N GLY T 167 104.20 -24.55 3.78
CA GLY T 167 105.23 -25.15 2.92
C GLY T 167 105.22 -26.66 2.85
N VAL T 168 104.04 -27.27 3.12
CA VAL T 168 103.81 -28.72 3.15
C VAL T 168 102.95 -29.14 1.94
N CYS T 169 103.29 -30.29 1.32
N CYS T 169 103.29 -30.29 1.32
CA CYS T 169 102.52 -30.82 0.19
CA CYS T 169 102.51 -30.82 0.19
C CYS T 169 102.50 -32.35 0.19
C CYS T 169 102.50 -32.35 0.19
N THR T 170 101.40 -32.92 0.70
CA THR T 170 101.17 -34.36 0.75
C THR T 170 100.43 -34.69 -0.55
N ASP T 171 100.69 -35.87 -1.14
CA ASP T 171 100.03 -36.29 -2.38
C ASP T 171 98.51 -36.41 -2.19
N PRO T 172 97.69 -35.97 -3.18
CA PRO T 172 96.22 -36.06 -3.02
C PRO T 172 95.73 -37.50 -2.91
N GLN T 173 96.37 -38.42 -3.67
CA GLN T 173 96.05 -39.85 -3.68
C GLN T 173 97.34 -40.68 -3.66
N PRO T 174 97.39 -41.83 -2.93
CA PRO T 174 98.62 -42.63 -2.92
C PRO T 174 98.76 -43.45 -4.20
N LEU T 175 99.97 -43.96 -4.46
CA LEU T 175 100.22 -44.77 -5.64
C LEU T 175 100.34 -46.24 -5.29
N LYS T 176 99.67 -47.10 -6.06
CA LYS T 176 99.71 -48.56 -5.92
C LYS T 176 101.12 -49.00 -6.28
N GLU T 177 101.87 -49.50 -5.28
CA GLU T 177 103.26 -49.96 -5.44
C GLU T 177 103.38 -51.00 -6.56
N GLN T 178 102.46 -51.99 -6.57
CA GLN T 178 102.39 -53.03 -7.59
C GLN T 178 101.05 -52.85 -8.33
N PRO T 179 100.96 -51.97 -9.37
CA PRO T 179 99.65 -51.74 -10.03
C PRO T 179 98.96 -52.98 -10.60
N ALA T 180 99.73 -54.05 -10.85
CA ALA T 180 99.24 -55.31 -11.42
C ALA T 180 98.55 -56.22 -10.38
N LEU T 181 98.99 -56.20 -9.11
CA LEU T 181 98.42 -57.07 -8.07
C LEU T 181 97.03 -56.58 -7.62
N ASN T 182 96.11 -57.55 -7.33
CA ASN T 182 94.75 -57.28 -6.87
C ASN T 182 94.78 -56.63 -5.49
N ASP T 183 95.50 -57.25 -4.53
CA ASP T 183 95.68 -56.74 -3.19
C ASP T 183 97.07 -56.10 -3.10
N SER T 184 97.25 -55.02 -3.86
CA SER T 184 98.47 -54.24 -3.95
C SER T 184 98.55 -53.23 -2.81
N ARG T 185 99.76 -53.00 -2.29
CA ARG T 185 99.97 -52.05 -1.20
C ARG T 185 100.20 -50.65 -1.77
N TYR T 186 100.06 -49.63 -0.92
CA TYR T 186 100.18 -48.22 -1.33
C TYR T 186 101.44 -47.55 -0.82
N ALA T 187 101.81 -46.45 -1.49
CA ALA T 187 102.93 -45.58 -1.16
C ALA T 187 102.48 -44.13 -1.29
N LEU T 188 102.85 -43.30 -0.31
CA LEU T 188 102.47 -41.89 -0.29
C LEU T 188 103.67 -41.01 0.03
N SER T 189 103.88 -39.96 -0.78
CA SER T 189 104.98 -39.01 -0.59
C SER T 189 104.46 -37.68 -0.04
N SER T 190 105.35 -36.92 0.61
CA SER T 190 105.03 -35.62 1.17
C SER T 190 106.27 -34.73 1.22
N ARG T 191 106.10 -33.43 0.98
CA ARG T 191 107.18 -32.46 0.99
C ARG T 191 107.02 -31.46 2.14
N LEU T 192 108.15 -30.84 2.53
CA LEU T 192 108.22 -29.77 3.52
C LEU T 192 109.42 -28.90 3.19
N ARG T 193 109.15 -27.69 2.69
CA ARG T 193 110.19 -26.74 2.33
C ARG T 193 110.32 -25.65 3.38
N VAL T 194 111.57 -25.43 3.83
CA VAL T 194 111.96 -24.42 4.81
C VAL T 194 113.12 -23.61 4.23
N SER T 195 113.53 -22.53 4.92
CA SER T 195 114.68 -21.74 4.48
C SER T 195 115.96 -22.49 4.87
N ALA T 196 117.06 -22.25 4.11
CA ALA T 196 118.36 -22.88 4.37
C ALA T 196 118.83 -22.60 5.80
N THR T 197 118.63 -21.35 6.28
CA THR T 197 118.99 -20.87 7.62
C THR T 197 118.24 -21.65 8.71
N PHE T 198 116.98 -22.05 8.43
CA PHE T 198 116.13 -22.81 9.36
C PHE T 198 116.58 -24.27 9.45
N TRP T 199 116.91 -24.89 8.30
CA TRP T 199 117.35 -26.28 8.22
C TRP T 199 118.80 -26.45 8.74
N GLN T 200 119.68 -25.45 8.51
CA GLN T 200 121.08 -25.50 8.96
C GLN T 200 121.22 -25.44 10.49
N ASN T 201 120.20 -24.92 11.20
CA ASN T 201 120.17 -24.81 12.66
C ASN T 201 120.04 -26.21 13.30
N PRO T 202 121.04 -26.66 14.11
CA PRO T 202 120.98 -28.02 14.69
C PRO T 202 119.98 -28.20 15.84
N ARG T 203 119.30 -27.14 16.29
CA ARG T 203 118.32 -27.22 17.38
C ARG T 203 116.89 -27.47 16.85
N ASN T 204 116.70 -27.39 15.51
CA ASN T 204 115.40 -27.59 14.88
C ASN T 204 115.13 -29.07 14.60
N HIS T 205 114.01 -29.57 15.17
CA HIS T 205 113.55 -30.96 15.06
C HIS T 205 112.36 -31.05 14.11
N PHE T 206 112.46 -31.93 13.11
CA PHE T 206 111.41 -32.16 12.10
C PHE T 206 110.98 -33.62 12.14
N ARG T 207 109.66 -33.86 12.30
CA ARG T 207 109.13 -35.23 12.33
C ARG T 207 107.94 -35.39 11.39
N CYS T 208 107.95 -36.48 10.61
CA CYS T 208 106.88 -36.83 9.69
C CYS T 208 106.07 -37.96 10.31
N GLN T 209 104.86 -37.61 10.77
CA GLN T 209 103.92 -38.50 11.44
C GLN T 209 102.86 -39.02 10.45
N VAL T 210 102.67 -40.35 10.43
CA VAL T 210 101.67 -41.01 9.59
C VAL T 210 100.74 -41.82 10.49
N GLN T 211 99.52 -41.32 10.69
CA GLN T 211 98.50 -42.01 11.49
C GLN T 211 97.83 -43.02 10.57
N PHE T 212 98.00 -44.31 10.90
CA PHE T 212 97.44 -45.41 10.12
C PHE T 212 96.23 -45.99 10.80
N TYR T 213 95.21 -46.35 10.00
CA TYR T 213 93.98 -46.94 10.47
C TYR T 213 93.90 -48.38 9.99
N GLY T 214 93.87 -49.30 10.95
CA GLY T 214 93.84 -50.72 10.67
C GLY T 214 92.92 -51.51 11.58
N LEU T 215 93.48 -52.54 12.21
CA LEU T 215 92.76 -53.47 13.09
C LEU T 215 92.63 -52.95 14.51
N SER T 216 91.51 -53.29 15.16
CA SER T 216 91.21 -52.96 16.54
C SER T 216 91.58 -54.17 17.42
N GLU T 217 91.41 -54.08 18.76
CA GLU T 217 91.74 -55.22 19.64
C GLU T 217 90.64 -56.30 19.56
N ASN T 218 89.53 -56.02 18.85
CA ASN T 218 88.40 -56.93 18.61
C ASN T 218 88.63 -57.80 17.38
N ASP T 219 89.62 -57.45 16.54
CA ASP T 219 89.92 -58.19 15.31
C ASP T 219 90.82 -59.40 15.58
N GLU T 220 90.45 -60.53 14.97
CA GLU T 220 91.14 -61.81 15.09
C GLU T 220 92.40 -61.81 14.20
N TRP T 221 93.55 -62.19 14.79
CA TRP T 221 94.84 -62.23 14.10
C TRP T 221 95.58 -63.53 14.42
N THR T 222 96.06 -64.23 13.37
CA THR T 222 96.76 -65.52 13.50
C THR T 222 98.17 -65.55 12.90
N GLN T 223 98.41 -64.75 11.84
CA GLN T 223 99.68 -64.68 11.09
C GLN T 223 100.88 -64.31 11.98
N ASP T 224 102.08 -64.79 11.58
CA ASP T 224 103.36 -64.63 12.28
C ASP T 224 103.73 -63.17 12.56
N ARG T 225 103.63 -62.28 11.55
CA ARG T 225 103.93 -60.85 11.70
C ARG T 225 102.92 -60.19 12.66
N ALA T 226 103.32 -59.05 13.27
CA ALA T 226 102.51 -58.29 14.24
C ALA T 226 101.14 -57.90 13.68
N LYS T 227 100.12 -57.78 14.56
CA LYS T 227 98.76 -57.38 14.19
C LYS T 227 98.83 -55.96 13.61
N PRO T 228 98.32 -55.71 12.37
CA PRO T 228 98.40 -54.36 11.80
C PRO T 228 97.34 -53.44 12.40
N VAL T 229 97.55 -53.08 13.67
CA VAL T 229 96.66 -52.25 14.49
C VAL T 229 96.71 -50.78 14.06
N THR T 230 95.77 -49.97 14.60
CA THR T 230 95.71 -48.53 14.42
C THR T 230 96.91 -47.99 15.18
N GLN T 231 97.88 -47.41 14.45
CA GLN T 231 99.12 -46.94 15.06
C GLN T 231 99.71 -45.73 14.32
N ILE T 232 100.59 -44.99 15.02
CA ILE T 232 101.32 -43.85 14.48
C ILE T 232 102.73 -44.36 14.10
N VAL T 233 103.11 -44.17 12.83
CA VAL T 233 104.43 -44.56 12.35
C VAL T 233 105.15 -43.26 11.99
N SER T 234 106.29 -43.01 12.66
CA SER T 234 107.06 -41.79 12.49
C SER T 234 108.49 -42.02 11.98
N ALA T 235 109.14 -40.91 11.59
CA ALA T 235 110.52 -40.77 11.12
C ALA T 235 110.94 -39.34 11.41
N GLU T 236 112.09 -39.16 12.09
CA GLU T 236 112.54 -37.83 12.48
C GLU T 236 113.95 -37.50 11.98
N ALA T 237 114.21 -36.20 11.78
CA ALA T 237 115.47 -35.64 11.30
C ALA T 237 115.77 -34.32 11.99
N TRP T 238 117.05 -34.11 12.34
CA TRP T 238 117.54 -32.90 12.99
C TRP T 238 118.27 -32.01 11.98
N GLY T 239 118.45 -30.74 12.33
CA GLY T 239 119.13 -29.76 11.49
C GLY T 239 120.60 -30.04 11.30
N ARG T 240 121.05 -30.09 10.02
CA ARG T 240 122.43 -30.35 9.67
C ARG T 240 123.10 -29.11 9.07
N ALA T 241 124.27 -28.73 9.61
CA ALA T 241 125.03 -27.57 9.17
C ALA T 241 125.96 -27.93 8.00
N ASP T 242 126.84 -28.94 8.19
CA ASP T 242 127.83 -29.48 7.24
C ASP T 242 128.78 -28.40 6.69
#